data_6U5V
#
_entry.id   6U5V
#
loop_
_entity.id
_entity.type
_entity.pdbx_description
1 polymer 'Fatty acid synthase subunit alpha'
2 polymer 'Fatty acid synthase subunit beta'
3 non-polymer "4'-PHOSPHOPANTETHEINE"
4 non-polymer 'FLAVIN MONONUCLEOTIDE'
#
loop_
_entity_poly.entity_id
_entity_poly.type
_entity_poly.pdbx_seq_one_letter_code
_entity_poly.pdbx_strand_id
1 'polypeptide(L)'
;MKPEIEQELSHTLLTELLAYQFASPVRWIETQDVFLKQHNTERIIEIGPSPTLAGMANRTIKAKYESYDAALSLQRQVLC
YSKDAKEIYYKPDPADLAPKETPKQEESTPSAPAAATPTPAAAAAPTPAPAPASAGPVESIPDEPVKANLLIHVLVAQKL
KKPLDAVPMTKAIKDLVNGKSTVQNEILGDLGKEFGSTPEKPEDTPLEELAEQFQDSFSGQLGKTSTSLIGRLMSSKMPG
GFSITTARKYLESRFGLGAGRQDSVLLMALTNEPANRLGSEADAKTFFDGIAQKYASSAGISLSSGAGSGAGAANSGGAV
VDSAALDALTAENKKLAKQQLEVLARYLQVDLNKGSAKSFIKEKEASAVLQKELDLWEAEHGEFYAKGIQPTFSALKSRT
YDSYWNWARQDVLSMYFDIIFGKLTSVDRETINQCIQIMNRANPTLIKFMQYHIDHCPEYKGETYKLAKRLGQQLIDNCK
QVLTEDPVYKDVSRITGPKTKVSAKGNIEYEETQKDSVRKFEQYVYEMAQGGAMTKVSQPTIQEDLARVYKAISKQASKD
SKLELQRVYEDLLKVVESSKEIETEQLTKDILQAATVPTTPTEEVDDPCTPSSDDEIASLPDKTSIIQPVSSTIPSQTIP
FLHIQKKTKDGWEYNKKLSSLYLDGLESAAINGLTFKDKYVLVTGAGAGSIGAEILQGLISGGAKVIVTTSRFSKKVTEY
YQNMYARYGAAGSTLIVVPFNQGSKQDVDALVQYIYDEPKKGGLGWDLDAIIPFAAIPENGNGLDNIDSKSEFAHRIMLT
NLLRLLGAVKSKKTTDTRPAQCILPLSPNHGTFGFDGLYSESKISLETLFNRWYSEDWGSKLTVCGAVIGWTRGTGLMSA
NNIIAEGIEKLGVRTFSQKEMAFNILGLLTPEIVQLCQEEPVMADLNGGLQFIDNLKDFTSKLRTDLLETADIRRAVSIE
SAIEQKVVNGDNVDANYSKVMVEPRANMKFDFPTLKSYDEIKQIAPELEGMLDLENVVVVTGFAEVGPWGNSRTRWEMEA
YGEFSLEGAIEMAWIMGFIKYHNGNLKGKPYSGWVDAKTQTPIDEKDIKSKYEEEILEHSGIRLIEPELFNGYDPKKKQM
IQEVVVQHDLEPFECSKETAEQYKHEHGEKCEIFEIEESGEYTVRILKGATLYVPKALRFDRLVAGQIPTGWDARTYGIP
EDTISQVDPITLYVLVATVEALLSAGITDPYEFYKYVHVSEVGNCSGSGMGGVSALRGMFKDRYADKPVQNDILQESFIN
TMSAWVNMLLLSSSGPIKTPVGACATAVESVDIGIETILSGKAKVVLVGGYDDFQEEGSYEFANMNATSNSIEEFKHGRT
PKEMSRPTTTTRNGFMEAQGSGIQVIMTADLALKMGVPIHAVLAMTATATDKIGRSVPAPGKGILTTAREHHGNLKYPSP
LLNIEYRKRQLNKRLEQIKSWEETELSYLQEEAELAKEEFGDEFSMHEFLKERTEEVYRESKRQVSDAKKQWGNSFYKSD
PRIAPLRGALAAFNLTIDDIGVASFHGTSTVANDKNESATINNMMKHLGRSEGNPVFGVFQKYLTGHPKGAAGAWMLNGA
IQILESGLVPGNRNADNVDKLLEQYEYVLYPSRSIQTDGIKAVSVTSFGFGQKGAQAVVVHPDYLFAVLDRSTYEEYATK
VSARNKKTYRYMHNAITRNTMFVAKDKAPYSDELEQPVYLDPLARVEENKKKLVFSDKTIQSSQSYVGEVAQKTAKALST
LNKSSKGVGVDVELLSAINIDNETFIERNFTGNEVEYCLNTAHPQASFTGTWSAKEAVFKALGVESKGAGASLIDIEITR
DVNGAPKVILHGEAKKAAAKAGVKNVNISISHDDFQATAVALSEF
;
A
2 'polypeptide(L)'
;MSTHRPFQLTHGSIEHTLLVPNDLFFNYSQLKDEFIKTLPEPTEGFAGDDEPSSPAELYGKFIGFISNAQFPQIVELSLK
DFESRFLDNNNDNIHSFAVKLLDDETYPTTIAKVKENIVKNYYKAVKSINKVESNLLYHCKHDAKLVAIFGGQGNTDDYF
EELRELYTLYQGLIEDLLVSIAEKLNQLHPSFDKIYTQGLNILSWLKHPETTPDQDYLLSVPVSCPVICVIQLCHYTITC
KVLGLTPGEFRNSLKWSTGHSQGLVTAVTIAASDSWDSFLKNSLTAVSLLLFIGSRCLSTYPRTSLPPTMLQDSLDNGEG
RPSPMLSVRDLSIKQVEKFIEQTNSHLPREKHIAISLINGARNLVLSGPPESLYGFNLNLRNQKAPMGLDQSRVPFSERK
LKCSNRFLPIFAPFHSHLLADATELILDDVKEHGLSFEGLKIPVYDTFDGSDFQALKEPIIDRVVKLITELPVHWEEATN
HKATHILDFGPGGVSGLGVLTHRNKEGTGARIILAGTLDSNPIDDEYGFKHEIFQTSADKAIKWAPDWLKELRPTLVKNS
EGKIYVKTKFSQLLGRAPLMVAGMTPTTVNTDIVSASLNAGYHIELAGGGYFSPVMMTRAIDDIVSRIKPGYGLGINLIY
VNPFMLQWGIPLIKDLREKGYPIQSLTIGAGVPSIEVATEYIEDLGLTHLGLKPGSVDAISQVIAIAKAHPTFPIVLQWT
GGRGGGHHSFEDFHQPIIQMYSKIRRCSNIVLVAGSGFGSDEDTYPYLSGYWSEKFNYPPMPFDGVLFGSRVMTSKESHT
SLAAKKLIVECKGVPDQQWEQTYKKPTGGIITVRSEMGEPIHKIATRGVMFWKELDDTIFNLPKNKLLDALNKKRDHIIK
KLNNDFQKPWFGKNANGVCDLQEMTYKEVANRLVELMYVKKSHRWIDVSLRNMYGDFLRRVEERFTSSAGTVSLLQNFNQ
LNEPEQFTADFFEKFPQAGKQLISEEDCDYFLMLAARPGQKPVPFVPVLDERFEFFFKKDSLWQSEDLESVVDEDVQRTC
ILHGPVASQYTSKVDEPIGDILNSIHEGHIARLIKEEYAGDESKIPVVEYFGGKKPASVSATSVNIIDGNQVVYEIDSEL
PNKQEWLDLLAGTELNWLQAFISTDRIVQGSKHVSNPLHDILTPAKHSKVTIDKKTKKLTAFENIKGDLLPVVEIELVKP
NTIQLSLIEHRTADTNPVALPFLYKYNPADGFAPILEIMEDRNERIKEFYWKLWFGSSVPYSNDINVEKAILGDEITISS
QTISEFTHAIGNKCDAFVDRPGKATLAPMDFAIVIGWKAIIKAIFPKSVDGDLLKLVHLSNGYKMITGAAPLKKGDVVST
KAEIKAVLNQPSGKLVEVVGTIYREGKPVMEVTSQFLYRGEYNDYCNTFQKVTETPVQVAFKSAKDLAVLRSKEWFHLEK
DVQFDVLTFRCESTYKFKSANVYSSIKTTGQVLLELPTKEVIQVGSVDYEAGTSYGNPVTDYLSRNGKTIEESVIFENAI
PLSSGEELTSKAPGTNEPYAIVSGDYNPIHVSRVFAAYAKLPGTITHGMYSSASIRALVEEWAANNVAARVRAFKCDFVG
MVLPNDTLQTTMEHVGMINGRKIIKVETRNVETELPVLIGEAEIEQPTTTYVFTGQGSQEQGMGMELYNSSEVAREVWDK
ADRHFVNNYGFSILDIVQNNPNELTIHFGGAKGRAIRDNYIGMMFETIGEDGALKSEKIFKDIDETTTSYTFVSPTGLLS
ATQFTQPALTLMEKAAYEDIKSKGLIPSDIMFAGHSLGEYSALSSLANVMPIESLVDVVFYRGMTMQVAVPRDELGRSNY
GMVAVNPSRVSATFDDSALRFVVDEVANKTKWLLEIVNYNVENQQYVAAGDLRALDTLTNVLNVLKINKIDIVKLQEQMS
IEKVKEHLYEIVDEVAAKSLAKPQPIDLERGFAVIPLKGISVPFHSSYLMSGVKPFQRFLCKKIPKSSVKPQDLIGKYIP
NLTAKPFELTKEYFQSVYDLTKSEKIKSILDNWEQYE
;
B
#
# COMPACT_ATOMS: atom_id res chain seq x y z
N MET A 1 -42.00 -40.98 -38.84
CA MET A 1 -40.87 -41.62 -39.50
C MET A 1 -39.69 -41.74 -38.54
N LYS A 2 -38.97 -42.85 -38.65
CA LYS A 2 -37.80 -43.11 -37.84
C LYS A 2 -36.68 -42.17 -38.26
N PRO A 3 -35.82 -41.72 -37.34
CA PRO A 3 -34.78 -40.74 -37.71
C PRO A 3 -33.74 -41.25 -38.70
N GLU A 4 -33.59 -42.56 -38.85
CA GLU A 4 -32.72 -43.08 -39.89
C GLU A 4 -33.41 -43.06 -41.24
N ILE A 5 -34.75 -43.15 -41.26
CA ILE A 5 -35.48 -43.11 -42.53
C ILE A 5 -35.59 -41.68 -43.04
N GLU A 6 -35.92 -40.74 -42.16
CA GLU A 6 -36.25 -39.39 -42.61
C GLU A 6 -35.02 -38.59 -42.98
N GLN A 7 -33.81 -39.10 -42.68
CA GLN A 7 -32.63 -38.55 -43.34
C GLN A 7 -32.50 -39.07 -44.76
N GLU A 8 -32.70 -40.39 -44.96
CA GLU A 8 -32.45 -40.99 -46.28
C GLU A 8 -33.48 -40.51 -47.30
N LEU A 9 -34.69 -40.24 -46.86
CA LEU A 9 -35.66 -39.62 -47.74
C LEU A 9 -35.29 -38.18 -48.04
N SER A 10 -34.67 -37.50 -47.08
CA SER A 10 -34.25 -36.12 -47.29
C SER A 10 -32.91 -36.04 -47.99
N HIS A 11 -32.06 -37.07 -47.80
CA HIS A 11 -30.75 -37.06 -48.45
C HIS A 11 -30.87 -37.22 -49.95
N THR A 12 -31.70 -38.17 -50.41
CA THR A 12 -31.87 -38.35 -51.84
C THR A 12 -32.59 -37.17 -52.45
N LEU A 13 -33.57 -36.60 -51.74
CA LEU A 13 -34.33 -35.50 -52.30
C LEU A 13 -33.50 -34.22 -52.38
N LEU A 14 -32.61 -34.00 -51.40
CA LEU A 14 -31.76 -32.81 -51.44
C LEU A 14 -30.73 -32.90 -52.57
N THR A 15 -30.25 -34.12 -52.87
CA THR A 15 -29.32 -34.27 -53.97
C THR A 15 -30.03 -34.21 -55.31
N GLU A 16 -31.23 -34.79 -55.41
CA GLU A 16 -31.94 -34.76 -56.68
C GLU A 16 -32.48 -33.37 -56.97
N LEU A 17 -32.71 -32.56 -55.93
CA LEU A 17 -33.09 -31.18 -56.16
C LEU A 17 -31.92 -30.35 -56.68
N LEU A 18 -30.74 -30.54 -56.10
CA LEU A 18 -29.58 -29.72 -56.50
C LEU A 18 -29.05 -30.13 -57.87
N ALA A 19 -29.05 -31.44 -58.16
CA ALA A 19 -28.48 -31.91 -59.41
C ALA A 19 -29.34 -31.51 -60.60
N TYR A 20 -30.65 -31.52 -60.42
CA TYR A 20 -31.58 -31.14 -61.46
C TYR A 20 -31.89 -29.66 -61.46
N GLN A 21 -31.48 -28.93 -60.42
CA GLN A 21 -31.46 -27.46 -60.44
C GLN A 21 -30.54 -26.94 -61.53
N PHE A 22 -29.52 -27.73 -61.88
CA PHE A 22 -28.57 -27.40 -62.92
C PHE A 22 -29.24 -27.32 -64.29
N ALA A 23 -30.35 -28.04 -64.48
CA ALA A 23 -30.94 -28.22 -65.80
C ALA A 23 -32.43 -27.93 -65.86
N SER A 24 -33.00 -27.36 -64.84
CA SER A 24 -34.43 -27.03 -64.85
C SER A 24 -34.62 -25.59 -64.45
N PRO A 25 -35.64 -24.88 -64.98
CA PRO A 25 -35.74 -23.44 -64.73
C PRO A 25 -36.02 -23.09 -63.29
N VAL A 26 -35.29 -22.10 -62.78
CA VAL A 26 -35.47 -21.59 -61.43
C VAL A 26 -36.77 -20.79 -61.35
N ARG A 27 -37.65 -21.18 -60.46
CA ARG A 27 -38.93 -20.53 -60.35
C ARG A 27 -38.90 -19.56 -59.16
N TRP A 28 -38.39 -18.37 -59.40
CA TRP A 28 -38.16 -17.42 -58.31
C TRP A 28 -39.39 -16.58 -58.03
N ILE A 29 -40.39 -16.63 -58.92
CA ILE A 29 -41.65 -15.92 -58.66
C ILE A 29 -42.40 -16.56 -57.52
N GLU A 30 -42.76 -17.84 -57.64
CA GLU A 30 -43.50 -18.46 -56.56
C GLU A 30 -42.59 -18.85 -55.41
N THR A 31 -41.27 -18.75 -55.61
CA THR A 31 -40.37 -18.67 -54.47
C THR A 31 -40.61 -17.39 -53.70
N GLN A 32 -40.63 -16.25 -54.40
CA GLN A 32 -40.94 -14.97 -53.75
C GLN A 32 -42.36 -14.94 -53.22
N ASP A 33 -43.27 -15.70 -53.82
CA ASP A 33 -44.64 -15.73 -53.31
C ASP A 33 -44.79 -16.70 -52.15
N VAL A 34 -43.69 -17.33 -51.72
CA VAL A 34 -43.71 -18.05 -50.45
C VAL A 34 -43.25 -17.14 -49.32
N PHE A 35 -42.03 -16.59 -49.43
CA PHE A 35 -41.51 -15.88 -48.27
C PHE A 35 -42.03 -14.44 -48.19
N LEU A 36 -42.81 -14.00 -49.17
CA LEU A 36 -43.52 -12.74 -48.96
C LEU A 36 -44.92 -12.99 -48.44
N LYS A 37 -45.59 -14.02 -48.95
CA LYS A 37 -47.00 -14.23 -48.62
C LYS A 37 -47.24 -15.36 -47.64
N GLN A 38 -46.71 -16.56 -47.88
CA GLN A 38 -47.03 -17.70 -47.02
C GLN A 38 -46.34 -17.60 -45.67
N HIS A 39 -45.26 -16.84 -45.59
CA HIS A 39 -44.51 -16.73 -44.35
C HIS A 39 -44.66 -15.37 -43.69
N ASN A 40 -45.02 -14.33 -44.48
CA ASN A 40 -45.19 -12.94 -44.01
C ASN A 40 -43.92 -12.41 -43.35
N THR A 41 -42.82 -12.44 -44.09
CA THR A 41 -41.54 -12.03 -43.55
C THR A 41 -41.40 -10.52 -43.56
N GLU A 42 -41.01 -9.94 -42.43
CA GLU A 42 -40.76 -8.51 -42.37
C GLU A 42 -39.38 -8.16 -42.91
N ARG A 43 -38.34 -8.80 -42.39
CA ARG A 43 -36.97 -8.54 -42.79
C ARG A 43 -36.61 -9.49 -43.93
N ILE A 44 -36.41 -8.94 -45.12
CA ILE A 44 -35.86 -9.68 -46.25
C ILE A 44 -34.43 -9.20 -46.44
N ILE A 45 -33.47 -10.11 -46.23
CA ILE A 45 -32.06 -9.76 -46.18
C ILE A 45 -31.34 -10.49 -47.30
N GLU A 46 -30.78 -9.71 -48.23
CA GLU A 46 -29.92 -10.25 -49.27
C GLU A 46 -28.48 -10.24 -48.79
N ILE A 47 -27.78 -11.34 -49.03
CA ILE A 47 -26.34 -11.40 -48.83
C ILE A 47 -25.72 -11.66 -50.19
N GLY A 48 -24.92 -10.71 -50.65
CA GLY A 48 -24.31 -10.77 -51.95
C GLY A 48 -23.49 -9.54 -52.22
N PRO A 49 -22.92 -9.42 -53.42
CA PRO A 49 -22.11 -8.24 -53.73
C PRO A 49 -22.92 -7.01 -54.05
N SER A 50 -24.02 -7.16 -54.77
CA SER A 50 -24.86 -6.02 -55.15
C SER A 50 -26.30 -6.44 -54.98
N PRO A 51 -27.19 -5.51 -54.66
CA PRO A 51 -28.59 -5.87 -54.41
C PRO A 51 -29.36 -6.28 -55.66
N THR A 52 -29.07 -7.45 -56.20
CA THR A 52 -29.85 -7.89 -57.35
C THR A 52 -31.04 -8.74 -56.92
N LEU A 53 -31.15 -9.03 -55.63
CA LEU A 53 -32.34 -9.70 -55.12
C LEU A 53 -33.14 -8.79 -54.21
N ALA A 54 -32.50 -7.77 -53.63
CA ALA A 54 -33.25 -6.74 -52.90
C ALA A 54 -34.08 -5.90 -53.85
N GLY A 55 -33.48 -5.49 -54.97
CA GLY A 55 -34.24 -4.84 -56.02
C GLY A 55 -35.20 -5.77 -56.71
N MET A 56 -34.93 -7.08 -56.67
CA MET A 56 -35.84 -8.05 -57.24
C MET A 56 -36.98 -8.33 -56.27
N ALA A 57 -36.77 -8.02 -54.99
CA ALA A 57 -37.85 -8.15 -54.02
C ALA A 57 -38.76 -6.93 -54.04
N ASN A 58 -38.19 -5.73 -54.19
CA ASN A 58 -38.98 -4.50 -54.14
C ASN A 58 -39.92 -4.37 -55.32
N ARG A 59 -39.57 -4.98 -56.44
CA ARG A 59 -40.44 -4.92 -57.61
C ARG A 59 -41.58 -5.91 -57.49
N THR A 60 -41.44 -6.93 -56.64
CA THR A 60 -42.53 -7.87 -56.43
C THR A 60 -43.47 -7.37 -55.34
N ILE A 61 -42.94 -6.59 -54.40
CA ILE A 61 -43.78 -6.00 -53.36
C ILE A 61 -44.72 -4.97 -53.96
N LYS A 62 -44.21 -4.10 -54.84
CA LYS A 62 -45.03 -3.02 -55.37
C LYS A 62 -45.98 -3.52 -56.44
N ALA A 63 -45.66 -4.64 -57.08
CA ALA A 63 -46.53 -5.13 -58.13
C ALA A 63 -47.60 -6.10 -57.63
N LYS A 64 -47.32 -6.84 -56.57
CA LYS A 64 -48.25 -7.88 -56.13
C LYS A 64 -48.69 -7.76 -54.68
N TYR A 65 -47.99 -7.03 -53.82
CA TYR A 65 -48.29 -7.04 -52.40
C TYR A 65 -48.34 -5.66 -51.77
N GLU A 66 -48.64 -4.60 -52.53
CA GLU A 66 -48.74 -3.29 -51.91
C GLU A 66 -50.08 -3.12 -51.19
N SER A 67 -51.16 -3.58 -51.82
CA SER A 67 -52.46 -3.56 -51.16
C SER A 67 -52.57 -4.70 -50.15
N TYR A 68 -51.67 -5.68 -50.21
CA TYR A 68 -51.65 -6.74 -49.22
C TYR A 68 -50.97 -6.28 -47.94
N ASP A 69 -49.88 -5.52 -48.08
CA ASP A 69 -49.14 -5.07 -46.90
C ASP A 69 -49.88 -3.97 -46.16
N ALA A 70 -50.73 -3.23 -46.87
CA ALA A 70 -51.51 -2.19 -46.22
C ALA A 70 -52.66 -2.81 -45.42
N ALA A 71 -53.26 -3.86 -45.95
CA ALA A 71 -54.44 -4.46 -45.32
C ALA A 71 -54.07 -5.21 -44.06
N LEU A 72 -52.96 -5.94 -44.08
CA LEU A 72 -52.52 -6.70 -42.92
C LEU A 72 -51.43 -6.00 -42.13
N SER A 73 -51.11 -4.75 -42.50
CA SER A 73 -50.30 -3.81 -41.71
C SER A 73 -48.88 -4.31 -41.46
N LEU A 74 -48.29 -4.94 -42.46
CA LEU A 74 -46.89 -5.36 -42.41
C LEU A 74 -46.01 -4.23 -42.91
N GLN A 75 -44.97 -3.90 -42.17
CA GLN A 75 -43.94 -2.98 -42.66
C GLN A 75 -42.72 -3.83 -43.02
N ARG A 76 -42.62 -4.18 -44.30
CA ARG A 76 -41.50 -4.98 -44.76
C ARG A 76 -40.27 -4.10 -44.92
N GLN A 77 -39.15 -4.57 -44.38
CA GLN A 77 -37.88 -3.86 -44.47
C GLN A 77 -36.96 -4.69 -45.35
N VAL A 78 -36.59 -4.15 -46.51
CA VAL A 78 -35.71 -4.83 -47.43
C VAL A 78 -34.29 -4.41 -47.08
N LEU A 79 -33.37 -5.37 -47.12
CA LEU A 79 -32.02 -5.17 -46.63
C LEU A 79 -31.07 -5.97 -47.51
N CYS A 80 -29.88 -5.41 -47.73
CA CYS A 80 -28.82 -6.09 -48.44
C CYS A 80 -27.54 -5.99 -47.63
N TYR A 81 -26.59 -6.87 -47.91
CA TYR A 81 -25.31 -6.74 -47.24
C TYR A 81 -24.43 -5.72 -47.94
N SER A 82 -24.79 -5.35 -49.17
CA SER A 82 -24.01 -4.39 -49.92
C SER A 82 -24.16 -2.99 -49.34
N LYS A 83 -25.38 -2.51 -49.20
CA LYS A 83 -25.65 -1.17 -48.69
C LYS A 83 -26.10 -1.18 -47.25
N ASP A 84 -27.08 -2.00 -46.91
CA ASP A 84 -27.74 -1.97 -45.61
C ASP A 84 -27.04 -2.85 -44.59
N ALA A 85 -25.78 -2.55 -44.31
CA ALA A 85 -25.01 -3.38 -43.39
C ALA A 85 -25.17 -2.92 -41.95
N LYS A 86 -25.46 -1.64 -41.75
CA LYS A 86 -25.58 -1.11 -40.40
C LYS A 86 -26.91 -1.50 -39.78
N GLU A 87 -27.89 -1.85 -40.62
CA GLU A 87 -29.19 -2.26 -40.11
C GLU A 87 -29.19 -3.72 -39.68
N ILE A 88 -28.29 -4.54 -40.25
CA ILE A 88 -28.29 -5.96 -39.93
C ILE A 88 -27.52 -6.20 -38.63
N TYR A 89 -26.37 -5.55 -38.49
CA TYR A 89 -25.52 -5.76 -37.32
C TYR A 89 -25.97 -5.01 -36.08
N TYR A 90 -27.06 -4.25 -36.17
CA TYR A 90 -27.64 -3.45 -35.09
C TYR A 90 -26.62 -2.48 -34.49
N LYS A 91 -25.86 -1.87 -35.40
CA LYS A 91 -25.01 -0.73 -35.07
C LYS A 91 -25.51 0.46 -35.89
N PRO A 92 -26.54 1.15 -35.42
CA PRO A 92 -27.20 2.15 -36.26
C PRO A 92 -26.53 3.52 -36.13
N ASP A 93 -26.61 4.28 -37.21
CA ASP A 93 -26.06 5.63 -37.24
C ASP A 93 -26.83 6.69 -36.47
N ILE A 141 -4.98 21.24 -17.42
CA ILE A 141 -4.76 21.65 -16.04
C ILE A 141 -4.23 20.47 -15.22
N PRO A 142 -3.11 20.70 -14.52
CA PRO A 142 -2.40 19.64 -13.82
C PRO A 142 -3.21 19.07 -12.67
N ASP A 143 -3.58 17.79 -12.76
CA ASP A 143 -4.35 17.13 -11.71
C ASP A 143 -3.48 16.95 -10.48
N GLU A 144 -3.73 17.75 -9.45
CA GLU A 144 -2.87 17.53 -8.29
C GLU A 144 -3.65 16.87 -7.17
N PRO A 145 -3.28 15.63 -6.85
CA PRO A 145 -3.91 14.94 -5.71
C PRO A 145 -3.64 15.68 -4.41
N VAL A 146 -4.41 15.31 -3.39
CA VAL A 146 -4.43 16.05 -2.14
C VAL A 146 -3.10 15.93 -1.42
N LYS A 147 -2.68 17.03 -0.81
CA LYS A 147 -1.42 17.07 -0.08
C LYS A 147 -1.66 17.09 1.43
N ALA A 148 -0.67 16.62 2.19
CA ALA A 148 -0.79 16.58 3.65
C ALA A 148 -1.10 17.95 4.23
N ASN A 149 -0.38 18.97 3.75
CA ASN A 149 -0.58 20.34 4.23
C ASN A 149 -2.01 20.83 3.99
N LEU A 150 -2.57 20.50 2.84
CA LEU A 150 -3.93 20.92 2.50
C LEU A 150 -4.97 19.99 3.11
N LEU A 151 -4.53 18.82 3.54
CA LEU A 151 -5.43 17.84 4.15
C LEU A 151 -5.74 18.18 5.60
N ILE A 152 -4.69 18.28 6.41
CA ILE A 152 -4.85 18.60 7.83
C ILE A 152 -5.57 19.93 8.03
N HIS A 153 -5.18 20.93 7.25
CA HIS A 153 -5.79 22.25 7.34
C HIS A 153 -7.29 22.20 7.09
N VAL A 154 -7.68 21.55 6.00
CA VAL A 154 -9.10 21.43 5.64
C VAL A 154 -9.93 20.85 6.79
N LEU A 155 -9.50 19.69 7.28
CA LEU A 155 -10.21 19.02 8.37
C LEU A 155 -10.24 19.88 9.63
N VAL A 156 -9.13 20.54 9.93
CA VAL A 156 -9.04 21.38 11.11
C VAL A 156 -9.87 22.65 10.97
N ALA A 157 -9.95 23.16 9.75
CA ALA A 157 -10.73 24.37 9.47
C ALA A 157 -12.20 24.19 9.82
N GLN A 158 -12.74 23.02 9.47
CA GLN A 158 -14.15 22.73 9.73
C GLN A 158 -14.38 22.38 11.21
N LYS A 159 -13.33 21.93 11.87
CA LYS A 159 -13.42 21.56 13.29
C LYS A 159 -13.45 22.80 14.18
N LEU A 160 -12.62 23.78 13.86
CA LEU A 160 -12.54 25.01 14.62
C LEU A 160 -13.54 26.06 14.17
N LYS A 161 -14.29 25.79 13.10
CA LYS A 161 -15.31 26.70 12.58
C LYS A 161 -14.76 28.09 12.30
N LYS A 162 -13.47 28.18 11.98
CA LYS A 162 -12.85 29.46 11.69
C LYS A 162 -12.41 29.47 10.22
N PRO A 163 -12.15 30.67 9.70
CA PRO A 163 -11.65 30.80 8.34
C PRO A 163 -10.38 29.99 8.19
N LEU A 164 -10.15 29.47 6.99
CA LEU A 164 -8.96 28.68 6.70
C LEU A 164 -7.68 29.41 7.02
N ASP A 165 -7.65 30.73 6.91
CA ASP A 165 -6.45 31.48 7.24
C ASP A 165 -6.28 31.63 8.75
N ALA A 166 -7.37 31.48 9.50
CA ALA A 166 -7.32 31.63 10.95
C ALA A 166 -6.44 30.59 11.61
N VAL A 167 -6.12 29.50 10.92
CA VAL A 167 -5.37 28.38 11.48
C VAL A 167 -4.01 28.34 10.79
N PRO A 168 -2.96 28.87 11.42
CA PRO A 168 -1.62 28.79 10.82
C PRO A 168 -1.03 27.40 11.00
N MET A 169 -0.62 26.79 9.89
CA MET A 169 -0.06 25.45 9.93
C MET A 169 1.29 25.38 10.64
N THR A 170 1.81 26.51 11.13
CA THR A 170 3.08 26.47 11.85
C THR A 170 2.91 25.90 13.25
N LYS A 171 1.82 26.25 13.93
CA LYS A 171 1.64 25.87 15.33
C LYS A 171 1.08 24.47 15.48
N ALA A 172 0.67 24.13 16.69
CA ALA A 172 0.11 22.82 16.99
C ALA A 172 -1.36 22.93 17.40
N ILE A 173 -2.09 21.83 17.28
CA ILE A 173 -3.50 21.81 17.64
C ILE A 173 -3.72 22.14 19.11
N LYS A 174 -2.85 21.61 19.96
CA LYS A 174 -2.95 21.85 21.41
C LYS A 174 -3.00 23.34 21.73
N ASP A 175 -2.10 24.10 21.13
CA ASP A 175 -2.06 25.54 21.36
C ASP A 175 -3.10 26.28 20.52
N LEU A 176 -3.57 25.63 19.47
CA LEU A 176 -4.58 26.22 18.59
C LEU A 176 -5.97 26.10 19.19
N VAL A 177 -6.24 24.99 19.86
CA VAL A 177 -7.54 24.76 20.48
C VAL A 177 -7.71 25.76 21.61
N ASN A 178 -6.80 25.74 22.58
CA ASN A 178 -6.91 26.71 23.65
C ASN A 178 -6.92 26.07 25.02
N GLY A 179 -7.21 24.77 25.10
CA GLY A 179 -7.20 24.08 26.37
C GLY A 179 -8.27 23.02 26.57
N LYS A 180 -9.20 22.91 25.63
CA LYS A 180 -10.34 22.02 25.80
C LYS A 180 -9.95 20.54 25.77
N SER A 181 -10.38 19.81 26.79
CA SER A 181 -10.07 18.38 26.88
C SER A 181 -10.74 17.58 25.80
N THR A 182 -11.94 17.98 25.40
CA THR A 182 -12.68 17.27 24.36
C THR A 182 -12.45 17.92 23.00
N VAL A 183 -11.78 19.06 23.00
CA VAL A 183 -11.51 19.79 21.77
C VAL A 183 -10.34 19.16 21.02
N GLN A 184 -9.20 19.05 21.70
CA GLN A 184 -8.00 18.45 21.10
C GLN A 184 -8.22 16.97 20.83
N ASN A 185 -8.93 16.30 21.74
CA ASN A 185 -9.21 14.88 21.59
C ASN A 185 -10.03 14.58 20.34
N GLU A 186 -11.03 15.41 20.08
CA GLU A 186 -11.88 15.24 18.92
C GLU A 186 -11.12 15.56 17.63
N ILE A 187 -10.32 16.63 17.67
CA ILE A 187 -9.53 17.04 16.52
C ILE A 187 -8.67 15.88 16.02
N LEU A 188 -7.90 15.29 16.92
CA LEU A 188 -7.02 14.18 16.57
C LEU A 188 -7.84 12.95 16.19
N GLY A 189 -8.94 12.73 16.90
CA GLY A 189 -9.80 11.59 16.64
C GLY A 189 -10.28 11.56 15.20
N ASP A 190 -10.72 12.71 14.71
CA ASP A 190 -11.21 12.82 13.34
C ASP A 190 -10.11 12.43 12.35
N LEU A 191 -8.92 12.98 12.54
CA LEU A 191 -7.80 12.69 11.67
C LEU A 191 -7.30 11.26 11.87
N GLY A 192 -7.40 10.77 13.10
CA GLY A 192 -6.96 9.43 13.43
C GLY A 192 -7.70 8.38 12.62
N LYS A 193 -9.01 8.57 12.47
CA LYS A 193 -9.84 7.63 11.72
C LYS A 193 -9.82 7.96 10.24
N GLU A 194 -9.31 9.14 9.90
CA GLU A 194 -9.24 9.57 8.51
C GLU A 194 -7.96 9.09 7.85
N PHE A 195 -6.88 9.01 8.63
CA PHE A 195 -5.60 8.56 8.12
C PHE A 195 -5.16 7.22 8.71
N GLY A 196 -4.99 7.17 10.03
CA GLY A 196 -4.42 6.03 10.72
C GLY A 196 -3.05 6.28 11.29
N SER A 197 -2.21 7.01 10.56
CA SER A 197 -0.81 7.22 10.95
C SER A 197 -0.75 8.41 11.90
N THR A 198 -0.69 8.13 13.20
CA THR A 198 -0.61 9.18 14.20
C THR A 198 0.60 8.96 15.11
N PRO A 199 1.41 9.99 15.35
CA PRO A 199 2.65 9.80 16.10
C PRO A 199 2.40 9.69 17.60
N GLU A 200 3.49 9.59 18.36
CA GLU A 200 3.39 9.55 19.81
C GLU A 200 2.71 10.79 20.37
N LYS A 201 3.15 11.98 19.97
CA LYS A 201 2.63 13.23 20.51
C LYS A 201 2.10 14.09 19.37
N PRO A 202 0.99 13.70 18.77
CA PRO A 202 0.44 14.50 17.66
C PRO A 202 -0.08 15.85 18.11
N GLU A 203 -0.52 15.94 19.37
CA GLU A 203 -0.96 17.21 19.93
C GLU A 203 0.14 18.25 19.95
N ASP A 204 1.40 17.84 20.00
CA ASP A 204 2.52 18.77 20.01
C ASP A 204 3.18 18.89 18.64
N THR A 205 3.11 17.83 17.84
CA THR A 205 3.62 17.86 16.47
C THR A 205 2.93 18.95 15.68
N PRO A 206 3.67 19.99 15.28
CA PRO A 206 3.15 21.11 14.50
C PRO A 206 3.92 21.27 13.19
N LEU A 207 3.34 21.99 12.23
CA LEU A 207 3.96 22.20 10.93
C LEU A 207 4.48 20.92 10.28
N GLU A 208 5.72 20.56 10.58
CA GLU A 208 6.33 19.35 10.03
C GLU A 208 5.53 18.09 10.38
N GLU A 209 5.06 18.01 11.62
CA GLU A 209 4.28 16.86 12.08
C GLU A 209 3.11 16.56 11.14
N LEU A 210 2.35 17.59 10.81
CA LEU A 210 1.21 17.44 9.91
C LEU A 210 1.64 16.97 8.53
N ALA A 211 2.76 17.50 8.05
CA ALA A 211 3.28 17.13 6.74
C ALA A 211 3.82 15.71 6.75
N GLU A 212 4.44 15.32 7.87
CA GLU A 212 5.00 13.99 8.01
C GLU A 212 3.91 12.93 8.10
N GLN A 213 2.79 13.31 8.72
CA GLN A 213 1.66 12.40 8.89
C GLN A 213 1.18 11.87 7.53
N PHE A 214 1.02 12.77 6.58
CA PHE A 214 0.57 12.41 5.24
C PHE A 214 1.73 12.42 4.25
N GLN A 215 2.92 12.09 4.72
CA GLN A 215 4.11 12.08 3.88
C GLN A 215 4.21 10.76 3.10
N ASP A 216 5.15 9.91 3.51
CA ASP A 216 5.36 8.64 2.84
C ASP A 216 4.09 7.82 3.12
N SER A 217 2.94 8.48 3.04
CA SER A 217 1.66 7.82 3.30
C SER A 217 0.44 8.50 2.67
N PHE A 218 0.10 9.69 3.15
CA PHE A 218 -1.07 10.42 2.66
C PHE A 218 -1.07 10.55 1.16
N SER A 219 -1.16 9.41 0.48
CA SER A 219 -1.19 9.43 -0.98
C SER A 219 -2.59 9.71 -1.48
N GLY A 220 -2.87 10.97 -1.82
CA GLY A 220 -3.95 11.32 -2.73
C GLY A 220 -5.35 10.86 -2.38
N GLN A 221 -5.51 10.19 -1.24
CA GLN A 221 -6.83 9.67 -0.86
C GLN A 221 -7.55 10.70 0.02
N LEU A 222 -8.80 10.99 -0.32
CA LEU A 222 -9.57 11.94 0.46
C LEU A 222 -9.94 11.41 1.84
N GLY A 223 -9.92 10.09 2.01
CA GLY A 223 -10.24 9.48 3.28
C GLY A 223 -11.71 9.62 3.64
N LYS A 224 -12.10 8.98 4.74
CA LYS A 224 -13.48 9.04 5.20
C LYS A 224 -13.84 10.44 5.71
N THR A 225 -12.90 11.07 6.41
CA THR A 225 -13.12 12.40 6.95
C THR A 225 -13.53 13.38 5.85
N SER A 226 -12.79 13.36 4.75
CA SER A 226 -13.08 14.24 3.61
C SER A 226 -14.33 13.78 2.87
N THR A 227 -14.57 12.48 2.87
CA THR A 227 -15.73 11.91 2.19
C THR A 227 -17.01 12.22 2.96
N SER A 228 -17.02 11.90 4.25
CA SER A 228 -18.18 12.14 5.09
C SER A 228 -18.59 13.61 5.07
N LEU A 229 -17.61 14.48 5.30
CA LEU A 229 -17.85 15.92 5.32
C LEU A 229 -18.45 16.39 4.00
N ILE A 230 -17.84 16.00 2.89
CA ILE A 230 -18.31 16.39 1.57
C ILE A 230 -19.74 15.90 1.32
N GLY A 231 -19.96 14.61 1.49
CA GLY A 231 -21.27 14.02 1.28
C GLY A 231 -22.35 14.64 2.14
N ARG A 232 -22.03 14.91 3.40
CA ARG A 232 -22.99 15.51 4.32
C ARG A 232 -23.29 16.96 3.98
N LEU A 233 -22.25 17.79 3.96
CA LEU A 233 -22.40 19.21 3.65
C LEU A 233 -23.17 19.46 2.36
N MET A 234 -22.80 18.73 1.30
CA MET A 234 -23.45 18.88 0.01
C MET A 234 -24.94 18.56 0.05
N SER A 235 -25.30 17.54 0.84
CA SER A 235 -26.70 17.12 0.96
C SER A 235 -27.42 17.84 2.10
N SER A 236 -26.74 18.79 2.74
CA SER A 236 -27.33 19.54 3.85
C SER A 236 -27.32 21.04 3.57
N LYS A 237 -26.45 21.47 2.67
CA LYS A 237 -26.34 22.87 2.31
C LYS A 237 -26.43 23.08 0.80
N MET A 238 -25.70 22.25 0.06
CA MET A 238 -25.70 22.33 -1.39
C MET A 238 -27.13 22.26 -1.93
N PRO A 239 -27.44 22.96 -3.02
CA PRO A 239 -28.82 23.00 -3.50
C PRO A 239 -29.37 21.60 -3.78
N GLY A 240 -30.69 21.48 -3.61
CA GLY A 240 -31.40 20.23 -3.84
C GLY A 240 -31.11 19.58 -5.17
N GLY A 241 -30.47 18.43 -5.12
CA GLY A 241 -30.04 17.72 -6.31
C GLY A 241 -28.58 17.88 -6.65
N PHE A 242 -27.96 18.95 -6.17
CA PHE A 242 -26.55 19.20 -6.45
C PHE A 242 -25.65 18.28 -5.61
N SER A 243 -25.29 17.14 -6.18
CA SER A 243 -24.45 16.18 -5.48
C SER A 243 -22.97 16.44 -5.75
N ILE A 244 -22.13 15.46 -5.42
CA ILE A 244 -20.69 15.58 -5.62
C ILE A 244 -20.31 15.28 -7.07
N THR A 245 -21.20 14.59 -7.78
CA THR A 245 -20.95 14.25 -9.17
C THR A 245 -21.04 15.47 -10.06
N THR A 246 -21.88 16.43 -9.68
CA THR A 246 -22.05 17.66 -10.45
C THR A 246 -20.85 18.59 -10.26
N ALA A 247 -20.20 18.47 -9.10
CA ALA A 247 -19.04 19.31 -8.79
C ALA A 247 -17.85 18.97 -9.68
N ARG A 248 -17.74 17.69 -10.03
CA ARG A 248 -16.65 17.22 -10.89
C ARG A 248 -16.74 17.81 -12.29
N LYS A 249 -17.97 17.98 -12.78
CA LYS A 249 -18.20 18.54 -14.11
C LYS A 249 -18.34 20.05 -14.06
N TYR A 250 -18.29 20.61 -12.86
CA TYR A 250 -18.41 22.06 -12.69
C TYR A 250 -17.09 22.67 -12.22
N LEU A 251 -16.12 21.82 -11.92
CA LEU A 251 -14.82 22.28 -11.46
C LEU A 251 -13.69 21.70 -12.31
N GLU A 252 -13.70 20.38 -12.47
CA GLU A 252 -12.68 19.69 -13.26
C GLU A 252 -13.03 19.71 -14.75
N SER A 253 -14.28 20.04 -15.05
CA SER A 253 -14.75 20.10 -16.44
C SER A 253 -14.99 21.52 -16.88
N ARG A 254 -15.89 22.21 -16.17
CA ARG A 254 -16.23 23.60 -16.51
C ARG A 254 -14.97 24.47 -16.52
N PHE A 255 -14.35 24.61 -15.36
CA PHE A 255 -13.14 25.42 -15.24
C PHE A 255 -11.89 24.55 -15.42
N GLY A 256 -12.11 23.30 -15.79
CA GLY A 256 -11.03 22.35 -15.99
C GLY A 256 -10.34 21.95 -14.71
N LEU A 257 -10.97 21.05 -13.96
CA LEU A 257 -10.40 20.59 -12.70
C LEU A 257 -10.59 19.09 -12.57
N GLY A 258 -9.51 18.33 -12.80
CA GLY A 258 -9.58 16.88 -12.72
C GLY A 258 -9.71 16.36 -11.31
N ALA A 259 -9.57 15.05 -11.14
CA ALA A 259 -9.67 14.41 -9.83
C ALA A 259 -8.73 15.06 -8.83
N GLY A 260 -7.46 15.18 -9.22
CA GLY A 260 -6.46 15.78 -8.36
C GLY A 260 -6.73 17.25 -8.09
N ARG A 261 -7.23 17.94 -9.11
CA ARG A 261 -7.55 19.36 -9.01
C ARG A 261 -8.77 19.59 -8.14
N GLN A 262 -9.77 18.72 -8.29
CA GLN A 262 -11.00 18.82 -7.51
C GLN A 262 -10.81 18.32 -6.09
N ASP A 263 -9.81 17.45 -5.91
CA ASP A 263 -9.52 16.88 -4.59
C ASP A 263 -9.27 17.99 -3.57
N SER A 264 -8.45 18.96 -3.96
CA SER A 264 -8.13 20.08 -3.07
C SER A 264 -9.06 21.26 -3.31
N VAL A 265 -9.95 21.11 -4.28
CA VAL A 265 -10.90 22.17 -4.61
C VAL A 265 -12.15 22.08 -3.73
N LEU A 266 -12.54 20.86 -3.39
CA LEU A 266 -13.71 20.64 -2.55
C LEU A 266 -13.37 20.85 -1.07
N LEU A 267 -12.08 20.78 -0.75
CA LEU A 267 -11.63 20.95 0.62
C LEU A 267 -11.63 22.42 1.01
N MET A 268 -11.54 23.31 0.01
CA MET A 268 -11.54 24.74 0.25
C MET A 268 -12.94 25.24 0.61
N ALA A 269 -13.95 24.53 0.14
CA ALA A 269 -15.33 24.89 0.42
C ALA A 269 -15.64 24.81 1.91
N LEU A 270 -15.10 23.80 2.56
CA LEU A 270 -15.30 23.60 3.99
C LEU A 270 -14.94 24.85 4.78
N THR A 271 -13.72 25.34 4.57
CA THR A 271 -13.24 26.53 5.25
C THR A 271 -14.19 27.70 5.06
N ASN A 272 -14.95 27.66 3.96
CA ASN A 272 -15.90 28.71 3.64
C ASN A 272 -17.22 28.13 3.15
N GLU A 273 -17.71 27.11 3.83
CA GLU A 273 -18.97 26.50 3.45
C GLU A 273 -20.07 27.55 3.43
N PRO A 274 -21.10 27.39 2.61
CA PRO A 274 -22.28 28.26 2.74
C PRO A 274 -22.90 28.07 4.11
N ALA A 275 -23.19 29.18 4.78
CA ALA A 275 -23.78 29.14 6.11
C ALA A 275 -25.25 28.78 6.09
N ASN A 276 -25.85 28.61 4.91
CA ASN A 276 -27.25 28.24 4.78
C ASN A 276 -27.43 27.48 3.47
N ARG A 277 -28.56 26.80 3.36
CA ARG A 277 -28.84 25.99 2.18
C ARG A 277 -28.85 26.88 0.94
N LEU A 278 -27.99 26.56 -0.02
CA LEU A 278 -27.87 27.40 -1.20
C LEU A 278 -29.15 27.33 -2.04
N GLY A 279 -29.61 28.48 -2.49
CA GLY A 279 -30.82 28.55 -3.27
C GLY A 279 -30.60 28.21 -4.73
N SER A 280 -29.78 29.00 -5.41
CA SER A 280 -29.60 28.80 -6.84
C SER A 280 -28.55 27.72 -7.13
N GLU A 281 -28.78 27.00 -8.22
CA GLU A 281 -27.87 25.94 -8.64
C GLU A 281 -26.59 26.56 -9.18
N ALA A 282 -26.70 27.80 -9.64
CA ALA A 282 -25.56 28.52 -10.18
C ALA A 282 -24.72 29.06 -9.02
N ASP A 283 -25.36 29.27 -7.88
CA ASP A 283 -24.67 29.76 -6.69
C ASP A 283 -23.63 28.73 -6.25
N ALA A 284 -24.01 27.46 -6.29
CA ALA A 284 -23.11 26.39 -5.91
C ALA A 284 -21.89 26.40 -6.82
N LYS A 285 -22.13 26.54 -8.12
CA LYS A 285 -21.06 26.60 -9.09
C LYS A 285 -20.23 27.86 -8.86
N THR A 286 -20.91 28.96 -8.57
CA THR A 286 -20.25 30.23 -8.31
C THR A 286 -19.40 30.10 -7.05
N PHE A 287 -19.96 29.44 -6.03
CA PHE A 287 -19.24 29.23 -4.78
C PHE A 287 -18.02 28.36 -5.04
N PHE A 288 -18.20 27.33 -5.86
CA PHE A 288 -17.11 26.42 -6.21
C PHE A 288 -16.07 27.19 -7.01
N ASP A 289 -16.53 28.04 -7.91
CA ASP A 289 -15.64 28.86 -8.74
C ASP A 289 -14.95 29.89 -7.86
N GLY A 290 -15.68 30.41 -6.89
CA GLY A 290 -15.14 31.39 -5.97
C GLY A 290 -14.13 30.75 -5.04
N ILE A 291 -14.40 29.50 -4.69
CA ILE A 291 -13.50 28.74 -3.82
C ILE A 291 -12.29 28.27 -4.61
N ALA A 292 -12.49 28.09 -5.91
CA ALA A 292 -11.41 27.65 -6.80
C ALA A 292 -10.35 28.75 -6.91
N GLN A 293 -10.82 29.99 -6.93
CA GLN A 293 -9.91 31.14 -7.01
C GLN A 293 -8.94 31.10 -5.84
N LYS A 294 -9.48 30.90 -4.64
CA LYS A 294 -8.65 30.82 -3.44
C LYS A 294 -7.74 29.61 -3.53
N TYR A 295 -8.30 28.50 -4.01
CA TYR A 295 -7.54 27.27 -4.17
C TYR A 295 -6.40 27.50 -5.15
N ALA A 296 -6.72 28.17 -6.27
CA ALA A 296 -5.72 28.49 -7.27
C ALA A 296 -4.69 29.44 -6.68
N SER A 297 -5.18 30.41 -5.93
CA SER A 297 -4.30 31.38 -5.28
C SER A 297 -3.46 30.66 -4.22
N SER A 298 -4.11 29.86 -3.40
CA SER A 298 -3.43 29.10 -2.37
C SER A 298 -2.24 28.36 -2.98
N ALA A 299 -2.52 27.63 -4.06
CA ALA A 299 -1.47 26.88 -4.76
C ALA A 299 -0.62 27.79 -5.64
N GLY A 300 -1.13 28.93 -6.06
CA GLY A 300 -0.39 29.84 -6.92
C GLY A 300 -0.52 29.58 -8.41
N ILE A 301 -1.37 28.65 -8.81
CA ILE A 301 -1.61 28.35 -10.22
C ILE A 301 -3.05 28.72 -10.53
N SER A 302 -3.23 29.90 -11.13
CA SER A 302 -4.56 30.45 -11.35
C SER A 302 -5.01 30.23 -12.80
N LEU A 303 -6.29 30.46 -13.04
CA LEU A 303 -6.88 30.29 -14.36
C LEU A 303 -7.04 31.64 -15.06
N ALA A 324 11.76 49.78 -37.62
CA ALA A 324 11.13 50.66 -38.59
C ALA A 324 12.06 50.90 -39.77
N ALA A 325 12.68 52.06 -39.80
CA ALA A 325 13.59 52.37 -40.86
C ALA A 325 14.93 52.32 -40.26
N LEU A 326 14.97 52.29 -38.96
CA LEU A 326 16.29 52.24 -38.38
C LEU A 326 17.12 51.15 -39.06
N ASP A 327 16.51 50.00 -39.34
CA ASP A 327 17.21 48.93 -40.01
C ASP A 327 17.42 49.21 -41.50
N ALA A 328 16.60 50.09 -42.08
CA ALA A 328 16.86 50.52 -43.44
C ALA A 328 18.06 51.46 -43.49
N LEU A 329 18.24 52.27 -42.46
CA LEU A 329 19.47 53.05 -42.32
C LEU A 329 20.64 52.14 -41.99
N THR A 330 20.38 51.03 -41.29
CA THR A 330 21.45 50.14 -40.89
C THR A 330 21.99 49.36 -42.08
N ALA A 331 21.10 48.93 -42.97
CA ALA A 331 21.51 48.10 -44.10
C ALA A 331 22.27 48.92 -45.13
N GLU A 332 22.03 50.23 -45.16
CA GLU A 332 22.75 51.08 -46.10
C GLU A 332 24.13 51.42 -45.56
N ASN A 333 24.32 51.33 -44.24
CA ASN A 333 25.64 51.48 -43.67
C ASN A 333 26.51 50.27 -43.98
N LYS A 334 25.95 49.07 -43.90
CA LYS A 334 26.72 47.88 -44.24
C LYS A 334 26.88 47.78 -45.76
N LYS A 335 25.98 48.41 -46.51
CA LYS A 335 26.13 48.46 -47.97
C LYS A 335 27.37 49.25 -48.36
N LEU A 336 27.70 50.29 -47.59
CA LEU A 336 28.91 51.04 -47.85
C LEU A 336 30.14 50.22 -47.50
N ALA A 337 30.12 49.54 -46.36
CA ALA A 337 31.31 48.83 -45.90
C ALA A 337 31.53 47.57 -46.71
N LYS A 338 30.47 46.97 -47.23
CA LYS A 338 30.65 45.81 -48.11
C LYS A 338 31.23 46.23 -49.45
N GLN A 339 30.82 47.39 -49.96
CA GLN A 339 31.42 47.92 -51.18
C GLN A 339 32.85 48.39 -50.94
N GLN A 340 33.16 48.83 -49.71
CA GLN A 340 34.53 49.18 -49.39
C GLN A 340 35.38 47.94 -49.20
N LEU A 341 34.74 46.82 -48.86
CA LEU A 341 35.50 45.61 -48.57
C LEU A 341 35.96 44.96 -49.86
N GLU A 342 35.16 45.11 -50.92
CA GLU A 342 35.51 44.51 -52.19
C GLU A 342 36.61 45.29 -52.88
N VAL A 343 36.64 46.61 -52.67
CA VAL A 343 37.59 47.43 -53.41
C VAL A 343 38.96 47.42 -52.72
N LEU A 344 39.00 47.09 -51.42
CA LEU A 344 40.28 46.87 -50.77
C LEU A 344 40.82 45.48 -51.09
N ALA A 345 39.92 44.50 -51.22
CA ALA A 345 40.35 43.18 -51.65
C ALA A 345 40.76 43.18 -53.11
N ARG A 346 40.19 44.09 -53.90
CA ARG A 346 40.63 44.26 -55.27
C ARG A 346 42.02 44.89 -55.30
N TYR A 347 42.29 45.80 -54.37
CA TYR A 347 43.58 46.48 -54.34
C TYR A 347 44.69 45.55 -53.91
N LEU A 348 44.47 44.80 -52.82
CA LEU A 348 45.49 43.92 -52.27
C LEU A 348 45.57 42.57 -52.96
N GLN A 349 44.82 42.37 -54.05
CA GLN A 349 44.75 41.12 -54.81
C GLN A 349 44.33 39.94 -53.94
N VAL A 350 43.45 40.20 -52.98
CA VAL A 350 42.98 39.20 -52.04
C VAL A 350 41.70 38.60 -52.59
N ASP A 351 41.70 37.31 -52.84
CA ASP A 351 40.50 36.58 -53.24
C ASP A 351 39.67 36.35 -51.99
N LEU A 352 38.45 36.86 -51.98
CA LEU A 352 37.59 36.71 -50.81
C LEU A 352 36.87 35.36 -50.79
N ASN A 353 36.97 34.59 -51.87
CA ASN A 353 36.30 33.32 -51.96
C ASN A 353 37.22 32.16 -52.32
N LYS A 354 38.54 32.36 -52.25
CA LYS A 354 39.49 31.29 -52.54
C LYS A 354 39.32 30.13 -51.57
N GLY A 355 39.04 30.44 -50.31
CA GLY A 355 38.70 29.38 -49.37
C GLY A 355 37.37 28.74 -49.67
N ALA A 357 36.40 29.53 -50.15
CA ALA A 357 35.07 28.98 -50.41
C ALA A 357 35.03 28.20 -51.71
N LYS A 358 35.81 28.62 -52.71
CA LYS A 358 35.88 27.85 -53.95
C LYS A 358 36.60 26.53 -53.75
N SER A 359 37.61 26.52 -52.89
CA SER A 359 38.31 25.27 -52.61
C SER A 359 37.52 24.41 -51.63
N PHE A 360 36.60 25.02 -50.88
CA PHE A 360 35.72 24.24 -50.01
C PHE A 360 34.74 23.43 -50.82
N ILE A 361 34.13 24.03 -51.85
CA ILE A 361 33.11 23.33 -52.61
C ILE A 361 33.75 22.41 -53.65
N LYS A 362 35.05 22.59 -53.91
CA LYS A 362 35.72 21.72 -54.86
C LYS A 362 36.29 20.48 -54.18
N GLU A 363 36.57 20.56 -52.88
CA GLU A 363 36.91 19.32 -52.19
C GLU A 363 35.67 18.61 -51.68
N LYS A 364 34.54 19.31 -51.57
CA LYS A 364 33.33 18.69 -51.06
C LYS A 364 32.70 17.81 -52.13
N GLU A 365 32.94 18.11 -53.41
CA GLU A 365 32.52 17.19 -54.45
C GLU A 365 33.61 16.16 -54.73
N ALA A 366 34.83 16.43 -54.26
CA ALA A 366 35.89 15.43 -54.37
C ALA A 366 35.77 14.38 -53.27
N SER A 367 35.30 14.78 -52.09
CA SER A 367 35.03 13.80 -51.04
C SER A 367 33.66 13.16 -51.23
N ALA A 368 32.85 13.71 -52.13
CA ALA A 368 31.62 13.02 -52.53
C ALA A 368 31.92 11.94 -53.56
N VAL A 369 33.02 12.09 -54.30
CA VAL A 369 33.42 11.06 -55.26
C VAL A 369 33.93 9.83 -54.53
N LEU A 370 34.81 10.02 -53.54
CA LEU A 370 35.34 8.86 -52.83
C LEU A 370 34.28 8.21 -51.94
N GLN A 371 33.29 8.99 -51.49
CA GLN A 371 32.15 8.40 -50.81
C GLN A 371 31.31 7.57 -51.78
N LYS A 372 31.19 8.01 -53.03
CA LYS A 372 30.45 7.24 -54.02
C LYS A 372 31.21 5.98 -54.40
N GLU A 373 32.52 5.95 -54.18
CA GLU A 373 33.28 4.73 -54.39
C GLU A 373 33.30 3.88 -53.12
N LEU A 374 33.18 4.52 -51.96
CA LEU A 374 33.30 3.78 -50.70
C LEU A 374 32.02 3.01 -50.39
N ASP A 375 30.88 3.52 -50.82
CA ASP A 375 29.64 2.79 -50.55
C ASP A 375 29.36 1.75 -51.63
N LEU A 376 30.12 1.78 -52.72
CA LEU A 376 30.06 0.68 -53.67
C LEU A 376 30.69 -0.56 -53.08
N TRP A 377 31.62 -0.39 -52.14
CA TRP A 377 32.17 -1.55 -51.46
C TRP A 377 31.17 -2.13 -50.48
N GLU A 378 30.49 -1.28 -49.70
CA GLU A 378 29.62 -1.78 -48.65
C GLU A 378 28.28 -2.24 -49.19
N ALA A 379 27.83 -1.68 -50.32
CA ALA A 379 26.64 -2.20 -50.97
C ALA A 379 26.93 -3.55 -51.60
N GLU A 380 28.15 -3.77 -52.04
CA GLU A 380 28.49 -5.03 -52.68
C GLU A 380 28.76 -6.10 -51.63
N HIS A 381 29.58 -5.77 -50.62
CA HIS A 381 30.06 -6.75 -49.66
C HIS A 381 29.25 -6.84 -48.38
N GLY A 382 28.79 -5.73 -47.84
CA GLY A 382 27.97 -5.79 -46.65
C GLY A 382 28.64 -5.28 -45.41
N GLU A 383 27.88 -5.12 -44.34
CA GLU A 383 28.38 -4.38 -43.19
C GLU A 383 29.21 -5.28 -42.29
N PHE A 384 28.91 -6.58 -42.23
CA PHE A 384 29.67 -7.45 -41.34
C PHE A 384 31.05 -7.73 -41.91
N TYR A 385 31.12 -8.01 -43.21
CA TYR A 385 32.39 -8.23 -43.89
C TYR A 385 33.25 -6.97 -43.86
N ALA A 386 32.64 -5.80 -44.05
CA ALA A 386 33.41 -4.55 -44.07
C ALA A 386 33.93 -4.20 -42.68
N LYS A 387 33.12 -4.45 -41.66
CA LYS A 387 33.62 -4.30 -40.30
C LYS A 387 34.58 -5.42 -39.95
N GLY A 388 34.43 -6.57 -40.58
CA GLY A 388 35.23 -7.72 -40.24
C GLY A 388 36.64 -7.74 -40.79
N ILE A 389 36.89 -7.07 -41.91
CA ILE A 389 38.19 -7.17 -42.56
C ILE A 389 39.22 -6.20 -41.98
N GLN A 390 38.89 -5.51 -40.89
CA GLN A 390 39.78 -4.49 -40.37
C GLN A 390 40.96 -5.16 -39.67
N PRO A 391 42.17 -4.96 -40.16
CA PRO A 391 43.30 -5.80 -39.74
C PRO A 391 43.77 -5.49 -38.33
N THR A 392 43.92 -6.55 -37.54
CA THR A 392 44.17 -6.45 -36.11
C THR A 392 45.57 -6.88 -35.70
N PHE A 393 46.36 -7.41 -36.61
CA PHE A 393 47.71 -7.85 -36.29
C PHE A 393 48.62 -6.65 -36.04
N SER A 394 49.47 -6.77 -35.03
CA SER A 394 50.62 -5.90 -34.88
C SER A 394 51.70 -6.66 -34.14
N ALA A 395 52.95 -6.43 -34.54
CA ALA A 395 54.06 -7.19 -33.97
C ALA A 395 54.38 -6.71 -32.57
N LEU A 396 53.91 -5.51 -32.22
CA LEU A 396 54.17 -4.95 -30.91
C LEU A 396 53.29 -5.57 -29.83
N LYS A 397 52.30 -6.38 -30.21
CA LYS A 397 51.36 -6.96 -29.27
C LYS A 397 51.59 -8.44 -28.99
N SER A 398 52.64 -9.03 -29.55
CA SER A 398 52.90 -10.45 -29.33
C SER A 398 53.27 -10.70 -27.89
N ARG A 399 52.89 -11.86 -27.36
CA ARG A 399 53.12 -12.21 -25.97
C ARG A 399 53.82 -13.55 -25.89
N THR A 400 55.14 -13.55 -25.92
CA THR A 400 55.89 -14.78 -25.79
C THR A 400 55.86 -15.22 -24.33
N TYR A 401 55.67 -16.51 -24.10
CA TYR A 401 55.62 -17.06 -22.76
C TYR A 401 56.76 -18.06 -22.64
N ASP A 402 57.73 -17.76 -21.78
CA ASP A 402 58.93 -18.57 -21.74
C ASP A 402 59.23 -19.23 -20.41
N SER A 403 59.09 -18.55 -19.28
CA SER A 403 59.86 -18.91 -18.09
C SER A 403 59.36 -20.15 -17.36
N TYR A 404 59.52 -21.32 -17.98
CA TYR A 404 59.14 -22.58 -17.35
C TYR A 404 59.96 -22.89 -16.12
N TRP A 405 61.17 -22.34 -16.03
CA TRP A 405 62.03 -22.54 -14.86
C TRP A 405 61.41 -21.97 -13.61
N ASN A 406 60.58 -20.94 -13.75
CA ASN A 406 59.82 -20.44 -12.62
C ASN A 406 58.65 -21.33 -12.32
N TRP A 407 57.94 -21.75 -13.36
CA TRP A 407 56.66 -22.41 -13.13
C TRP A 407 56.86 -23.86 -12.74
N ALA A 408 58.07 -24.38 -12.94
CA ALA A 408 58.42 -25.65 -12.30
C ALA A 408 58.62 -25.46 -10.80
N ARG A 409 59.36 -24.42 -10.39
CA ARG A 409 59.63 -24.21 -8.97
C ARG A 409 58.41 -23.69 -8.24
N GLN A 410 57.41 -23.22 -8.98
CA GLN A 410 56.15 -22.83 -8.37
C GLN A 410 55.23 -24.03 -8.18
N ASP A 411 55.06 -24.84 -9.22
CA ASP A 411 54.04 -25.87 -9.20
C ASP A 411 54.47 -27.08 -8.42
N VAL A 412 55.75 -27.16 -8.06
CA VAL A 412 56.14 -28.12 -7.04
C VAL A 412 55.54 -27.76 -5.71
N LEU A 413 55.75 -26.52 -5.28
CA LEU A 413 55.34 -26.13 -3.95
C LEU A 413 53.87 -25.75 -3.96
N SER A 414 53.31 -25.48 -5.13
CA SER A 414 51.86 -25.35 -5.26
C SER A 414 51.19 -26.69 -5.07
N MET A 415 51.84 -27.77 -5.51
CA MET A 415 51.33 -29.10 -5.25
C MET A 415 51.53 -29.49 -3.80
N TYR A 416 52.54 -28.91 -3.16
CA TYR A 416 52.95 -29.35 -1.84
C TYR A 416 51.94 -28.98 -0.76
N PHE A 417 51.17 -27.92 -0.99
CA PHE A 417 50.20 -27.55 0.02
C PHE A 417 48.80 -28.03 -0.37
N ASP A 418 48.62 -28.42 -1.64
CA ASP A 418 47.42 -29.16 -2.01
C ASP A 418 47.41 -30.56 -1.44
N ILE A 419 48.57 -31.10 -1.05
CA ILE A 419 48.61 -32.42 -0.43
C ILE A 419 48.37 -32.33 1.07
N ILE A 420 49.06 -31.41 1.75
CA ILE A 420 49.02 -31.42 3.21
C ILE A 420 47.73 -30.78 3.71
N PHE A 421 47.05 -30.02 2.88
CA PHE A 421 45.74 -29.54 3.25
C PHE A 421 44.64 -30.38 2.65
N GLY A 422 44.96 -31.55 2.12
CA GLY A 422 43.97 -32.49 1.67
C GLY A 422 43.24 -32.14 0.41
N LYS A 423 43.69 -31.13 -0.34
CA LYS A 423 42.96 -30.74 -1.53
C LYS A 423 43.25 -31.65 -2.70
N LEU A 424 44.27 -32.50 -2.58
CA LEU A 424 44.55 -33.54 -3.56
C LEU A 424 45.09 -34.78 -2.85
N THR A 425 44.38 -35.89 -2.96
CA THR A 425 44.87 -37.14 -2.41
C THR A 425 45.67 -37.87 -3.49
N SER A 426 46.25 -39.01 -3.13
CA SER A 426 47.07 -39.77 -4.06
C SER A 426 46.24 -40.67 -4.96
N VAL A 427 44.93 -40.74 -4.73
CA VAL A 427 44.01 -41.58 -5.49
C VAL A 427 43.53 -40.75 -6.66
N ASP A 428 43.60 -39.42 -6.49
CA ASP A 428 43.10 -38.48 -7.47
C ASP A 428 43.97 -38.51 -8.73
N ARG A 429 43.41 -38.00 -9.81
CA ARG A 429 44.06 -38.13 -11.10
C ARG A 429 44.69 -36.82 -11.55
N GLU A 430 44.30 -35.69 -10.97
CA GLU A 430 44.96 -34.43 -11.30
C GLU A 430 46.30 -34.28 -10.60
N THR A 431 46.54 -35.03 -9.52
CA THR A 431 47.88 -35.02 -8.96
C THR A 431 48.85 -35.80 -9.83
N ILE A 432 48.33 -36.75 -10.61
CA ILE A 432 49.18 -37.49 -11.55
C ILE A 432 49.36 -36.68 -12.82
N ASN A 433 48.36 -35.85 -13.16
CA ASN A 433 48.50 -34.93 -14.28
C ASN A 433 49.57 -33.89 -13.99
N GLN A 434 49.67 -33.45 -12.73
CA GLN A 434 50.59 -32.37 -12.47
C GLN A 434 51.86 -32.87 -11.80
N CYS A 435 51.98 -34.18 -11.57
CA CYS A 435 53.32 -34.70 -11.32
C CYS A 435 54.06 -34.87 -12.62
N ILE A 436 53.33 -35.11 -13.71
CA ILE A 436 53.95 -35.25 -15.02
C ILE A 436 54.43 -33.90 -15.52
N GLN A 437 53.63 -32.86 -15.31
CA GLN A 437 53.97 -31.53 -15.81
C GLN A 437 55.13 -30.91 -15.05
N ILE A 438 55.44 -31.43 -13.87
CA ILE A 438 56.66 -31.04 -13.16
C ILE A 438 57.87 -31.75 -13.76
N MET A 439 57.77 -33.06 -13.96
CA MET A 439 58.92 -33.78 -14.53
C MET A 439 59.02 -33.54 -16.03
N ASN A 440 58.02 -32.91 -16.63
CA ASN A 440 58.23 -32.35 -17.96
C ASN A 440 59.04 -31.08 -17.93
N ARG A 441 59.29 -30.51 -16.75
CA ARG A 441 59.96 -29.23 -16.62
C ARG A 441 61.20 -29.37 -15.75
N ALA A 442 61.76 -30.56 -15.67
CA ALA A 442 62.84 -30.85 -14.73
C ALA A 442 64.15 -30.20 -15.15
N ASN A 443 64.74 -29.44 -14.23
CA ASN A 443 66.07 -28.86 -14.26
C ASN A 443 66.88 -29.47 -13.12
N PRO A 444 68.22 -29.37 -13.13
CA PRO A 444 68.98 -29.93 -12.00
C PRO A 444 68.74 -29.21 -10.69
N THR A 445 68.37 -27.93 -10.75
CA THR A 445 68.16 -27.18 -9.53
C THR A 445 66.74 -27.35 -9.02
N LEU A 446 65.86 -27.91 -9.83
CA LEU A 446 64.50 -28.14 -9.39
C LEU A 446 64.45 -29.34 -8.44
N ILE A 447 65.37 -30.28 -8.59
CA ILE A 447 65.46 -31.39 -7.65
C ILE A 447 66.00 -30.89 -6.31
N LYS A 448 67.03 -30.04 -6.34
CA LYS A 448 67.52 -29.40 -5.14
C LYS A 448 66.45 -28.53 -4.50
N PHE A 449 65.55 -27.96 -5.31
CA PHE A 449 64.37 -27.31 -4.76
C PHE A 449 63.44 -28.31 -4.09
N MET A 450 63.16 -29.43 -4.76
CA MET A 450 62.20 -30.37 -4.20
C MET A 450 62.76 -31.08 -2.99
N GLN A 451 64.06 -31.41 -3.00
CA GLN A 451 64.62 -32.31 -1.99
C GLN A 451 64.71 -31.63 -0.63
N TYR A 452 64.85 -30.30 -0.61
CA TYR A 452 64.81 -29.59 0.65
C TYR A 452 63.42 -29.62 1.26
N HIS A 453 62.39 -29.49 0.43
CA HIS A 453 61.04 -29.43 0.98
C HIS A 453 60.55 -30.80 1.41
N ILE A 454 61.18 -31.87 0.94
CA ILE A 454 60.78 -33.20 1.35
C ILE A 454 61.63 -33.67 2.52
N ASP A 455 62.87 -33.20 2.62
CA ASP A 455 63.68 -33.56 3.79
C ASP A 455 63.21 -32.83 5.03
N HIS A 456 62.79 -31.58 4.89
CA HIS A 456 62.32 -30.80 6.02
C HIS A 456 60.81 -30.72 6.12
N CYS A 457 60.10 -31.65 5.50
CA CYS A 457 58.67 -31.74 5.74
C CYS A 457 58.46 -32.47 7.07
N PRO A 458 57.71 -31.91 8.00
CA PRO A 458 57.58 -32.55 9.30
C PRO A 458 56.54 -33.66 9.31
N GLU A 459 56.92 -34.90 9.59
CA GLU A 459 55.95 -35.99 9.54
C GLU A 459 55.06 -36.01 10.77
N TYR A 460 55.47 -35.35 11.85
CA TYR A 460 54.73 -35.47 13.10
C TYR A 460 53.47 -34.61 13.10
N LYS A 461 53.31 -33.74 12.10
CA LYS A 461 52.23 -32.77 12.17
C LYS A 461 50.90 -33.38 11.77
N GLY A 462 50.91 -34.49 11.05
CA GLY A 462 49.67 -35.10 10.61
C GLY A 462 49.93 -36.32 9.77
N GLU A 463 48.86 -36.80 9.14
CA GLU A 463 49.00 -37.96 8.27
C GLU A 463 49.04 -37.55 6.79
N THR A 464 48.55 -36.35 6.46
CA THR A 464 48.81 -35.81 5.14
C THR A 464 50.24 -35.30 5.05
N TYR A 465 50.86 -35.04 6.19
CA TYR A 465 52.29 -34.76 6.21
C TYR A 465 53.11 -36.02 5.97
N LYS A 466 52.54 -37.19 6.29
CA LYS A 466 53.15 -38.44 5.85
C LYS A 466 53.02 -38.59 4.35
N LEU A 467 51.95 -38.02 3.77
CA LEU A 467 51.66 -38.23 2.37
C LEU A 467 52.58 -37.43 1.47
N ALA A 468 52.86 -36.19 1.85
CA ALA A 468 53.61 -35.31 0.96
C ALA A 468 55.09 -35.66 0.92
N LYS A 469 55.60 -36.23 2.01
CA LYS A 469 56.98 -36.70 1.99
C LYS A 469 57.11 -37.96 1.16
N ARG A 470 56.10 -38.83 1.19
CA ARG A 470 56.14 -40.05 0.40
C ARG A 470 55.87 -39.77 -1.08
N LEU A 471 54.87 -38.95 -1.36
CA LEU A 471 54.52 -38.66 -2.75
C LEU A 471 55.50 -37.68 -3.36
N GLY A 472 56.17 -36.88 -2.53
CA GLY A 472 57.17 -35.98 -3.04
C GLY A 472 58.45 -36.68 -3.42
N GLN A 473 58.91 -37.58 -2.54
CA GLN A 473 60.17 -38.28 -2.77
C GLN A 473 60.05 -39.24 -3.94
N GLN A 474 58.84 -39.74 -4.18
CA GLN A 474 58.59 -40.56 -5.36
C GLN A 474 58.70 -39.72 -6.63
N LEU A 475 58.36 -38.44 -6.54
CA LEU A 475 58.50 -37.55 -7.68
C LEU A 475 59.94 -37.05 -7.82
N ILE A 476 60.65 -36.91 -6.70
CA ILE A 476 62.07 -36.55 -6.74
C ILE A 476 62.86 -37.65 -7.44
N ASP A 477 62.51 -38.90 -7.15
CA ASP A 477 63.19 -40.02 -7.79
C ASP A 477 62.83 -40.11 -9.27
N ASN A 478 61.67 -39.55 -9.65
CA ASN A 478 61.28 -39.59 -11.06
C ASN A 478 61.86 -38.43 -11.84
N CYS A 479 62.02 -37.27 -11.21
CA CYS A 479 62.53 -36.13 -11.95
C CYS A 479 64.03 -36.28 -12.20
N LYS A 480 64.71 -37.11 -11.41
CA LYS A 480 66.11 -37.40 -11.68
C LYS A 480 66.26 -38.28 -12.92
N GLN A 481 65.27 -39.13 -13.20
CA GLN A 481 65.38 -40.05 -14.33
C GLN A 481 65.00 -39.37 -15.64
N VAL A 482 63.89 -38.65 -15.65
CA VAL A 482 63.41 -37.94 -16.84
C VAL A 482 64.29 -36.75 -17.18
N LEU A 483 65.12 -36.31 -16.24
CA LEU A 483 66.19 -35.35 -16.50
C LEU A 483 67.13 -35.94 -17.55
N THR A 484 67.60 -35.09 -18.47
CA THR A 484 68.30 -35.39 -19.73
C THR A 484 67.45 -36.15 -20.74
N GLU A 485 66.16 -36.35 -20.49
CA GLU A 485 65.29 -36.87 -21.52
C GLU A 485 64.30 -35.81 -21.99
N ASP A 486 63.66 -36.11 -23.10
CA ASP A 486 62.83 -35.15 -23.79
C ASP A 486 61.44 -35.11 -23.14
N PRO A 487 60.94 -33.93 -22.77
CA PRO A 487 59.63 -33.83 -22.12
C PRO A 487 58.51 -34.32 -23.01
N VAL A 488 57.51 -34.92 -22.37
CA VAL A 488 56.59 -35.82 -23.04
C VAL A 488 55.16 -35.36 -22.79
N TYR A 489 54.27 -35.60 -23.76
CA TYR A 489 52.85 -35.37 -23.57
C TYR A 489 52.16 -36.68 -23.24
N LYS A 490 51.89 -36.90 -21.96
CA LYS A 490 51.15 -38.07 -21.52
C LYS A 490 49.87 -37.56 -20.86
N ASP A 491 48.76 -37.74 -21.54
CA ASP A 491 47.46 -37.29 -21.06
C ASP A 491 46.85 -38.39 -20.22
N VAL A 492 46.54 -38.05 -18.96
CA VAL A 492 45.99 -39.01 -18.02
C VAL A 492 44.56 -38.72 -17.64
N SER A 493 43.86 -37.89 -18.41
CA SER A 493 42.50 -37.51 -18.08
C SER A 493 41.57 -38.72 -18.14
N ARG A 494 40.65 -38.78 -17.19
CA ARG A 494 39.73 -39.91 -17.13
C ARG A 494 38.67 -39.73 -18.21
N ILE A 495 38.45 -40.77 -19.01
CA ILE A 495 37.59 -40.68 -20.17
C ILE A 495 36.14 -40.49 -19.73
N THR A 496 35.51 -39.45 -20.26
CA THR A 496 34.14 -39.13 -19.92
C THR A 496 33.25 -39.17 -21.15
N GLY A 497 32.08 -39.80 -20.99
CA GLY A 497 31.11 -39.88 -22.07
C GLY A 497 29.82 -39.17 -21.71
N PRO A 498 28.94 -38.99 -22.69
CA PRO A 498 27.70 -38.24 -22.44
C PRO A 498 26.63 -39.12 -21.84
N LYS A 499 25.87 -38.55 -20.90
CA LYS A 499 24.68 -39.17 -20.38
C LYS A 499 23.61 -38.12 -20.25
N THR A 500 22.53 -38.25 -21.02
CA THR A 500 21.40 -37.34 -20.95
C THR A 500 20.27 -38.01 -20.20
N LYS A 501 19.90 -37.43 -19.07
CA LYS A 501 18.76 -37.91 -18.30
C LYS A 501 17.76 -36.77 -18.13
N VAL A 502 16.49 -37.11 -18.19
CA VAL A 502 15.39 -36.16 -18.06
C VAL A 502 14.81 -36.32 -16.68
N SER A 503 14.73 -35.22 -15.93
CA SER A 503 14.18 -35.23 -14.58
C SER A 503 12.69 -35.53 -14.60
N ALA A 504 12.15 -35.98 -13.46
CA ALA A 504 10.74 -36.33 -13.39
C ALA A 504 9.82 -35.12 -13.45
N LYS A 505 10.36 -33.92 -13.22
CA LYS A 505 9.64 -32.68 -13.47
C LYS A 505 9.66 -32.33 -14.96
N GLY A 506 10.61 -32.88 -15.71
CA GLY A 506 10.71 -32.60 -17.13
C GLY A 506 11.88 -31.74 -17.54
N ASN A 507 12.91 -31.62 -16.70
CA ASN A 507 14.07 -30.84 -17.07
C ASN A 507 15.09 -31.71 -17.80
N ILE A 508 15.79 -31.12 -18.75
CA ILE A 508 16.82 -31.80 -19.53
C ILE A 508 18.16 -31.38 -18.97
N GLU A 509 18.89 -32.33 -18.40
CA GLU A 509 20.20 -32.06 -17.82
C GLU A 509 21.23 -33.00 -18.43
N TYR A 510 22.38 -32.44 -18.78
CA TYR A 510 23.47 -33.15 -19.44
C TYR A 510 24.61 -33.35 -18.47
N GLU A 511 24.85 -34.59 -18.07
CA GLU A 511 25.98 -34.97 -17.24
C GLU A 511 26.95 -35.79 -18.07
N GLU A 512 28.12 -35.23 -18.32
CA GLU A 512 29.18 -35.89 -19.07
C GLU A 512 29.98 -36.73 -18.08
N THR A 513 29.45 -37.89 -17.72
CA THR A 513 29.96 -38.66 -16.60
C THR A 513 31.16 -39.49 -17.01
N GLN A 514 31.87 -40.00 -16.00
CA GLN A 514 33.00 -40.88 -16.25
C GLN A 514 32.52 -42.21 -16.81
N LYS A 515 33.27 -42.70 -17.79
CA LYS A 515 33.01 -43.99 -18.39
C LYS A 515 33.38 -45.06 -17.37
N ASP A 516 32.64 -46.17 -17.37
CA ASP A 516 32.92 -47.21 -16.39
C ASP A 516 34.02 -48.15 -16.88
N SER A 517 34.00 -48.47 -18.17
CA SER A 517 34.91 -49.46 -18.74
C SER A 517 36.12 -48.84 -19.42
N VAL A 518 36.10 -47.54 -19.69
CA VAL A 518 37.21 -46.85 -20.34
C VAL A 518 37.67 -45.73 -19.42
N ARG A 519 38.80 -45.94 -18.76
CA ARG A 519 39.21 -45.06 -17.70
C ARG A 519 40.53 -44.34 -17.98
N LYS A 520 41.26 -44.75 -19.01
CA LYS A 520 42.48 -44.07 -19.44
C LYS A 520 42.43 -43.91 -20.95
N PHE A 521 43.44 -43.25 -21.49
CA PHE A 521 43.63 -43.32 -22.93
C PHE A 521 44.32 -44.61 -23.35
N GLU A 522 44.82 -45.37 -22.39
CA GLU A 522 45.26 -46.73 -22.65
C GLU A 522 44.09 -47.60 -23.07
N GLN A 523 42.95 -47.43 -22.40
CA GLN A 523 41.75 -48.21 -22.68
C GLN A 523 40.94 -47.58 -23.80
N TYR A 524 41.13 -46.29 -24.04
CA TYR A 524 40.39 -45.60 -25.09
C TYR A 524 40.86 -46.06 -26.46
N VAL A 525 42.16 -46.25 -26.64
CA VAL A 525 42.68 -46.69 -27.94
C VAL A 525 42.27 -48.13 -28.21
N TYR A 526 42.17 -48.94 -27.15
CA TYR A 526 41.63 -50.29 -27.29
C TYR A 526 40.16 -50.28 -27.69
N GLU A 527 39.43 -49.25 -27.26
CA GLU A 527 38.06 -49.06 -27.75
C GLU A 527 38.06 -48.65 -29.22
N MET A 528 39.09 -47.89 -29.64
CA MET A 528 39.13 -47.40 -31.01
C MET A 528 39.42 -48.52 -31.99
N ALA A 529 40.11 -49.57 -31.54
CA ALA A 529 40.36 -50.68 -32.44
C ALA A 529 39.15 -51.56 -32.64
N GLN A 530 38.24 -51.61 -31.67
CA GLN A 530 37.15 -52.56 -31.76
C GLN A 530 36.03 -52.11 -32.68
N GLY A 531 36.08 -50.87 -33.17
CA GLY A 531 34.91 -50.39 -33.85
C GLY A 531 33.78 -50.18 -32.85
N GLY A 532 32.55 -50.24 -33.34
CA GLY A 532 31.43 -50.30 -32.44
C GLY A 532 30.26 -51.09 -32.92
N ALA A 533 30.34 -51.62 -34.14
CA ALA A 533 29.29 -52.46 -34.68
C ALA A 533 29.60 -53.94 -34.49
N SER A 579 49.94 -45.50 -4.44
CA SER A 579 51.31 -44.98 -4.44
C SER A 579 52.17 -45.66 -5.50
N LYS A 580 51.75 -46.83 -5.98
CA LYS A 580 52.55 -47.55 -6.96
C LYS A 580 52.21 -47.15 -8.40
N GLU A 581 51.43 -46.07 -8.59
CA GLU A 581 51.13 -45.62 -9.94
C GLU A 581 52.17 -44.61 -10.42
N ILE A 582 52.75 -43.84 -9.50
CA ILE A 582 53.73 -42.82 -9.89
C ILE A 582 55.03 -43.48 -10.32
N GLU A 583 55.46 -44.52 -9.60
CA GLU A 583 56.50 -45.41 -10.10
C GLU A 583 55.77 -46.57 -10.80
N ASP A 622 59.77 -45.35 -16.66
CA ASP A 622 58.74 -44.56 -17.31
C ASP A 622 58.47 -45.02 -18.74
N LYS A 623 59.47 -45.60 -19.39
CA LYS A 623 59.26 -46.13 -20.75
C LYS A 623 58.78 -47.57 -20.67
N THR A 624 57.47 -47.75 -20.65
CA THR A 624 56.87 -49.08 -20.68
C THR A 624 56.91 -49.61 -22.10
N SER A 625 57.39 -50.83 -22.28
CA SER A 625 57.44 -51.45 -23.59
C SER A 625 56.10 -52.12 -23.90
N ILE A 626 55.70 -52.07 -25.17
CA ILE A 626 54.47 -52.72 -25.61
C ILE A 626 54.84 -54.02 -26.31
N ILE A 627 54.07 -55.07 -26.03
CA ILE A 627 54.32 -56.39 -26.58
C ILE A 627 53.21 -56.89 -27.48
N GLN A 628 51.97 -56.48 -27.24
CA GLN A 628 50.86 -56.74 -28.17
C GLN A 628 50.28 -55.41 -28.60
N PRO A 629 50.56 -54.94 -29.81
CA PRO A 629 50.06 -53.64 -30.24
C PRO A 629 48.57 -53.64 -30.55
N VAL A 630 48.07 -52.44 -30.83
CA VAL A 630 46.66 -52.24 -31.17
C VAL A 630 46.38 -52.74 -32.58
N SER A 631 47.43 -52.86 -33.40
CA SER A 631 47.29 -53.48 -34.73
C SER A 631 46.79 -54.92 -34.66
N SER A 632 47.23 -55.68 -33.65
CA SER A 632 46.73 -57.02 -33.45
C SER A 632 45.39 -57.06 -32.73
N THR A 633 44.92 -55.90 -32.24
CA THR A 633 43.70 -55.87 -31.46
C THR A 633 42.48 -55.62 -32.34
N ILE A 634 42.69 -55.07 -33.54
CA ILE A 634 41.63 -54.74 -34.48
C ILE A 634 40.99 -56.03 -34.99
N PRO A 635 39.68 -56.22 -34.83
CA PRO A 635 39.04 -57.42 -35.38
C PRO A 635 38.98 -57.36 -36.90
N SER A 636 38.90 -58.51 -37.56
CA SER A 636 38.71 -58.55 -39.00
C SER A 636 37.31 -58.09 -39.33
N GLN A 637 37.16 -57.53 -40.54
CA GLN A 637 35.93 -56.96 -41.12
C GLN A 637 35.48 -55.67 -40.44
N THR A 638 36.12 -55.28 -39.33
CA THR A 638 35.72 -54.14 -38.54
C THR A 638 36.63 -52.95 -38.82
N ILE A 639 36.04 -51.86 -39.28
CA ILE A 639 36.75 -50.59 -39.44
C ILE A 639 36.84 -49.93 -38.08
N PRO A 640 38.03 -49.49 -37.64
CA PRO A 640 38.17 -48.78 -36.35
C PRO A 640 37.42 -47.47 -36.32
N PHE A 641 37.29 -46.89 -35.13
CA PHE A 641 36.68 -45.57 -35.05
C PHE A 641 37.56 -44.48 -35.64
N LEU A 642 38.88 -44.67 -35.67
CA LEU A 642 39.82 -43.67 -36.15
C LEU A 642 40.69 -44.29 -37.22
N HIS A 643 40.43 -44.01 -38.49
CA HIS A 643 41.17 -44.71 -39.51
C HIS A 643 41.78 -43.73 -40.50
N ILE A 644 43.02 -44.03 -40.90
CA ILE A 644 43.71 -43.32 -41.95
C ILE A 644 43.25 -43.90 -43.27
N GLN A 645 42.99 -43.05 -44.25
CA GLN A 645 42.55 -43.51 -45.56
C GLN A 645 43.68 -43.41 -46.58
N LYS A 646 43.53 -44.13 -47.68
CA LYS A 646 44.47 -44.11 -48.79
C LYS A 646 43.70 -44.01 -50.11
N LYS A 647 44.15 -43.15 -51.00
CA LYS A 647 43.41 -42.92 -52.23
C LYS A 647 43.76 -43.98 -53.27
N THR A 648 42.73 -44.53 -53.90
CA THR A 648 42.84 -45.32 -55.12
C THR A 648 42.04 -44.61 -56.21
N LYS A 649 41.88 -45.27 -57.37
CA LYS A 649 41.21 -44.63 -58.49
C LYS A 649 39.73 -44.39 -58.21
N ASP A 650 39.10 -45.29 -57.46
CA ASP A 650 37.70 -45.15 -57.10
C ASP A 650 37.42 -44.00 -56.13
N GLY A 651 38.43 -43.59 -55.35
CA GLY A 651 38.27 -42.56 -54.36
C GLY A 651 39.12 -42.83 -53.13
N TRP A 652 38.60 -42.48 -51.96
CA TRP A 652 39.27 -42.76 -50.69
C TRP A 652 38.57 -43.95 -50.06
N GLU A 653 39.35 -44.86 -49.48
CA GLU A 653 38.79 -45.92 -48.67
C GLU A 653 39.81 -46.39 -47.66
N TYR A 654 39.31 -47.18 -46.72
CA TYR A 654 40.06 -47.63 -45.55
C TYR A 654 41.26 -48.50 -45.90
N ASN A 655 42.43 -48.12 -45.41
CA ASN A 655 43.64 -48.91 -45.52
C ASN A 655 44.06 -49.36 -44.14
N LYS A 656 44.19 -50.66 -43.94
CA LYS A 656 44.45 -51.20 -42.61
C LYS A 656 45.91 -50.98 -42.20
N LYS A 657 46.83 -50.99 -43.18
CA LYS A 657 48.24 -50.81 -42.89
C LYS A 657 48.53 -49.42 -42.33
N LEU A 658 47.97 -48.39 -42.96
CA LEU A 658 48.17 -47.03 -42.48
C LEU A 658 47.43 -46.81 -41.17
N SER A 659 46.27 -47.43 -41.02
CA SER A 659 45.45 -47.19 -39.83
C SER A 659 45.98 -47.94 -38.63
N SER A 660 46.71 -49.03 -38.86
CA SER A 660 47.30 -49.75 -37.73
C SER A 660 48.61 -49.09 -37.29
N LEU A 661 49.32 -48.50 -38.24
CA LEU A 661 50.48 -47.68 -37.89
C LEU A 661 50.05 -46.43 -37.13
N TYR A 662 48.86 -45.93 -37.43
CA TYR A 662 48.28 -44.82 -36.67
C TYR A 662 48.05 -45.22 -35.23
N LEU A 663 47.25 -46.26 -35.01
CA LEU A 663 46.78 -46.59 -33.68
C LEU A 663 47.89 -47.13 -32.78
N ASP A 664 48.91 -47.78 -33.35
CA ASP A 664 50.00 -48.28 -32.53
C ASP A 664 50.88 -47.12 -32.04
N GLY A 665 50.87 -46.00 -32.75
CA GLY A 665 51.49 -44.81 -32.24
C GLY A 665 50.67 -44.17 -31.14
N LEU A 666 49.35 -44.28 -31.21
CA LEU A 666 48.49 -43.69 -30.20
C LEU A 666 48.44 -44.53 -28.94
N GLU A 667 48.70 -45.83 -29.06
CA GLU A 667 48.90 -46.63 -27.86
C GLU A 667 50.16 -46.19 -27.13
N SER A 668 51.24 -45.98 -27.89
CA SER A 668 52.48 -45.48 -27.31
C SER A 668 52.35 -44.03 -26.88
N ALA A 669 51.47 -43.27 -27.55
CA ALA A 669 51.24 -41.90 -27.12
C ALA A 669 50.41 -41.85 -25.85
N ALA A 670 49.79 -42.97 -25.48
CA ALA A 670 49.00 -42.98 -24.25
C ALA A 670 49.80 -43.57 -23.10
N ILE A 671 50.48 -44.69 -23.33
CA ILE A 671 51.15 -45.37 -22.21
C ILE A 671 52.54 -44.77 -21.98
N ASN A 672 53.15 -44.21 -23.04
CA ASN A 672 54.42 -43.51 -22.91
C ASN A 672 54.31 -42.03 -23.19
N GLY A 673 53.70 -41.65 -24.31
CA GLY A 673 53.48 -40.25 -24.61
C GLY A 673 54.21 -39.77 -25.84
N LEU A 674 54.05 -38.49 -26.12
CA LEU A 674 54.56 -37.86 -27.33
C LEU A 674 55.65 -36.84 -27.04
N THR A 675 56.63 -36.81 -27.94
CA THR A 675 57.66 -35.80 -27.97
C THR A 675 57.35 -34.79 -29.07
N PHE A 676 57.42 -33.51 -28.72
CA PHE A 676 57.28 -32.45 -29.69
C PHE A 676 58.45 -31.49 -29.68
N LYS A 677 59.62 -31.91 -29.19
CA LYS A 677 60.75 -30.99 -29.05
C LYS A 677 61.27 -30.55 -30.41
N ASP A 678 61.55 -29.24 -30.51
CA ASP A 678 62.05 -28.58 -31.72
C ASP A 678 61.05 -28.67 -32.86
N LYS A 679 59.77 -28.77 -32.52
CA LYS A 679 58.69 -28.70 -33.49
C LYS A 679 58.10 -27.31 -33.42
N TYR A 680 58.03 -26.63 -34.55
CA TYR A 680 57.52 -25.27 -34.60
C TYR A 680 56.17 -25.31 -35.31
N VAL A 681 55.11 -25.02 -34.57
CA VAL A 681 53.74 -25.19 -35.05
C VAL A 681 53.11 -23.82 -35.11
N LEU A 682 52.25 -23.60 -36.10
CA LEU A 682 51.29 -22.50 -36.09
C LEU A 682 49.92 -23.08 -35.80
N VAL A 683 49.20 -22.46 -34.86
CA VAL A 683 47.85 -22.90 -34.49
C VAL A 683 46.93 -21.70 -34.54
N THR A 684 45.96 -21.72 -35.43
CA THR A 684 45.01 -20.65 -35.58
C THR A 684 43.65 -21.15 -35.12
N GLY A 685 42.87 -20.27 -34.49
CA GLY A 685 41.58 -20.65 -33.97
C GLY A 685 41.63 -21.33 -32.64
N ALA A 686 42.32 -20.75 -31.67
CA ALA A 686 42.66 -21.44 -30.44
C ALA A 686 41.96 -20.83 -29.25
N GLY A 687 40.68 -20.48 -29.39
CA GLY A 687 39.96 -19.85 -28.30
C GLY A 687 39.77 -20.78 -27.12
N ALA A 688 39.50 -20.18 -25.97
CA ALA A 688 39.41 -20.92 -24.72
C ALA A 688 38.22 -21.88 -24.75
N GLY A 689 38.50 -23.15 -24.50
CA GLY A 689 37.46 -24.14 -24.58
C GLY A 689 37.17 -24.69 -25.96
N SER A 690 38.16 -24.77 -26.83
CA SER A 690 37.99 -25.41 -28.13
C SER A 690 38.92 -26.61 -28.26
N ILE A 691 38.81 -27.26 -29.42
CA ILE A 691 39.80 -28.23 -29.82
C ILE A 691 41.16 -27.56 -29.96
N GLY A 692 41.15 -26.36 -30.55
CA GLY A 692 42.40 -25.66 -30.80
C GLY A 692 43.09 -25.15 -29.57
N ALA A 693 42.45 -25.26 -28.40
CA ALA A 693 43.13 -24.93 -27.15
C ALA A 693 43.46 -26.17 -26.35
N GLU A 694 42.90 -27.31 -26.75
CA GLU A 694 43.26 -28.57 -26.11
C GLU A 694 44.40 -29.25 -26.84
N ILE A 695 44.71 -28.80 -28.05
CA ILE A 695 45.93 -29.24 -28.70
C ILE A 695 47.08 -28.32 -28.29
N LEU A 696 46.78 -27.11 -27.85
CA LEU A 696 47.84 -26.26 -27.34
C LEU A 696 48.33 -26.73 -25.99
N GLN A 697 47.48 -27.36 -25.21
CA GLN A 697 48.00 -27.98 -24.00
C GLN A 697 48.86 -29.19 -24.36
N GLY A 698 48.57 -29.83 -25.48
CA GLY A 698 49.31 -31.02 -25.84
C GLY A 698 50.52 -30.74 -26.69
N LEU A 699 50.55 -29.60 -27.38
CA LEU A 699 51.79 -29.18 -28.04
C LEU A 699 52.79 -28.69 -27.01
N ILE A 700 52.35 -27.80 -26.13
CA ILE A 700 53.26 -27.15 -25.19
C ILE A 700 53.73 -28.13 -24.14
N SER A 701 52.93 -29.15 -23.84
CA SER A 701 53.41 -30.17 -22.89
C SER A 701 54.47 -31.05 -23.51
N GLY A 702 54.52 -31.11 -24.82
CA GLY A 702 55.53 -31.93 -25.45
C GLY A 702 56.81 -31.22 -25.72
N GLY A 703 56.78 -29.89 -25.68
CA GLY A 703 57.93 -29.09 -25.99
C GLY A 703 57.84 -28.30 -27.26
N ALA A 704 56.65 -28.14 -27.82
CA ALA A 704 56.51 -27.46 -29.10
C ALA A 704 56.73 -25.98 -28.94
N LYS A 705 56.86 -25.29 -30.07
CA LYS A 705 57.09 -23.85 -30.09
C LYS A 705 55.99 -23.26 -30.96
N VAL A 706 54.92 -22.80 -30.33
CA VAL A 706 53.66 -22.58 -31.01
C VAL A 706 53.38 -21.10 -31.13
N ILE A 707 53.02 -20.64 -32.32
CA ILE A 707 52.33 -19.39 -32.50
C ILE A 707 50.85 -19.62 -32.25
N VAL A 708 50.24 -18.78 -31.42
CA VAL A 708 48.83 -18.84 -31.11
C VAL A 708 48.20 -17.56 -31.62
N THR A 709 47.05 -17.68 -32.26
CA THR A 709 46.32 -16.54 -32.76
C THR A 709 45.06 -16.31 -31.96
N THR A 710 44.82 -15.06 -31.59
CA THR A 710 43.57 -14.64 -30.98
C THR A 710 42.95 -13.55 -31.84
N SER A 711 41.70 -13.76 -32.25
CA SER A 711 40.98 -12.72 -32.97
C SER A 711 40.37 -11.72 -32.01
N ARG A 712 40.25 -12.08 -30.74
CA ARG A 712 39.89 -11.15 -29.67
C ARG A 712 41.06 -11.09 -28.70
N PHE A 713 41.58 -9.90 -28.49
CA PHE A 713 42.78 -9.73 -27.69
C PHE A 713 42.39 -8.84 -26.51
N SER A 714 42.64 -9.32 -25.29
CA SER A 714 42.12 -8.68 -24.10
C SER A 714 43.07 -8.95 -22.95
N LYS A 715 42.59 -8.70 -21.74
CA LYS A 715 43.34 -9.12 -20.55
C LYS A 715 42.93 -10.53 -20.14
N LYS A 716 41.64 -10.86 -20.28
CA LYS A 716 41.17 -12.18 -19.90
C LYS A 716 41.54 -13.22 -20.94
N VAL A 717 41.88 -12.79 -22.15
CA VAL A 717 42.31 -13.72 -23.18
C VAL A 717 43.72 -14.18 -22.90
N THR A 718 44.63 -13.25 -22.60
CA THR A 718 46.03 -13.62 -22.50
C THR A 718 46.36 -14.17 -21.12
N GLU A 719 45.51 -13.90 -20.12
CA GLU A 719 45.72 -14.55 -18.82
C GLU A 719 45.14 -15.96 -18.82
N TYR A 720 44.35 -16.30 -19.81
CA TYR A 720 44.06 -17.71 -20.05
C TYR A 720 45.29 -18.42 -20.57
N TYR A 721 46.01 -17.77 -21.48
CA TYR A 721 47.17 -18.41 -22.09
C TYR A 721 48.37 -18.38 -21.16
N GLN A 722 48.43 -17.43 -20.23
CA GLN A 722 49.49 -17.45 -19.24
C GLN A 722 49.29 -18.57 -18.24
N ASN A 723 48.04 -18.81 -17.83
CA ASN A 723 47.71 -19.94 -16.98
C ASN A 723 47.95 -21.26 -17.68
N MET A 724 47.73 -21.28 -19.00
CA MET A 724 47.92 -22.51 -19.73
C MET A 724 49.40 -22.81 -19.89
N TYR A 725 50.22 -21.77 -19.88
CA TYR A 725 51.67 -22.00 -19.92
C TYR A 725 52.22 -22.22 -18.53
N ALA A 726 51.57 -21.65 -17.49
CA ALA A 726 52.11 -21.81 -16.15
C ALA A 726 51.86 -23.21 -15.59
N ARG A 727 51.00 -23.99 -16.26
CA ARG A 727 50.73 -25.36 -15.82
C ARG A 727 51.34 -26.37 -16.77
N TYR A 728 51.29 -26.12 -18.07
CA TYR A 728 51.63 -27.13 -19.06
C TYR A 728 52.92 -26.83 -19.82
N GLY A 729 53.64 -25.80 -19.45
CA GLY A 729 54.76 -25.34 -20.24
C GLY A 729 56.02 -26.15 -20.07
N ALA A 730 56.14 -27.28 -20.78
CA ALA A 730 57.29 -28.18 -20.62
C ALA A 730 58.59 -27.52 -21.03
N ALA A 731 59.71 -28.08 -20.56
CA ALA A 731 61.00 -27.44 -20.70
C ALA A 731 61.46 -27.41 -22.15
N GLY A 732 61.63 -26.21 -22.68
CA GLY A 732 61.91 -25.98 -24.07
C GLY A 732 60.77 -25.36 -24.82
N SER A 733 59.56 -25.38 -24.28
CA SER A 733 58.41 -24.94 -25.04
C SER A 733 58.24 -23.44 -24.93
N THR A 734 57.76 -22.83 -26.01
CA THR A 734 57.34 -21.44 -25.94
C THR A 734 55.96 -21.32 -26.56
N LEU A 735 55.21 -20.34 -26.09
CA LEU A 735 53.88 -20.05 -26.59
C LEU A 735 53.80 -18.57 -26.86
N ILE A 736 53.30 -18.20 -28.03
CA ILE A 736 53.27 -16.80 -28.44
C ILE A 736 51.86 -16.46 -28.83
N VAL A 737 51.28 -15.48 -28.14
CA VAL A 737 49.92 -15.01 -28.41
C VAL A 737 50.02 -13.73 -29.21
N VAL A 738 49.50 -13.76 -30.43
CA VAL A 738 49.55 -12.60 -31.30
C VAL A 738 48.12 -12.22 -31.61
N PRO A 739 47.78 -10.95 -31.78
CA PRO A 739 46.52 -10.61 -32.43
C PRO A 739 46.64 -10.90 -33.90
N PHE A 740 45.57 -11.45 -34.46
CA PHE A 740 45.58 -11.85 -35.86
C PHE A 740 44.14 -11.97 -36.32
N ASN A 741 43.85 -11.35 -37.45
CA ASN A 741 42.61 -11.53 -38.16
C ASN A 741 42.91 -12.47 -39.32
N GLN A 742 42.06 -13.44 -39.54
CA GLN A 742 42.30 -14.30 -40.69
C GLN A 742 41.42 -13.93 -41.88
N GLY A 743 40.42 -13.08 -41.68
CA GLY A 743 39.64 -12.54 -42.78
C GLY A 743 40.33 -11.36 -43.42
N SER A 744 41.46 -10.99 -42.82
CA SER A 744 42.34 -9.97 -43.38
C SER A 744 43.44 -10.62 -44.22
N LYS A 745 43.59 -10.16 -45.45
CA LYS A 745 44.75 -10.53 -46.25
C LYS A 745 46.00 -9.84 -45.73
N GLN A 746 45.82 -8.65 -45.18
CA GLN A 746 46.98 -7.86 -44.78
C GLN A 746 47.58 -8.37 -43.49
N ASP A 747 46.83 -9.20 -42.75
CA ASP A 747 47.38 -9.79 -41.53
C ASP A 747 48.10 -11.09 -41.83
N VAL A 748 47.63 -11.84 -42.81
CA VAL A 748 48.23 -13.11 -43.13
C VAL A 748 49.52 -12.91 -43.91
N ASP A 749 49.64 -11.77 -44.58
CA ASP A 749 50.92 -11.40 -45.18
C ASP A 749 51.90 -11.02 -44.10
N ALA A 750 51.40 -10.35 -43.06
CA ALA A 750 52.29 -9.71 -42.11
C ALA A 750 52.60 -10.62 -40.93
N LEU A 751 51.86 -11.72 -40.78
CA LEU A 751 52.15 -12.62 -39.66
C LEU A 751 53.17 -13.67 -40.05
N VAL A 752 53.16 -14.13 -41.30
CA VAL A 752 54.25 -14.99 -41.72
C VAL A 752 55.54 -14.20 -41.86
N GLN A 753 55.45 -12.88 -42.04
CA GLN A 753 56.63 -12.03 -41.93
C GLN A 753 57.03 -11.82 -40.48
N TYR A 754 56.19 -12.22 -39.54
CA TYR A 754 56.60 -12.12 -38.15
C TYR A 754 57.14 -13.44 -37.64
N ILE A 755 56.77 -14.54 -38.29
CA ILE A 755 57.24 -15.86 -37.88
C ILE A 755 58.57 -16.17 -38.56
N TYR A 756 58.74 -15.72 -39.79
CA TYR A 756 59.94 -16.11 -40.53
C TYR A 756 61.04 -15.07 -40.54
N ASP A 757 60.72 -13.79 -40.35
CA ASP A 757 61.79 -12.81 -40.36
C ASP A 757 62.67 -12.93 -39.13
N GLU A 758 63.83 -12.29 -39.21
CA GLU A 758 64.85 -12.49 -38.20
C GLU A 758 64.61 -11.55 -37.03
N PRO A 759 65.15 -11.87 -35.84
CA PRO A 759 65.01 -10.97 -34.71
C PRO A 759 65.66 -9.61 -34.89
N LYS A 760 66.63 -9.48 -35.80
CA LYS A 760 67.21 -8.18 -36.08
C LYS A 760 66.29 -7.29 -36.91
N LYS A 761 65.30 -7.87 -37.58
CA LYS A 761 64.29 -7.11 -38.30
C LYS A 761 62.97 -7.09 -37.57
N GLY A 762 62.90 -7.68 -36.38
CA GLY A 762 61.71 -7.67 -35.56
C GLY A 762 60.93 -8.95 -35.51
N GLY A 763 61.24 -9.94 -36.35
CA GLY A 763 60.48 -11.16 -36.45
C GLY A 763 60.81 -12.13 -35.33
N LEU A 764 60.77 -13.40 -35.68
CA LEU A 764 61.06 -14.49 -34.76
C LEU A 764 62.17 -15.43 -35.21
N GLY A 765 62.38 -15.59 -36.51
CA GLY A 765 63.42 -16.48 -36.96
C GLY A 765 63.10 -17.94 -36.79
N TRP A 766 61.83 -18.29 -36.78
CA TRP A 766 61.39 -19.67 -36.68
C TRP A 766 61.25 -20.26 -38.07
N ASP A 767 60.94 -21.54 -38.14
CA ASP A 767 60.64 -22.20 -39.40
C ASP A 767 59.63 -23.30 -39.10
N LEU A 768 58.41 -23.14 -39.60
CA LEU A 768 57.26 -23.90 -39.11
C LEU A 768 57.27 -25.34 -39.60
N ASP A 769 57.15 -26.27 -38.67
CA ASP A 769 57.16 -27.70 -38.96
C ASP A 769 55.78 -28.31 -38.95
N ALA A 770 54.75 -27.55 -38.60
CA ALA A 770 53.37 -27.98 -38.71
C ALA A 770 52.52 -26.74 -38.74
N ILE A 771 51.37 -26.82 -39.40
CA ILE A 771 50.40 -25.74 -39.38
C ILE A 771 49.06 -26.36 -39.04
N ILE A 772 48.32 -25.75 -38.12
CA ILE A 772 46.99 -26.20 -37.74
C ILE A 772 46.03 -25.02 -37.86
N PRO A 773 45.47 -24.79 -39.02
CA PRO A 773 44.58 -23.63 -39.17
C PRO A 773 43.10 -23.89 -38.87
N PHE A 774 42.70 -23.91 -37.61
CA PHE A 774 41.35 -24.32 -37.23
C PHE A 774 40.30 -23.22 -37.24
N ALA A 775 40.66 -21.96 -37.52
CA ALA A 775 39.77 -20.86 -37.17
C ALA A 775 38.55 -20.80 -38.07
N ALA A 776 37.44 -20.38 -37.48
CA ALA A 776 36.17 -20.38 -38.16
C ALA A 776 35.30 -19.31 -37.52
N ILE A 777 34.16 -19.07 -38.15
CA ILE A 777 33.12 -18.21 -37.61
C ILE A 777 31.95 -19.10 -37.21
N PRO A 778 31.34 -18.88 -36.05
CA PRO A 778 30.03 -19.47 -35.81
C PRO A 778 29.00 -18.82 -36.71
N GLU A 779 28.48 -19.54 -37.69
CA GLU A 779 27.35 -19.08 -38.47
C GLU A 779 26.26 -20.15 -38.51
N ASN A 780 25.02 -19.71 -38.37
CA ASN A 780 23.88 -20.62 -38.30
C ASN A 780 22.64 -19.85 -38.72
N GLY A 781 21.70 -20.54 -39.34
CA GLY A 781 20.52 -19.91 -39.87
C GLY A 781 20.70 -19.29 -41.23
N ASN A 782 21.90 -19.31 -41.78
CA ASN A 782 22.18 -18.83 -43.12
C ASN A 782 21.85 -19.97 -44.07
N GLY A 783 20.69 -19.91 -44.70
CA GLY A 783 20.33 -20.86 -45.73
C GLY A 783 20.92 -20.46 -47.06
N LEU A 784 20.46 -21.15 -48.11
CA LEU A 784 20.93 -20.82 -49.45
C LEU A 784 20.30 -19.52 -49.93
N ASP A 785 19.07 -19.25 -49.51
CA ASP A 785 18.46 -17.98 -49.84
C ASP A 785 18.99 -16.84 -48.97
N ASN A 786 19.67 -17.16 -47.87
CA ASN A 786 20.21 -16.17 -46.97
C ASN A 786 21.72 -16.28 -46.80
N ILE A 787 22.45 -16.62 -47.86
CA ILE A 787 23.90 -16.47 -47.79
C ILE A 787 24.22 -14.99 -47.70
N ASP A 788 24.67 -14.57 -46.53
CA ASP A 788 24.77 -13.17 -46.22
C ASP A 788 26.23 -12.81 -46.01
N SER A 789 26.46 -11.60 -45.52
CA SER A 789 27.80 -11.06 -45.45
C SER A 789 28.60 -11.69 -44.34
N LYS A 790 27.95 -12.30 -43.36
CA LYS A 790 28.70 -13.05 -42.36
C LYS A 790 29.15 -14.38 -42.94
N SER A 791 28.47 -14.84 -43.98
CA SER A 791 28.88 -16.07 -44.65
C SER A 791 29.94 -15.82 -45.71
N GLU A 792 29.96 -14.63 -46.31
CA GLU A 792 31.05 -14.31 -47.22
C GLU A 792 32.32 -14.01 -46.46
N PHE A 793 32.18 -13.62 -45.19
CA PHE A 793 33.35 -13.35 -44.37
C PHE A 793 33.84 -14.61 -43.69
N ALA A 794 32.94 -15.59 -43.49
CA ALA A 794 33.37 -16.86 -42.94
C ALA A 794 34.01 -17.73 -44.02
N HIS A 795 33.58 -17.57 -45.27
CA HIS A 795 34.20 -18.32 -46.35
C HIS A 795 35.59 -17.79 -46.63
N ARG A 796 35.81 -16.50 -46.40
CA ARG A 796 37.15 -15.94 -46.55
C ARG A 796 38.04 -16.38 -45.41
N ILE A 797 37.52 -16.42 -44.17
CA ILE A 797 38.33 -16.90 -43.04
C ILE A 797 38.70 -18.37 -43.22
N MET A 798 37.72 -19.21 -43.47
CA MET A 798 37.96 -20.63 -43.51
C MET A 798 38.59 -21.11 -44.80
N LEU A 799 38.31 -20.50 -45.95
CA LEU A 799 38.98 -21.02 -47.14
C LEU A 799 39.89 -20.07 -47.91
N THR A 800 39.36 -18.97 -48.45
CA THR A 800 40.11 -18.23 -49.47
C THR A 800 41.24 -17.41 -48.86
N ASN A 801 41.40 -17.47 -47.54
CA ASN A 801 42.52 -16.89 -46.84
C ASN A 801 43.16 -17.91 -45.91
N LEU A 802 42.64 -19.14 -45.87
CA LEU A 802 43.43 -20.24 -45.31
C LEU A 802 44.45 -20.70 -46.32
N LEU A 803 44.09 -20.68 -47.59
CA LEU A 803 45.02 -21.09 -48.63
C LEU A 803 46.11 -20.05 -48.79
N ARG A 804 45.78 -18.78 -48.58
CA ARG A 804 46.79 -17.72 -48.55
C ARG A 804 47.68 -17.83 -47.31
N LEU A 805 47.19 -18.47 -46.25
CA LEU A 805 48.05 -18.72 -45.10
C LEU A 805 49.01 -19.87 -45.36
N LEU A 806 48.55 -20.92 -46.04
CA LEU A 806 49.46 -21.98 -46.43
C LEU A 806 50.31 -21.56 -47.61
N GLY A 807 49.78 -20.67 -48.44
CA GLY A 807 50.53 -20.20 -49.59
C GLY A 807 51.58 -19.17 -49.25
N ALA A 808 51.57 -18.65 -48.02
CA ALA A 808 52.57 -17.66 -47.65
C ALA A 808 53.68 -18.29 -46.84
N VAL A 809 53.40 -19.39 -46.15
CA VAL A 809 54.47 -20.14 -45.50
C VAL A 809 55.31 -20.86 -46.55
N LYS A 810 54.74 -21.11 -47.74
CA LYS A 810 55.52 -21.66 -48.84
C LYS A 810 56.57 -20.68 -49.32
N SER A 811 56.18 -19.42 -49.56
CA SER A 811 57.10 -18.46 -50.15
C SER A 811 58.18 -18.04 -49.18
N LYS A 812 57.94 -18.18 -47.87
CA LYS A 812 58.97 -17.85 -46.89
C LYS A 812 59.90 -19.02 -46.64
N LYS A 813 59.54 -20.21 -47.10
CA LYS A 813 60.47 -21.33 -47.04
C LYS A 813 61.41 -21.26 -48.23
N THR A 814 62.68 -21.54 -47.98
CA THR A 814 63.68 -21.67 -49.03
C THR A 814 64.31 -23.04 -49.04
N THR A 815 63.97 -23.90 -48.08
CA THR A 815 64.67 -25.15 -47.85
C THR A 815 63.70 -26.28 -48.15
N ASP A 816 64.10 -27.19 -49.03
CA ASP A 816 63.24 -28.32 -49.33
C ASP A 816 63.38 -29.45 -48.33
N THR A 817 64.18 -29.31 -47.29
CA THR A 817 64.37 -30.38 -46.33
C THR A 817 63.46 -30.22 -45.12
N ARG A 818 62.81 -29.07 -44.97
CA ARG A 818 61.86 -28.79 -43.89
C ARG A 818 60.46 -28.71 -44.46
N PRO A 819 59.67 -29.77 -44.33
CA PRO A 819 58.27 -29.67 -44.71
C PRO A 819 57.44 -29.13 -43.56
N ALA A 820 56.34 -28.48 -43.90
CA ALA A 820 55.39 -28.01 -42.89
C ALA A 820 54.09 -28.78 -43.02
N GLN A 821 53.83 -29.66 -42.06
CA GLN A 821 52.67 -30.53 -42.10
C GLN A 821 51.41 -29.73 -41.87
N CYS A 822 50.60 -29.54 -42.89
CA CYS A 822 49.34 -28.84 -42.73
C CYS A 822 48.33 -29.79 -42.09
N ILE A 823 47.63 -29.33 -41.07
CA ILE A 823 46.57 -30.12 -40.43
C ILE A 823 45.25 -29.40 -40.71
N LEU A 824 44.47 -29.96 -41.60
CA LEU A 824 43.27 -29.28 -42.05
C LEU A 824 42.04 -29.85 -41.38
N PRO A 825 41.22 -29.03 -40.75
CA PRO A 825 40.01 -29.55 -40.10
C PRO A 825 38.93 -29.89 -41.07
N LEU A 826 39.03 -31.04 -41.73
CA LEU A 826 38.00 -31.41 -42.69
C LEU A 826 36.71 -31.79 -41.97
N SER A 827 35.63 -31.78 -42.73
CA SER A 827 34.38 -32.18 -42.14
C SER A 827 33.85 -33.40 -42.87
N PRO A 828 33.14 -34.29 -42.16
CA PRO A 828 32.47 -35.40 -42.85
C PRO A 828 31.06 -35.07 -43.25
N ASN A 829 30.59 -33.88 -42.89
CA ASN A 829 29.21 -33.49 -43.08
C ASN A 829 29.20 -32.35 -44.09
N HIS A 830 29.24 -32.70 -45.37
CA HIS A 830 29.28 -31.71 -46.42
C HIS A 830 27.85 -31.48 -46.88
N GLY A 831 27.19 -30.53 -46.25
CA GLY A 831 25.83 -30.19 -46.62
C GLY A 831 24.79 -31.19 -46.20
N THR A 832 25.15 -32.17 -45.37
CA THR A 832 24.17 -33.17 -44.98
C THR A 832 23.32 -32.64 -43.83
N PHE A 833 23.79 -31.62 -43.12
CA PHE A 833 22.93 -30.86 -42.22
C PHE A 833 22.22 -29.77 -42.99
N GLY A 834 21.64 -28.83 -42.28
CA GLY A 834 20.82 -27.86 -42.95
C GLY A 834 21.47 -26.53 -43.15
N PHE A 835 21.16 -25.61 -42.24
CA PHE A 835 21.25 -24.19 -42.46
C PHE A 835 22.51 -23.65 -41.79
N ASP A 836 23.63 -23.74 -42.49
CA ASP A 836 24.89 -23.28 -41.91
C ASP A 836 25.64 -22.28 -42.79
N GLY A 837 25.12 -21.94 -43.96
CA GLY A 837 25.79 -20.96 -44.79
C GLY A 837 26.83 -21.61 -45.67
N LEU A 838 27.97 -20.95 -45.85
CA LEU A 838 29.03 -21.45 -46.72
C LEU A 838 30.00 -22.34 -45.95
N TYR A 839 29.56 -23.00 -44.88
CA TYR A 839 30.46 -23.80 -44.05
C TYR A 839 30.90 -25.05 -44.77
N SER A 840 29.96 -25.77 -45.38
CA SER A 840 30.30 -26.98 -46.11
C SER A 840 31.04 -26.67 -47.40
N GLU A 841 30.84 -25.48 -47.96
CA GLU A 841 31.59 -25.09 -49.16
C GLU A 841 32.98 -24.62 -48.79
N SER A 842 33.18 -24.30 -47.52
CA SER A 842 34.52 -23.96 -47.05
C SER A 842 35.31 -25.21 -46.72
N LYS A 843 34.62 -26.27 -46.31
CA LYS A 843 35.34 -27.46 -45.85
C LYS A 843 35.57 -28.45 -46.98
N ILE A 844 34.70 -28.47 -47.98
CA ILE A 844 34.83 -29.48 -49.01
C ILE A 844 35.93 -29.09 -50.00
N SER A 845 36.28 -27.81 -50.04
CA SER A 845 37.29 -27.40 -50.99
C SER A 845 38.65 -27.32 -50.32
N LEU A 846 38.75 -27.77 -49.07
CA LEU A 846 40.06 -28.06 -48.51
C LEU A 846 40.51 -29.47 -48.87
N GLU A 847 39.61 -30.29 -49.41
CA GLU A 847 39.96 -31.61 -49.87
C GLU A 847 40.70 -31.58 -51.20
N THR A 848 40.68 -30.45 -51.91
CA THR A 848 41.44 -30.38 -53.16
C THR A 848 42.90 -30.04 -52.90
N LEU A 849 43.31 -29.88 -51.64
CA LEU A 849 44.73 -29.76 -51.34
C LEU A 849 45.41 -31.11 -51.28
N PHE A 850 44.65 -32.19 -51.41
CA PHE A 850 45.26 -33.51 -51.51
C PHE A 850 45.82 -33.74 -52.89
N ASN A 851 45.02 -33.44 -53.92
CA ASN A 851 45.47 -33.66 -55.28
C ASN A 851 46.42 -32.57 -55.73
N ARG A 852 46.35 -31.40 -55.11
CA ARG A 852 47.15 -30.26 -55.54
C ARG A 852 48.59 -30.38 -55.06
N TRP A 853 48.82 -31.24 -54.07
CA TRP A 853 50.17 -31.55 -53.61
C TRP A 853 50.99 -32.20 -54.71
N TYR A 854 50.35 -33.07 -55.50
CA TYR A 854 51.02 -33.72 -56.63
C TYR A 854 51.23 -32.76 -57.78
N SER A 855 50.27 -31.89 -58.04
CA SER A 855 50.23 -31.14 -59.27
C SER A 855 51.00 -29.83 -59.20
N GLU A 856 51.31 -29.32 -58.01
CA GLU A 856 51.99 -28.04 -57.90
C GLU A 856 53.36 -28.23 -57.28
N ASP A 857 54.05 -27.12 -57.10
CA ASP A 857 55.46 -27.09 -56.74
C ASP A 857 55.69 -26.92 -55.25
N TRP A 858 54.72 -27.25 -54.43
CA TRP A 858 54.91 -27.24 -52.98
C TRP A 858 54.79 -28.62 -52.36
N GLY A 859 55.22 -29.66 -53.07
CA GLY A 859 55.13 -31.00 -52.50
C GLY A 859 56.10 -31.24 -51.37
N SER A 860 57.21 -30.52 -51.34
CA SER A 860 58.18 -30.60 -50.27
C SER A 860 58.11 -29.42 -49.32
N LYS A 861 57.33 -28.39 -49.64
CA LYS A 861 57.13 -27.26 -48.75
C LYS A 861 56.01 -27.51 -47.76
N LEU A 862 54.81 -27.81 -48.23
CA LEU A 862 53.68 -28.11 -47.37
C LEU A 862 53.21 -29.53 -47.64
N THR A 863 53.27 -30.37 -46.65
CA THR A 863 52.66 -31.69 -46.73
C THR A 863 51.30 -31.63 -46.05
N VAL A 864 50.27 -32.10 -46.72
CA VAL A 864 48.90 -31.96 -46.24
C VAL A 864 48.55 -33.18 -45.41
N CYS A 865 47.95 -32.96 -44.25
CA CYS A 865 47.44 -34.04 -43.40
C CYS A 865 46.07 -33.65 -42.88
N GLY A 866 45.04 -33.92 -43.65
CA GLY A 866 43.69 -33.51 -43.29
C GLY A 866 43.03 -34.39 -42.26
N ALA A 867 42.60 -33.78 -41.16
CA ALA A 867 41.87 -34.47 -40.10
C ALA A 867 40.38 -34.32 -40.34
N VAL A 868 39.63 -35.40 -40.17
CA VAL A 868 38.18 -35.34 -40.30
C VAL A 868 37.61 -35.50 -38.89
N ILE A 869 37.34 -34.37 -38.25
CA ILE A 869 36.90 -34.36 -36.86
C ILE A 869 35.43 -34.76 -36.80
N GLY A 870 35.14 -35.78 -35.98
CA GLY A 870 33.81 -36.30 -35.86
C GLY A 870 32.92 -35.49 -34.94
N TRP A 871 32.11 -36.20 -34.16
CA TRP A 871 31.22 -35.53 -33.24
C TRP A 871 32.03 -35.13 -32.02
N THR A 872 32.29 -33.85 -31.85
CA THR A 872 32.97 -33.34 -30.68
C THR A 872 31.95 -32.75 -29.74
N ARG A 873 31.92 -33.23 -28.51
CA ARG A 873 31.00 -32.73 -27.51
C ARG A 873 31.66 -31.60 -26.73
N GLY A 874 31.31 -30.37 -27.05
CA GLY A 874 31.91 -29.27 -26.34
C GLY A 874 30.92 -28.18 -25.99
N THR A 875 31.40 -27.13 -25.33
CA THR A 875 30.56 -26.02 -24.95
C THR A 875 30.43 -25.06 -26.13
N GLY A 876 29.78 -23.92 -25.88
CA GLY A 876 29.52 -23.00 -26.96
C GLY A 876 28.13 -23.20 -27.53
N LEU A 877 28.05 -23.14 -28.86
CA LEU A 877 26.74 -23.22 -29.52
C LEU A 877 26.30 -24.65 -29.76
N MET A 878 27.11 -25.63 -29.37
CA MET A 878 26.74 -27.03 -29.55
C MET A 878 26.14 -27.61 -28.27
N SER A 879 25.77 -26.73 -27.32
CA SER A 879 25.17 -27.18 -26.08
C SER A 879 23.73 -27.65 -26.29
N ALA A 880 23.13 -27.29 -27.42
CA ALA A 880 21.85 -27.83 -27.82
C ALA A 880 21.97 -29.17 -28.53
N ASN A 881 23.19 -29.65 -28.75
CA ASN A 881 23.39 -30.92 -29.42
C ASN A 881 23.94 -32.00 -28.49
N ASN A 882 24.32 -31.65 -27.27
CA ASN A 882 24.87 -32.61 -26.33
C ASN A 882 23.83 -33.56 -25.78
N ILE A 883 22.55 -33.25 -25.94
CA ILE A 883 21.51 -34.05 -25.32
C ILE A 883 21.24 -35.31 -26.11
N ILE A 884 21.71 -35.37 -27.36
CA ILE A 884 21.48 -36.52 -28.22
C ILE A 884 22.76 -37.28 -28.54
N ALA A 885 23.88 -36.91 -27.93
CA ALA A 885 25.10 -37.67 -28.12
C ALA A 885 25.00 -39.03 -27.45
N GLU A 886 24.23 -39.12 -26.36
CA GLU A 886 23.89 -40.40 -25.78
C GLU A 886 23.04 -41.23 -26.73
N GLY A 887 22.21 -40.57 -27.52
CA GLY A 887 21.29 -41.30 -28.39
C GLY A 887 21.96 -42.00 -29.55
N ILE A 888 22.90 -41.31 -30.23
CA ILE A 888 23.51 -41.94 -31.39
C ILE A 888 24.65 -42.86 -30.96
N GLU A 889 25.11 -42.74 -29.71
CA GLU A 889 26.09 -43.70 -29.21
C GLU A 889 25.46 -45.05 -28.91
N LYS A 890 24.13 -45.12 -28.84
CA LYS A 890 23.47 -46.40 -28.64
C LYS A 890 23.43 -47.24 -29.90
N LEU A 891 23.82 -46.67 -31.04
CA LEU A 891 23.84 -47.38 -32.32
C LEU A 891 25.11 -48.19 -32.52
N GLY A 892 26.10 -48.03 -31.66
CA GLY A 892 27.42 -48.53 -31.94
C GLY A 892 28.36 -47.49 -32.51
N VAL A 893 28.03 -46.22 -32.38
CA VAL A 893 28.86 -45.13 -32.83
C VAL A 893 29.39 -44.43 -31.59
N ARG A 894 30.44 -43.62 -31.72
CA ARG A 894 31.00 -42.93 -30.57
C ARG A 894 31.22 -41.47 -30.90
N THR A 895 30.93 -40.61 -29.93
CA THR A 895 31.27 -39.19 -29.97
C THR A 895 32.51 -38.95 -29.11
N PHE A 896 32.93 -37.70 -29.05
CA PHE A 896 34.25 -37.35 -28.55
C PHE A 896 34.17 -36.13 -27.65
N SER A 897 34.92 -36.13 -26.57
CA SER A 897 35.10 -34.88 -25.88
C SER A 897 36.27 -34.14 -26.47
N GLN A 898 36.52 -32.92 -25.99
CA GLN A 898 37.54 -32.10 -26.61
C GLN A 898 38.93 -32.58 -26.26
N LYS A 899 39.10 -33.19 -25.08
CA LYS A 899 40.39 -33.81 -24.76
C LYS A 899 40.62 -35.08 -25.55
N GLU A 900 39.57 -35.64 -26.14
CA GLU A 900 39.74 -36.82 -26.97
C GLU A 900 40.15 -36.44 -28.39
N MET A 901 39.50 -35.42 -28.96
CA MET A 901 39.97 -34.92 -30.25
C MET A 901 41.20 -34.03 -30.10
N ALA A 902 41.57 -33.71 -28.87
CA ALA A 902 42.95 -33.35 -28.61
C ALA A 902 43.86 -34.53 -28.89
N PHE A 903 43.54 -35.70 -28.33
CA PHE A 903 44.41 -36.87 -28.44
C PHE A 903 44.46 -37.39 -29.85
N ASN A 904 43.41 -37.14 -30.62
CA ASN A 904 43.28 -37.80 -31.89
C ASN A 904 44.01 -37.04 -32.99
N ILE A 905 44.16 -35.73 -32.84
CA ILE A 905 44.89 -34.95 -33.83
C ILE A 905 46.36 -34.82 -33.46
N LEU A 906 46.67 -34.84 -32.15
CA LEU A 906 48.08 -34.87 -31.73
C LEU A 906 48.74 -36.20 -32.09
N GLY A 907 47.97 -37.25 -32.23
CA GLY A 907 48.52 -38.45 -32.78
C GLY A 907 48.77 -38.43 -34.27
N LEU A 908 48.38 -37.36 -34.96
CA LEU A 908 48.82 -37.14 -36.34
C LEU A 908 50.15 -36.43 -36.40
N LEU A 909 50.79 -36.20 -35.27
CA LEU A 909 52.11 -35.59 -35.23
C LEU A 909 53.16 -36.55 -34.71
N THR A 910 52.86 -37.84 -34.69
CA THR A 910 53.87 -38.81 -34.28
C THR A 910 54.92 -38.91 -35.38
N PRO A 911 56.16 -39.23 -35.04
CA PRO A 911 57.21 -39.26 -36.08
C PRO A 911 57.06 -40.37 -37.11
N GLU A 912 56.10 -41.28 -36.97
CA GLU A 912 55.87 -42.25 -38.03
C GLU A 912 54.77 -41.78 -38.99
N ILE A 913 53.82 -40.99 -38.49
CA ILE A 913 52.86 -40.34 -39.38
C ILE A 913 53.53 -39.19 -40.11
N VAL A 914 54.45 -38.49 -39.44
CA VAL A 914 55.12 -37.32 -40.01
C VAL A 914 55.91 -37.70 -41.25
N GLN A 915 56.58 -38.86 -41.21
CA GLN A 915 57.26 -39.34 -42.40
C GLN A 915 56.29 -39.82 -43.45
N LEU A 916 55.10 -40.25 -43.02
CA LEU A 916 54.11 -40.78 -43.95
C LEU A 916 53.40 -39.65 -44.66
N CYS A 917 53.32 -38.49 -44.02
CA CYS A 917 52.73 -37.32 -44.65
C CYS A 917 53.66 -36.74 -45.70
N GLN A 918 54.95 -37.07 -45.62
CA GLN A 918 55.92 -36.45 -46.50
C GLN A 918 56.03 -37.19 -47.83
N GLU A 919 55.42 -38.37 -47.93
CA GLU A 919 55.37 -39.03 -49.22
C GLU A 919 53.94 -39.08 -49.76
N GLU A 920 52.95 -39.00 -48.88
CA GLU A 920 51.55 -39.16 -49.22
C GLU A 920 50.78 -38.00 -48.61
N PRO A 921 49.82 -37.44 -49.30
CA PRO A 921 48.78 -36.67 -48.60
C PRO A 921 47.94 -37.62 -47.77
N VAL A 922 47.63 -37.25 -46.54
CA VAL A 922 47.05 -38.18 -45.57
C VAL A 922 45.66 -37.70 -45.16
N MET A 923 44.65 -38.49 -45.49
CA MET A 923 43.31 -38.30 -44.94
C MET A 923 43.24 -39.11 -43.66
N ALA A 924 42.90 -38.46 -42.55
CA ALA A 924 42.75 -39.13 -41.27
C ALA A 924 41.31 -39.00 -40.83
N ASP A 925 40.50 -40.00 -41.16
CA ASP A 925 39.07 -39.91 -40.88
C ASP A 925 38.80 -40.30 -39.43
N LEU A 926 38.84 -39.31 -38.54
CA LEU A 926 38.62 -39.49 -37.12
C LEU A 926 37.14 -39.41 -36.77
N ASN A 927 36.28 -39.47 -37.77
CA ASN A 927 34.84 -39.55 -37.58
C ASN A 927 34.57 -40.94 -37.02
N GLY A 928 33.93 -40.99 -35.86
CA GLY A 928 33.87 -42.25 -35.13
C GLY A 928 32.80 -43.23 -35.57
N GLY A 929 32.70 -43.49 -36.87
CA GLY A 929 31.67 -44.36 -37.37
C GLY A 929 30.42 -43.67 -37.84
N LEU A 930 30.40 -42.34 -37.87
CA LEU A 930 29.20 -41.60 -38.21
C LEU A 930 28.89 -41.57 -39.69
N GLN A 931 29.76 -42.10 -40.55
CA GLN A 931 29.41 -42.15 -41.96
C GLN A 931 28.61 -43.40 -42.28
N PHE A 932 28.45 -44.30 -41.31
CA PHE A 932 27.68 -45.52 -41.47
C PHE A 932 26.24 -45.34 -41.01
N ILE A 933 25.82 -44.10 -40.78
CA ILE A 933 24.47 -43.77 -40.40
C ILE A 933 23.80 -43.14 -41.61
N ASP A 934 22.78 -43.82 -42.13
CA ASP A 934 21.96 -43.24 -43.17
C ASP A 934 21.17 -42.07 -42.59
N ASN A 935 20.98 -41.04 -43.42
CA ASN A 935 20.26 -39.77 -43.16
C ASN A 935 20.44 -39.22 -41.73
N LEU A 936 21.68 -38.84 -41.44
CA LEU A 936 22.08 -38.33 -40.13
C LEU A 936 21.30 -37.07 -39.73
N LYS A 937 20.87 -36.28 -40.72
CA LYS A 937 20.09 -35.09 -40.40
C LYS A 937 18.74 -35.47 -39.84
N ASP A 938 18.03 -36.34 -40.54
CA ASP A 938 16.73 -36.82 -40.11
C ASP A 938 16.81 -37.74 -38.92
N PHE A 939 17.95 -38.38 -38.68
CA PHE A 939 18.08 -39.26 -37.54
C PHE A 939 18.30 -38.47 -36.26
N THR A 940 19.17 -37.47 -36.30
CA THR A 940 19.40 -36.66 -35.12
C THR A 940 18.29 -35.65 -34.91
N SER A 941 17.46 -35.44 -35.93
CA SER A 941 16.29 -34.58 -35.74
C SER A 941 15.24 -35.26 -34.88
N LYS A 942 15.00 -36.55 -35.11
CA LYS A 942 13.96 -37.22 -34.33
C LYS A 942 14.43 -37.52 -32.92
N LEU A 943 15.73 -37.70 -32.72
CA LEU A 943 16.20 -37.91 -31.35
C LEU A 943 16.17 -36.63 -30.56
N ARG A 944 16.36 -35.49 -31.21
CA ARG A 944 16.29 -34.22 -30.50
C ARG A 944 14.83 -33.84 -30.27
N THR A 945 13.96 -34.20 -31.20
CA THR A 945 12.54 -33.94 -31.02
C THR A 945 11.95 -34.79 -29.91
N ASP A 946 12.28 -36.09 -29.90
CA ASP A 946 11.68 -37.01 -28.93
C ASP A 946 12.14 -36.72 -27.50
N LEU A 947 13.36 -36.20 -27.34
CA LEU A 947 13.77 -35.80 -25.99
C LEU A 947 13.20 -34.44 -25.61
N LEU A 948 12.82 -33.63 -26.60
CA LEU A 948 12.12 -32.39 -26.27
C LEU A 948 10.62 -32.64 -26.10
N GLU A 949 10.08 -33.63 -26.80
CA GLU A 949 8.66 -33.93 -26.66
C GLU A 949 8.38 -34.82 -25.46
N THR A 950 9.42 -35.45 -24.90
CA THR A 950 9.24 -36.15 -23.63
C THR A 950 9.39 -35.19 -22.47
N ALA A 951 10.20 -34.15 -22.66
CA ALA A 951 10.51 -33.25 -21.56
C ALA A 951 9.34 -32.31 -21.26
N ASP A 952 8.53 -31.98 -22.27
CA ASP A 952 7.45 -31.03 -22.02
C ASP A 952 6.16 -31.71 -21.60
N ILE A 953 5.91 -32.95 -22.08
CA ILE A 953 4.75 -33.69 -21.59
C ILE A 953 4.96 -34.09 -20.14
N ARG A 954 6.21 -34.26 -19.73
CA ARG A 954 6.50 -34.50 -18.33
C ARG A 954 6.51 -33.18 -17.57
N ARG A 955 6.66 -32.07 -18.29
CA ARG A 955 6.56 -30.76 -17.66
C ARG A 955 5.12 -30.33 -17.49
N ALA A 956 4.36 -30.31 -18.60
CA ALA A 956 3.03 -29.72 -18.59
C ALA A 956 2.04 -30.54 -17.78
N VAL A 957 2.28 -31.85 -17.67
CA VAL A 957 1.50 -32.66 -16.73
C VAL A 957 1.83 -32.27 -15.30
N SER A 958 3.11 -32.12 -14.99
CA SER A 958 3.51 -31.80 -13.62
C SER A 958 3.27 -30.33 -13.30
N ILE A 959 3.03 -29.50 -14.31
CA ILE A 959 2.54 -28.15 -14.05
C ILE A 959 1.05 -28.16 -13.71
N GLU A 960 0.27 -28.90 -14.49
CA GLU A 960 -1.18 -28.96 -14.25
C GLU A 960 -1.51 -29.74 -12.99
N SER A 961 -0.73 -30.78 -12.69
CA SER A 961 -0.98 -31.54 -11.47
C SER A 961 -0.53 -30.76 -10.24
N ALA A 962 0.35 -29.78 -10.42
CA ALA A 962 0.72 -28.92 -9.31
C ALA A 962 -0.40 -27.94 -8.97
N ILE A 963 -1.06 -27.40 -10.00
CA ILE A 963 -2.08 -26.37 -9.77
C ILE A 963 -3.40 -27.03 -9.38
N GLU A 964 -3.63 -28.26 -9.85
CA GLU A 964 -4.83 -28.99 -9.45
C GLU A 964 -4.78 -29.37 -7.98
N GLN A 965 -3.58 -29.48 -7.40
CA GLN A 965 -3.48 -29.65 -5.96
C GLN A 965 -3.56 -28.33 -5.23
N LYS A 966 -3.35 -27.22 -5.94
CA LYS A 966 -3.57 -25.91 -5.34
C LYS A 966 -5.06 -25.59 -5.28
N VAL A 967 -5.85 -26.15 -6.20
CA VAL A 967 -7.28 -25.90 -6.22
C VAL A 967 -7.96 -26.68 -5.10
N VAL A 968 -7.63 -27.97 -4.97
CA VAL A 968 -8.29 -28.81 -3.97
C VAL A 968 -7.84 -28.42 -2.57
N ASN A 969 -6.54 -28.35 -2.35
CA ASN A 969 -6.02 -28.15 -1.01
C ASN A 969 -5.95 -26.68 -0.60
N GLY A 970 -6.13 -25.76 -1.53
CA GLY A 970 -6.25 -24.36 -1.16
C GLY A 970 -4.95 -23.59 -1.20
N ASP A 971 -5.06 -22.28 -1.45
CA ASP A 971 -3.86 -21.44 -1.56
C ASP A 971 -3.33 -21.04 -0.19
N ASN A 972 -4.05 -21.35 0.88
CA ASN A 972 -3.49 -21.12 2.22
C ASN A 972 -2.52 -22.21 2.62
N VAL A 973 -2.67 -23.41 2.07
CA VAL A 973 -1.84 -24.54 2.49
C VAL A 973 -0.51 -24.55 1.73
N ASP A 974 -0.54 -24.24 0.43
CA ASP A 974 0.64 -24.45 -0.41
C ASP A 974 1.72 -23.41 -0.15
N ALA A 975 1.39 -22.32 0.55
CA ALA A 975 2.41 -21.40 1.01
C ALA A 975 3.25 -22.04 2.11
N ASN A 976 2.68 -22.98 2.85
CA ASN A 976 3.39 -23.74 3.87
C ASN A 976 4.13 -24.93 3.28
N TYR A 977 4.12 -25.10 1.96
CA TYR A 977 4.93 -26.12 1.30
C TYR A 977 6.30 -25.58 0.92
N SER A 978 6.40 -24.31 0.54
CA SER A 978 7.68 -23.67 0.33
C SER A 978 8.35 -23.39 1.67
N LYS A 979 9.67 -23.47 1.68
CA LYS A 979 10.46 -23.24 2.87
C LYS A 979 10.89 -21.78 2.94
N VAL A 980 11.03 -21.26 4.15
CA VAL A 980 11.50 -19.89 4.35
C VAL A 980 13.01 -19.89 4.24
N MET A 981 13.54 -19.35 3.15
CA MET A 981 14.98 -19.27 2.99
C MET A 981 15.53 -18.09 3.78
N VAL A 982 16.81 -18.19 4.14
CA VAL A 982 17.50 -17.17 4.91
C VAL A 982 18.35 -16.36 3.95
N GLU A 983 18.06 -15.08 3.84
CA GLU A 983 18.92 -14.12 3.17
C GLU A 983 20.22 -14.01 3.96
N PRO A 984 21.42 -13.90 3.41
CA PRO A 984 22.58 -13.60 4.26
C PRO A 984 22.94 -12.12 4.32
N ARG A 985 23.53 -11.73 5.45
CA ARG A 985 24.06 -10.39 5.67
C ARG A 985 25.58 -10.46 5.76
N ALA A 986 26.22 -9.29 5.83
CA ALA A 986 27.64 -9.24 6.12
C ALA A 986 27.90 -9.33 7.61
N ASN A 987 29.05 -9.85 7.95
CA ASN A 987 29.43 -10.12 9.33
C ASN A 987 30.79 -9.46 9.54
N MET A 988 30.86 -8.16 9.24
CA MET A 988 32.00 -7.34 9.61
C MET A 988 32.33 -7.48 11.08
N LYS A 989 33.44 -8.14 11.35
CA LYS A 989 34.00 -8.24 12.67
C LYS A 989 35.25 -7.38 12.68
N PHE A 990 35.96 -7.37 13.79
CA PHE A 990 37.24 -6.70 13.74
C PHE A 990 38.39 -7.68 13.64
N ASP A 991 38.38 -8.73 14.45
CA ASP A 991 39.32 -9.85 14.37
C ASP A 991 40.77 -9.42 14.53
N PHE A 992 41.13 -9.15 15.78
CA PHE A 992 42.52 -9.26 16.21
C PHE A 992 43.05 -10.65 15.84
N PRO A 993 44.36 -10.79 15.57
CA PRO A 993 44.91 -12.09 15.16
C PRO A 993 44.73 -13.17 16.21
N THR A 994 44.34 -14.36 15.78
CA THR A 994 43.83 -15.39 16.68
C THR A 994 44.89 -15.92 17.62
N LEU A 995 44.75 -15.62 18.90
CA LEU A 995 45.72 -16.06 19.89
C LEU A 995 45.62 -17.56 20.12
N LYS A 996 46.75 -18.24 19.96
CA LYS A 996 46.86 -19.66 20.20
C LYS A 996 46.91 -19.90 21.70
N SER A 997 46.70 -21.14 22.12
CA SER A 997 46.79 -21.42 23.55
C SER A 997 48.26 -21.55 23.96
N TYR A 998 48.53 -21.36 25.26
CA TYR A 998 49.91 -21.28 25.71
C TYR A 998 50.63 -22.61 25.65
N ASP A 999 49.93 -23.72 25.86
CA ASP A 999 50.58 -25.01 25.69
C ASP A 999 50.78 -25.32 24.21
N GLU A 1000 50.01 -24.66 23.35
CA GLU A 1000 50.23 -24.80 21.92
C GLU A 1000 51.34 -23.88 21.46
N ILE A 1001 51.58 -22.80 22.21
CA ILE A 1001 52.52 -21.78 21.76
C ILE A 1001 53.95 -22.22 22.02
N LYS A 1002 54.12 -23.23 22.88
CA LYS A 1002 55.44 -23.71 23.22
C LYS A 1002 55.79 -24.98 22.45
N GLN A 1003 54.86 -25.56 21.71
CA GLN A 1003 55.22 -26.53 20.69
C GLN A 1003 55.73 -25.87 19.42
N ILE A 1004 55.21 -24.68 19.09
CA ILE A 1004 55.72 -23.92 17.96
C ILE A 1004 57.11 -23.39 18.24
N ALA A 1005 57.31 -22.77 19.39
CA ALA A 1005 58.63 -22.31 19.78
C ALA A 1005 59.06 -23.07 21.01
N PRO A 1006 60.18 -23.77 20.95
CA PRO A 1006 60.73 -24.49 22.11
C PRO A 1006 61.31 -23.55 23.17
N GLU A 1007 62.27 -24.06 23.93
CA GLU A 1007 62.72 -23.47 25.19
C GLU A 1007 63.35 -22.09 24.97
N LEU A 1008 62.49 -21.11 24.71
CA LEU A 1008 62.85 -19.70 24.55
C LEU A 1008 62.41 -18.86 25.73
N GLU A 1009 61.80 -19.48 26.75
CA GLU A 1009 61.15 -18.79 27.86
C GLU A 1009 62.12 -17.99 28.74
N GLY A 1010 61.76 -16.74 29.01
CA GLY A 1010 62.52 -15.91 29.90
C GLY A 1010 63.84 -15.44 29.37
N MET A 1011 64.01 -15.41 28.05
CA MET A 1011 65.32 -15.06 27.51
C MET A 1011 65.37 -13.63 26.98
N LEU A 1012 64.39 -13.24 26.17
CA LEU A 1012 64.40 -11.87 25.68
C LEU A 1012 63.84 -10.94 26.73
N ASP A 1013 64.47 -9.78 26.90
CA ASP A 1013 63.87 -8.72 27.69
C ASP A 1013 62.81 -8.00 26.89
N LEU A 1014 61.59 -8.03 27.40
CA LEU A 1014 60.43 -7.50 26.71
C LEU A 1014 60.43 -5.99 26.61
N GLU A 1015 61.17 -5.30 27.48
CA GLU A 1015 61.25 -3.84 27.40
C GLU A 1015 62.13 -3.38 26.25
N ASN A 1016 62.72 -4.29 25.48
CA ASN A 1016 63.56 -3.94 24.37
C ASN A 1016 63.23 -4.70 23.09
N VAL A 1017 61.97 -5.10 22.93
CA VAL A 1017 61.47 -5.69 21.70
C VAL A 1017 60.38 -4.77 21.15
N VAL A 1018 60.52 -4.35 19.91
CA VAL A 1018 59.57 -3.47 19.26
C VAL A 1018 58.60 -4.33 18.47
N VAL A 1019 57.30 -4.03 18.57
CA VAL A 1019 56.26 -4.76 17.87
C VAL A 1019 55.32 -3.76 17.21
N VAL A 1020 54.86 -4.10 16.01
CA VAL A 1020 53.81 -3.34 15.36
C VAL A 1020 52.50 -3.74 16.02
N THR A 1021 51.79 -2.79 16.59
CA THR A 1021 50.56 -3.15 17.25
C THR A 1021 49.31 -2.71 16.52
N GLY A 1022 49.43 -1.85 15.51
CA GLY A 1022 48.30 -1.53 14.67
C GLY A 1022 48.80 -0.98 13.37
N PHE A 1023 47.94 -1.00 12.35
CA PHE A 1023 48.34 -0.56 11.03
C PHE A 1023 47.11 -0.28 10.16
N ALA A 1024 47.29 0.61 9.18
CA ALA A 1024 46.23 0.95 8.26
C ALA A 1024 46.81 1.70 7.07
N GLU A 1025 45.94 2.00 6.11
CA GLU A 1025 46.33 2.55 4.82
C GLU A 1025 45.22 3.46 4.35
N VAL A 1026 45.55 4.23 3.32
CA VAL A 1026 44.59 4.75 2.38
C VAL A 1026 45.22 4.43 1.04
N GLY A 1027 44.77 3.39 0.39
CA GLY A 1027 45.42 2.96 -0.82
C GLY A 1027 44.50 3.11 -2.02
N PRO A 1028 44.95 2.62 -3.17
CA PRO A 1028 44.05 2.56 -4.32
C PRO A 1028 42.98 1.51 -4.20
N TRP A 1029 43.14 0.55 -3.30
CA TRP A 1029 42.14 -0.48 -3.03
C TRP A 1029 41.51 -0.30 -1.67
N GLY A 1030 41.42 0.94 -1.19
CA GLY A 1030 40.78 1.21 0.07
C GLY A 1030 41.77 1.08 1.20
N ASN A 1031 41.43 0.32 2.23
CA ASN A 1031 42.27 0.20 3.41
C ASN A 1031 43.00 -1.13 3.38
N SER A 1032 43.59 -1.48 4.53
CA SER A 1032 44.37 -2.71 4.63
C SER A 1032 43.51 -3.97 4.48
N ARG A 1033 42.20 -3.85 4.64
CA ARG A 1033 41.35 -5.02 4.52
C ARG A 1033 40.96 -5.27 3.07
N THR A 1034 40.64 -4.21 2.33
CA THR A 1034 40.14 -4.41 0.99
C THR A 1034 41.27 -4.34 -0.03
N ARG A 1035 42.48 -4.01 0.42
CA ARG A 1035 43.64 -4.24 -0.42
C ARG A 1035 44.02 -5.71 -0.36
N TRP A 1036 43.90 -6.32 0.82
CA TRP A 1036 44.27 -7.70 0.99
C TRP A 1036 43.32 -8.62 0.30
N GLU A 1037 42.06 -8.22 0.18
CA GLU A 1037 41.12 -9.05 -0.57
C GLU A 1037 41.42 -9.00 -2.05
N MET A 1038 41.87 -7.85 -2.54
CA MET A 1038 42.25 -7.76 -3.95
C MET A 1038 43.63 -8.39 -4.16
N GLU A 1039 44.43 -8.48 -3.10
CA GLU A 1039 45.78 -9.00 -3.21
C GLU A 1039 45.80 -10.51 -3.08
N ALA A 1040 45.25 -11.01 -1.98
CA ALA A 1040 45.31 -12.44 -1.70
C ALA A 1040 44.35 -13.22 -2.57
N TYR A 1041 43.28 -12.58 -3.05
CA TYR A 1041 42.20 -13.32 -3.68
C TYR A 1041 41.85 -12.83 -5.08
N GLY A 1042 41.94 -11.55 -5.35
CA GLY A 1042 41.48 -11.02 -6.62
C GLY A 1042 40.00 -10.75 -6.65
N GLU A 1043 39.31 -11.09 -5.57
CA GLU A 1043 37.87 -10.92 -5.46
C GLU A 1043 37.59 -10.34 -4.10
N PHE A 1044 36.58 -9.49 -4.02
CA PHE A 1044 36.15 -8.97 -2.74
C PHE A 1044 35.19 -9.96 -2.11
N SER A 1045 35.10 -9.92 -0.78
CA SER A 1045 34.13 -10.72 -0.08
C SER A 1045 32.77 -10.03 -0.12
N LEU A 1046 31.87 -10.48 0.73
CA LEU A 1046 30.66 -9.69 0.95
C LEU A 1046 30.93 -8.63 2.00
N GLU A 1047 31.80 -8.94 2.96
CA GLU A 1047 32.17 -7.96 3.97
C GLU A 1047 33.08 -6.90 3.39
N GLY A 1048 33.88 -7.26 2.38
CA GLY A 1048 34.80 -6.29 1.81
C GLY A 1048 34.22 -5.54 0.63
N ALA A 1049 32.99 -5.87 0.26
CA ALA A 1049 32.37 -5.14 -0.83
C ALA A 1049 31.41 -4.10 -0.31
N ILE A 1050 30.96 -4.23 0.94
CA ILE A 1050 30.22 -3.13 1.53
C ILE A 1050 31.18 -2.15 2.19
N GLU A 1051 32.46 -2.50 2.25
CA GLU A 1051 33.44 -1.57 2.80
C GLU A 1051 34.08 -0.75 1.69
N MET A 1052 34.16 -1.30 0.49
CA MET A 1052 34.53 -0.49 -0.66
C MET A 1052 33.35 0.33 -1.14
N ALA A 1053 32.13 -0.12 -0.85
CA ALA A 1053 30.99 0.70 -1.21
C ALA A 1053 30.79 1.79 -0.17
N TRP A 1054 31.28 1.57 1.04
CA TRP A 1054 31.26 2.61 2.05
C TRP A 1054 32.27 3.68 1.76
N ILE A 1055 33.51 3.29 1.41
CA ILE A 1055 34.56 4.30 1.25
C ILE A 1055 34.42 5.02 -0.08
N MET A 1056 33.92 4.38 -1.13
CA MET A 1056 33.70 5.06 -2.39
C MET A 1056 32.40 5.84 -2.41
N GLY A 1057 31.62 5.77 -1.33
CA GLY A 1057 30.43 6.58 -1.21
C GLY A 1057 29.26 6.12 -2.05
N PHE A 1058 29.10 4.80 -2.22
CA PHE A 1058 27.93 4.33 -2.94
C PHE A 1058 26.75 4.09 -2.01
N ILE A 1059 27.01 3.53 -0.83
CA ILE A 1059 25.96 3.20 0.12
C ILE A 1059 26.15 4.04 1.37
N LYS A 1060 25.05 4.51 1.92
CA LYS A 1060 25.09 5.26 3.17
C LYS A 1060 24.14 4.61 4.15
N TYR A 1061 24.55 4.57 5.41
CA TYR A 1061 23.71 3.91 6.40
C TYR A 1061 22.61 4.86 6.83
N HIS A 1062 21.38 4.50 6.50
CA HIS A 1062 20.25 5.32 6.88
C HIS A 1062 19.75 4.81 8.22
N ASN A 1063 19.30 5.73 9.06
CA ASN A 1063 18.58 5.34 10.26
C ASN A 1063 17.38 6.26 10.34
N GLY A 1064 16.31 5.78 10.95
CA GLY A 1064 15.15 6.61 11.16
C GLY A 1064 14.09 6.29 10.14
N ASN A 1065 13.38 7.32 9.72
CA ASN A 1065 12.26 7.13 8.81
C ASN A 1065 12.70 7.34 7.38
N LEU A 1066 12.37 6.38 6.53
CA LEU A 1066 12.64 6.44 5.10
C LEU A 1066 11.33 6.23 4.37
N LYS A 1067 10.79 7.31 3.81
CA LYS A 1067 9.51 7.33 3.10
C LYS A 1067 8.38 6.83 3.98
N GLY A 1068 8.34 7.34 5.21
CA GLY A 1068 7.31 6.95 6.15
C GLY A 1068 7.70 5.80 7.06
N LYS A 1069 8.15 4.71 6.48
CA LYS A 1069 8.46 3.53 7.27
C LYS A 1069 9.77 3.73 8.04
N PRO A 1070 9.90 3.14 9.23
CA PRO A 1070 11.19 3.17 9.92
C PRO A 1070 12.18 2.23 9.23
N TYR A 1071 13.45 2.64 9.20
CA TYR A 1071 14.45 1.83 8.52
C TYR A 1071 15.80 1.96 9.21
N SER A 1072 16.53 0.85 9.25
CA SER A 1072 17.91 0.82 9.73
C SER A 1072 18.72 -0.17 8.91
N GLY A 1073 19.37 0.31 7.88
CA GLY A 1073 20.12 -0.58 7.01
C GLY A 1073 20.87 0.23 5.97
N TRP A 1074 21.45 -0.47 5.00
CA TRP A 1074 22.24 0.15 3.96
C TRP A 1074 21.35 0.61 2.82
N VAL A 1075 21.47 1.88 2.49
CA VAL A 1075 20.67 2.57 1.50
C VAL A 1075 21.65 3.21 0.52
N ASP A 1076 21.31 3.23 -0.77
CA ASP A 1076 22.17 3.83 -1.78
C ASP A 1076 22.35 5.33 -1.54
N ALA A 1077 23.39 5.90 -2.14
CA ALA A 1077 23.61 7.33 -1.98
C ALA A 1077 23.12 8.14 -3.16
N LYS A 1078 22.88 7.51 -4.30
CA LYS A 1078 22.49 8.23 -5.50
C LYS A 1078 20.99 8.42 -5.60
N THR A 1079 20.23 7.36 -5.29
CA THR A 1079 18.78 7.42 -5.31
C THR A 1079 18.17 7.41 -3.92
N GLN A 1080 18.92 6.92 -2.93
CA GLN A 1080 18.47 6.73 -1.55
C GLN A 1080 17.23 5.85 -1.47
N THR A 1081 17.38 4.53 -1.80
CA THR A 1081 16.45 3.41 -1.72
C THR A 1081 17.07 2.25 -0.95
N PRO A 1082 16.29 1.50 -0.19
CA PRO A 1082 16.86 0.38 0.58
C PRO A 1082 17.40 -0.74 -0.28
N ILE A 1083 18.58 -1.23 0.09
CA ILE A 1083 19.32 -2.23 -0.68
C ILE A 1083 19.78 -3.32 0.29
N ASP A 1084 19.49 -4.58 -0.03
CA ASP A 1084 19.95 -5.69 0.77
C ASP A 1084 21.46 -5.86 0.60
N GLU A 1085 22.10 -6.49 1.58
CA GLU A 1085 23.55 -6.51 1.61
C GLU A 1085 24.14 -7.44 0.56
N LYS A 1086 23.35 -8.37 0.01
CA LYS A 1086 23.87 -9.12 -1.13
C LYS A 1086 23.67 -8.41 -2.45
N ASP A 1087 22.82 -7.39 -2.50
CA ASP A 1087 22.73 -6.59 -3.70
C ASP A 1087 23.83 -5.52 -3.74
N ILE A 1088 24.73 -5.52 -2.74
CA ILE A 1088 25.88 -4.63 -2.78
C ILE A 1088 26.86 -5.11 -3.84
N LYS A 1089 27.20 -6.41 -3.83
CA LYS A 1089 28.08 -6.91 -4.88
C LYS A 1089 27.41 -6.88 -6.24
N SER A 1090 26.17 -7.32 -6.31
CA SER A 1090 25.54 -7.56 -7.62
C SER A 1090 25.24 -6.25 -8.34
N LYS A 1091 25.25 -5.13 -7.63
CA LYS A 1091 24.98 -3.87 -8.31
C LYS A 1091 26.25 -3.05 -8.46
N TYR A 1092 27.23 -3.26 -7.58
CA TYR A 1092 28.37 -2.36 -7.55
C TYR A 1092 29.74 -2.99 -7.82
N GLU A 1093 29.85 -4.33 -7.90
CA GLU A 1093 31.16 -4.94 -8.17
C GLU A 1093 31.66 -4.57 -9.57
N GLU A 1094 30.74 -4.24 -10.47
CA GLU A 1094 31.16 -3.74 -11.77
C GLU A 1094 31.77 -2.36 -11.67
N GLU A 1095 31.33 -1.56 -10.69
CA GLU A 1095 31.74 -0.17 -10.66
C GLU A 1095 32.85 0.07 -9.64
N ILE A 1096 32.85 -0.72 -8.55
CA ILE A 1096 33.96 -0.73 -7.61
C ILE A 1096 35.25 -1.15 -8.32
N LEU A 1097 35.17 -2.15 -9.19
CA LEU A 1097 36.37 -2.60 -9.90
C LEU A 1097 36.73 -1.65 -11.03
N GLU A 1098 35.76 -0.93 -11.58
CA GLU A 1098 36.05 -0.11 -12.75
C GLU A 1098 36.72 1.19 -12.37
N HIS A 1099 36.41 1.69 -11.17
CA HIS A 1099 36.93 2.95 -10.64
C HIS A 1099 37.75 2.75 -9.39
N SER A 1100 38.65 1.77 -9.35
CA SER A 1100 39.60 1.64 -8.27
C SER A 1100 40.80 0.84 -8.74
N GLY A 1101 41.95 1.14 -8.16
CA GLY A 1101 43.18 0.48 -8.53
C GLY A 1101 43.91 1.29 -9.58
N ILE A 1102 44.80 0.60 -10.30
CA ILE A 1102 45.55 1.26 -11.36
C ILE A 1102 44.63 1.52 -12.53
N ARG A 1103 44.28 2.77 -12.76
CA ARG A 1103 43.38 3.07 -13.85
C ARG A 1103 43.78 4.40 -14.44
N LEU A 1104 43.09 4.82 -15.49
CA LEU A 1104 43.52 6.06 -16.12
C LEU A 1104 43.06 7.25 -15.29
N ILE A 1105 43.91 8.29 -15.23
CA ILE A 1105 43.72 9.44 -14.34
C ILE A 1105 42.42 10.16 -14.66
N GLU A 1106 41.60 10.34 -13.66
CA GLU A 1106 40.30 10.93 -13.83
C GLU A 1106 40.40 12.39 -13.44
N PRO A 1107 39.98 13.33 -14.29
CA PRO A 1107 40.25 14.76 -14.04
C PRO A 1107 39.53 15.35 -12.85
N GLU A 1108 38.54 14.65 -12.29
CA GLU A 1108 37.79 15.20 -11.17
C GLU A 1108 38.59 15.11 -9.88
N LEU A 1109 39.54 14.18 -9.83
CA LEU A 1109 40.27 13.96 -8.58
C LEU A 1109 41.45 14.90 -8.43
N PHE A 1110 41.83 15.62 -9.49
CA PHE A 1110 43.03 16.44 -9.45
C PHE A 1110 42.75 17.84 -9.98
N ASN A 1111 41.64 18.43 -9.53
CA ASN A 1111 41.33 19.86 -9.69
C ASN A 1111 41.26 20.27 -11.15
N GLY A 1112 40.89 19.35 -12.02
CA GLY A 1112 40.80 19.64 -13.43
C GLY A 1112 41.99 19.19 -14.24
N TYR A 1113 42.89 18.40 -13.66
CA TYR A 1113 44.02 17.89 -14.42
C TYR A 1113 43.58 16.83 -15.41
N ASP A 1114 43.52 17.23 -16.68
CA ASP A 1114 43.33 16.33 -17.79
C ASP A 1114 44.71 15.99 -18.33
N PRO A 1115 45.16 14.74 -18.25
CA PRO A 1115 46.52 14.44 -18.72
C PRO A 1115 46.68 14.60 -20.21
N LYS A 1116 45.60 14.49 -20.96
CA LYS A 1116 45.62 14.73 -22.39
C LYS A 1116 45.68 16.20 -22.75
N LYS A 1117 45.44 17.08 -21.79
CA LYS A 1117 45.38 18.51 -22.10
C LYS A 1117 46.14 19.26 -21.01
N LYS A 1118 47.39 18.86 -20.77
CA LYS A 1118 48.24 19.53 -19.80
C LYS A 1118 48.54 20.96 -20.22
N GLN A 1119 48.10 21.91 -19.41
CA GLN A 1119 48.16 23.32 -19.77
C GLN A 1119 49.55 23.88 -19.50
N MET A 1120 50.09 24.59 -20.48
CA MET A 1120 51.35 25.27 -20.39
C MET A 1120 51.19 26.67 -20.93
N ILE A 1121 52.13 27.57 -20.61
CA ILE A 1121 52.08 28.92 -21.15
C ILE A 1121 53.32 29.16 -22.00
N GLN A 1122 53.13 29.92 -23.08
CA GLN A 1122 54.20 30.24 -23.99
C GLN A 1122 54.43 31.74 -23.94
N GLU A 1123 55.67 32.15 -23.78
CA GLU A 1123 55.99 33.57 -23.81
C GLU A 1123 56.05 34.09 -25.23
N VAL A 1124 55.17 35.03 -25.53
CA VAL A 1124 55.04 35.59 -26.88
C VAL A 1124 55.32 37.08 -26.80
N VAL A 1125 56.27 37.54 -27.61
CA VAL A 1125 56.53 38.96 -27.77
C VAL A 1125 55.50 39.53 -28.74
N VAL A 1126 54.75 40.52 -28.29
CA VAL A 1126 53.71 41.12 -29.11
C VAL A 1126 54.35 41.95 -30.20
N GLN A 1127 53.83 41.84 -31.42
CA GLN A 1127 54.33 42.66 -32.51
C GLN A 1127 53.33 43.71 -32.98
N HIS A 1128 52.05 43.58 -32.65
CA HIS A 1128 51.10 44.65 -32.85
C HIS A 1128 50.24 44.81 -31.62
N ASP A 1129 50.19 46.03 -31.11
CA ASP A 1129 49.62 46.37 -29.81
C ASP A 1129 48.15 46.02 -29.62
N LEU A 1130 47.83 45.49 -28.45
CA LEU A 1130 46.47 45.16 -28.06
C LEU A 1130 45.67 46.43 -27.84
N GLU A 1131 44.36 46.28 -27.87
CA GLU A 1131 43.49 47.42 -27.64
C GLU A 1131 43.22 47.55 -26.15
N PRO A 1132 42.90 48.76 -25.64
CA PRO A 1132 42.90 48.96 -24.19
C PRO A 1132 41.77 48.25 -23.48
N PHE A 1133 42.10 47.64 -22.35
CA PHE A 1133 41.15 47.00 -21.48
C PHE A 1133 41.15 47.68 -20.12
N GLU A 1134 39.98 47.73 -19.50
CA GLU A 1134 39.80 48.46 -18.27
C GLU A 1134 40.11 47.57 -17.08
N CYS A 1135 40.79 48.13 -16.08
CA CYS A 1135 41.10 47.39 -14.86
C CYS A 1135 41.08 48.35 -13.69
N SER A 1136 41.47 47.82 -12.52
CA SER A 1136 41.33 48.58 -11.29
C SER A 1136 42.54 49.48 -11.07
N LYS A 1137 42.57 50.10 -9.90
CA LYS A 1137 43.56 51.11 -9.57
C LYS A 1137 44.96 50.52 -9.44
N GLU A 1138 45.11 49.55 -8.55
CA GLU A 1138 46.45 49.09 -8.22
C GLU A 1138 46.98 48.12 -9.26
N THR A 1139 46.08 47.41 -9.94
CA THR A 1139 46.50 46.48 -10.99
C THR A 1139 47.09 47.23 -12.18
N ALA A 1140 46.53 48.39 -12.52
CA ALA A 1140 47.09 49.20 -13.59
C ALA A 1140 48.45 49.77 -13.20
N GLU A 1141 48.64 50.08 -11.92
CA GLU A 1141 49.97 50.46 -11.46
C GLU A 1141 50.90 49.26 -11.44
N GLN A 1142 50.35 48.06 -11.26
CA GLN A 1142 51.19 46.87 -11.29
C GLN A 1142 51.62 46.54 -12.70
N TYR A 1143 50.77 46.83 -13.69
CA TYR A 1143 51.15 46.57 -15.07
C TYR A 1143 52.21 47.55 -15.54
N LYS A 1144 52.10 48.81 -15.13
CA LYS A 1144 53.01 49.84 -15.63
C LYS A 1144 54.39 49.73 -14.98
N HIS A 1145 54.44 49.21 -13.77
CA HIS A 1145 55.73 48.94 -13.15
C HIS A 1145 56.41 47.73 -13.79
N GLU A 1146 55.61 46.76 -14.23
CA GLU A 1146 56.17 45.45 -14.55
C GLU A 1146 56.18 45.19 -16.05
N HIS A 1147 55.57 46.08 -16.82
CA HIS A 1147 55.82 46.17 -18.26
C HIS A 1147 56.67 47.39 -18.62
N GLY A 1148 56.69 48.40 -17.77
CA GLY A 1148 57.53 49.56 -18.01
C GLY A 1148 57.02 50.51 -19.07
N GLU A 1149 57.88 50.81 -20.04
CA GLU A 1149 57.50 51.73 -21.11
C GLU A 1149 56.51 51.07 -22.06
N LYS A 1150 56.56 49.74 -22.17
CA LYS A 1150 55.83 49.00 -23.19
C LYS A 1150 54.35 48.83 -22.89
N CYS A 1151 53.80 49.61 -21.96
CA CYS A 1151 52.35 49.69 -21.81
C CYS A 1151 52.01 51.10 -21.40
N GLU A 1152 50.74 51.45 -21.53
CA GLU A 1152 50.21 52.74 -21.10
C GLU A 1152 49.12 52.50 -20.09
N ILE A 1153 48.94 53.43 -19.16
CA ILE A 1153 47.76 53.45 -18.30
C ILE A 1153 47.16 54.83 -18.34
N PHE A 1154 45.84 54.91 -18.28
CA PHE A 1154 45.15 56.20 -18.26
C PHE A 1154 43.94 56.11 -17.34
N GLU A 1155 43.77 57.13 -16.52
CA GLU A 1155 42.67 57.13 -15.56
C GLU A 1155 41.37 57.54 -16.24
N ILE A 1156 40.30 56.81 -15.91
CA ILE A 1156 38.94 57.24 -16.23
C ILE A 1156 38.48 58.08 -15.05
N GLU A 1157 38.31 59.38 -15.27
CA GLU A 1157 37.95 60.27 -14.17
C GLU A 1157 36.48 60.11 -13.79
N GLU A 1158 35.68 59.51 -14.66
CA GLU A 1158 34.28 59.28 -14.35
C GLU A 1158 34.11 58.13 -13.36
N SER A 1159 35.03 57.17 -13.37
CA SER A 1159 34.91 55.99 -12.53
C SER A 1159 36.03 55.82 -11.51
N GLY A 1160 37.22 56.32 -11.81
CA GLY A 1160 38.36 56.12 -10.93
C GLY A 1160 39.18 54.88 -11.23
N GLU A 1161 38.66 53.97 -12.05
CA GLU A 1161 39.42 52.83 -12.51
C GLU A 1161 40.15 53.20 -13.80
N TYR A 1162 41.21 52.47 -14.11
CA TYR A 1162 42.10 52.90 -15.18
C TYR A 1162 41.89 52.01 -16.40
N THR A 1163 42.14 52.57 -17.58
CA THR A 1163 42.36 51.74 -18.75
C THR A 1163 43.85 51.50 -18.90
N VAL A 1164 44.20 50.33 -19.43
CA VAL A 1164 45.58 49.99 -19.71
C VAL A 1164 45.66 49.41 -21.12
N ARG A 1165 46.56 49.96 -21.93
CA ARG A 1165 46.87 49.42 -23.25
C ARG A 1165 48.23 48.76 -23.20
N ILE A 1166 48.31 47.52 -23.67
CA ILE A 1166 49.58 46.84 -23.85
C ILE A 1166 50.12 47.21 -25.23
N LEU A 1167 51.35 47.68 -25.28
CA LEU A 1167 51.91 48.22 -26.51
C LEU A 1167 52.76 47.18 -27.23
N LYS A 1168 53.22 47.57 -28.42
CA LYS A 1168 54.10 46.76 -29.24
C LYS A 1168 55.41 46.49 -28.53
N GLY A 1169 55.79 45.23 -28.44
CA GLY A 1169 57.05 44.87 -27.84
C GLY A 1169 56.96 44.30 -26.45
N ALA A 1170 55.79 44.34 -25.81
CA ALA A 1170 55.65 43.75 -24.49
C ALA A 1170 55.46 42.24 -24.61
N THR A 1171 55.85 41.54 -23.55
CA THR A 1171 55.74 40.09 -23.52
C THR A 1171 54.43 39.66 -22.91
N LEU A 1172 53.68 38.86 -23.65
CA LEU A 1172 52.51 38.18 -23.12
C LEU A 1172 52.87 36.73 -22.84
N TYR A 1173 51.97 36.06 -22.13
CA TYR A 1173 52.05 34.63 -21.93
C TYR A 1173 50.78 34.00 -22.46
N VAL A 1174 50.87 33.38 -23.62
CA VAL A 1174 49.73 32.76 -24.30
C VAL A 1174 49.61 31.34 -23.77
N PRO A 1175 48.42 30.89 -23.36
CA PRO A 1175 48.27 29.51 -22.90
C PRO A 1175 48.42 28.54 -24.04
N LYS A 1176 48.81 27.32 -23.70
CA LYS A 1176 48.82 26.24 -24.67
C LYS A 1176 48.57 24.95 -23.91
N ALA A 1177 48.40 23.87 -24.66
CA ALA A 1177 48.27 22.55 -24.07
C ALA A 1177 49.06 21.56 -24.92
N LEU A 1178 49.31 20.39 -24.36
CA LEU A 1178 49.97 19.32 -25.09
C LEU A 1178 49.45 17.97 -24.64
N ARG A 1179 49.22 17.10 -25.60
CA ARG A 1179 48.83 15.73 -25.33
C ARG A 1179 49.99 15.02 -24.66
N PHE A 1180 49.85 14.76 -23.37
CA PHE A 1180 50.94 14.23 -22.57
C PHE A 1180 50.80 12.71 -22.44
N ASP A 1181 51.93 12.05 -22.14
CA ASP A 1181 52.07 10.62 -22.28
C ASP A 1181 51.34 9.86 -21.19
N ARG A 1182 51.55 10.23 -19.94
CA ARG A 1182 51.23 9.38 -18.79
C ARG A 1182 49.78 9.60 -18.42
N LEU A 1183 48.90 8.72 -18.91
CA LEU A 1183 47.47 8.84 -18.67
C LEU A 1183 46.95 7.92 -17.59
N VAL A 1184 47.80 7.09 -16.99
CA VAL A 1184 47.35 6.07 -16.03
C VAL A 1184 48.14 6.24 -14.74
N ALA A 1185 47.43 6.28 -13.60
CA ALA A 1185 48.08 6.24 -12.30
C ALA A 1185 47.14 5.64 -11.27
N GLY A 1186 47.72 5.13 -10.19
CA GLY A 1186 47.01 4.39 -9.17
C GLY A 1186 46.26 5.17 -8.10
N GLN A 1187 45.10 5.66 -8.47
CA GLN A 1187 44.26 6.58 -7.71
C GLN A 1187 43.73 5.95 -6.43
N ILE A 1188 43.68 6.74 -5.36
CA ILE A 1188 42.72 6.54 -4.26
C ILE A 1188 41.32 6.43 -4.87
N PRO A 1189 40.47 5.48 -4.45
CA PRO A 1189 39.29 5.11 -5.25
C PRO A 1189 38.31 6.25 -5.45
N THR A 1190 37.77 6.35 -6.66
CA THR A 1190 36.98 7.50 -7.07
C THR A 1190 35.70 7.59 -6.28
N GLY A 1191 35.58 8.66 -5.50
CA GLY A 1191 34.53 8.79 -4.52
C GLY A 1191 34.99 8.64 -3.10
N TRP A 1192 36.28 8.40 -2.88
CA TRP A 1192 36.83 8.42 -1.53
C TRP A 1192 36.66 9.79 -0.96
N ASP A 1193 36.25 9.86 0.29
CA ASP A 1193 35.95 11.16 0.84
C ASP A 1193 36.33 11.13 2.30
N ALA A 1194 36.92 12.24 2.75
CA ALA A 1194 37.29 12.36 4.14
C ALA A 1194 36.14 12.89 4.96
N ARG A 1195 35.02 13.22 4.32
CA ARG A 1195 33.80 13.51 5.05
C ARG A 1195 33.33 12.27 5.79
N THR A 1196 33.51 11.10 5.20
CA THR A 1196 32.86 9.90 5.70
C THR A 1196 33.62 9.29 6.87
N TYR A 1197 34.80 9.81 7.18
CA TYR A 1197 35.50 9.32 8.35
C TYR A 1197 35.28 10.20 9.56
N GLY A 1198 34.83 11.42 9.37
CA GLY A 1198 34.58 12.32 10.47
C GLY A 1198 35.55 13.47 10.57
N ILE A 1199 36.31 13.75 9.52
CA ILE A 1199 37.18 14.91 9.51
C ILE A 1199 36.30 16.13 9.27
N PRO A 1200 36.38 17.16 10.12
CA PRO A 1200 35.49 18.32 9.99
C PRO A 1200 35.81 19.11 8.74
N GLU A 1201 34.82 19.84 8.24
CA GLU A 1201 35.00 20.57 6.99
C GLU A 1201 35.84 21.83 7.21
N ASP A 1202 36.09 22.18 8.48
CA ASP A 1202 37.18 23.07 8.84
C ASP A 1202 38.50 22.58 8.27
N THR A 1203 38.90 21.36 8.65
CA THR A 1203 40.25 20.90 8.32
C THR A 1203 40.33 20.45 6.87
N ILE A 1204 39.18 20.14 6.26
CA ILE A 1204 39.15 19.81 4.83
C ILE A 1204 39.53 21.04 4.00
N SER A 1205 38.97 22.20 4.33
CA SER A 1205 39.12 23.37 3.47
C SER A 1205 40.45 24.07 3.69
N GLN A 1206 41.08 23.82 4.84
CA GLN A 1206 42.40 24.39 5.09
C GLN A 1206 43.49 23.59 4.39
N VAL A 1207 43.56 22.32 4.69
CA VAL A 1207 44.77 21.52 4.66
C VAL A 1207 44.95 20.87 3.30
N ASP A 1208 46.21 20.63 2.92
CA ASP A 1208 46.55 19.94 1.69
C ASP A 1208 45.97 18.53 1.68
N PRO A 1209 45.64 17.99 0.48
CA PRO A 1209 44.96 16.69 0.40
C PRO A 1209 45.67 15.49 0.99
N ILE A 1210 47.00 15.54 1.11
CA ILE A 1210 47.72 14.37 1.58
C ILE A 1210 47.56 14.19 3.08
N THR A 1211 47.40 15.28 3.82
CA THR A 1211 47.22 15.14 5.27
C THR A 1211 45.84 14.59 5.59
N LEU A 1212 44.89 14.74 4.67
CA LEU A 1212 43.61 14.04 4.80
C LEU A 1212 43.83 12.54 4.74
N TYR A 1213 44.85 12.11 4.01
CA TYR A 1213 45.08 10.69 3.85
C TYR A 1213 45.85 10.15 5.05
N VAL A 1214 46.48 11.06 5.81
CA VAL A 1214 47.30 10.66 6.96
C VAL A 1214 46.44 10.63 8.21
N LEU A 1215 45.50 11.56 8.31
CA LEU A 1215 44.58 11.56 9.44
C LEU A 1215 43.66 10.35 9.39
N VAL A 1216 43.14 10.05 8.19
CA VAL A 1216 42.32 8.86 8.00
C VAL A 1216 43.12 7.62 8.33
N ALA A 1217 44.38 7.58 7.92
CA ALA A 1217 45.18 6.38 8.15
C ALA A 1217 45.60 6.24 9.60
N THR A 1218 45.72 7.36 10.34
CA THR A 1218 46.23 7.29 11.69
C THR A 1218 45.17 6.77 12.67
N VAL A 1219 43.89 7.16 12.49
CA VAL A 1219 42.86 6.67 13.41
C VAL A 1219 42.68 5.17 13.26
N GLU A 1220 42.47 4.70 12.04
CA GLU A 1220 42.15 3.29 11.85
C GLU A 1220 43.41 2.43 11.92
N ALA A 1221 44.57 3.04 12.12
CA ALA A 1221 45.74 2.28 12.55
C ALA A 1221 45.81 2.18 14.06
N LEU A 1222 45.42 3.25 14.75
CA LEU A 1222 45.21 3.13 16.19
C LEU A 1222 44.06 2.20 16.50
N LEU A 1223 43.01 2.22 15.67
CA LEU A 1223 41.90 1.30 15.85
C LEU A 1223 42.34 -0.14 15.64
N SER A 1224 43.27 -0.38 14.73
CA SER A 1224 43.87 -1.69 14.56
C SER A 1224 44.66 -2.13 15.79
N ALA A 1225 45.06 -1.20 16.64
CA ALA A 1225 45.69 -1.49 17.92
C ALA A 1225 44.71 -1.51 19.08
N GLY A 1226 43.42 -1.46 18.82
CA GLY A 1226 42.46 -1.44 19.92
C GLY A 1226 42.41 -0.11 20.63
N ILE A 1227 42.89 0.95 20.00
CA ILE A 1227 42.93 2.29 20.60
C ILE A 1227 41.74 3.04 20.04
N THR A 1228 40.63 3.00 20.76
CA THR A 1228 39.44 3.72 20.35
C THR A 1228 39.56 5.21 20.59
N ASP A 1229 40.39 5.64 21.55
CA ASP A 1229 40.65 7.05 21.77
C ASP A 1229 42.15 7.25 21.97
N PRO A 1230 42.76 8.23 21.28
CA PRO A 1230 44.23 8.38 21.30
C PRO A 1230 44.83 8.71 22.65
N TYR A 1231 43.99 9.09 23.59
CA TYR A 1231 44.41 9.42 24.93
C TYR A 1231 44.47 8.20 25.83
N GLU A 1232 44.29 7.00 25.28
CA GLU A 1232 44.32 5.80 26.10
C GLU A 1232 45.75 5.35 26.37
N PHE A 1233 46.71 5.96 25.66
CA PHE A 1233 48.12 5.67 25.95
C PHE A 1233 48.52 6.27 27.28
N TYR A 1234 48.01 7.45 27.57
CA TYR A 1234 48.50 8.22 28.70
C TYR A 1234 48.09 7.64 30.04
N LYS A 1235 47.15 6.68 30.05
CA LYS A 1235 46.91 5.89 31.25
C LYS A 1235 48.10 5.03 31.62
N TYR A 1236 48.92 4.63 30.64
CA TYR A 1236 50.02 3.70 30.82
C TYR A 1236 51.37 4.34 30.66
N VAL A 1237 51.47 5.41 29.89
CA VAL A 1237 52.73 5.99 29.50
C VAL A 1237 52.67 7.49 29.82
N HIS A 1238 53.82 8.14 29.85
CA HIS A 1238 53.76 9.58 30.04
C HIS A 1238 53.54 10.27 28.68
N VAL A 1239 53.06 11.52 28.74
CA VAL A 1239 52.75 12.30 27.54
C VAL A 1239 53.99 12.58 26.73
N SER A 1240 55.15 12.72 27.38
CA SER A 1240 56.40 12.92 26.67
C SER A 1240 56.99 11.66 26.09
N GLU A 1241 56.22 10.57 26.00
CA GLU A 1241 56.70 9.31 25.50
C GLU A 1241 55.84 8.74 24.38
N VAL A 1242 54.99 9.57 23.76
CA VAL A 1242 54.22 9.16 22.59
C VAL A 1242 54.75 9.94 21.40
N GLY A 1243 55.62 9.30 20.61
CA GLY A 1243 56.27 9.95 19.51
C GLY A 1243 55.49 9.88 18.22
N ASN A 1244 56.06 10.52 17.20
CA ASN A 1244 55.53 10.45 15.84
C ASN A 1244 56.72 10.58 14.91
N CYS A 1245 57.36 9.46 14.57
CA CYS A 1245 58.53 9.47 13.71
C CYS A 1245 58.17 9.15 12.27
N SER A 1246 56.99 9.56 11.84
CA SER A 1246 56.52 9.31 10.50
C SER A 1246 57.08 10.36 9.55
N GLY A 1247 56.88 10.15 8.26
CA GLY A 1247 57.36 11.12 7.31
C GLY A 1247 57.07 10.81 5.86
N SER A 1248 57.19 11.83 5.02
CA SER A 1248 56.85 11.72 3.61
C SER A 1248 58.10 11.74 2.76
N GLY A 1249 57.91 11.47 1.47
CA GLY A 1249 58.97 11.51 0.50
C GLY A 1249 59.06 12.85 -0.20
N MET A 1250 57.91 13.35 -0.62
CA MET A 1250 57.84 14.64 -1.27
C MET A 1250 56.62 15.44 -0.83
N GLY A 1251 55.76 14.87 0.03
CA GLY A 1251 54.42 15.33 0.37
C GLY A 1251 54.15 16.80 0.58
N GLY A 1252 52.99 17.25 0.12
CA GLY A 1252 52.70 18.66 0.04
C GLY A 1252 52.75 19.23 -1.35
N VAL A 1253 52.68 18.40 -2.38
CA VAL A 1253 52.83 18.83 -3.77
C VAL A 1253 51.66 19.72 -4.17
N SER A 1254 50.52 19.56 -3.51
CA SER A 1254 49.40 20.44 -3.79
C SER A 1254 49.61 21.82 -3.18
N ALA A 1255 50.43 21.91 -2.14
CA ALA A 1255 50.69 23.22 -1.53
C ALA A 1255 51.99 23.81 -2.04
N LEU A 1256 52.85 22.98 -2.64
CA LEU A 1256 53.99 23.52 -3.39
C LEU A 1256 53.52 24.05 -4.74
N ARG A 1257 52.43 23.52 -5.25
CA ARG A 1257 51.82 24.10 -6.43
C ARG A 1257 51.12 25.40 -6.07
N GLY A 1258 50.80 25.60 -4.80
CA GLY A 1258 50.16 26.84 -4.40
C GLY A 1258 51.12 28.01 -4.34
N MET A 1259 52.31 27.80 -3.76
CA MET A 1259 53.25 28.91 -3.58
C MET A 1259 54.09 29.16 -4.83
N PHE A 1260 54.30 28.16 -5.66
CA PHE A 1260 55.12 28.32 -6.85
C PHE A 1260 54.31 28.51 -8.12
N LYS A 1261 53.28 27.72 -8.36
CA LYS A 1261 52.51 27.82 -9.59
C LYS A 1261 51.26 28.66 -9.45
N ASP A 1262 50.52 28.52 -8.34
CA ASP A 1262 49.27 29.25 -8.19
C ASP A 1262 49.49 30.68 -7.73
N ARG A 1263 50.61 30.95 -7.04
CA ARG A 1263 50.83 32.30 -6.53
C ARG A 1263 51.32 33.22 -7.64
N TYR A 1264 52.09 32.70 -8.58
CA TYR A 1264 52.64 33.50 -9.67
C TYR A 1264 51.55 34.01 -10.60
N ALA A 1265 50.44 33.30 -10.70
CA ALA A 1265 49.30 33.73 -11.48
C ALA A 1265 48.41 34.67 -10.70
N ASP A 1266 48.73 34.89 -9.42
CA ASP A 1266 47.86 35.54 -8.44
C ASP A 1266 46.47 34.90 -8.43
N LYS A 1267 46.45 33.60 -8.39
CA LYS A 1267 45.20 32.92 -8.11
C LYS A 1267 44.85 33.12 -6.63
N PRO A 1268 43.57 33.06 -6.28
CA PRO A 1268 43.21 33.14 -4.87
C PRO A 1268 43.68 31.93 -4.10
N VAL A 1269 44.72 32.12 -3.29
CA VAL A 1269 45.37 31.04 -2.57
C VAL A 1269 45.26 31.37 -1.09
N GLN A 1270 45.07 30.32 -0.28
CA GLN A 1270 45.25 30.32 1.17
C GLN A 1270 46.52 31.06 1.58
N ASN A 1271 46.48 31.80 2.69
CA ASN A 1271 47.61 32.65 3.02
C ASN A 1271 48.76 31.84 3.60
N ASP A 1272 48.46 30.82 4.41
CA ASP A 1272 49.51 30.05 5.04
C ASP A 1272 49.77 28.72 4.35
N ILE A 1273 49.77 28.69 3.02
CA ILE A 1273 50.01 27.46 2.26
C ILE A 1273 51.39 26.89 2.49
N LEU A 1274 52.34 27.72 2.89
CA LEU A 1274 53.70 27.23 3.00
C LEU A 1274 53.87 26.33 4.22
N GLN A 1275 52.99 26.47 5.22
CA GLN A 1275 53.14 25.64 6.41
C GLN A 1275 52.48 24.28 6.21
N GLU A 1276 51.67 24.10 5.18
CA GLU A 1276 51.29 22.74 4.84
C GLU A 1276 52.11 22.15 3.72
N SER A 1277 53.03 22.88 3.13
CA SER A 1277 53.93 22.30 2.15
C SER A 1277 54.97 21.40 2.78
N PHE A 1278 55.17 21.50 4.07
CA PHE A 1278 56.26 20.84 4.76
C PHE A 1278 56.04 19.34 4.81
N ILE A 1279 57.10 18.60 5.09
CA ILE A 1279 57.00 17.17 5.24
C ILE A 1279 56.78 16.81 6.70
N ASN A 1280 57.23 17.66 7.62
CA ASN A 1280 56.95 17.47 9.03
C ASN A 1280 55.66 18.13 9.50
N THR A 1281 54.78 18.52 8.58
CA THR A 1281 53.54 19.15 9.01
C THR A 1281 52.34 18.23 8.91
N MET A 1282 52.47 17.08 8.25
CA MET A 1282 51.40 16.11 8.31
C MET A 1282 51.42 15.42 9.65
N SER A 1283 52.59 15.34 10.27
CA SER A 1283 52.69 14.79 11.61
C SER A 1283 52.27 15.81 12.65
N ALA A 1284 52.14 17.07 12.24
CA ALA A 1284 51.60 18.10 13.14
C ALA A 1284 50.10 17.95 13.29
N TRP A 1285 49.39 17.72 12.18
CA TRP A 1285 47.95 17.57 12.24
C TRP A 1285 47.55 16.25 12.88
N VAL A 1286 48.45 15.28 12.95
CA VAL A 1286 48.20 14.12 13.77
C VAL A 1286 48.26 14.50 15.25
N ASN A 1287 49.19 15.38 15.60
CA ASN A 1287 49.33 15.80 16.99
C ASN A 1287 48.31 16.88 17.34
N MET A 1288 48.00 17.75 16.38
CA MET A 1288 47.07 18.83 16.66
C MET A 1288 45.64 18.33 16.75
N LEU A 1289 45.33 17.22 16.08
CA LEU A 1289 43.97 16.72 16.02
C LEU A 1289 43.77 15.38 16.70
N LEU A 1290 44.83 14.63 17.02
CA LEU A 1290 44.59 13.40 17.76
C LEU A 1290 45.31 13.27 19.08
N LEU A 1291 46.63 13.39 19.10
CA LEU A 1291 47.37 12.77 20.20
C LEU A 1291 47.60 13.74 21.35
N SER A 1292 47.92 14.99 21.04
CA SER A 1292 48.27 16.04 22.02
C SER A 1292 49.40 15.59 22.93
N SER A 1293 50.41 14.95 22.33
CA SER A 1293 51.51 14.34 23.07
C SER A 1293 52.75 15.21 23.02
N SER A 1294 53.77 14.77 23.75
CA SER A 1294 55.04 15.46 23.80
C SER A 1294 56.21 14.53 23.52
N GLY A 1295 56.01 13.50 22.72
CA GLY A 1295 57.06 12.56 22.46
C GLY A 1295 57.88 12.96 21.27
N PRO A 1296 58.86 12.12 20.94
CA PRO A 1296 59.86 12.50 19.94
C PRO A 1296 59.26 12.59 18.55
N ILE A 1297 59.07 13.80 18.10
CA ILE A 1297 58.77 14.08 16.71
C ILE A 1297 60.07 14.01 15.94
N LYS A 1298 60.06 13.33 14.81
CA LYS A 1298 61.15 13.28 13.83
C LYS A 1298 60.44 13.32 12.50
N THR A 1299 61.15 13.40 11.40
CA THR A 1299 60.52 13.24 10.09
C THR A 1299 61.51 12.71 9.07
N PRO A 1300 61.39 11.47 8.63
CA PRO A 1300 62.30 10.98 7.59
C PRO A 1300 61.86 11.43 6.21
N VAL A 1301 62.81 11.43 5.28
CA VAL A 1301 62.55 11.83 3.90
C VAL A 1301 63.56 11.19 2.96
N GLY A 1302 63.47 9.86 2.80
CA GLY A 1302 64.38 9.14 1.94
C GLY A 1302 63.75 8.65 0.65
N ALA A 1303 63.11 9.56 -0.08
CA ALA A 1303 62.46 9.25 -1.34
C ALA A 1303 61.55 8.02 -1.26
N CYS A 1304 61.69 7.12 -2.22
CA CYS A 1304 60.89 5.90 -2.27
C CYS A 1304 60.95 5.14 -0.96
N ALA A 1305 62.15 4.66 -0.61
CA ALA A 1305 62.34 3.92 0.63
C ALA A 1305 62.44 4.86 1.83
N THR A 1306 61.31 5.37 2.27
CA THR A 1306 61.26 6.30 3.40
C THR A 1306 60.44 5.75 4.56
N ALA A 1307 59.50 4.86 4.24
CA ALA A 1307 58.66 4.28 5.28
C ALA A 1307 59.27 3.02 5.87
N VAL A 1308 60.42 2.58 5.35
CA VAL A 1308 61.15 1.51 6.02
C VAL A 1308 62.24 2.10 6.90
N GLU A 1309 62.78 3.26 6.53
CA GLU A 1309 63.62 3.99 7.46
C GLU A 1309 62.79 4.67 8.54
N SER A 1310 61.51 4.92 8.27
CA SER A 1310 60.62 5.42 9.30
C SER A 1310 60.44 4.40 10.40
N VAL A 1311 60.49 3.12 10.05
CA VAL A 1311 60.57 2.06 11.04
C VAL A 1311 61.92 2.10 11.75
N ASP A 1312 62.99 2.36 10.99
CA ASP A 1312 64.35 2.41 11.54
C ASP A 1312 64.50 3.53 12.54
N ILE A 1313 64.05 4.72 12.16
CA ILE A 1313 64.04 5.84 13.09
C ILE A 1313 63.06 5.57 14.22
N GLY A 1314 61.98 4.83 13.93
CA GLY A 1314 61.04 4.39 14.93
C GLY A 1314 61.57 3.46 15.99
N ILE A 1315 62.39 2.46 15.63
CA ILE A 1315 62.78 1.41 16.58
C ILE A 1315 63.84 1.93 17.54
N GLU A 1316 64.86 2.59 17.01
CA GLU A 1316 65.92 3.13 17.86
C GLU A 1316 65.44 4.33 18.65
N THR A 1317 64.31 4.92 18.28
CA THR A 1317 63.64 5.85 19.18
C THR A 1317 63.10 5.11 20.39
N ILE A 1318 62.57 3.91 20.20
CA ILE A 1318 61.98 3.18 21.32
C ILE A 1318 63.06 2.54 22.18
N LEU A 1319 64.06 1.90 21.55
CA LEU A 1319 65.04 1.14 22.32
C LEU A 1319 66.01 2.03 23.08
N SER A 1320 66.14 3.29 22.70
CA SER A 1320 66.86 4.28 23.47
C SER A 1320 66.09 4.74 24.69
N GLY A 1321 64.80 4.42 24.76
CA GLY A 1321 63.98 4.87 25.85
C GLY A 1321 63.38 6.24 25.66
N LYS A 1322 63.52 6.84 24.49
CA LYS A 1322 62.98 8.16 24.27
C LYS A 1322 61.48 8.15 24.00
N ALA A 1323 60.94 7.02 23.55
CA ALA A 1323 59.51 6.87 23.39
C ALA A 1323 59.15 5.46 23.79
N LYS A 1324 57.89 5.28 24.15
CA LYS A 1324 57.36 3.95 24.31
C LYS A 1324 56.30 3.63 23.28
N VAL A 1325 55.60 4.63 22.76
CA VAL A 1325 54.73 4.51 21.59
C VAL A 1325 55.23 5.52 20.58
N VAL A 1326 55.29 5.13 19.32
CA VAL A 1326 55.65 6.06 18.26
C VAL A 1326 54.95 5.63 16.99
N LEU A 1327 54.39 6.60 16.27
CA LEU A 1327 53.85 6.34 14.95
C LEU A 1327 54.98 6.26 13.95
N VAL A 1328 54.74 5.54 12.87
CA VAL A 1328 55.71 5.17 11.86
C VAL A 1328 54.95 5.12 10.55
N GLY A 1329 55.38 5.88 9.56
CA GLY A 1329 54.51 5.99 8.41
C GLY A 1329 55.21 6.49 7.17
N GLY A 1330 54.43 6.51 6.11
CA GLY A 1330 54.85 7.08 4.85
C GLY A 1330 53.62 7.43 4.05
N TYR A 1331 53.74 8.46 3.22
CA TYR A 1331 52.62 9.05 2.52
C TYR A 1331 53.13 9.99 1.45
N ASP A 1332 52.46 9.99 0.30
CA ASP A 1332 52.81 10.89 -0.79
C ASP A 1332 51.60 11.01 -1.68
N ASP A 1333 51.60 12.05 -2.52
CA ASP A 1333 50.44 12.38 -3.32
C ASP A 1333 50.83 12.52 -4.77
N PHE A 1334 49.89 12.21 -5.65
CA PHE A 1334 50.03 12.30 -7.10
C PHE A 1334 49.43 13.63 -7.53
N GLN A 1335 50.18 14.39 -8.32
CA GLN A 1335 49.67 15.60 -8.95
C GLN A 1335 50.25 15.72 -10.35
N GLU A 1336 49.82 16.79 -11.04
CA GLU A 1336 50.25 17.02 -12.42
C GLU A 1336 51.75 17.23 -12.52
N GLU A 1337 52.29 18.18 -11.76
CA GLU A 1337 53.67 18.58 -11.95
C GLU A 1337 54.64 17.57 -11.37
N GLY A 1338 54.17 16.70 -10.49
CA GLY A 1338 55.01 15.61 -10.03
C GLY A 1338 55.06 14.48 -11.03
N SER A 1339 54.03 14.34 -11.85
CA SER A 1339 53.99 13.24 -12.81
C SER A 1339 54.80 13.55 -14.05
N TYR A 1340 54.83 14.82 -14.45
CA TYR A 1340 55.55 15.23 -15.65
C TYR A 1340 57.05 15.10 -15.44
N GLU A 1341 57.52 15.21 -14.21
CA GLU A 1341 58.97 15.23 -13.99
C GLU A 1341 59.50 13.83 -13.72
N PHE A 1342 58.63 12.87 -13.47
CA PHE A 1342 59.06 11.49 -13.56
C PHE A 1342 59.04 11.01 -15.00
N ALA A 1343 58.34 11.72 -15.88
CA ALA A 1343 58.36 11.37 -17.29
C ALA A 1343 59.71 11.68 -17.91
N ASN A 1344 60.27 12.84 -17.58
CA ASN A 1344 61.51 13.27 -18.19
C ASN A 1344 62.72 12.56 -17.61
N MET A 1345 62.58 12.02 -16.39
CA MET A 1345 63.59 11.11 -15.87
C MET A 1345 63.41 9.70 -16.38
N ASN A 1346 62.35 9.46 -17.16
CA ASN A 1346 62.02 8.16 -17.77
C ASN A 1346 61.87 7.08 -16.72
N ALA A 1347 61.20 7.41 -15.62
CA ALA A 1347 60.94 6.45 -14.57
C ALA A 1347 59.57 5.82 -14.67
N THR A 1348 58.52 6.62 -14.82
CA THR A 1348 57.20 6.06 -15.02
C THR A 1348 57.01 5.71 -16.49
N SER A 1349 56.29 4.62 -16.73
CA SER A 1349 56.16 4.08 -18.08
C SER A 1349 55.23 4.93 -18.94
N ASN A 1350 55.62 5.10 -20.21
CA ASN A 1350 54.82 5.83 -21.19
C ASN A 1350 53.54 5.06 -21.41
N SER A 1351 52.42 5.70 -21.10
CA SER A 1351 51.14 5.00 -21.15
C SER A 1351 50.69 4.77 -22.58
N ILE A 1352 51.01 5.68 -23.50
CA ILE A 1352 50.56 5.54 -24.90
C ILE A 1352 51.26 4.37 -25.58
N GLU A 1353 52.54 4.17 -25.31
CA GLU A 1353 53.24 3.04 -25.91
C GLU A 1353 52.92 1.74 -25.18
N GLU A 1354 52.21 1.83 -24.05
CA GLU A 1354 51.61 0.63 -23.48
C GLU A 1354 50.35 0.26 -24.24
N PHE A 1355 49.72 1.23 -24.92
CA PHE A 1355 48.50 0.90 -25.64
C PHE A 1355 48.80 0.49 -27.08
N LYS A 1356 50.01 0.75 -27.57
CA LYS A 1356 50.43 0.11 -28.82
C LYS A 1356 50.81 -1.33 -28.56
N HIS A 1357 51.24 -1.65 -27.35
CA HIS A 1357 51.52 -3.02 -26.95
C HIS A 1357 50.27 -3.76 -26.50
N GLY A 1358 49.12 -3.12 -26.57
CA GLY A 1358 47.88 -3.80 -26.23
C GLY A 1358 47.72 -4.12 -24.76
N ARG A 1359 48.19 -3.23 -23.89
CA ARG A 1359 48.09 -3.44 -22.46
C ARG A 1359 46.95 -2.62 -21.88
N THR A 1360 46.14 -3.24 -21.05
CA THR A 1360 45.12 -2.51 -20.34
C THR A 1360 45.75 -1.86 -19.10
N PRO A 1361 45.10 -0.85 -18.52
CA PRO A 1361 45.68 -0.20 -17.33
C PRO A 1361 45.90 -1.08 -16.14
N LYS A 1362 45.08 -2.12 -15.91
CA LYS A 1362 45.28 -2.96 -14.74
C LYS A 1362 46.40 -3.97 -14.91
N GLU A 1363 47.15 -3.92 -16.01
CA GLU A 1363 48.23 -4.87 -16.19
C GLU A 1363 49.51 -4.25 -16.73
N MET A 1364 49.64 -2.92 -16.80
CA MET A 1364 50.88 -2.30 -17.19
C MET A 1364 51.72 -1.85 -16.00
N SER A 1365 51.37 -2.29 -14.80
CA SER A 1365 52.25 -2.20 -13.64
C SER A 1365 52.84 -3.60 -13.48
N ARG A 1366 54.06 -3.78 -13.96
CA ARG A 1366 54.63 -5.11 -14.20
C ARG A 1366 55.99 -5.26 -13.55
N PRO A 1367 56.05 -5.72 -12.30
CA PRO A 1367 57.33 -6.14 -11.74
C PRO A 1367 57.80 -7.43 -12.40
N THR A 1368 59.10 -7.69 -12.23
CA THR A 1368 59.85 -8.93 -12.55
C THR A 1368 59.79 -9.34 -14.01
N THR A 1369 59.16 -8.56 -14.87
CA THR A 1369 58.70 -9.05 -16.15
C THR A 1369 59.79 -8.86 -17.19
N THR A 1370 59.74 -9.67 -18.25
CA THR A 1370 60.64 -9.51 -19.38
C THR A 1370 60.39 -8.18 -20.09
N THR A 1371 59.15 -7.76 -20.13
CA THR A 1371 58.76 -6.58 -20.88
C THR A 1371 58.38 -5.39 -19.97
N ARG A 1372 58.97 -5.30 -18.79
CA ARG A 1372 58.68 -4.17 -17.91
C ARG A 1372 59.31 -2.91 -18.44
N ASN A 1373 58.63 -1.78 -18.22
CA ASN A 1373 58.96 -0.56 -18.93
C ASN A 1373 59.03 0.66 -17.99
N GLY A 1374 59.03 0.46 -16.69
CA GLY A 1374 58.88 1.54 -15.74
C GLY A 1374 57.70 1.33 -14.83
N PHE A 1375 57.69 2.07 -13.72
CA PHE A 1375 56.69 1.80 -12.70
C PHE A 1375 55.44 2.62 -12.88
N MET A 1376 54.45 2.33 -12.03
CA MET A 1376 53.17 3.01 -12.02
C MET A 1376 53.04 3.80 -10.72
N GLU A 1377 52.93 5.11 -10.84
CA GLU A 1377 52.97 6.00 -9.69
C GLU A 1377 51.59 6.08 -9.03
N ALA A 1378 51.60 6.12 -7.69
CA ALA A 1378 50.35 6.09 -6.94
C ALA A 1378 50.43 7.08 -5.80
N GLN A 1379 49.38 7.08 -4.98
CA GLN A 1379 49.19 8.07 -3.94
C GLN A 1379 48.55 7.40 -2.74
N GLY A 1380 48.60 8.09 -1.60
CA GLY A 1380 47.94 7.62 -0.41
C GLY A 1380 48.88 7.67 0.75
N SER A 1381 48.74 6.72 1.67
CA SER A 1381 49.46 6.75 2.92
C SER A 1381 49.62 5.36 3.48
N GLY A 1382 50.28 5.26 4.62
CA GLY A 1382 50.38 4.01 5.34
C GLY A 1382 51.01 4.27 6.68
N ILE A 1383 50.44 3.78 7.78
CA ILE A 1383 50.93 4.10 9.11
C ILE A 1383 50.92 2.84 9.96
N GLN A 1384 51.93 2.69 10.82
CA GLN A 1384 51.96 1.64 11.83
C GLN A 1384 52.24 2.24 13.18
N VAL A 1385 51.47 1.82 14.18
CA VAL A 1385 51.69 2.20 15.56
C VAL A 1385 52.62 1.18 16.17
N ILE A 1386 53.89 1.49 16.30
CA ILE A 1386 54.82 0.55 16.92
C ILE A 1386 54.98 0.96 18.36
N MET A 1387 55.60 0.07 19.13
CA MET A 1387 55.35 -0.02 20.54
C MET A 1387 56.30 -1.05 21.10
N THR A 1388 56.67 -0.91 22.36
CA THR A 1388 57.54 -1.88 23.01
C THR A 1388 56.74 -3.18 23.22
N ALA A 1389 57.43 -4.30 23.41
CA ALA A 1389 56.72 -5.56 23.56
C ALA A 1389 56.02 -5.64 24.90
N ASP A 1390 56.64 -5.13 25.98
CA ASP A 1390 55.99 -5.30 27.28
C ASP A 1390 54.85 -4.32 27.46
N LEU A 1391 54.98 -3.13 26.88
CA LEU A 1391 53.90 -2.17 27.02
C LEU A 1391 52.74 -2.57 26.15
N ALA A 1392 53.01 -3.35 25.12
CA ALA A 1392 51.92 -3.87 24.29
C ALA A 1392 51.12 -4.91 25.04
N LEU A 1393 51.79 -5.75 25.83
CA LEU A 1393 51.06 -6.79 26.55
C LEU A 1393 50.64 -6.32 27.93
N LYS A 1394 50.98 -5.08 28.29
CA LYS A 1394 50.45 -4.47 29.51
C LYS A 1394 49.20 -3.66 29.17
N MET A 1395 49.12 -3.14 27.95
CA MET A 1395 47.89 -2.53 27.48
C MET A 1395 46.89 -3.58 27.05
N GLY A 1396 47.36 -4.68 26.47
CA GLY A 1396 46.46 -5.66 25.92
C GLY A 1396 46.15 -5.41 24.45
N VAL A 1397 47.07 -4.84 23.71
CA VAL A 1397 46.82 -4.47 22.31
C VAL A 1397 47.18 -5.65 21.41
N PRO A 1398 46.74 -5.68 20.15
CA PRO A 1398 47.12 -6.78 19.28
C PRO A 1398 48.55 -6.65 18.81
N ILE A 1399 49.44 -7.48 19.34
CA ILE A 1399 50.79 -7.57 18.83
C ILE A 1399 50.66 -8.28 17.49
N HIS A 1400 50.82 -7.51 16.41
CA HIS A 1400 50.63 -8.02 15.06
C HIS A 1400 51.89 -8.59 14.44
N ALA A 1401 53.06 -8.12 14.88
CA ALA A 1401 54.32 -8.41 14.24
C ALA A 1401 55.40 -8.28 15.28
N VAL A 1402 56.61 -8.69 14.97
CA VAL A 1402 57.78 -8.33 15.76
C VAL A 1402 58.85 -7.85 14.81
N LEU A 1403 59.14 -6.55 14.86
CA LEU A 1403 60.18 -5.96 14.05
C LEU A 1403 61.54 -6.39 14.59
N ALA A 1404 62.08 -7.48 14.03
CA ALA A 1404 63.40 -7.92 14.45
C ALA A 1404 64.51 -7.05 13.89
N MET A 1405 64.50 -6.74 12.60
CA MET A 1405 65.60 -6.00 12.02
C MET A 1405 65.04 -4.78 11.31
N THR A 1406 65.86 -3.75 11.22
CA THR A 1406 65.64 -2.64 10.30
C THR A 1406 66.98 -2.05 9.90
N ALA A 1407 67.03 -1.49 8.71
CA ALA A 1407 68.30 -0.96 8.21
C ALA A 1407 68.05 0.08 7.15
N THR A 1408 69.06 0.91 6.94
CA THR A 1408 69.16 1.79 5.79
C THR A 1408 70.62 1.88 5.42
N ALA A 1409 70.90 2.20 4.16
CA ALA A 1409 72.25 2.08 3.65
C ALA A 1409 72.44 2.92 2.40
N THR A 1410 73.64 3.51 2.28
CA THR A 1410 74.00 4.34 1.15
C THR A 1410 75.01 3.57 0.29
N ASP A 1411 74.83 3.67 -1.02
CA ASP A 1411 75.37 2.63 -1.90
C ASP A 1411 76.86 2.76 -2.20
N LYS A 1412 77.25 3.74 -3.01
CA LYS A 1412 78.60 3.81 -3.59
C LYS A 1412 78.68 5.13 -4.37
N ILE A 1413 79.92 5.57 -4.62
CA ILE A 1413 80.16 6.83 -5.33
C ILE A 1413 79.62 6.72 -6.74
N GLY A 1414 78.84 7.72 -7.16
CA GLY A 1414 78.31 7.72 -8.51
C GLY A 1414 77.97 9.12 -8.94
N ARG A 1415 77.49 9.22 -10.17
CA ARG A 1415 76.97 10.47 -10.70
C ARG A 1415 75.55 10.31 -11.21
N SER A 1416 74.83 9.30 -10.74
CA SER A 1416 73.47 9.01 -11.17
C SER A 1416 72.60 8.75 -9.93
N VAL A 1417 71.74 9.71 -9.61
CA VAL A 1417 70.93 9.61 -8.39
C VAL A 1417 69.78 8.60 -8.51
N PRO A 1418 68.96 8.58 -9.58
CA PRO A 1418 67.91 7.55 -9.63
C PRO A 1418 68.39 6.12 -9.82
N ALA A 1419 69.65 5.89 -10.15
CA ALA A 1419 70.12 4.54 -10.38
C ALA A 1419 70.37 3.83 -9.06
N PRO A 1420 69.79 2.65 -8.85
CA PRO A 1420 69.93 1.98 -7.55
C PRO A 1420 71.28 1.31 -7.38
N GLY A 1421 71.53 0.81 -6.18
CA GLY A 1421 72.76 0.10 -5.88
C GLY A 1421 72.58 -1.00 -4.86
N LYS A 1422 73.69 -1.45 -4.25
CA LYS A 1422 73.62 -2.60 -3.36
C LYS A 1422 74.19 -2.33 -1.98
N GLY A 1423 74.06 -1.12 -1.43
CA GLY A 1423 74.64 -0.83 -0.13
C GLY A 1423 73.95 -1.58 1.00
N ILE A 1424 72.72 -2.02 0.78
CA ILE A 1424 71.95 -2.75 1.79
C ILE A 1424 72.31 -4.23 1.83
N LEU A 1425 73.23 -4.67 0.97
CA LEU A 1425 73.74 -6.04 1.04
C LEU A 1425 74.57 -6.26 2.32
N THR A 1426 74.99 -5.17 2.96
CA THR A 1426 75.71 -5.20 4.22
C THR A 1426 74.80 -5.28 5.43
N THR A 1427 73.57 -5.78 5.29
CA THR A 1427 72.85 -6.29 6.46
C THR A 1427 73.23 -7.73 6.75
N ALA A 1428 73.94 -8.37 5.82
CA ALA A 1428 74.34 -9.76 5.97
C ALA A 1428 75.84 -9.91 6.09
N ARG A 1429 76.55 -8.83 6.44
CA ARG A 1429 78.00 -8.87 6.46
C ARG A 1429 78.43 -9.68 7.67
N GLU A 1430 79.35 -10.61 7.46
CA GLU A 1430 79.99 -11.34 8.55
C GLU A 1430 81.30 -11.92 8.05
N HIS A 1431 82.05 -12.47 9.00
CA HIS A 1431 83.42 -12.91 8.77
C HIS A 1431 83.46 -14.43 8.71
N HIS A 1432 83.86 -14.96 7.55
CA HIS A 1432 83.97 -16.40 7.36
C HIS A 1432 85.41 -16.87 7.15
N GLY A 1433 86.39 -16.19 7.72
CA GLY A 1433 87.76 -16.60 7.48
C GLY A 1433 88.17 -17.87 8.19
N ASN A 1434 87.47 -18.25 9.25
CA ASN A 1434 87.89 -19.38 10.07
C ASN A 1434 86.62 -20.04 10.63
N LEU A 1435 86.17 -21.12 9.97
CA LEU A 1435 85.03 -21.88 10.43
C LEU A 1435 85.46 -23.16 11.15
N LYS A 1436 86.70 -23.21 11.60
CA LYS A 1436 87.19 -24.40 12.29
C LYS A 1436 86.53 -24.54 13.66
N TYR A 1437 86.26 -23.42 14.31
CA TYR A 1437 85.50 -23.40 15.54
C TYR A 1437 84.12 -22.84 15.25
N PRO A 1438 83.07 -23.61 15.54
CA PRO A 1438 81.72 -23.03 15.54
C PRO A 1438 81.62 -22.00 16.65
N SER A 1439 80.94 -20.88 16.41
CA SER A 1439 80.82 -19.82 17.40
C SER A 1439 79.98 -20.31 18.57
N PRO A 1440 80.38 -20.06 19.82
CA PRO A 1440 79.60 -20.58 20.95
C PRO A 1440 78.29 -19.86 21.12
N LEU A 1441 78.21 -18.63 20.62
CA LEU A 1441 77.18 -17.71 21.08
C LEU A 1441 75.90 -17.85 20.27
N LEU A 1442 75.94 -18.58 19.15
CA LEU A 1442 74.73 -18.79 18.37
C LEU A 1442 73.83 -19.84 19.02
N ASN A 1443 74.42 -20.73 19.80
CA ASN A 1443 73.69 -21.83 20.42
C ASN A 1443 72.77 -21.28 21.50
N ILE A 1444 71.51 -21.72 21.49
CA ILE A 1444 70.52 -21.13 22.37
C ILE A 1444 70.71 -21.61 23.80
N GLU A 1445 71.32 -22.78 23.99
CA GLU A 1445 71.47 -23.30 25.34
C GLU A 1445 72.75 -22.82 25.98
N TYR A 1446 73.68 -22.33 25.16
CA TYR A 1446 74.88 -21.69 25.71
C TYR A 1446 74.52 -20.37 26.36
N ARG A 1447 73.72 -19.55 25.68
CA ARG A 1447 73.37 -18.24 26.23
C ARG A 1447 72.41 -18.37 27.40
N LYS A 1448 71.65 -19.46 27.45
CA LYS A 1448 70.71 -19.63 28.55
C LYS A 1448 71.43 -19.95 29.85
N ARG A 1449 72.52 -20.70 29.78
CA ARG A 1449 73.26 -21.01 31.01
C ARG A 1449 74.21 -19.88 31.35
N GLN A 1450 74.53 -19.01 30.37
CA GLN A 1450 75.24 -17.79 30.68
C GLN A 1450 74.29 -16.75 31.28
N LEU A 1451 73.02 -16.79 30.90
CA LEU A 1451 72.07 -15.82 31.43
C LEU A 1451 71.61 -16.23 32.82
N ASN A 1452 71.46 -17.53 33.06
CA ASN A 1452 71.03 -18.01 34.37
C ASN A 1452 72.08 -17.76 35.44
N LYS A 1453 73.35 -17.91 35.09
CA LYS A 1453 74.41 -17.67 36.06
C LYS A 1453 74.59 -16.17 36.30
N ARG A 1454 74.03 -15.34 35.43
CA ARG A 1454 74.09 -13.90 35.66
C ARG A 1454 72.94 -13.42 36.54
N LEU A 1455 71.74 -13.97 36.34
CA LEU A 1455 70.59 -13.49 37.11
C LEU A 1455 70.66 -13.95 38.56
N GLU A 1456 71.20 -15.15 38.81
CA GLU A 1456 71.46 -15.56 40.18
C GLU A 1456 72.63 -14.81 40.78
N GLN A 1457 73.47 -14.20 39.95
CA GLN A 1457 74.46 -13.27 40.47
C GLN A 1457 73.82 -11.92 40.76
N ILE A 1458 72.66 -11.64 40.16
CA ILE A 1458 71.95 -10.39 40.40
C ILE A 1458 71.05 -10.48 41.63
N LYS A 1459 70.33 -11.60 41.79
CA LYS A 1459 69.48 -11.73 42.97
C LYS A 1459 70.31 -11.95 44.22
N SER A 1460 71.54 -12.46 44.06
CA SER A 1460 72.51 -12.41 45.14
C SER A 1460 72.99 -11.00 45.39
N TRP A 1461 73.14 -10.20 44.34
CA TRP A 1461 73.53 -8.80 44.49
C TRP A 1461 72.42 -8.00 45.17
N GLU A 1462 71.17 -8.38 44.93
CA GLU A 1462 70.05 -7.65 45.50
C GLU A 1462 69.87 -7.97 46.98
N GLU A 1463 69.97 -9.26 47.34
CA GLU A 1463 69.74 -9.64 48.73
C GLU A 1463 70.93 -9.25 49.59
N THR A 1464 72.09 -9.03 48.98
CA THR A 1464 73.25 -8.58 49.73
C THR A 1464 73.15 -7.08 50.00
N GLU A 1465 72.63 -6.32 49.04
CA GLU A 1465 72.61 -4.87 49.20
C GLU A 1465 71.48 -4.41 50.11
N LEU A 1466 70.47 -5.24 50.32
CA LEU A 1466 69.51 -4.91 51.37
C LEU A 1466 70.13 -5.09 52.75
N SER A 1467 71.09 -6.02 52.86
CA SER A 1467 71.81 -6.20 54.11
C SER A 1467 72.72 -5.01 54.40
N TYR A 1468 73.29 -4.40 53.36
CA TYR A 1468 74.08 -3.18 53.56
C TYR A 1468 73.19 -2.00 53.90
N LEU A 1469 71.91 -2.06 53.53
CA LEU A 1469 71.03 -0.92 53.71
C LEU A 1469 70.63 -0.74 55.18
N GLN A 1470 70.77 -1.82 55.97
CA GLN A 1470 70.38 -1.74 57.38
C GLN A 1470 71.39 -0.93 58.19
N GLU A 1471 72.69 -1.20 58.01
CA GLU A 1471 73.69 -0.43 58.75
C GLU A 1471 73.84 0.97 58.20
N GLU A 1472 73.42 1.18 56.95
CA GLU A 1472 73.63 2.47 56.30
C GLU A 1472 72.62 3.50 56.80
N ALA A 1473 71.58 3.04 57.51
CA ALA A 1473 70.61 3.97 58.10
C ALA A 1473 71.22 4.78 59.24
N GLU A 1474 71.87 4.10 60.18
CA GLU A 1474 72.45 4.81 61.32
C GLU A 1474 73.80 5.43 60.94
N LEU A 1475 74.39 4.98 59.84
CA LEU A 1475 75.70 5.46 59.41
C LEU A 1475 75.62 6.79 58.67
N ALA A 1476 74.54 7.04 57.92
CA ALA A 1476 74.52 8.21 57.05
C ALA A 1476 73.20 8.97 57.06
N LYS A 1477 72.21 8.52 57.82
CA LYS A 1477 70.92 9.20 57.78
C LYS A 1477 70.53 9.74 59.16
N GLU A 1478 70.99 9.09 60.23
CA GLU A 1478 70.75 9.63 61.57
C GLU A 1478 71.60 10.87 61.82
N GLU A 1479 72.71 11.02 61.10
CA GLU A 1479 73.55 12.19 61.18
C GLU A 1479 73.21 13.24 60.12
N PHE A 1480 72.01 13.21 59.57
CA PHE A 1480 71.60 14.19 58.57
C PHE A 1480 70.59 15.19 59.10
N GLY A 1481 69.81 14.84 60.12
CA GLY A 1481 68.85 15.76 60.66
C GLY A 1481 68.70 15.58 62.15
N ASP A 1482 68.17 16.62 62.79
CA ASP A 1482 67.93 16.58 64.23
C ASP A 1482 66.74 15.69 64.56
N GLU A 1483 65.85 15.48 63.60
CA GLU A 1483 64.68 14.62 63.78
C GLU A 1483 65.02 13.23 63.24
N PHE A 1484 64.40 12.21 63.84
CA PHE A 1484 64.59 10.84 63.37
C PHE A 1484 63.37 10.35 62.61
N SER A 1485 63.49 10.30 61.29
CA SER A 1485 62.45 9.79 60.39
C SER A 1485 62.90 8.54 59.66
N MET A 1486 63.51 7.59 60.36
CA MET A 1486 64.29 6.54 59.72
C MET A 1486 63.43 5.42 59.13
N HIS A 1487 62.10 5.49 59.27
CA HIS A 1487 61.26 4.43 58.73
C HIS A 1487 61.04 4.63 57.23
N GLU A 1488 60.87 5.87 56.79
CA GLU A 1488 60.62 6.11 55.38
C GLU A 1488 61.91 5.99 54.58
N PHE A 1489 63.07 6.17 55.23
CA PHE A 1489 64.35 6.05 54.56
C PHE A 1489 64.59 4.63 54.05
N LEU A 1490 64.12 3.63 54.79
CA LEU A 1490 64.20 2.28 54.27
C LEU A 1490 63.13 2.04 53.20
N LYS A 1491 62.02 2.77 53.28
CA LYS A 1491 60.98 2.58 52.27
C LYS A 1491 61.39 3.23 50.95
N GLU A 1492 62.20 4.30 51.02
CA GLU A 1492 62.66 4.94 49.80
C GLU A 1492 63.73 4.10 49.11
N ARG A 1493 64.55 3.40 49.88
CA ARG A 1493 65.73 2.78 49.28
C ARG A 1493 65.60 1.28 49.11
N THR A 1494 64.60 0.64 49.73
CA THR A 1494 64.32 -0.73 49.34
C THR A 1494 63.70 -0.80 47.96
N GLU A 1495 62.89 0.19 47.61
CA GLU A 1495 62.30 0.20 46.28
C GLU A 1495 63.28 0.80 45.27
N GLU A 1496 64.30 1.50 45.75
CA GLU A 1496 65.31 2.02 44.84
C GLU A 1496 66.30 0.93 44.47
N VAL A 1497 66.55 -0.01 45.40
CA VAL A 1497 67.27 -1.22 45.07
C VAL A 1497 66.47 -2.05 44.07
N TYR A 1498 65.14 -2.05 44.21
CA TYR A 1498 64.29 -2.86 43.33
C TYR A 1498 64.33 -2.40 41.88
N ARG A 1499 64.55 -1.11 41.63
CA ARG A 1499 64.69 -0.65 40.25
C ARG A 1499 66.10 -0.92 39.73
N GLU A 1500 67.13 -0.65 40.54
CA GLU A 1500 68.49 -0.82 40.05
C GLU A 1500 68.91 -2.27 40.09
N SER A 1501 68.08 -3.14 40.66
CA SER A 1501 68.21 -4.57 40.38
C SER A 1501 67.44 -4.93 39.12
N LYS A 1502 66.38 -4.20 38.81
CA LYS A 1502 65.54 -4.57 37.68
C LYS A 1502 66.15 -4.13 36.37
N ARG A 1503 66.89 -3.03 36.37
CA ARG A 1503 67.57 -2.59 35.16
C ARG A 1503 68.75 -3.51 34.85
N GLN A 1504 69.30 -4.16 35.87
CA GLN A 1504 70.36 -5.13 35.65
C GLN A 1504 69.80 -6.43 35.09
N VAL A 1505 68.55 -6.75 35.38
CA VAL A 1505 67.93 -7.94 34.78
C VAL A 1505 67.68 -7.68 33.29
N SER A 1506 67.21 -6.47 32.97
CA SER A 1506 66.93 -6.14 31.58
C SER A 1506 68.21 -5.93 30.79
N ASP A 1507 69.30 -5.54 31.45
CA ASP A 1507 70.56 -5.42 30.74
C ASP A 1507 71.22 -6.77 30.58
N ALA A 1508 70.97 -7.70 31.50
CA ALA A 1508 71.52 -9.03 31.35
C ALA A 1508 70.81 -9.79 30.25
N LYS A 1509 69.50 -9.61 30.13
CA LYS A 1509 68.75 -10.32 29.09
C LYS A 1509 69.05 -9.73 27.71
N LYS A 1510 69.26 -8.42 27.63
CA LYS A 1510 69.58 -7.80 26.35
C LYS A 1510 70.99 -8.14 25.92
N GLN A 1511 71.86 -8.47 26.88
CA GLN A 1511 73.22 -8.88 26.56
C GLN A 1511 73.26 -10.33 26.10
N TRP A 1512 72.28 -11.13 26.49
CA TRP A 1512 72.30 -12.53 26.17
C TRP A 1512 71.08 -13.02 25.39
N GLY A 1513 70.00 -12.25 25.31
CA GLY A 1513 68.95 -12.67 24.41
C GLY A 1513 68.62 -11.75 23.25
N ASN A 1514 68.58 -10.44 23.51
CA ASN A 1514 68.09 -9.48 22.52
C ASN A 1514 69.19 -9.07 21.55
N SER A 1515 70.28 -8.52 22.08
CA SER A 1515 71.33 -7.90 21.29
C SER A 1515 72.68 -8.51 21.56
N PHE A 1516 72.78 -9.83 21.59
CA PHE A 1516 74.06 -10.46 21.92
C PHE A 1516 75.04 -10.37 20.76
N TYR A 1517 74.56 -10.06 19.57
CA TYR A 1517 75.39 -10.11 18.38
C TYR A 1517 76.02 -8.78 18.02
N LYS A 1518 75.83 -7.74 18.84
CA LYS A 1518 76.14 -6.40 18.35
C LYS A 1518 77.63 -6.10 18.34
N SER A 1519 78.45 -6.90 19.02
CA SER A 1519 79.89 -6.71 19.00
C SER A 1519 80.61 -7.87 18.31
N ASP A 1520 79.88 -8.87 17.81
CA ASP A 1520 80.48 -10.02 17.16
C ASP A 1520 80.45 -9.81 15.67
N PRO A 1521 81.61 -9.80 15.00
CA PRO A 1521 81.62 -9.71 13.54
C PRO A 1521 81.23 -11.01 12.85
N ARG A 1522 81.38 -12.15 13.52
CA ARG A 1522 81.03 -13.43 12.93
C ARG A 1522 79.53 -13.70 12.91
N ILE A 1523 78.72 -12.75 13.38
CA ILE A 1523 77.27 -12.86 13.34
C ILE A 1523 76.80 -11.67 12.52
N ALA A 1524 76.01 -11.93 11.49
CA ALA A 1524 75.48 -10.85 10.68
C ALA A 1524 74.41 -10.12 11.47
N PRO A 1525 74.10 -8.87 11.10
CA PRO A 1525 72.91 -8.22 11.66
C PRO A 1525 71.62 -8.98 11.41
N LEU A 1526 71.54 -9.68 10.29
CA LEU A 1526 70.30 -10.36 9.93
C LEU A 1526 70.34 -11.81 10.37
N ARG A 1527 71.54 -12.37 10.53
CA ARG A 1527 71.67 -13.66 11.18
C ARG A 1527 71.32 -13.56 12.66
N GLY A 1528 71.74 -12.49 13.30
CA GLY A 1528 71.62 -12.40 14.75
C GLY A 1528 70.33 -11.76 15.21
N ALA A 1529 69.63 -11.06 14.31
CA ALA A 1529 68.31 -10.57 14.64
C ALA A 1529 67.34 -11.73 14.76
N LEU A 1530 67.40 -12.64 13.81
CA LEU A 1530 66.54 -13.80 13.83
C LEU A 1530 66.96 -14.78 14.91
N ALA A 1531 68.24 -14.82 15.22
CA ALA A 1531 68.74 -15.79 16.20
C ALA A 1531 68.39 -15.41 17.63
N ALA A 1532 67.87 -14.22 17.85
CA ALA A 1532 67.32 -13.88 19.16
C ALA A 1532 66.08 -14.70 19.45
N PHE A 1533 65.33 -15.07 18.41
CA PHE A 1533 64.10 -15.84 18.52
C PHE A 1533 64.31 -17.31 18.25
N ASN A 1534 65.56 -17.77 18.32
CA ASN A 1534 66.00 -19.11 17.93
C ASN A 1534 65.53 -19.42 16.51
N LEU A 1535 65.65 -18.45 15.62
CA LEU A 1535 65.31 -18.67 14.23
C LEU A 1535 66.56 -18.75 13.38
N THR A 1536 66.47 -19.52 12.31
CA THR A 1536 67.55 -19.73 11.38
C THR A 1536 67.31 -18.78 10.20
N ILE A 1537 68.27 -18.70 9.27
CA ILE A 1537 68.06 -17.94 8.05
C ILE A 1537 67.07 -18.64 7.14
N ASP A 1538 66.86 -19.95 7.33
CA ASP A 1538 65.94 -20.72 6.49
C ASP A 1538 64.47 -20.44 6.79
N ASP A 1539 64.17 -19.46 7.63
CA ASP A 1539 62.81 -19.23 8.08
C ASP A 1539 62.24 -17.90 7.58
N ILE A 1540 63.07 -17.01 7.04
CA ILE A 1540 62.54 -15.92 6.25
C ILE A 1540 61.93 -16.55 5.03
N GLY A 1541 60.62 -16.44 4.88
CA GLY A 1541 59.96 -17.21 3.85
C GLY A 1541 59.62 -16.39 2.64
N VAL A 1542 59.15 -15.19 2.88
CA VAL A 1542 58.73 -14.29 1.82
C VAL A 1542 59.71 -13.13 1.83
N ALA A 1543 59.94 -12.54 0.68
CA ALA A 1543 60.54 -11.23 0.60
C ALA A 1543 59.62 -10.36 -0.23
N SER A 1544 59.03 -9.36 0.42
CA SER A 1544 58.21 -8.39 -0.30
C SER A 1544 59.19 -7.47 -1.00
N PHE A 1545 59.34 -7.65 -2.30
CA PHE A 1545 60.32 -6.84 -3.01
C PHE A 1545 59.79 -5.44 -3.18
N HIS A 1546 60.72 -4.52 -3.45
CA HIS A 1546 60.35 -3.16 -3.77
C HIS A 1546 59.57 -3.14 -5.07
N GLY A 1547 60.01 -3.91 -6.05
CA GLY A 1547 59.22 -4.34 -7.19
C GLY A 1547 58.61 -3.24 -8.01
N THR A 1548 59.41 -2.27 -8.38
CA THR A 1548 58.87 -1.12 -9.08
C THR A 1548 59.07 -1.18 -10.58
N SER A 1549 58.92 -2.34 -11.20
CA SER A 1549 58.61 -2.49 -12.62
C SER A 1549 59.62 -1.87 -13.57
N THR A 1550 60.82 -1.52 -13.13
CA THR A 1550 61.82 -0.95 -14.02
C THR A 1550 62.87 -1.99 -14.34
N VAL A 1551 63.65 -1.71 -15.38
CA VAL A 1551 64.68 -2.64 -15.81
C VAL A 1551 65.78 -2.73 -14.76
N ALA A 1552 66.07 -1.61 -14.11
CA ALA A 1552 67.24 -1.55 -13.23
C ALA A 1552 66.93 -2.11 -11.85
N ASN A 1553 65.70 -1.93 -11.36
CA ASN A 1553 65.40 -2.27 -9.98
C ASN A 1553 65.26 -3.77 -9.80
N ASP A 1554 64.54 -4.43 -10.69
CA ASP A 1554 64.07 -5.78 -10.42
C ASP A 1554 65.17 -6.82 -10.66
N LYS A 1555 66.33 -6.38 -11.14
CA LYS A 1555 67.48 -7.26 -11.15
C LYS A 1555 68.45 -6.89 -10.05
N ASN A 1556 68.47 -5.62 -9.66
CA ASN A 1556 69.26 -5.19 -8.52
C ASN A 1556 68.64 -5.66 -7.21
N GLU A 1557 67.32 -5.57 -7.10
CA GLU A 1557 66.62 -6.10 -5.93
C GLU A 1557 66.73 -7.62 -5.87
N SER A 1558 66.79 -8.25 -7.04
CA SER A 1558 66.85 -9.70 -7.08
C SER A 1558 68.25 -10.20 -6.79
N ALA A 1559 69.27 -9.44 -7.19
CA ALA A 1559 70.65 -9.83 -6.94
C ALA A 1559 71.05 -9.56 -5.51
N THR A 1560 70.37 -8.62 -4.86
CA THR A 1560 70.67 -8.32 -3.48
C THR A 1560 70.12 -9.38 -2.55
N ILE A 1561 68.89 -9.83 -2.81
CA ILE A 1561 68.29 -10.89 -2.00
C ILE A 1561 68.98 -12.21 -2.29
N ASN A 1562 69.49 -12.39 -3.51
CA ASN A 1562 70.22 -13.61 -3.81
C ASN A 1562 71.57 -13.62 -3.10
N ASN A 1563 72.24 -12.48 -3.05
CA ASN A 1563 73.60 -12.44 -2.52
C ASN A 1563 73.63 -12.34 -1.00
N MET A 1564 72.53 -11.91 -0.38
CA MET A 1564 72.52 -11.97 1.07
C MET A 1564 72.04 -13.32 1.57
N MET A 1565 71.21 -14.01 0.80
CA MET A 1565 70.81 -15.35 1.17
C MET A 1565 71.87 -16.36 0.78
N LYS A 1566 72.75 -15.99 -0.16
CA LYS A 1566 73.88 -16.85 -0.47
C LYS A 1566 74.90 -16.80 0.65
N HIS A 1567 75.08 -15.63 1.25
CA HIS A 1567 76.19 -15.44 2.17
C HIS A 1567 75.86 -15.95 3.55
N LEU A 1568 74.58 -15.99 3.90
CA LEU A 1568 74.12 -16.36 5.22
C LEU A 1568 73.90 -17.86 5.36
N GLY A 1569 74.10 -18.63 4.31
CA GLY A 1569 73.90 -20.05 4.41
C GLY A 1569 72.45 -20.51 4.41
N ARG A 1570 71.69 -20.14 3.38
CA ARG A 1570 70.46 -20.87 3.09
C ARG A 1570 70.82 -22.27 2.62
N SER A 1571 69.90 -23.20 2.84
CA SER A 1571 70.05 -24.47 2.16
C SER A 1571 69.81 -24.27 0.68
N GLU A 1572 70.58 -24.95 -0.15
CA GLU A 1572 70.34 -24.91 -1.58
C GLU A 1572 68.99 -25.53 -1.90
N GLY A 1573 68.15 -24.77 -2.58
CA GLY A 1573 66.81 -25.21 -2.79
C GLY A 1573 65.81 -24.71 -1.77
N ASN A 1574 66.10 -23.61 -1.11
CA ASN A 1574 65.12 -22.92 -0.29
C ASN A 1574 65.00 -21.48 -0.77
N PRO A 1575 64.34 -21.18 -1.87
CA PRO A 1575 64.18 -19.80 -2.29
C PRO A 1575 63.17 -19.10 -1.40
N VAL A 1576 63.32 -17.79 -1.31
CA VAL A 1576 62.28 -16.95 -0.73
C VAL A 1576 61.26 -16.60 -1.80
N PHE A 1577 60.03 -16.39 -1.40
CA PHE A 1577 58.94 -16.22 -2.35
C PHE A 1577 58.82 -14.73 -2.57
N GLY A 1578 58.99 -14.27 -3.81
CA GLY A 1578 58.94 -12.84 -4.05
C GLY A 1578 57.52 -12.36 -4.31
N VAL A 1579 57.02 -11.47 -3.46
CA VAL A 1579 55.72 -10.87 -3.68
C VAL A 1579 55.91 -9.42 -4.10
N PHE A 1580 55.06 -8.97 -5.03
CA PHE A 1580 55.37 -7.83 -5.86
C PHE A 1580 54.21 -6.87 -5.94
N GLN A 1581 53.70 -6.44 -4.77
CA GLN A 1581 52.47 -5.65 -4.60
C GLN A 1581 52.25 -4.45 -5.49
N LYS A 1582 53.32 -3.90 -6.05
CA LYS A 1582 53.18 -2.69 -6.85
C LYS A 1582 52.49 -2.93 -8.17
N TYR A 1583 52.25 -4.19 -8.56
CA TYR A 1583 51.39 -4.42 -9.72
C TYR A 1583 49.98 -3.96 -9.43
N LEU A 1584 49.57 -4.07 -8.17
CA LEU A 1584 48.22 -3.87 -7.72
C LEU A 1584 47.99 -2.49 -7.19
N THR A 1585 48.90 -2.04 -6.33
CA THR A 1585 48.74 -0.76 -5.68
C THR A 1585 49.48 0.36 -6.37
N GLY A 1586 50.38 0.06 -7.28
CA GLY A 1586 51.20 1.10 -7.86
C GLY A 1586 52.32 1.47 -6.92
N HIS A 1587 53.12 2.44 -7.35
CA HIS A 1587 54.26 2.87 -6.57
C HIS A 1587 53.96 4.20 -5.88
N PRO A 1588 53.71 4.20 -4.60
CA PRO A 1588 53.23 5.42 -3.94
C PRO A 1588 54.33 6.25 -3.37
N LYS A 1589 55.28 6.65 -4.20
CA LYS A 1589 56.72 6.68 -3.93
C LYS A 1589 57.11 6.88 -2.47
N GLY A 1590 56.53 7.83 -1.75
CA GLY A 1590 56.86 7.96 -0.35
C GLY A 1590 56.26 6.88 0.51
N ALA A 1591 55.07 6.40 0.16
CA ALA A 1591 54.30 5.48 1.00
C ALA A 1591 54.60 4.02 0.74
N ALA A 1592 55.70 3.72 0.05
CA ALA A 1592 55.89 2.39 -0.53
C ALA A 1592 56.13 1.35 0.53
N GLY A 1593 57.05 1.62 1.44
CA GLY A 1593 57.42 0.64 2.43
C GLY A 1593 56.36 0.35 3.47
N ALA A 1594 55.39 1.23 3.63
CA ALA A 1594 54.33 0.98 4.59
C ALA A 1594 53.34 -0.02 4.05
N TRP A 1595 52.94 0.12 2.78
CA TRP A 1595 52.04 -0.84 2.14
C TRP A 1595 52.67 -2.21 2.05
N MET A 1596 53.99 -2.25 1.98
CA MET A 1596 54.72 -3.51 2.02
C MET A 1596 54.81 -4.06 3.42
N LEU A 1597 54.81 -3.19 4.42
CA LEU A 1597 54.90 -3.64 5.80
C LEU A 1597 53.52 -4.01 6.35
N ASN A 1598 52.48 -3.38 5.82
CA ASN A 1598 51.11 -3.84 6.09
C ASN A 1598 50.88 -5.20 5.46
N GLY A 1599 51.36 -5.36 4.22
CA GLY A 1599 51.27 -6.64 3.55
C GLY A 1599 52.09 -7.71 4.22
N ALA A 1600 53.23 -7.35 4.80
CA ALA A 1600 54.08 -8.35 5.44
C ALA A 1600 53.44 -8.90 6.70
N ILE A 1601 52.64 -8.08 7.38
CA ILE A 1601 51.98 -8.53 8.60
C ILE A 1601 50.73 -9.35 8.26
N GLN A 1602 50.01 -8.94 7.22
CA GLN A 1602 48.88 -9.72 6.72
C GLN A 1602 49.32 -11.08 6.22
N ILE A 1603 50.49 -11.15 5.58
CA ILE A 1603 51.07 -12.41 5.17
C ILE A 1603 51.47 -13.23 6.39
N LEU A 1604 51.92 -12.58 7.46
CA LEU A 1604 52.34 -13.31 8.66
C LEU A 1604 51.16 -13.96 9.37
N GLU A 1605 50.05 -13.23 9.48
CA GLU A 1605 48.90 -13.76 10.20
C GLU A 1605 48.20 -14.86 9.44
N SER A 1606 48.01 -14.70 8.12
CA SER A 1606 47.31 -15.69 7.33
C SER A 1606 48.18 -16.87 6.92
N GLY A 1607 49.47 -16.64 6.71
CA GLY A 1607 50.32 -17.62 6.10
C GLY A 1607 50.20 -17.67 4.60
N LEU A 1608 49.41 -16.78 4.00
CA LEU A 1608 49.19 -16.78 2.56
C LEU A 1608 50.38 -16.11 1.92
N VAL A 1609 50.65 -16.42 0.66
CA VAL A 1609 51.64 -15.71 -0.14
C VAL A 1609 50.93 -15.23 -1.40
N PRO A 1610 50.72 -13.94 -1.58
CA PRO A 1610 50.04 -13.45 -2.76
C PRO A 1610 50.92 -13.58 -3.98
N GLY A 1611 50.32 -13.30 -5.12
CA GLY A 1611 50.95 -13.49 -6.39
C GLY A 1611 50.95 -12.21 -7.19
N ASN A 1612 52.08 -11.95 -7.82
CA ASN A 1612 52.24 -10.93 -8.84
C ASN A 1612 51.37 -11.40 -9.98
N ARG A 1613 50.12 -10.94 -10.01
CA ARG A 1613 49.19 -11.38 -11.03
C ARG A 1613 49.33 -10.61 -12.33
N ASN A 1614 50.44 -9.90 -12.52
CA ASN A 1614 50.85 -9.45 -13.83
C ASN A 1614 52.23 -9.93 -14.20
N ALA A 1615 52.72 -10.99 -13.57
CA ALA A 1615 53.92 -11.67 -14.05
C ALA A 1615 53.56 -12.42 -15.32
N ASP A 1616 53.55 -11.65 -16.42
CA ASP A 1616 53.28 -12.17 -17.75
C ASP A 1616 54.30 -13.23 -18.13
N ASN A 1617 55.58 -12.92 -17.87
CA ASN A 1617 56.72 -13.76 -18.16
C ASN A 1617 57.87 -13.21 -17.35
N VAL A 1618 58.35 -13.96 -16.36
CA VAL A 1618 59.45 -13.50 -15.55
C VAL A 1618 60.72 -13.51 -16.38
N ASP A 1619 61.55 -12.48 -16.20
CA ASP A 1619 62.72 -12.23 -17.05
C ASP A 1619 63.68 -13.39 -17.01
N LYS A 1620 64.25 -13.72 -18.16
CA LYS A 1620 65.16 -14.86 -18.29
C LYS A 1620 66.43 -14.66 -17.48
N LEU A 1621 66.84 -13.41 -17.31
CA LEU A 1621 68.00 -13.05 -16.51
C LEU A 1621 67.82 -13.33 -15.04
N LEU A 1622 66.64 -13.72 -14.59
CA LEU A 1622 66.35 -13.99 -13.20
C LEU A 1622 66.38 -15.47 -12.88
N GLU A 1623 66.75 -16.33 -13.84
CA GLU A 1623 66.91 -17.74 -13.55
C GLU A 1623 68.21 -17.99 -12.80
N GLN A 1624 69.18 -17.09 -12.98
CA GLN A 1624 70.44 -17.20 -12.27
C GLN A 1624 70.29 -16.88 -10.80
N TYR A 1625 69.16 -16.30 -10.41
CA TYR A 1625 68.91 -16.04 -9.00
C TYR A 1625 68.07 -17.18 -8.44
N GLU A 1626 68.77 -18.25 -8.04
CA GLU A 1626 68.13 -19.46 -7.56
C GLU A 1626 67.58 -19.33 -6.14
N TYR A 1627 68.16 -18.47 -5.30
CA TYR A 1627 67.69 -18.37 -3.92
C TYR A 1627 66.49 -17.45 -3.77
N VAL A 1628 65.69 -17.26 -4.82
CA VAL A 1628 64.49 -16.45 -4.77
C VAL A 1628 63.50 -16.99 -5.79
N LEU A 1629 62.23 -16.99 -5.44
CA LEU A 1629 61.17 -17.55 -6.27
C LEU A 1629 60.18 -16.42 -6.57
N TYR A 1630 59.52 -16.49 -7.74
CA TYR A 1630 58.70 -15.41 -8.26
C TYR A 1630 57.29 -15.89 -8.55
N PRO A 1631 56.40 -15.93 -7.56
CA PRO A 1631 55.04 -16.43 -7.81
C PRO A 1631 54.20 -15.49 -8.63
N SER A 1632 53.21 -16.07 -9.31
CA SER A 1632 52.11 -15.33 -9.91
C SER A 1632 50.78 -15.86 -9.43
N ARG A 1633 50.77 -16.68 -8.39
CA ARG A 1633 49.55 -17.34 -7.96
C ARG A 1633 49.53 -17.40 -6.45
N SER A 1634 48.38 -17.05 -5.88
CA SER A 1634 48.23 -16.97 -4.44
C SER A 1634 48.27 -18.36 -3.83
N ILE A 1635 49.13 -18.55 -2.85
CA ILE A 1635 49.36 -19.88 -2.30
C ILE A 1635 49.34 -19.84 -0.78
N GLN A 1636 48.38 -20.53 -0.19
CA GLN A 1636 48.27 -20.68 1.24
C GLN A 1636 49.37 -21.62 1.72
N THR A 1637 50.22 -21.14 2.61
CA THR A 1637 51.22 -22.00 3.23
C THR A 1637 50.74 -22.36 4.63
N ASP A 1638 51.46 -23.26 5.28
CA ASP A 1638 51.09 -23.69 6.63
C ASP A 1638 51.74 -22.86 7.73
N GLY A 1639 52.27 -21.68 7.41
CA GLY A 1639 52.90 -20.87 8.43
C GLY A 1639 54.12 -20.15 7.90
N ILE A 1640 54.22 -18.86 8.17
CA ILE A 1640 55.32 -18.03 7.70
C ILE A 1640 56.01 -17.40 8.90
N LYS A 1641 57.30 -17.66 9.04
CA LYS A 1641 58.01 -17.32 10.26
C LYS A 1641 58.44 -15.86 10.25
N ALA A 1642 58.99 -15.39 9.13
CA ALA A 1642 59.48 -14.03 9.01
C ALA A 1642 59.45 -13.62 7.55
N VAL A 1643 59.31 -12.32 7.31
CA VAL A 1643 59.12 -11.75 5.98
C VAL A 1643 60.13 -10.63 5.83
N SER A 1644 60.80 -10.55 4.68
CA SER A 1644 61.70 -9.46 4.38
C SER A 1644 60.97 -8.38 3.61
N VAL A 1645 61.27 -7.12 3.92
CA VAL A 1645 60.65 -5.97 3.28
C VAL A 1645 61.77 -5.02 2.89
N THR A 1646 62.08 -4.97 1.60
CA THR A 1646 63.19 -4.17 1.09
C THR A 1646 62.69 -3.03 0.23
N SER A 1647 63.24 -1.84 0.46
CA SER A 1647 62.78 -0.67 -0.26
C SER A 1647 63.99 0.13 -0.71
N PHE A 1648 64.05 0.42 -2.00
CA PHE A 1648 65.15 1.14 -2.60
C PHE A 1648 64.65 2.51 -3.01
N GLY A 1649 65.39 3.55 -2.66
CA GLY A 1649 64.94 4.89 -2.93
C GLY A 1649 65.85 5.67 -3.85
N PHE A 1650 65.41 6.85 -4.24
CA PHE A 1650 66.29 7.76 -4.94
C PHE A 1650 67.34 8.29 -3.97
N GLY A 1651 68.50 8.65 -4.49
CA GLY A 1651 69.57 9.11 -3.66
C GLY A 1651 70.26 8.02 -2.86
N GLN A 1652 70.40 6.83 -3.44
CA GLN A 1652 71.15 5.71 -2.87
C GLN A 1652 70.58 5.30 -1.52
N LYS A 1653 69.26 5.16 -1.48
CA LYS A 1653 68.53 4.98 -0.24
C LYS A 1653 67.87 3.61 -0.22
N GLY A 1654 68.63 2.62 0.22
CA GLY A 1654 68.08 1.27 0.37
C GLY A 1654 67.69 1.02 1.81
N ALA A 1655 66.89 -0.02 2.03
CA ALA A 1655 66.37 -0.31 3.36
C ALA A 1655 65.91 -1.75 3.42
N GLN A 1656 65.80 -2.29 4.63
CA GLN A 1656 65.32 -3.65 4.81
C GLN A 1656 64.75 -3.85 6.20
N ALA A 1657 63.50 -4.31 6.27
CA ALA A 1657 62.91 -4.76 7.51
C ALA A 1657 62.75 -6.28 7.48
N VAL A 1658 62.69 -6.90 8.64
CA VAL A 1658 62.38 -8.32 8.79
C VAL A 1658 61.29 -8.42 9.84
N VAL A 1659 60.21 -9.12 9.51
CA VAL A 1659 58.96 -9.08 10.28
C VAL A 1659 58.67 -10.49 10.77
N VAL A 1660 59.03 -10.78 12.00
CA VAL A 1660 58.91 -12.11 12.60
C VAL A 1660 57.48 -12.30 13.13
N HIS A 1661 56.98 -13.54 13.09
CA HIS A 1661 55.62 -13.85 13.52
C HIS A 1661 55.45 -13.57 15.01
N PRO A 1662 54.24 -13.19 15.45
CA PRO A 1662 54.04 -12.91 16.88
C PRO A 1662 54.25 -14.07 17.82
N ASP A 1663 54.14 -15.32 17.37
CA ASP A 1663 54.23 -16.45 18.31
C ASP A 1663 55.62 -16.64 18.87
N TYR A 1664 56.64 -16.08 18.21
CA TYR A 1664 57.99 -16.17 18.75
C TYR A 1664 58.24 -15.12 19.80
N LEU A 1665 57.33 -14.16 19.93
CA LEU A 1665 57.27 -13.32 21.11
C LEU A 1665 56.48 -13.98 22.21
N PHE A 1666 55.44 -14.73 21.85
CA PHE A 1666 54.60 -15.29 22.91
C PHE A 1666 55.14 -16.58 23.49
N ALA A 1667 56.43 -16.88 23.31
CA ALA A 1667 57.03 -18.00 24.00
C ALA A 1667 58.19 -17.60 24.89
N VAL A 1668 58.51 -16.32 24.99
CA VAL A 1668 59.48 -15.84 25.96
C VAL A 1668 58.83 -15.47 27.28
N LEU A 1669 57.51 -15.60 27.36
CA LEU A 1669 56.77 -15.20 28.54
C LEU A 1669 55.99 -16.40 29.06
N ASP A 1670 55.85 -16.48 30.38
CA ASP A 1670 55.38 -17.70 31.00
C ASP A 1670 53.86 -17.83 30.92
N ARG A 1671 53.33 -18.87 31.58
CA ARG A 1671 51.92 -19.20 31.46
C ARG A 1671 51.04 -18.17 32.14
N SER A 1672 51.53 -17.56 33.22
CA SER A 1672 50.72 -16.58 33.95
C SER A 1672 50.53 -15.31 33.14
N THR A 1673 51.58 -14.88 32.43
CA THR A 1673 51.53 -13.60 31.74
C THR A 1673 50.72 -13.71 30.45
N TYR A 1674 50.77 -14.86 29.79
CA TYR A 1674 50.08 -15.01 28.51
C TYR A 1674 48.58 -15.09 28.69
N GLU A 1675 48.12 -15.88 29.65
CA GLU A 1675 46.69 -16.06 29.81
C GLU A 1675 46.05 -14.86 30.49
N GLU A 1676 46.86 -14.04 31.16
CA GLU A 1676 46.39 -12.72 31.57
C GLU A 1676 46.38 -11.76 30.38
N TYR A 1677 47.30 -11.95 29.44
CA TYR A 1677 47.34 -11.10 28.26
C TYR A 1677 46.15 -11.34 27.35
N ALA A 1678 45.78 -12.62 27.17
CA ALA A 1678 44.78 -12.96 26.16
C ALA A 1678 43.40 -12.49 26.57
N THR A 1679 43.19 -12.24 27.86
CA THR A 1679 41.91 -11.73 28.34
C THR A 1679 41.71 -10.28 27.94
N LYS A 1680 42.74 -9.44 28.15
CA LYS A 1680 42.63 -8.01 27.85
C LYS A 1680 42.56 -7.76 26.35
N VAL A 1681 43.09 -8.69 25.56
CA VAL A 1681 42.92 -8.61 24.12
C VAL A 1681 41.49 -8.92 23.73
N SER A 1682 40.93 -9.98 24.31
CA SER A 1682 39.53 -10.31 24.06
C SER A 1682 38.60 -9.26 24.65
N ALA A 1683 39.04 -8.55 25.69
CA ALA A 1683 38.28 -7.42 26.16
C ALA A 1683 38.34 -6.25 25.20
N ARG A 1684 39.55 -5.94 24.69
CA ARG A 1684 39.69 -4.82 23.77
C ARG A 1684 39.11 -5.11 22.42
N ASN A 1685 39.07 -6.38 22.02
CA ASN A 1685 38.54 -6.71 20.70
C ASN A 1685 37.06 -6.43 20.64
N LYS A 1686 36.33 -6.80 21.70
CA LYS A 1686 34.90 -6.55 21.73
C LYS A 1686 34.62 -5.06 21.88
N LYS A 1687 35.50 -4.35 22.56
CA LYS A 1687 35.30 -2.92 22.75
C LYS A 1687 35.60 -2.15 21.47
N THR A 1688 36.59 -2.61 20.71
CA THR A 1688 36.89 -1.98 19.42
C THR A 1688 35.87 -2.39 18.37
N TYR A 1689 35.31 -3.59 18.53
CA TYR A 1689 34.19 -4.06 17.71
C TYR A 1689 33.01 -3.10 17.80
N ARG A 1690 32.62 -2.72 19.03
CA ARG A 1690 31.50 -1.82 19.23
C ARG A 1690 31.81 -0.43 18.68
N TYR A 1691 33.07 0.00 18.79
CA TYR A 1691 33.46 1.31 18.28
C TYR A 1691 33.44 1.32 16.75
N MET A 1692 33.93 0.25 16.14
CA MET A 1692 34.08 0.24 14.69
C MET A 1692 32.75 0.13 13.98
N HIS A 1693 31.81 -0.63 14.54
CA HIS A 1693 30.45 -0.65 13.98
C HIS A 1693 29.75 0.67 14.17
N ASN A 1694 29.99 1.33 15.29
CA ASN A 1694 29.36 2.62 15.53
C ASN A 1694 29.91 3.67 14.58
N ALA A 1695 31.22 3.63 14.36
CA ALA A 1695 31.87 4.66 13.54
C ALA A 1695 31.56 4.47 12.07
N ILE A 1696 31.45 3.22 11.62
CA ILE A 1696 31.35 2.95 10.18
C ILE A 1696 29.95 3.29 9.67
N THR A 1697 29.00 3.44 10.60
CA THR A 1697 27.62 3.72 10.20
C THR A 1697 27.28 5.19 10.36
N ARG A 1698 27.95 5.89 11.29
CA ARG A 1698 27.58 7.26 11.64
C ARG A 1698 28.58 8.32 11.22
N ASN A 1699 29.62 7.96 10.44
CA ASN A 1699 30.62 8.89 9.90
C ASN A 1699 31.37 9.66 10.99
N THR A 1700 31.63 9.01 12.12
CA THR A 1700 32.35 9.63 13.22
C THR A 1700 33.54 8.79 13.69
N MET A 1701 34.38 8.33 12.76
CA MET A 1701 35.56 7.55 13.17
C MET A 1701 36.67 8.45 13.69
N PHE A 1702 36.96 9.52 12.96
CA PHE A 1702 37.93 10.50 13.37
C PHE A 1702 37.27 11.50 14.30
N VAL A 1703 37.47 11.34 15.60
CA VAL A 1703 36.97 12.29 16.58
C VAL A 1703 38.07 13.31 16.79
N ALA A 1704 37.92 14.48 16.18
CA ALA A 1704 38.91 15.54 16.31
C ALA A 1704 38.91 16.09 17.72
N LYS A 1705 40.07 16.04 18.36
CA LYS A 1705 40.19 16.51 19.72
C LYS A 1705 40.24 18.03 19.74
N ASP A 1706 39.42 18.63 20.61
CA ASP A 1706 39.46 20.07 20.80
C ASP A 1706 40.25 20.47 22.04
N LYS A 1707 40.35 19.57 23.00
CA LYS A 1707 41.04 19.84 24.25
C LYS A 1707 42.17 18.83 24.39
N ALA A 1708 43.25 19.28 24.99
CA ALA A 1708 44.32 18.39 25.38
C ALA A 1708 43.95 17.72 26.70
N PRO A 1709 44.64 16.65 27.10
CA PRO A 1709 44.37 16.06 28.43
C PRO A 1709 44.73 16.98 29.58
N TYR A 1710 45.72 17.84 29.41
CA TYR A 1710 46.12 18.81 30.41
C TYR A 1710 45.35 20.11 30.25
N SER A 1711 45.19 20.83 31.35
CA SER A 1711 44.69 22.20 31.32
C SER A 1711 45.83 23.17 31.15
N ASP A 1712 45.49 24.43 30.87
CA ASP A 1712 46.51 25.46 30.68
C ASP A 1712 47.21 25.78 31.99
N GLU A 1713 46.55 25.51 33.12
CA GLU A 1713 47.22 25.64 34.41
C GLU A 1713 48.04 24.39 34.71
N LEU A 1714 47.76 23.29 34.02
CA LEU A 1714 48.48 22.05 34.26
C LEU A 1714 49.19 21.50 33.05
N GLU A 1715 49.63 22.33 32.09
CA GLU A 1715 50.45 21.77 31.03
C GLU A 1715 51.88 21.62 31.51
N GLN A 1716 52.38 22.57 32.28
CA GLN A 1716 53.76 22.49 32.75
C GLN A 1716 53.99 21.57 33.96
N PRO A 1717 53.12 21.48 35.00
CA PRO A 1717 53.42 20.49 36.06
C PRO A 1717 53.35 19.05 35.62
N VAL A 1718 52.68 18.76 34.51
CA VAL A 1718 52.77 17.42 33.93
C VAL A 1718 54.14 17.22 33.29
N TYR A 1719 54.67 18.26 32.64
CA TYR A 1719 55.93 18.14 31.92
C TYR A 1719 57.10 17.89 32.85
N LEU A 1720 57.03 18.39 34.07
CA LEU A 1720 58.10 18.17 35.03
C LEU A 1720 57.90 16.92 35.86
N ASP A 1721 56.89 16.10 35.56
CA ASP A 1721 56.63 14.90 36.34
C ASP A 1721 56.78 13.67 35.45
N PRO A 1722 57.70 12.76 35.73
CA PRO A 1722 57.80 11.54 34.91
C PRO A 1722 56.72 10.53 35.19
N LEU A 1723 55.88 10.75 36.18
CA LEU A 1723 54.97 9.73 36.67
C LEU A 1723 53.51 10.15 36.62
N ALA A 1724 53.22 11.42 36.32
CA ALA A 1724 51.85 11.90 36.39
C ALA A 1724 51.11 11.53 35.12
N ARG A 1725 50.02 10.79 35.30
CA ARG A 1725 49.34 10.20 34.16
C ARG A 1725 47.83 10.33 34.31
N VAL A 1726 47.14 10.15 33.19
CA VAL A 1726 45.75 10.54 33.01
C VAL A 1726 44.81 9.59 33.73
N GLU A 1727 43.90 10.16 34.52
CA GLU A 1727 42.76 9.45 35.08
C GLU A 1727 41.51 9.76 34.27
N GLU A 1728 40.48 8.96 34.46
CA GLU A 1728 39.23 9.14 33.73
C GLU A 1728 38.16 9.75 34.63
N ASN A 1729 37.38 10.69 34.07
CA ASN A 1729 36.18 11.22 34.71
C ASN A 1729 35.26 11.79 33.64
N LYS A 1730 33.95 11.60 33.84
CA LYS A 1730 32.88 12.07 32.95
C LYS A 1730 33.02 11.48 31.55
N LYS A 1731 33.52 10.22 31.50
CA LYS A 1731 33.81 9.48 30.27
C LYS A 1731 34.79 10.23 29.36
N LYS A 1732 35.67 11.01 29.98
CA LYS A 1732 36.75 11.72 29.33
C LYS A 1732 38.04 11.41 30.06
N LEU A 1733 39.13 11.37 29.33
CA LEU A 1733 40.43 11.07 29.92
C LEU A 1733 41.24 12.36 29.98
N VAL A 1734 41.25 13.01 31.15
CA VAL A 1734 41.94 14.28 31.34
C VAL A 1734 42.85 14.18 32.55
N PHE A 1735 43.77 15.14 32.63
CA PHE A 1735 44.64 15.24 33.79
C PHE A 1735 43.91 15.91 34.96
N SER A 1736 44.51 15.75 36.14
CA SER A 1736 43.99 16.33 37.36
C SER A 1736 45.14 16.91 38.16
N ASP A 1737 44.80 17.54 39.28
CA ASP A 1737 45.83 18.16 40.11
C ASP A 1737 46.43 17.15 41.08
N LYS A 1738 45.60 16.25 41.60
CA LYS A 1738 46.06 15.33 42.64
C LYS A 1738 46.94 14.21 42.12
N THR A 1739 47.08 14.07 40.80
CA THR A 1739 47.96 13.07 40.21
C THR A 1739 49.36 13.61 39.93
N ILE A 1740 49.62 14.87 40.27
CA ILE A 1740 50.87 15.54 39.92
C ILE A 1740 51.69 15.73 41.18
N GLN A 1741 52.94 15.27 41.14
CA GLN A 1741 53.88 15.23 42.27
C GLN A 1741 53.26 14.50 43.46
N SER A 1742 52.59 13.39 43.19
CA SER A 1742 51.86 12.63 44.19
C SER A 1742 52.83 11.84 45.04
N SER A 1743 52.44 11.65 46.31
CA SER A 1743 53.21 10.81 47.23
C SER A 1743 52.87 9.34 47.09
N GLN A 1744 51.95 8.98 46.20
CA GLN A 1744 51.45 7.63 46.05
C GLN A 1744 51.94 6.95 44.78
N SER A 1745 52.68 7.66 43.92
CA SER A 1745 53.12 7.12 42.64
C SER A 1745 54.59 6.72 42.65
N TYR A 1746 55.22 6.64 43.81
CA TYR A 1746 56.62 6.26 43.93
C TYR A 1746 56.79 5.25 45.07
N VAL A 1747 55.95 4.22 45.09
CA VAL A 1747 56.04 3.16 46.09
C VAL A 1747 56.42 1.84 45.43
N ARG B 5 -74.27 44.29 12.13
CA ARG B 5 -73.49 44.66 10.97
C ARG B 5 -72.03 44.74 11.38
N PRO B 6 -71.14 44.14 10.58
CA PRO B 6 -69.73 44.07 10.98
C PRO B 6 -69.02 45.42 10.93
N PHE B 7 -68.10 45.60 11.86
CA PHE B 7 -67.28 46.80 11.96
C PHE B 7 -65.84 46.37 11.78
N GLN B 8 -65.04 47.21 11.15
CA GLN B 8 -63.65 46.87 10.89
C GLN B 8 -62.74 48.06 11.19
N LEU B 9 -61.87 47.88 12.17
CA LEU B 9 -60.77 48.80 12.40
C LEU B 9 -59.61 48.42 11.48
N THR B 10 -58.99 49.40 10.87
CA THR B 10 -57.89 49.14 9.94
C THR B 10 -56.69 49.99 10.31
N HIS B 11 -55.51 49.40 10.20
CA HIS B 11 -54.24 50.12 10.28
C HIS B 11 -53.16 49.26 9.66
N GLY B 12 -52.64 49.69 8.51
CA GLY B 12 -51.53 48.99 7.90
C GLY B 12 -51.98 47.67 7.30
N SER B 13 -51.25 46.61 7.62
CA SER B 13 -51.48 45.29 7.04
C SER B 13 -52.24 44.36 7.98
N ILE B 14 -52.76 44.88 9.08
CA ILE B 14 -53.53 44.08 10.03
C ILE B 14 -54.83 44.83 10.35
N GLU B 15 -55.91 44.09 10.45
CA GLU B 15 -57.23 44.65 10.75
C GLU B 15 -57.91 43.78 11.81
N HIS B 16 -58.88 44.37 12.51
CA HIS B 16 -59.64 43.64 13.51
C HIS B 16 -61.12 43.86 13.25
N THR B 17 -61.78 42.86 12.67
CA THR B 17 -63.18 42.99 12.36
C THR B 17 -64.02 42.46 13.52
N LEU B 18 -64.95 43.29 14.01
CA LEU B 18 -65.81 42.94 15.14
C LEU B 18 -67.25 43.29 14.82
N LEU B 19 -68.16 42.55 15.46
CA LEU B 19 -69.60 42.62 15.17
C LEU B 19 -70.26 43.58 16.15
N VAL B 20 -70.52 44.81 15.70
CA VAL B 20 -71.23 45.79 16.52
C VAL B 20 -72.72 45.59 16.27
N PRO B 21 -73.61 46.06 17.17
CA PRO B 21 -75.04 45.94 16.89
C PRO B 21 -75.51 46.85 15.76
N ASN B 22 -76.77 46.69 15.35
CA ASN B 22 -77.30 47.48 14.25
C ASN B 22 -77.47 48.94 14.65
N ASP B 23 -78.18 49.19 15.75
CA ASP B 23 -78.49 50.57 16.14
C ASP B 23 -77.41 51.18 17.04
N LEU B 24 -76.15 50.97 16.68
CA LEU B 24 -75.03 51.66 17.30
C LEU B 24 -74.03 52.08 16.25
N PHE B 25 -74.17 51.55 15.03
CA PHE B 25 -73.10 51.65 14.03
C PHE B 25 -72.90 53.08 13.54
N PHE B 26 -73.92 53.93 13.65
CA PHE B 26 -73.78 55.33 13.29
C PHE B 26 -72.76 56.03 14.19
N ASN B 27 -73.00 56.01 15.50
CA ASN B 27 -72.12 56.73 16.39
C ASN B 27 -70.97 55.86 16.89
N TYR B 28 -70.93 54.59 16.48
CA TYR B 28 -69.71 53.81 16.68
C TYR B 28 -68.67 54.21 15.65
N SER B 29 -69.12 54.67 14.49
CA SER B 29 -68.20 55.06 13.43
C SER B 29 -67.60 56.42 13.70
N GLN B 30 -68.30 57.26 14.48
CA GLN B 30 -67.81 58.61 14.76
C GLN B 30 -66.57 58.55 15.62
N LEU B 31 -66.48 57.54 16.48
CA LEU B 31 -65.28 57.36 17.30
C LEU B 31 -64.11 56.87 16.46
N LYS B 32 -64.40 56.09 15.42
CA LYS B 32 -63.35 55.56 14.57
C LYS B 32 -62.80 56.62 13.64
N ASP B 33 -63.64 57.59 13.26
CA ASP B 33 -63.18 58.70 12.44
C ASP B 33 -62.23 59.60 13.22
N GLU B 34 -62.45 59.72 14.53
CA GLU B 34 -61.53 60.45 15.38
C GLU B 34 -60.34 59.58 15.76
N PHE B 35 -60.44 58.28 15.52
CA PHE B 35 -59.38 57.36 15.91
C PHE B 35 -58.29 57.27 14.86
N ILE B 36 -58.66 57.29 13.58
CA ILE B 36 -57.70 57.01 12.53
C ILE B 36 -56.76 58.19 12.32
N LYS B 37 -57.14 59.38 12.79
CA LYS B 37 -56.25 60.53 12.66
C LYS B 37 -55.34 60.66 13.87
N THR B 38 -55.50 59.80 14.87
CA THR B 38 -54.59 59.78 16.01
C THR B 38 -53.46 58.78 15.85
N LEU B 39 -53.43 58.00 14.77
CA LEU B 39 -52.39 57.01 14.58
C LEU B 39 -51.37 57.48 13.55
N PRO B 40 -50.09 57.19 13.74
CA PRO B 40 -49.09 57.58 12.73
C PRO B 40 -49.15 56.69 11.49
N GLU B 41 -48.22 56.96 10.58
CA GLU B 41 -48.11 56.17 9.37
C GLU B 41 -47.54 54.79 9.69
N PRO B 42 -47.98 53.73 9.01
CA PRO B 42 -47.31 52.43 9.15
C PRO B 42 -45.87 52.50 8.66
N THR B 43 -44.95 52.04 9.49
CA THR B 43 -43.53 52.15 9.21
C THR B 43 -42.82 50.81 9.44
N GLU B 44 -42.48 50.16 8.31
CA GLU B 44 -41.49 49.05 8.16
C GLU B 44 -41.63 47.96 9.24
N GLY B 45 -42.80 47.34 9.28
CA GLY B 45 -43.03 46.28 10.24
C GLY B 45 -43.56 46.73 11.58
N PHE B 46 -44.16 47.93 11.63
CA PHE B 46 -44.96 48.42 12.76
C PHE B 46 -44.12 48.61 14.03
N ALA B 47 -42.84 48.93 13.85
CA ALA B 47 -41.88 48.99 14.94
C ALA B 47 -41.89 50.33 15.66
N GLY B 48 -42.76 51.27 15.28
CA GLY B 48 -42.92 52.47 16.05
C GLY B 48 -43.58 52.19 17.38
N ASP B 49 -43.14 52.91 18.42
CA ASP B 49 -43.57 52.58 19.77
C ASP B 49 -45.02 52.95 20.02
N ASP B 50 -45.48 54.07 19.47
CA ASP B 50 -46.88 54.45 19.66
C ASP B 50 -47.77 53.75 18.65
N GLU B 51 -47.18 53.07 17.68
CA GLU B 51 -47.97 52.38 16.68
C GLU B 51 -48.33 50.97 17.15
N PRO B 52 -49.59 50.56 17.00
CA PRO B 52 -49.97 49.18 17.33
C PRO B 52 -49.42 48.21 16.31
N SER B 53 -49.27 46.95 16.71
CA SER B 53 -48.70 45.92 15.85
C SER B 53 -49.35 44.56 16.02
N SER B 54 -50.60 44.52 16.46
CA SER B 54 -51.36 43.28 16.54
C SER B 54 -52.84 43.63 16.47
N PRO B 55 -53.68 42.71 16.00
CA PRO B 55 -55.13 42.95 16.08
C PRO B 55 -55.63 43.04 17.50
N ALA B 56 -54.98 42.32 18.43
CA ALA B 56 -55.30 42.50 19.84
C ALA B 56 -54.76 43.84 20.34
N GLU B 57 -53.75 44.37 19.66
CA GLU B 57 -53.17 45.64 20.05
C GLU B 57 -53.84 46.82 19.36
N LEU B 58 -54.23 46.65 18.09
CA LEU B 58 -54.88 47.74 17.36
C LEU B 58 -56.30 47.96 17.86
N TYR B 59 -56.98 46.89 18.25
CA TYR B 59 -58.25 47.04 18.96
C TYR B 59 -58.00 47.39 20.42
N GLY B 60 -56.77 47.13 20.90
CA GLY B 60 -56.42 47.55 22.24
C GLY B 60 -56.22 49.04 22.34
N LYS B 61 -55.78 49.69 21.26
CA LYS B 61 -55.64 51.13 21.30
C LYS B 61 -56.99 51.82 21.17
N PHE B 62 -57.91 51.22 20.41
CA PHE B 62 -59.22 51.81 20.20
C PHE B 62 -60.06 51.78 21.47
N ILE B 63 -59.84 50.77 22.32
CA ILE B 63 -60.58 50.70 23.57
C ILE B 63 -60.01 51.70 24.56
N GLY B 64 -58.81 52.20 24.31
CA GLY B 64 -58.27 53.25 25.14
C GLY B 64 -58.63 54.63 24.62
N PHE B 65 -58.85 54.73 23.32
CA PHE B 65 -59.19 56.02 22.73
C PHE B 65 -60.61 56.45 23.10
N ILE B 66 -61.54 55.50 23.14
CA ILE B 66 -62.93 55.86 23.30
C ILE B 66 -63.28 56.18 24.75
N SER B 67 -62.35 56.00 25.66
CA SER B 67 -62.54 56.44 27.04
C SER B 67 -62.17 57.90 27.24
N ASN B 68 -61.38 58.47 26.34
CA ASN B 68 -61.09 59.90 26.36
C ASN B 68 -62.21 60.73 25.78
N ALA B 69 -63.08 60.13 24.97
CA ALA B 69 -64.21 60.84 24.39
C ALA B 69 -65.44 60.52 25.22
N GLN B 70 -66.06 61.58 25.75
CA GLN B 70 -67.15 61.47 26.71
C GLN B 70 -68.38 60.95 25.97
N PHE B 71 -68.48 59.63 25.87
CA PHE B 71 -69.50 58.98 25.04
C PHE B 71 -69.69 57.55 25.51
N PRO B 72 -70.44 57.33 26.59
CA PRO B 72 -70.55 55.98 27.15
C PRO B 72 -71.48 55.10 26.34
N GLN B 73 -71.76 53.90 26.90
CA GLN B 73 -72.55 52.80 26.33
C GLN B 73 -71.89 52.19 25.09
N ILE B 74 -70.68 52.63 24.77
CA ILE B 74 -69.86 51.99 23.76
C ILE B 74 -68.60 51.45 24.38
N VAL B 75 -68.08 52.18 25.39
CA VAL B 75 -66.85 51.79 26.07
C VAL B 75 -67.02 50.47 26.80
N GLU B 76 -68.09 50.35 27.61
CA GLU B 76 -68.30 49.10 28.33
C GLU B 76 -68.84 48.03 27.41
N LEU B 77 -69.42 48.42 26.27
CA LEU B 77 -69.85 47.43 25.28
C LEU B 77 -68.66 46.89 24.52
N SER B 78 -67.67 47.75 24.22
CA SER B 78 -66.45 47.26 23.58
C SER B 78 -65.53 46.61 24.60
N LEU B 79 -65.76 46.86 25.89
CA LEU B 79 -64.99 46.20 26.93
C LEU B 79 -65.40 44.74 27.06
N LYS B 80 -66.71 44.50 27.13
CA LYS B 80 -67.21 43.12 27.15
C LYS B 80 -66.98 42.45 25.80
N ASP B 81 -66.89 43.24 24.73
CA ASP B 81 -66.52 42.69 23.43
C ASP B 81 -65.05 42.29 23.41
N PHE B 82 -64.20 43.00 24.16
CA PHE B 82 -62.79 42.64 24.20
C PHE B 82 -62.58 41.35 24.98
N GLU B 83 -63.38 41.14 26.03
CA GLU B 83 -63.19 39.97 26.89
C GLU B 83 -63.72 38.71 26.21
N SER B 84 -64.86 38.82 25.53
CA SER B 84 -65.44 37.64 24.89
C SER B 84 -64.65 37.25 23.65
N ARG B 85 -64.06 38.24 22.95
CA ARG B 85 -63.27 37.94 21.76
C ARG B 85 -61.92 37.35 22.11
N PHE B 86 -61.28 37.84 23.17
CA PHE B 86 -59.87 37.56 23.41
C PHE B 86 -59.56 36.86 24.71
N LEU B 87 -60.41 36.97 25.73
CA LEU B 87 -60.13 36.37 27.03
C LEU B 87 -61.22 35.36 27.35
N ASP B 88 -61.09 34.15 26.79
CA ASP B 88 -62.07 33.09 26.93
C ASP B 88 -61.86 32.30 28.22
N ASN B 89 -62.83 32.41 29.14
CA ASN B 89 -62.88 31.82 30.50
C ASN B 89 -61.69 32.22 31.39
N ASN B 90 -61.01 33.28 31.00
CA ASN B 90 -59.98 33.93 31.81
C ASN B 90 -60.18 35.44 31.63
N ASN B 91 -61.43 35.88 31.76
CA ASN B 91 -61.85 37.20 31.27
C ASN B 91 -61.28 38.35 32.12
N ASP B 92 -60.72 38.03 33.29
CA ASP B 92 -60.00 39.01 34.10
C ASP B 92 -58.51 38.70 34.21
N ASN B 93 -57.91 38.16 33.15
CA ASN B 93 -56.53 37.71 33.15
C ASN B 93 -55.72 38.29 31.99
N ILE B 94 -55.77 39.61 31.82
CA ILE B 94 -55.13 40.28 30.70
C ILE B 94 -53.62 40.33 30.92
N HIS B 95 -53.18 40.11 32.16
CA HIS B 95 -51.75 40.10 32.46
C HIS B 95 -51.06 38.91 31.81
N SER B 96 -51.66 37.73 31.87
CA SER B 96 -51.12 36.60 31.15
C SER B 96 -51.47 36.67 29.66
N PHE B 97 -52.58 37.34 29.33
CA PHE B 97 -52.89 37.58 27.92
C PHE B 97 -51.87 38.50 27.28
N ALA B 98 -51.31 39.41 28.06
CA ALA B 98 -50.31 40.34 27.54
C ALA B 98 -49.05 39.59 27.12
N VAL B 99 -48.62 38.62 27.92
CA VAL B 99 -47.35 37.98 27.68
C VAL B 99 -47.50 36.83 26.70
N LYS B 100 -48.74 36.39 26.47
CA LYS B 100 -48.98 35.42 25.40
C LYS B 100 -48.95 36.07 24.04
N LEU B 101 -49.17 37.39 23.97
CA LEU B 101 -49.06 38.09 22.70
C LEU B 101 -47.61 38.16 22.23
N LEU B 102 -46.66 38.12 23.15
CA LEU B 102 -45.24 38.11 22.82
C LEU B 102 -44.84 36.86 22.06
N ASP B 103 -45.54 35.75 22.29
CA ASP B 103 -45.10 34.46 21.76
C ASP B 103 -45.42 34.31 20.28
N ASP B 104 -46.33 35.14 19.75
CA ASP B 104 -46.72 35.05 18.36
C ASP B 104 -45.59 35.51 17.45
N GLU B 105 -45.57 34.99 16.23
CA GLU B 105 -44.63 35.43 15.21
C GLU B 105 -45.28 36.44 14.27
N THR B 106 -46.60 36.56 14.31
CA THR B 106 -47.27 37.67 13.62
C THR B 106 -46.93 39.00 14.27
N TYR B 107 -46.78 38.99 15.59
CA TYR B 107 -46.32 40.12 16.39
C TYR B 107 -44.82 40.05 16.59
N PRO B 108 -44.09 41.03 16.08
CA PRO B 108 -42.68 41.17 16.46
C PRO B 108 -42.56 41.57 17.92
N THR B 109 -41.79 40.78 18.66
CA THR B 109 -41.80 40.80 20.12
C THR B 109 -41.10 42.00 20.74
N THR B 110 -41.87 42.82 21.47
CA THR B 110 -41.33 43.79 22.42
C THR B 110 -42.36 43.98 23.53
N ILE B 111 -41.90 44.33 24.73
CA ILE B 111 -42.81 44.40 25.86
C ILE B 111 -43.38 45.81 26.01
N ALA B 112 -42.74 46.78 25.36
CA ALA B 112 -43.16 48.18 25.50
C ALA B 112 -44.49 48.43 24.81
N LYS B 113 -44.71 47.82 23.64
CA LYS B 113 -45.99 47.95 22.96
C LYS B 113 -47.03 47.00 23.50
N VAL B 114 -46.67 46.17 24.48
CA VAL B 114 -47.62 45.26 25.10
C VAL B 114 -48.12 45.84 26.42
N LYS B 115 -47.21 46.45 27.19
CA LYS B 115 -47.58 47.10 28.45
C LYS B 115 -48.58 48.22 28.21
N GLU B 116 -48.19 49.23 27.46
CA GLU B 116 -49.14 50.19 26.93
C GLU B 116 -49.70 49.56 25.66
N ASN B 117 -50.81 50.10 25.18
CA ASN B 117 -51.67 49.68 24.06
C ASN B 117 -52.51 48.43 24.37
N ILE B 118 -52.23 47.71 25.46
CA ILE B 118 -53.11 46.62 25.87
C ILE B 118 -53.47 46.78 27.33
N VAL B 119 -52.47 46.77 28.22
CA VAL B 119 -52.76 46.70 29.64
C VAL B 119 -53.02 48.10 30.18
N LYS B 120 -52.39 49.11 29.59
CA LYS B 120 -52.71 50.50 29.91
C LYS B 120 -54.16 50.82 29.55
N ASN B 121 -54.56 50.44 28.34
CA ASN B 121 -55.85 50.87 27.83
C ASN B 121 -56.99 50.03 28.39
N TYR B 122 -56.70 48.85 28.92
CA TYR B 122 -57.74 48.05 29.55
C TYR B 122 -58.19 48.69 30.86
N TYR B 123 -57.23 48.96 31.74
CA TYR B 123 -57.53 49.55 33.04
C TYR B 123 -57.92 51.02 32.90
N LYS B 124 -57.63 51.61 31.76
CA LYS B 124 -58.16 52.93 31.44
C LYS B 124 -59.64 52.85 31.10
N ALA B 125 -60.06 51.77 30.47
CA ALA B 125 -61.42 51.70 29.95
C ALA B 125 -62.36 50.95 30.88
N VAL B 126 -61.81 50.24 31.86
CA VAL B 126 -62.61 49.32 32.65
C VAL B 126 -63.41 50.13 33.69
N LYS B 127 -64.58 49.62 34.02
CA LYS B 127 -65.35 50.04 35.18
C LYS B 127 -64.88 49.23 36.39
N SER B 128 -65.71 49.21 37.43
CA SER B 128 -65.46 48.55 38.71
C SER B 128 -64.89 47.14 38.60
N ILE B 129 -63.69 46.95 39.15
CA ILE B 129 -62.99 45.67 39.10
C ILE B 129 -63.24 44.98 40.44
N ASN B 130 -64.26 45.44 41.17
CA ASN B 130 -64.59 44.87 42.48
C ASN B 130 -65.37 43.58 42.28
N LYS B 131 -64.65 42.58 41.77
CA LYS B 131 -65.15 41.25 41.50
C LYS B 131 -64.13 40.28 42.05
N VAL B 132 -64.44 39.68 43.20
CA VAL B 132 -63.50 38.79 43.86
C VAL B 132 -63.34 37.51 43.02
N GLU B 133 -62.17 37.38 42.40
CA GLU B 133 -61.96 36.35 41.39
C GLU B 133 -61.60 35.01 42.03
N SER B 134 -61.04 34.13 41.21
CA SER B 134 -60.81 32.74 41.59
C SER B 134 -59.68 32.65 42.62
N ASN B 135 -60.03 32.93 43.88
CA ASN B 135 -59.09 32.78 44.98
C ASN B 135 -59.28 31.43 45.68
N LEU B 136 -58.85 30.36 45.01
CA LEU B 136 -58.86 29.04 45.65
C LEU B 136 -57.45 28.51 45.83
N LEU B 137 -56.44 29.34 45.53
CA LEU B 137 -55.06 28.89 45.61
C LEU B 137 -54.63 28.68 47.07
N TYR B 138 -54.98 29.62 47.94
CA TYR B 138 -54.62 29.53 49.34
C TYR B 138 -55.70 28.81 50.15
N HIS B 139 -56.88 28.65 49.55
CA HIS B 139 -58.01 28.02 50.25
C HIS B 139 -57.71 26.55 50.56
N CYS B 140 -56.87 25.90 49.75
CA CYS B 140 -56.22 24.67 50.17
C CYS B 140 -55.01 25.10 51.00
N LYS B 141 -55.25 25.35 52.29
CA LYS B 141 -54.27 25.99 53.17
C LYS B 141 -53.02 25.16 53.43
N HIS B 142 -53.12 23.84 53.45
CA HIS B 142 -51.97 22.99 53.72
C HIS B 142 -51.01 22.91 52.56
N ASP B 143 -51.38 23.41 51.39
CA ASP B 143 -50.63 23.16 50.17
C ASP B 143 -50.02 24.42 49.57
N ALA B 144 -50.59 25.60 49.81
CA ALA B 144 -50.02 26.82 49.27
C ALA B 144 -49.91 27.86 50.36
N LYS B 145 -48.76 28.54 50.42
CA LYS B 145 -48.47 29.53 51.45
C LYS B 145 -47.82 30.74 50.79
N LEU B 146 -48.55 31.86 50.80
CA LEU B 146 -48.11 33.10 50.18
C LEU B 146 -47.39 34.00 51.17
N VAL B 147 -46.34 34.66 50.69
CA VAL B 147 -45.57 35.64 51.45
C VAL B 147 -45.28 36.83 50.55
N ALA B 148 -45.68 38.03 50.99
CA ALA B 148 -45.24 39.26 50.35
C ALA B 148 -43.97 39.73 51.02
N ILE B 149 -42.95 40.01 50.23
CA ILE B 149 -41.64 40.36 50.74
C ILE B 149 -41.30 41.72 50.13
N PHE B 150 -40.41 42.46 50.78
CA PHE B 150 -40.30 43.90 50.56
C PHE B 150 -38.86 44.34 50.42
N GLY B 151 -38.53 44.89 49.26
CA GLY B 151 -37.18 45.28 48.96
C GLY B 151 -36.73 46.49 49.75
N GLY B 152 -35.45 46.83 49.58
CA GLY B 152 -34.82 47.88 50.33
C GLY B 152 -34.28 49.00 49.47
N GLN B 153 -33.44 49.80 50.10
CA GLN B 153 -32.74 50.86 49.38
C GLN B 153 -31.68 50.25 48.47
N GLY B 154 -31.65 50.71 47.22
CA GLY B 154 -30.52 50.47 46.37
C GLY B 154 -30.49 49.16 45.61
N ASN B 155 -31.64 48.64 45.18
CA ASN B 155 -31.62 47.46 44.33
C ASN B 155 -31.35 47.80 42.87
N THR B 156 -31.56 49.06 42.48
CA THR B 156 -31.26 49.49 41.12
C THR B 156 -30.84 50.95 41.16
N ASP B 157 -30.14 51.36 40.11
CA ASP B 157 -29.66 52.72 39.97
C ASP B 157 -30.83 53.67 39.69
N ASP B 158 -31.58 53.38 38.63
CA ASP B 158 -32.61 54.29 38.17
C ASP B 158 -33.96 53.80 38.69
N TYR B 159 -34.30 54.13 39.94
CA TYR B 159 -35.41 53.48 40.61
C TYR B 159 -36.73 54.19 40.31
N PHE B 160 -36.68 55.49 40.03
CA PHE B 160 -37.91 56.28 39.93
C PHE B 160 -38.66 55.98 38.64
N GLU B 161 -38.00 55.37 37.66
CA GLU B 161 -38.65 55.01 36.41
C GLU B 161 -39.58 53.80 36.57
N GLU B 162 -39.48 53.09 37.69
CA GLU B 162 -40.51 52.12 38.02
C GLU B 162 -41.80 52.82 38.41
N LEU B 163 -41.70 54.00 39.05
CA LEU B 163 -42.91 54.76 39.37
C LEU B 163 -43.38 55.54 38.15
N ARG B 164 -42.47 55.82 37.21
CA ARG B 164 -42.87 56.40 35.93
C ARG B 164 -43.76 55.45 35.15
N GLU B 165 -43.33 54.19 35.03
CA GLU B 165 -44.06 53.26 34.19
C GLU B 165 -45.34 52.78 34.86
N LEU B 166 -45.38 52.83 36.19
CA LEU B 166 -46.58 52.43 36.91
C LEU B 166 -47.66 53.50 36.79
N TYR B 167 -47.26 54.76 36.83
CA TYR B 167 -48.23 55.84 36.71
C TYR B 167 -48.69 56.00 35.27
N THR B 168 -47.85 55.60 34.33
CA THR B 168 -48.24 55.65 32.92
C THR B 168 -49.29 54.59 32.62
N LEU B 169 -49.23 53.46 33.32
CA LEU B 169 -49.95 52.27 32.90
C LEU B 169 -51.22 52.07 33.72
N TYR B 170 -51.07 52.07 35.05
CA TYR B 170 -52.13 51.76 36.01
C TYR B 170 -52.73 53.00 36.63
N GLN B 171 -52.92 54.05 35.83
CA GLN B 171 -53.11 55.41 36.35
C GLN B 171 -54.37 55.56 37.18
N GLY B 172 -55.49 55.00 36.71
CA GLY B 172 -56.73 55.08 37.44
C GLY B 172 -56.79 54.24 38.70
N LEU B 173 -55.84 53.33 38.90
CA LEU B 173 -55.80 52.48 40.07
C LEU B 173 -55.14 53.12 41.28
N ILE B 174 -54.21 54.04 41.08
CA ILE B 174 -53.40 54.58 42.16
C ILE B 174 -53.43 56.09 42.24
N GLU B 175 -54.20 56.76 41.38
CA GLU B 175 -54.21 58.23 41.37
C GLU B 175 -54.82 58.79 42.65
N ASP B 176 -55.83 58.11 43.20
CA ASP B 176 -56.39 58.51 44.48
C ASP B 176 -55.43 58.25 45.63
N LEU B 177 -54.50 57.31 45.42
CA LEU B 177 -53.58 56.94 46.48
C LEU B 177 -52.44 57.94 46.63
N LEU B 178 -51.69 58.19 45.56
CA LEU B 178 -50.43 58.90 45.72
C LEU B 178 -50.65 60.41 45.79
N VAL B 179 -51.82 60.89 45.36
CA VAL B 179 -52.20 62.27 45.62
C VAL B 179 -52.40 62.47 47.12
N SER B 180 -52.99 61.48 47.79
CA SER B 180 -53.09 61.53 49.24
C SER B 180 -51.73 61.38 49.91
N ILE B 181 -50.81 60.68 49.26
CA ILE B 181 -49.44 60.56 49.76
C ILE B 181 -48.72 61.90 49.64
N ALA B 182 -48.72 62.47 48.44
CA ALA B 182 -47.89 63.64 48.17
C ALA B 182 -48.43 64.89 48.85
N GLU B 183 -49.72 64.90 49.18
CA GLU B 183 -50.27 66.00 49.97
C GLU B 183 -49.76 65.93 51.40
N LYS B 184 -49.54 64.73 51.93
CA LYS B 184 -48.96 64.60 53.25
C LYS B 184 -47.48 64.94 53.23
N LEU B 185 -46.80 64.62 52.12
CA LEU B 185 -45.37 64.92 52.03
C LEU B 185 -45.15 66.42 51.93
N ASN B 186 -45.99 67.14 51.16
CA ASN B 186 -45.87 68.59 51.07
C ASN B 186 -46.25 69.27 52.38
N GLN B 187 -47.06 68.61 53.21
CA GLN B 187 -47.31 69.12 54.55
C GLN B 187 -46.18 68.78 55.51
N LEU B 188 -45.22 67.96 55.08
CA LEU B 188 -44.05 67.65 55.88
C LEU B 188 -42.76 68.06 55.18
N HIS B 189 -42.87 68.56 53.96
CA HIS B 189 -41.71 69.01 53.20
C HIS B 189 -41.01 70.27 53.71
N PRO B 190 -41.68 71.42 54.07
CA PRO B 190 -40.90 72.61 54.41
C PRO B 190 -40.18 72.53 55.74
N SER B 191 -40.51 71.57 56.59
CA SER B 191 -39.91 71.45 57.91
C SER B 191 -38.48 70.94 57.84
N PHE B 192 -38.07 70.36 56.71
CA PHE B 192 -36.69 69.95 56.51
C PHE B 192 -36.09 70.62 55.29
N ASP B 193 -36.25 71.94 55.20
CA ASP B 193 -35.68 72.73 54.13
C ASP B 193 -34.17 72.87 54.28
N LYS B 194 -33.54 73.52 53.28
CA LYS B 194 -32.15 73.96 53.26
C LYS B 194 -31.17 72.77 53.09
N ILE B 195 -31.67 71.53 53.18
CA ILE B 195 -30.81 70.39 52.92
C ILE B 195 -31.25 69.66 51.65
N TYR B 196 -32.55 69.71 51.31
CA TYR B 196 -32.99 69.32 49.98
C TYR B 196 -33.90 70.41 49.41
N THR B 197 -33.28 71.34 48.69
CA THR B 197 -33.96 72.57 48.29
C THR B 197 -34.81 72.33 47.04
N GLN B 198 -34.48 71.28 46.28
CA GLN B 198 -35.08 71.07 44.96
C GLN B 198 -36.48 70.48 45.02
N GLY B 199 -37.10 70.46 46.19
CA GLY B 199 -38.48 70.10 46.33
C GLY B 199 -38.69 68.60 46.44
N LEU B 200 -39.89 68.27 46.87
CA LEU B 200 -40.36 66.90 46.95
C LEU B 200 -41.74 66.81 46.34
N ASN B 201 -41.88 67.37 45.13
CA ASN B 201 -43.16 67.37 44.44
C ASN B 201 -43.18 66.23 43.43
N ILE B 202 -43.65 65.08 43.90
CA ILE B 202 -43.61 63.85 43.11
C ILE B 202 -44.65 63.92 41.99
N LEU B 203 -45.82 64.51 42.30
CA LEU B 203 -46.90 64.61 41.32
C LEU B 203 -46.52 65.54 40.17
N SER B 204 -45.65 66.51 40.44
CA SER B 204 -45.10 67.30 39.36
C SER B 204 -44.11 66.49 38.53
N TRP B 205 -43.42 65.55 39.19
CA TRP B 205 -42.37 64.81 38.50
C TRP B 205 -42.96 63.75 37.58
N LEU B 206 -44.20 63.35 37.82
CA LEU B 206 -44.85 62.38 36.96
C LEU B 206 -45.60 63.06 35.82
N LYS B 207 -46.37 64.10 36.14
CA LYS B 207 -47.15 64.80 35.14
C LYS B 207 -46.25 65.62 34.21
N HIS B 208 -45.13 66.10 34.72
CA HIS B 208 -44.20 66.92 33.95
C HIS B 208 -42.80 66.37 34.13
N PRO B 209 -42.28 65.59 33.18
CA PRO B 209 -40.94 64.99 33.35
C PRO B 209 -39.81 66.00 33.28
N GLU B 210 -40.05 67.19 32.73
CA GLU B 210 -39.02 68.23 32.70
C GLU B 210 -38.79 68.83 34.08
N THR B 211 -39.77 68.73 34.98
CA THR B 211 -39.65 69.25 36.34
C THR B 211 -38.86 68.33 37.26
N THR B 212 -38.30 67.26 36.75
CA THR B 212 -37.62 66.29 37.59
C THR B 212 -36.16 66.70 37.79
N PRO B 213 -35.62 66.61 38.99
CA PRO B 213 -34.17 66.83 39.18
C PRO B 213 -33.36 65.68 38.58
N ASP B 214 -32.04 65.87 38.58
CA ASP B 214 -31.11 64.83 38.18
C ASP B 214 -31.16 63.66 39.15
N GLN B 215 -30.69 62.49 38.72
CA GLN B 215 -30.90 61.29 39.53
C GLN B 215 -29.99 61.26 40.75
N ASP B 216 -28.94 62.08 40.76
CA ASP B 216 -28.07 62.14 41.91
C ASP B 216 -28.77 62.79 43.10
N TYR B 217 -29.71 63.68 42.84
CA TYR B 217 -30.60 64.16 43.88
C TYR B 217 -31.70 63.15 44.19
N LEU B 218 -32.15 62.43 43.16
CA LEU B 218 -33.24 61.48 43.33
C LEU B 218 -32.78 60.25 44.08
N LEU B 219 -31.52 59.85 43.90
CA LEU B 219 -31.01 58.67 44.58
C LEU B 219 -30.57 59.00 46.00
N SER B 220 -30.62 60.27 46.40
CA SER B 220 -30.26 60.66 47.75
C SER B 220 -31.31 60.19 48.75
N VAL B 221 -30.92 60.22 50.02
CA VAL B 221 -31.71 59.51 51.04
C VAL B 221 -32.98 60.22 51.46
N PRO B 222 -33.04 61.55 51.67
CA PRO B 222 -34.35 62.16 51.95
C PRO B 222 -35.32 62.13 50.78
N VAL B 223 -34.85 61.85 49.55
CA VAL B 223 -35.76 61.71 48.42
C VAL B 223 -36.18 60.25 48.29
N SER B 224 -35.21 59.33 48.30
CA SER B 224 -35.49 57.96 47.91
C SER B 224 -36.20 57.18 48.98
N CYS B 225 -35.98 57.52 50.26
CA CYS B 225 -36.63 56.76 51.32
C CYS B 225 -38.15 56.95 51.37
N PRO B 226 -38.73 58.14 51.10
CA PRO B 226 -40.19 58.14 50.90
C PRO B 226 -40.65 57.51 49.60
N VAL B 227 -39.93 57.70 48.49
CA VAL B 227 -40.47 57.35 47.18
C VAL B 227 -40.40 55.85 46.95
N ILE B 228 -39.39 55.17 47.49
CA ILE B 228 -39.37 53.71 47.46
C ILE B 228 -40.50 53.14 48.30
N CYS B 229 -40.87 53.84 49.38
CA CYS B 229 -42.05 53.43 50.14
C CYS B 229 -43.33 53.70 49.35
N VAL B 230 -43.30 54.66 48.42
CA VAL B 230 -44.45 54.87 47.55
C VAL B 230 -44.55 53.76 46.51
N ILE B 231 -43.40 53.32 45.98
CA ILE B 231 -43.38 52.26 44.96
C ILE B 231 -43.90 50.95 45.54
N GLN B 232 -43.48 50.62 46.75
CA GLN B 232 -43.91 49.37 47.37
C GLN B 232 -45.37 49.41 47.77
N LEU B 233 -45.88 50.59 48.11
CA LEU B 233 -47.29 50.71 48.48
C LEU B 233 -48.18 50.81 47.26
N CYS B 234 -47.60 50.98 46.07
CA CYS B 234 -48.42 50.90 44.87
C CYS B 234 -48.60 49.46 44.41
N HIS B 235 -47.53 48.66 44.46
CA HIS B 235 -47.62 47.27 44.00
C HIS B 235 -48.45 46.42 44.95
N TYR B 236 -48.63 46.87 46.19
CA TYR B 236 -49.60 46.22 47.06
C TYR B 236 -51.00 46.72 46.75
N THR B 237 -51.11 47.99 46.40
CA THR B 237 -52.42 48.57 46.08
C THR B 237 -52.96 47.98 44.79
N ILE B 238 -52.08 47.81 43.79
CA ILE B 238 -52.52 47.36 42.47
C ILE B 238 -52.88 45.88 42.51
N THR B 239 -52.10 45.07 43.22
CA THR B 239 -52.40 43.65 43.36
C THR B 239 -53.70 43.44 44.14
N CYS B 240 -54.00 44.33 45.08
CA CYS B 240 -55.31 44.29 45.73
C CYS B 240 -56.40 44.79 44.79
N LYS B 241 -56.05 45.66 43.83
CA LYS B 241 -57.09 46.24 42.99
C LYS B 241 -57.23 45.52 41.65
N VAL B 242 -56.17 44.84 41.20
CA VAL B 242 -56.34 44.01 40.00
C VAL B 242 -57.20 42.80 40.32
N LEU B 243 -56.89 42.11 41.41
CA LEU B 243 -57.77 41.06 41.88
C LEU B 243 -59.05 41.59 42.51
N GLY B 244 -59.13 42.88 42.78
CA GLY B 244 -60.34 43.44 43.36
C GLY B 244 -60.55 43.08 44.80
N LEU B 245 -59.51 43.10 45.60
CA LEU B 245 -59.59 42.70 47.00
C LEU B 245 -59.39 43.90 47.91
N THR B 246 -60.20 43.96 48.96
CA THR B 246 -59.88 44.77 50.11
C THR B 246 -58.55 44.31 50.70
N PRO B 247 -57.66 45.25 51.05
CA PRO B 247 -56.35 44.84 51.59
C PRO B 247 -56.44 44.13 52.93
N GLY B 248 -57.54 44.28 53.67
CA GLY B 248 -57.71 43.55 54.90
C GLY B 248 -58.01 42.08 54.69
N GLU B 249 -58.52 41.72 53.51
CA GLU B 249 -58.79 40.31 53.24
C GLU B 249 -57.80 39.74 52.24
N PHE B 250 -57.07 40.60 51.53
CA PHE B 250 -55.91 40.14 50.79
C PHE B 250 -54.78 39.76 51.76
N ARG B 251 -54.71 40.47 52.88
CA ARG B 251 -53.78 40.12 53.95
C ARG B 251 -54.15 38.78 54.58
N ASN B 252 -55.42 38.39 54.51
CA ASN B 252 -55.85 37.09 55.00
C ASN B 252 -55.32 35.94 54.15
N SER B 253 -55.04 36.17 52.87
CA SER B 253 -54.48 35.13 52.02
C SER B 253 -53.00 34.90 52.29
N LEU B 254 -52.34 35.78 53.03
CA LEU B 254 -50.93 35.65 53.31
C LEU B 254 -50.68 34.99 54.65
N LYS B 255 -49.63 34.17 54.71
CA LYS B 255 -49.25 33.54 55.96
C LYS B 255 -48.36 34.43 56.81
N TRP B 256 -47.29 34.99 56.23
CA TRP B 256 -46.45 35.95 56.92
C TRP B 256 -45.78 36.87 55.92
N SER B 257 -45.08 37.88 56.41
CA SER B 257 -44.44 38.87 55.56
C SER B 257 -43.28 39.52 56.29
N THR B 258 -42.33 40.04 55.53
CA THR B 258 -41.19 40.72 56.12
C THR B 258 -40.59 41.68 55.11
N GLY B 259 -39.75 42.58 55.60
CA GLY B 259 -39.06 43.52 54.75
C GLY B 259 -37.57 43.45 54.92
N HIS B 260 -36.87 44.01 53.93
CA HIS B 260 -35.42 44.10 53.87
C HIS B 260 -35.00 45.35 54.65
N SER B 261 -33.81 45.87 54.32
CA SER B 261 -33.22 47.13 54.78
C SER B 261 -34.28 48.22 54.90
N GLN B 262 -34.95 48.60 53.82
CA GLN B 262 -35.89 49.72 53.92
C GLN B 262 -37.32 49.27 54.13
N GLY B 263 -37.79 48.30 53.34
CA GLY B 263 -39.21 48.04 53.23
C GLY B 263 -39.84 47.29 54.39
N LEU B 264 -39.19 47.25 55.55
CA LEU B 264 -39.81 46.61 56.70
C LEU B 264 -40.97 47.43 57.22
N VAL B 265 -40.94 48.74 56.98
CA VAL B 265 -42.05 49.59 57.38
C VAL B 265 -43.28 49.34 56.51
N THR B 266 -43.06 48.82 55.29
CA THR B 266 -44.21 48.50 54.45
C THR B 266 -44.76 47.12 54.79
N ALA B 267 -43.97 46.28 55.47
CA ALA B 267 -44.49 45.01 55.95
C ALA B 267 -45.34 45.18 57.19
N VAL B 268 -45.01 46.16 58.02
CA VAL B 268 -45.84 46.44 59.18
C VAL B 268 -46.96 47.40 58.79
N THR B 269 -46.81 48.06 57.64
CA THR B 269 -47.97 48.68 57.00
C THR B 269 -48.97 47.63 56.56
N ILE B 270 -48.48 46.47 56.15
CA ILE B 270 -49.29 45.53 55.40
C ILE B 270 -50.21 44.78 56.34
N ALA B 271 -49.83 44.70 57.62
CA ALA B 271 -50.60 43.93 58.58
C ALA B 271 -51.48 44.84 59.42
N ALA B 272 -51.24 46.10 59.28
CA ALA B 272 -52.05 47.00 59.97
C ALA B 272 -53.18 47.50 59.15
N SER B 273 -53.03 47.51 57.83
CA SER B 273 -54.08 47.98 56.94
C SER B 273 -55.16 46.90 56.72
N ASP B 274 -56.42 47.33 56.72
CA ASP B 274 -57.52 46.40 56.53
C ASP B 274 -58.38 46.80 55.33
N SER B 275 -59.14 47.89 55.48
CA SER B 275 -60.00 48.37 54.42
C SER B 275 -59.25 49.35 53.51
N TRP B 276 -60.00 50.19 52.80
CA TRP B 276 -59.41 51.17 51.90
C TRP B 276 -59.11 52.47 52.64
N ASP B 277 -59.83 52.70 53.73
CA ASP B 277 -59.63 53.91 54.53
C ASP B 277 -58.54 53.69 55.58
N SER B 278 -58.49 52.47 56.11
CA SER B 278 -57.49 52.12 57.11
C SER B 278 -56.11 51.95 56.48
N PHE B 279 -56.09 51.54 55.23
CA PHE B 279 -54.84 51.33 54.50
C PHE B 279 -54.17 52.67 54.20
N LEU B 280 -54.96 53.69 53.87
CA LEU B 280 -54.39 55.00 53.62
C LEU B 280 -53.86 55.65 54.88
N LYS B 281 -54.57 55.49 56.01
CA LYS B 281 -54.14 56.06 57.28
C LYS B 281 -52.84 55.42 57.77
N ASN B 282 -52.63 54.15 57.46
CA ASN B 282 -51.37 53.51 57.87
C ASN B 282 -50.28 53.71 56.83
N SER B 283 -50.66 54.01 55.59
CA SER B 283 -49.63 54.29 54.59
C SER B 283 -49.06 55.69 54.75
N LEU B 284 -49.89 56.64 55.20
CA LEU B 284 -49.39 57.98 55.46
C LEU B 284 -48.45 57.99 56.65
N THR B 285 -48.70 57.13 57.64
CA THR B 285 -47.76 57.01 58.74
C THR B 285 -46.49 56.29 58.31
N ALA B 286 -46.53 55.59 57.18
CA ALA B 286 -45.33 54.94 56.66
C ALA B 286 -44.48 55.91 55.85
N VAL B 287 -45.10 56.64 54.92
CA VAL B 287 -44.32 57.54 54.08
C VAL B 287 -43.87 58.77 54.84
N SER B 288 -44.55 59.15 55.91
CA SER B 288 -44.05 60.22 56.74
C SER B 288 -42.92 59.73 57.62
N LEU B 289 -42.92 58.44 57.96
CA LEU B 289 -41.86 57.88 58.79
C LEU B 289 -40.53 57.88 58.05
N LEU B 290 -40.56 57.53 56.76
CA LEU B 290 -39.32 57.44 56.02
C LEU B 290 -38.91 58.77 55.42
N LEU B 291 -39.64 59.84 55.74
CA LEU B 291 -39.09 61.16 55.54
C LEU B 291 -38.20 61.54 56.72
N PHE B 292 -38.44 60.95 57.89
CA PHE B 292 -37.56 61.20 59.02
C PHE B 292 -36.33 60.30 58.99
N ILE B 293 -36.50 59.05 58.58
CA ILE B 293 -35.35 58.19 58.29
C ILE B 293 -34.55 58.76 57.13
N GLY B 294 -35.24 59.36 56.16
CA GLY B 294 -34.53 59.97 55.05
C GLY B 294 -33.70 61.18 55.43
N SER B 295 -34.30 62.13 56.15
CA SER B 295 -33.65 63.41 56.39
C SER B 295 -32.59 63.29 57.48
N ARG B 296 -32.88 62.55 58.54
CA ARG B 296 -31.98 62.54 59.69
C ARG B 296 -30.77 61.64 59.45
N CYS B 297 -30.86 60.70 58.50
CA CYS B 297 -29.68 59.92 58.17
C CYS B 297 -28.75 60.67 57.22
N LEU B 298 -29.26 61.73 56.59
CA LEU B 298 -28.37 62.60 55.82
C LEU B 298 -27.89 63.75 56.68
N SER B 299 -28.71 64.18 57.65
CA SER B 299 -28.31 65.27 58.52
C SER B 299 -27.31 64.80 59.57
N THR B 300 -27.23 63.49 59.81
CA THR B 300 -26.23 62.98 60.74
C THR B 300 -24.94 62.64 60.01
N TYR B 301 -25.03 61.96 58.88
CA TYR B 301 -23.85 61.62 58.07
C TYR B 301 -23.99 62.26 56.71
N PRO B 302 -23.58 63.53 56.57
CA PRO B 302 -23.73 64.20 55.27
C PRO B 302 -22.67 63.71 54.32
N ARG B 303 -23.08 63.34 53.11
CA ARG B 303 -22.10 62.91 52.14
C ARG B 303 -21.35 64.12 51.60
N THR B 304 -20.03 64.08 51.74
CA THR B 304 -19.17 65.14 51.27
C THR B 304 -18.58 64.75 49.92
N SER B 305 -17.87 65.71 49.32
CA SER B 305 -17.32 65.51 47.99
C SER B 305 -16.20 64.48 48.03
N LEU B 306 -16.06 63.74 46.95
CA LEU B 306 -15.08 62.67 46.90
C LEU B 306 -13.89 63.09 46.04
N PRO B 307 -12.67 62.73 46.42
CA PRO B 307 -11.49 63.02 45.59
C PRO B 307 -11.56 62.30 44.26
N PRO B 308 -11.37 63.03 43.15
CA PRO B 308 -11.57 62.41 41.83
C PRO B 308 -10.50 61.42 41.44
N THR B 309 -9.41 61.33 42.20
CA THR B 309 -8.51 60.20 42.06
C THR B 309 -9.20 58.91 42.49
N MET B 310 -10.02 58.98 43.53
CA MET B 310 -10.63 57.79 44.10
C MET B 310 -11.70 57.22 43.18
N LEU B 311 -12.63 58.05 42.71
CA LEU B 311 -13.78 57.52 41.98
C LEU B 311 -13.40 57.12 40.56
N GLN B 312 -12.41 57.80 39.97
CA GLN B 312 -11.95 57.39 38.65
C GLN B 312 -11.14 56.10 38.72
N ASP B 313 -10.45 55.88 39.84
CA ASP B 313 -9.82 54.60 40.09
C ASP B 313 -10.87 53.51 40.26
N SER B 314 -11.98 53.84 40.91
CA SER B 314 -12.99 52.84 41.20
C SER B 314 -13.75 52.45 39.94
N LEU B 315 -13.93 53.38 39.00
CA LEU B 315 -14.58 53.03 37.75
C LEU B 315 -13.65 52.24 36.84
N ASP B 316 -12.34 52.50 36.93
CA ASP B 316 -11.38 51.79 36.08
C ASP B 316 -11.06 50.41 36.60
N ASN B 317 -11.23 50.16 37.90
CA ASN B 317 -11.00 48.85 38.48
C ASN B 317 -12.18 47.92 38.32
N GLY B 318 -13.25 48.36 37.66
CA GLY B 318 -14.44 47.56 37.52
C GLY B 318 -15.40 47.65 38.68
N GLU B 319 -15.09 48.47 39.69
CA GLU B 319 -15.97 48.66 40.83
C GLU B 319 -17.03 49.69 40.54
N GLY B 320 -17.73 50.15 41.57
CA GLY B 320 -18.76 51.15 41.40
C GLY B 320 -18.31 52.52 41.88
N ARG B 321 -19.17 53.50 41.67
CA ARG B 321 -18.95 54.83 42.19
C ARG B 321 -19.08 54.79 43.71
N PRO B 322 -18.11 55.29 44.46
CA PRO B 322 -18.10 55.05 45.92
C PRO B 322 -19.23 55.73 46.68
N SER B 323 -19.75 55.00 47.68
CA SER B 323 -20.97 55.27 48.42
C SER B 323 -20.83 54.56 49.77
N PRO B 324 -21.61 54.92 50.80
CA PRO B 324 -21.34 54.36 52.14
C PRO B 324 -21.71 52.89 52.34
N MET B 325 -22.14 52.15 51.33
CA MET B 325 -22.39 50.71 51.51
C MET B 325 -21.80 49.94 50.34
N LEU B 326 -21.13 48.83 50.65
CA LEU B 326 -20.32 48.07 49.70
C LEU B 326 -20.73 46.61 49.81
N SER B 327 -21.07 46.00 48.68
CA SER B 327 -21.51 44.62 48.63
C SER B 327 -20.38 43.70 48.23
N VAL B 328 -20.10 42.70 49.07
CA VAL B 328 -19.09 41.69 48.79
C VAL B 328 -19.78 40.38 48.49
N ARG B 329 -19.57 39.87 47.27
CA ARG B 329 -20.07 38.58 46.83
C ARG B 329 -18.96 37.55 47.00
N ASP B 330 -19.33 36.28 46.87
CA ASP B 330 -18.41 35.16 46.66
C ASP B 330 -17.42 34.91 47.78
N LEU B 331 -17.65 35.50 48.96
CA LEU B 331 -16.83 35.25 50.12
C LEU B 331 -17.69 34.90 51.32
N SER B 332 -17.17 34.01 52.16
CA SER B 332 -17.88 33.63 53.38
C SER B 332 -17.85 34.77 54.39
N ILE B 333 -18.72 34.67 55.38
CA ILE B 333 -18.78 35.70 56.41
C ILE B 333 -17.57 35.61 57.32
N LYS B 334 -16.98 34.42 57.43
CA LYS B 334 -15.84 34.24 58.32
C LYS B 334 -14.57 34.81 57.71
N GLN B 335 -14.51 34.92 56.39
CA GLN B 335 -13.28 35.41 55.78
C GLN B 335 -13.38 36.88 55.41
N VAL B 336 -14.59 37.42 55.21
CA VAL B 336 -14.75 38.86 55.04
C VAL B 336 -14.35 39.58 56.33
N GLU B 337 -14.76 39.03 57.47
CA GLU B 337 -14.39 39.64 58.75
C GLU B 337 -12.92 39.41 59.07
N LYS B 338 -12.26 38.51 58.34
CA LYS B 338 -10.81 38.42 58.41
C LYS B 338 -10.18 39.58 57.64
N PHE B 339 -10.90 40.14 56.67
CA PHE B 339 -10.36 41.27 55.92
C PHE B 339 -10.67 42.61 56.58
N ILE B 340 -11.81 42.73 57.28
CA ILE B 340 -12.16 44.03 57.84
C ILE B 340 -11.38 44.29 59.12
N GLU B 341 -10.83 43.24 59.73
CA GLU B 341 -9.93 43.47 60.86
C GLU B 341 -8.56 43.90 60.35
N GLN B 342 -8.24 43.57 59.09
CA GLN B 342 -7.02 44.09 58.48
C GLN B 342 -7.15 45.57 58.19
N THR B 343 -8.32 45.99 57.70
CA THR B 343 -8.50 47.38 57.28
C THR B 343 -8.76 48.29 58.47
N ASN B 344 -9.57 47.86 59.43
CA ASN B 344 -9.89 48.70 60.57
C ASN B 344 -8.75 48.79 61.58
N SER B 345 -7.72 47.96 61.43
CA SER B 345 -6.56 48.07 62.31
C SER B 345 -5.74 49.31 61.99
N HIS B 346 -5.84 49.80 60.76
CA HIS B 346 -5.12 50.99 60.33
C HIS B 346 -5.95 52.25 60.43
N LEU B 347 -7.14 52.17 61.03
CA LEU B 347 -8.12 53.25 61.02
C LEU B 347 -8.68 53.48 62.40
N PRO B 348 -9.17 54.69 62.69
CA PRO B 348 -9.85 54.92 63.98
C PRO B 348 -11.22 54.26 64.02
N ARG B 349 -11.92 54.46 65.14
CA ARG B 349 -13.19 53.78 65.31
C ARG B 349 -14.34 54.57 64.68
N GLU B 350 -14.08 55.82 64.33
CA GLU B 350 -15.06 56.59 63.57
C GLU B 350 -14.96 56.29 62.08
N LYS B 351 -13.92 55.59 61.66
CA LYS B 351 -13.82 55.05 60.31
C LYS B 351 -13.77 53.53 60.32
N HIS B 352 -14.16 52.90 61.42
CA HIS B 352 -14.30 51.46 61.54
C HIS B 352 -15.41 50.95 60.63
N ILE B 353 -15.21 49.73 60.12
CA ILE B 353 -16.12 49.09 59.18
C ILE B 353 -16.79 47.90 59.85
N ALA B 354 -18.09 47.74 59.65
CA ALA B 354 -18.81 46.61 60.20
C ALA B 354 -19.71 46.00 59.12
N ILE B 355 -20.15 44.78 59.39
CA ILE B 355 -21.08 44.06 58.50
C ILE B 355 -22.46 44.68 58.66
N SER B 356 -23.09 45.02 57.54
CA SER B 356 -24.41 45.66 57.62
C SER B 356 -25.53 44.73 57.21
N LEU B 357 -25.49 44.22 55.98
CA LEU B 357 -26.52 43.35 55.44
C LEU B 357 -25.90 41.99 55.20
N ILE B 358 -26.54 40.94 55.70
CA ILE B 358 -26.12 39.57 55.41
C ILE B 358 -27.19 38.98 54.50
N ASN B 359 -26.97 39.08 53.19
CA ASN B 359 -27.97 38.65 52.23
C ASN B 359 -27.89 37.16 51.89
N GLY B 360 -27.05 36.40 52.56
CA GLY B 360 -26.97 34.98 52.28
C GLY B 360 -25.73 34.40 52.91
N ALA B 361 -25.39 33.21 52.42
CA ALA B 361 -24.16 32.57 52.86
C ALA B 361 -22.96 33.30 52.29
N ARG B 362 -23.02 33.62 50.99
CA ARG B 362 -21.91 34.24 50.29
C ARG B 362 -22.34 35.55 49.65
N ASN B 363 -23.22 36.29 50.33
CA ASN B 363 -23.69 37.60 49.90
C ASN B 363 -23.70 38.50 51.12
N LEU B 364 -22.72 39.39 51.20
CA LEU B 364 -22.61 40.30 52.32
C LEU B 364 -22.57 41.73 51.79
N VAL B 365 -22.98 42.67 52.65
CA VAL B 365 -22.87 44.08 52.35
C VAL B 365 -22.18 44.78 53.52
N LEU B 366 -21.06 45.43 53.23
CA LEU B 366 -20.28 46.18 54.20
C LEU B 366 -20.80 47.60 54.28
N SER B 367 -20.54 48.27 55.39
CA SER B 367 -20.94 49.66 55.52
C SER B 367 -19.95 50.43 56.36
N GLY B 368 -19.79 51.71 56.02
CA GLY B 368 -18.92 52.60 56.72
C GLY B 368 -18.76 53.88 55.92
N PRO B 369 -17.72 54.65 56.21
CA PRO B 369 -17.40 55.81 55.39
C PRO B 369 -16.99 55.39 53.99
N PRO B 370 -17.26 56.19 52.97
CA PRO B 370 -16.89 55.79 51.60
C PRO B 370 -15.40 55.73 51.37
N GLU B 371 -14.60 56.49 52.11
CA GLU B 371 -13.16 56.43 51.91
C GLU B 371 -12.55 55.19 52.55
N SER B 372 -13.13 54.73 53.66
CA SER B 372 -12.58 53.55 54.32
C SER B 372 -13.13 52.26 53.75
N LEU B 373 -14.27 52.33 53.06
CA LEU B 373 -14.70 51.20 52.23
C LEU B 373 -13.86 51.13 50.97
N TYR B 374 -13.36 52.28 50.51
CA TYR B 374 -12.38 52.27 49.43
C TYR B 374 -11.04 51.74 49.94
N GLY B 375 -10.80 51.86 51.24
CA GLY B 375 -9.65 51.18 51.82
C GLY B 375 -9.84 49.69 51.90
N PHE B 376 -11.10 49.23 51.89
CA PHE B 376 -11.36 47.81 51.92
C PHE B 376 -11.04 47.15 50.58
N ASN B 377 -11.52 47.75 49.49
CA ASN B 377 -11.44 47.04 48.21
C ASN B 377 -10.08 47.24 47.54
N LEU B 378 -9.23 48.12 48.10
CA LEU B 378 -7.84 48.14 47.66
C LEU B 378 -7.07 46.96 48.23
N ASN B 379 -7.34 46.62 49.50
CA ASN B 379 -6.75 45.42 50.09
C ASN B 379 -7.20 44.18 49.34
N LEU B 380 -8.49 44.10 49.03
CA LEU B 380 -9.05 42.92 48.41
C LEU B 380 -8.50 42.69 47.01
N ARG B 381 -8.09 43.76 46.33
CA ARG B 381 -7.57 43.60 44.98
C ARG B 381 -6.17 43.01 45.01
N ASN B 382 -5.47 43.14 46.13
CA ASN B 382 -4.21 42.44 46.30
C ASN B 382 -4.39 40.94 46.51
N GLN B 383 -5.43 40.52 47.24
CA GLN B 383 -5.59 39.10 47.47
C GLN B 383 -6.58 38.43 46.52
N LYS B 384 -7.32 39.20 45.72
CA LYS B 384 -8.21 38.54 44.77
C LYS B 384 -7.47 38.19 43.49
N ALA B 385 -8.15 37.51 42.58
CA ALA B 385 -7.61 37.10 41.30
C ALA B 385 -8.57 37.56 40.23
N PRO B 386 -8.10 37.84 39.02
CA PRO B 386 -9.01 38.17 37.92
C PRO B 386 -9.85 36.95 37.52
N MET B 387 -10.94 37.21 36.79
CA MET B 387 -11.85 36.13 36.46
C MET B 387 -11.30 35.21 35.39
N GLY B 388 -10.39 35.71 34.55
CA GLY B 388 -9.80 34.90 33.51
C GLY B 388 -8.46 34.32 33.90
N LEU B 389 -8.31 33.93 35.17
CA LEU B 389 -7.03 33.38 35.62
C LEU B 389 -6.91 31.91 35.22
N ASP B 390 -8.04 31.21 35.06
CA ASP B 390 -8.12 29.80 34.70
C ASP B 390 -7.39 28.91 35.71
N GLN B 391 -7.95 28.80 36.92
CA GLN B 391 -7.42 27.97 37.97
C GLN B 391 -7.83 26.50 37.84
N SER B 392 -8.24 26.08 36.65
CA SER B 392 -8.69 24.70 36.45
C SER B 392 -7.53 23.71 36.50
N ARG B 393 -6.30 24.17 36.28
CA ARG B 393 -5.14 23.29 36.31
C ARG B 393 -4.30 23.44 37.57
N VAL B 394 -4.79 24.13 38.58
CA VAL B 394 -4.17 24.14 39.91
C VAL B 394 -5.15 23.48 40.87
N PRO B 395 -4.68 22.62 41.80
CA PRO B 395 -5.63 21.91 42.68
C PRO B 395 -6.37 22.81 43.65
N PHE B 396 -7.40 22.25 44.30
CA PHE B 396 -8.49 23.07 44.82
C PHE B 396 -8.08 23.89 46.03
N SER B 397 -7.40 23.28 47.00
CA SER B 397 -7.12 23.97 48.25
C SER B 397 -6.01 25.00 48.12
N GLU B 398 -5.22 24.96 47.05
CA GLU B 398 -4.23 26.00 46.79
C GLU B 398 -4.65 26.96 45.70
N ARG B 399 -5.95 27.20 45.54
CA ARG B 399 -6.43 28.23 44.63
C ARG B 399 -6.50 29.57 45.37
N LYS B 400 -6.70 30.64 44.60
CA LYS B 400 -6.87 31.97 45.17
C LYS B 400 -8.34 32.35 45.15
N LEU B 401 -8.71 33.24 46.06
CA LEU B 401 -10.10 33.64 46.20
C LEU B 401 -10.46 34.64 45.10
N LYS B 402 -11.62 34.44 44.48
CA LYS B 402 -12.15 35.35 43.48
C LYS B 402 -13.49 35.87 43.95
N CYS B 403 -13.78 37.13 43.61
CA CYS B 403 -15.01 37.77 44.03
C CYS B 403 -15.31 38.92 43.10
N SER B 404 -16.56 39.36 43.15
CA SER B 404 -16.97 40.63 42.55
C SER B 404 -17.54 41.50 43.66
N ASN B 405 -16.91 42.65 43.86
CA ASN B 405 -17.41 43.62 44.82
C ASN B 405 -17.50 44.99 44.15
N ARG B 406 -18.59 45.70 44.43
CA ARG B 406 -18.74 47.05 43.94
C ARG B 406 -19.73 47.79 44.83
N PHE B 407 -19.62 49.11 44.85
CA PHE B 407 -20.45 49.94 45.70
C PHE B 407 -21.90 49.91 45.24
N LEU B 408 -22.81 49.88 46.20
CA LEU B 408 -24.21 49.95 45.87
C LEU B 408 -24.64 51.40 45.71
N PRO B 409 -25.66 51.66 44.90
CA PRO B 409 -26.22 53.02 44.84
C PRO B 409 -27.04 53.38 46.07
N ILE B 410 -26.37 53.50 47.22
CA ILE B 410 -27.01 53.78 48.49
C ILE B 410 -26.22 54.91 49.14
N PHE B 411 -26.90 55.99 49.49
CA PHE B 411 -26.21 57.19 49.93
C PHE B 411 -26.33 57.45 51.42
N ALA B 412 -26.35 56.42 52.25
CA ALA B 412 -26.25 56.56 53.69
C ALA B 412 -25.67 55.28 54.28
N PRO B 413 -24.87 55.38 55.32
CA PRO B 413 -24.36 54.17 55.98
C PRO B 413 -25.42 53.49 56.85
N PHE B 414 -26.35 52.81 56.18
CA PHE B 414 -27.42 52.13 56.89
C PHE B 414 -26.89 50.92 57.65
N HIS B 415 -27.53 50.65 58.79
CA HIS B 415 -27.32 49.46 59.61
C HIS B 415 -25.89 49.40 60.16
N SER B 416 -25.45 50.50 60.75
CA SER B 416 -24.12 50.56 61.34
C SER B 416 -24.15 51.57 62.48
N HIS B 417 -22.99 51.76 63.10
CA HIS B 417 -22.90 52.67 64.22
C HIS B 417 -22.78 54.12 63.79
N LEU B 418 -22.64 54.38 62.47
CA LEU B 418 -22.44 55.73 61.99
C LEU B 418 -23.70 56.58 62.13
N LEU B 419 -24.88 55.98 62.20
CA LEU B 419 -26.12 56.71 62.32
C LEU B 419 -26.80 56.51 63.67
N ALA B 420 -26.04 56.14 64.70
CA ALA B 420 -26.65 55.85 66.00
C ALA B 420 -27.09 57.13 66.69
N ASP B 421 -26.53 58.27 66.29
CA ASP B 421 -27.00 59.54 66.82
C ASP B 421 -28.32 59.96 66.17
N ALA B 422 -28.59 59.47 64.96
CA ALA B 422 -29.81 59.80 64.26
C ALA B 422 -31.03 59.07 64.82
N THR B 423 -30.81 57.93 65.50
CA THR B 423 -31.93 57.10 65.96
C THR B 423 -32.72 57.81 67.05
N GLU B 424 -32.04 58.54 67.93
CA GLU B 424 -32.75 59.28 68.97
C GLU B 424 -33.50 60.47 68.39
N LEU B 425 -33.04 61.00 67.26
CA LEU B 425 -33.68 62.17 66.68
C LEU B 425 -34.94 61.78 65.93
N ILE B 426 -34.96 60.58 65.34
CA ILE B 426 -36.07 60.17 64.49
C ILE B 426 -37.29 59.84 65.34
N LEU B 427 -37.10 59.09 66.43
CA LEU B 427 -38.23 58.72 67.27
C LEU B 427 -38.72 59.91 68.09
N ASP B 428 -37.94 60.99 68.16
CA ASP B 428 -38.45 62.23 68.71
C ASP B 428 -39.47 62.87 67.76
N ASP B 429 -39.24 62.74 66.44
CA ASP B 429 -40.22 63.22 65.48
C ASP B 429 -41.42 62.32 65.40
N VAL B 430 -41.24 61.03 65.72
CA VAL B 430 -42.37 60.11 65.83
C VAL B 430 -43.28 60.53 66.98
N LYS B 431 -42.68 60.98 68.08
CA LYS B 431 -43.46 61.46 69.21
C LYS B 431 -44.18 62.77 68.91
N GLU B 432 -43.58 63.66 68.12
CA GLU B 432 -44.21 64.94 67.82
C GLU B 432 -45.37 64.83 66.86
N HIS B 433 -45.46 63.74 66.10
CA HIS B 433 -46.55 63.53 65.17
C HIS B 433 -47.40 62.35 65.62
N GLY B 434 -48.43 62.05 64.84
CA GLY B 434 -49.32 60.96 65.18
C GLY B 434 -48.89 59.63 64.59
N LEU B 435 -47.62 59.28 64.75
CA LEU B 435 -47.07 58.05 64.18
C LEU B 435 -47.13 56.95 65.23
N SER B 436 -47.96 55.95 64.95
CA SER B 436 -48.09 54.76 65.79
C SER B 436 -48.70 53.66 64.92
N PHE B 437 -48.26 52.44 65.16
CA PHE B 437 -48.77 51.27 64.44
C PHE B 437 -49.58 50.41 65.39
N GLU B 438 -50.81 50.14 65.00
CA GLU B 438 -51.80 49.46 65.82
C GLU B 438 -51.56 47.95 65.83
N GLY B 439 -52.57 47.21 66.30
CA GLY B 439 -52.54 45.77 66.41
C GLY B 439 -52.21 45.02 65.13
N LEU B 440 -51.24 44.11 65.22
CA LEU B 440 -50.72 43.44 64.04
C LEU B 440 -51.60 42.22 63.79
N LYS B 441 -51.66 41.73 62.55
CA LYS B 441 -52.57 40.63 62.24
C LYS B 441 -51.87 39.41 61.64
N ILE B 442 -50.91 39.56 60.76
CA ILE B 442 -50.09 38.43 60.32
C ILE B 442 -48.76 38.53 61.05
N PRO B 443 -48.04 37.42 61.25
CA PRO B 443 -46.71 37.52 61.84
C PRO B 443 -45.75 38.22 60.89
N VAL B 444 -45.11 39.27 61.39
CA VAL B 444 -44.03 39.92 60.65
C VAL B 444 -42.74 39.66 61.40
N TYR B 445 -41.80 38.99 60.74
CA TYR B 445 -40.56 38.57 61.38
C TYR B 445 -39.63 39.76 61.53
N ASP B 446 -38.98 39.84 62.69
CA ASP B 446 -37.92 40.83 62.91
C ASP B 446 -36.74 40.54 61.99
N THR B 447 -36.03 41.60 61.61
CA THR B 447 -34.92 41.42 60.70
C THR B 447 -33.63 41.07 61.44
N PHE B 448 -33.40 41.63 62.61
CA PHE B 448 -32.20 41.33 63.39
C PHE B 448 -32.38 40.10 64.26
N ASP B 449 -33.42 40.07 65.07
CA ASP B 449 -33.61 38.94 65.97
C ASP B 449 -34.25 37.76 65.27
N GLY B 450 -35.22 38.02 64.40
CA GLY B 450 -36.01 36.95 63.81
C GLY B 450 -37.28 36.64 64.56
N SER B 451 -37.68 37.49 65.49
CA SER B 451 -38.91 37.29 66.25
C SER B 451 -40.09 37.98 65.57
N ASP B 452 -41.27 37.75 66.11
CA ASP B 452 -42.48 38.35 65.55
C ASP B 452 -42.71 39.72 66.19
N PHE B 453 -43.28 40.64 65.41
CA PHE B 453 -43.63 41.94 65.96
C PHE B 453 -44.90 41.91 66.79
N GLN B 454 -45.67 40.82 66.74
CA GLN B 454 -46.87 40.74 67.57
C GLN B 454 -46.52 40.60 69.04
N ALA B 455 -45.40 39.95 69.36
CA ALA B 455 -44.96 39.78 70.73
C ALA B 455 -43.87 40.79 71.10
N LEU B 456 -44.24 42.07 71.21
CA LEU B 456 -43.31 43.11 71.63
C LEU B 456 -43.77 43.73 72.93
N LYS B 457 -42.82 43.95 73.83
CA LYS B 457 -43.07 44.84 74.96
C LYS B 457 -43.00 46.30 74.51
N GLU B 458 -42.19 46.58 73.51
CA GLU B 458 -41.93 47.93 73.03
C GLU B 458 -42.92 48.28 71.92
N PRO B 459 -43.08 49.56 71.58
CA PRO B 459 -43.80 49.89 70.35
C PRO B 459 -43.01 49.50 69.12
N ILE B 460 -43.65 49.61 67.95
CA ILE B 460 -43.07 49.04 66.74
C ILE B 460 -42.15 50.04 66.07
N ILE B 461 -42.54 51.32 66.08
CA ILE B 461 -41.81 52.32 65.30
C ILE B 461 -40.47 52.65 65.94
N ASP B 462 -40.44 52.76 67.28
CA ASP B 462 -39.15 53.00 67.93
C ASP B 462 -38.30 51.73 67.98
N ARG B 463 -38.89 50.59 67.64
CA ARG B 463 -38.08 49.40 67.39
C ARG B 463 -37.50 49.42 65.99
N VAL B 464 -38.28 49.84 65.00
CA VAL B 464 -37.85 49.68 63.61
C VAL B 464 -36.84 50.77 63.23
N VAL B 465 -36.83 51.90 63.94
CA VAL B 465 -35.85 52.93 63.63
C VAL B 465 -34.49 52.57 64.21
N LYS B 466 -34.49 51.73 65.26
CA LYS B 466 -33.25 51.16 65.77
C LYS B 466 -32.76 50.04 64.86
N LEU B 467 -33.60 49.64 63.92
CA LEU B 467 -33.43 48.43 63.14
C LEU B 467 -33.07 48.71 61.70
N ILE B 468 -33.37 49.91 61.19
CA ILE B 468 -32.90 50.37 59.90
C ILE B 468 -31.58 51.10 60.02
N THR B 469 -31.41 51.90 61.07
CA THR B 469 -30.24 52.76 61.16
C THR B 469 -29.08 52.06 61.86
N GLU B 470 -29.33 51.39 62.98
CA GLU B 470 -28.24 50.89 63.82
C GLU B 470 -27.99 49.40 63.68
N LEU B 471 -28.99 48.56 63.95
CA LEU B 471 -28.74 47.13 64.07
C LEU B 471 -28.60 46.51 62.67
N PRO B 472 -27.72 45.51 62.53
CA PRO B 472 -27.49 44.91 61.21
C PRO B 472 -28.65 44.02 60.77
N VAL B 473 -28.54 43.54 59.54
CA VAL B 473 -29.59 42.74 58.91
C VAL B 473 -29.11 41.31 58.78
N HIS B 474 -29.86 40.40 59.41
CA HIS B 474 -29.63 38.97 59.26
C HIS B 474 -30.81 38.46 58.42
N TRP B 475 -30.63 38.50 57.10
CA TRP B 475 -31.77 38.36 56.20
C TRP B 475 -32.26 36.92 56.10
N GLU B 476 -31.34 35.96 55.98
CA GLU B 476 -31.75 34.56 55.88
C GLU B 476 -32.27 34.03 57.21
N GLU B 477 -31.92 34.71 58.31
CA GLU B 477 -32.61 34.44 59.56
C GLU B 477 -34.00 35.03 59.56
N ALA B 478 -34.17 36.15 58.85
CA ALA B 478 -35.45 36.85 58.88
C ALA B 478 -36.46 36.24 57.93
N THR B 479 -36.02 35.53 56.89
CA THR B 479 -36.92 34.82 56.01
C THR B 479 -36.81 33.31 56.19
N ASN B 480 -36.63 32.88 57.44
CA ASN B 480 -36.61 31.45 57.77
C ASN B 480 -38.00 30.86 57.61
N HIS B 481 -38.38 30.57 56.37
CA HIS B 481 -39.75 30.43 55.95
C HIS B 481 -40.41 29.13 56.39
N LYS B 482 -41.73 29.13 56.35
CA LYS B 482 -42.51 28.00 55.86
C LYS B 482 -43.42 28.58 54.79
N ALA B 483 -42.95 28.58 53.55
CA ALA B 483 -43.57 29.38 52.51
C ALA B 483 -43.35 28.73 51.16
N THR B 484 -44.37 28.85 50.31
CA THR B 484 -44.29 28.24 48.99
C THR B 484 -44.11 29.29 47.91
N HIS B 485 -44.83 30.40 48.00
CA HIS B 485 -44.72 31.46 47.03
C HIS B 485 -44.29 32.74 47.73
N ILE B 486 -43.32 33.43 47.15
CA ILE B 486 -42.78 34.65 47.74
C ILE B 486 -42.91 35.77 46.72
N LEU B 487 -43.45 36.89 47.16
CA LEU B 487 -43.78 38.02 46.30
C LEU B 487 -42.94 39.22 46.72
N ASP B 488 -42.09 39.71 45.82
CA ASP B 488 -41.43 40.98 46.08
C ASP B 488 -42.19 42.11 45.40
N PHE B 489 -42.81 42.95 46.21
CA PHE B 489 -43.44 44.17 45.72
C PHE B 489 -42.43 45.30 45.58
N GLY B 490 -41.18 45.06 46.02
CA GLY B 490 -40.20 46.12 46.13
C GLY B 490 -39.62 46.51 44.79
N PRO B 491 -38.60 47.36 44.85
CA PRO B 491 -37.98 47.85 43.62
C PRO B 491 -37.07 46.81 42.98
N GLY B 492 -36.56 47.16 41.81
CA GLY B 492 -35.58 46.35 41.14
C GLY B 492 -36.09 45.35 40.14
N GLY B 493 -37.15 44.61 40.47
CA GLY B 493 -37.66 43.58 39.59
C GLY B 493 -36.69 42.45 39.40
N VAL B 494 -36.06 42.38 38.23
CA VAL B 494 -35.07 41.35 37.93
C VAL B 494 -33.77 41.61 38.69
N SER B 495 -33.60 42.80 39.28
CA SER B 495 -32.45 43.09 40.13
C SER B 495 -32.83 43.27 41.59
N GLY B 496 -34.07 43.03 41.96
CA GLY B 496 -34.56 43.39 43.27
C GLY B 496 -34.20 42.40 44.36
N LEU B 497 -35.00 42.43 45.41
CA LEU B 497 -34.82 41.50 46.53
C LEU B 497 -35.17 40.07 46.13
N GLY B 498 -36.18 39.92 45.26
CA GLY B 498 -36.71 38.64 44.90
C GLY B 498 -35.74 37.71 44.21
N VAL B 499 -34.79 38.27 43.49
CA VAL B 499 -33.80 37.45 42.79
C VAL B 499 -32.73 36.97 43.76
N LEU B 500 -32.34 37.80 44.74
CA LEU B 500 -31.30 37.38 45.66
C LEU B 500 -31.87 36.52 46.77
N THR B 501 -33.17 36.62 47.04
CA THR B 501 -33.80 35.69 47.97
C THR B 501 -34.26 34.45 47.25
N HIS B 502 -34.23 34.46 45.91
CA HIS B 502 -34.45 33.24 45.16
C HIS B 502 -33.31 32.27 45.34
N ARG B 503 -32.07 32.78 45.25
CA ARG B 503 -30.90 31.92 45.32
C ARG B 503 -30.68 31.34 46.71
N ASN B 504 -31.21 31.97 47.76
CA ASN B 504 -31.13 31.37 49.08
C ASN B 504 -32.09 30.21 49.22
N LYS B 505 -33.19 30.24 48.47
CA LYS B 505 -34.27 29.26 48.61
C LYS B 505 -34.51 28.51 47.31
N GLU B 506 -33.46 28.06 46.65
CA GLU B 506 -33.58 27.46 45.33
C GLU B 506 -34.23 26.08 45.40
N GLY B 507 -33.83 25.27 46.37
CA GLY B 507 -34.33 23.92 46.49
C GLY B 507 -35.26 23.67 47.65
N THR B 508 -35.64 24.70 48.40
CA THR B 508 -36.53 24.54 49.54
C THR B 508 -37.99 24.61 49.14
N GLY B 509 -38.30 24.68 47.84
CA GLY B 509 -39.66 24.67 47.38
C GLY B 509 -40.31 26.02 47.26
N ALA B 510 -39.55 27.10 47.31
CA ALA B 510 -40.12 28.44 47.24
C ALA B 510 -40.13 28.95 45.81
N ARG B 511 -41.26 29.51 45.39
CA ARG B 511 -41.44 30.07 44.06
C ARG B 511 -41.41 31.58 44.18
N ILE B 512 -40.57 32.23 43.39
CA ILE B 512 -40.47 33.68 43.41
C ILE B 512 -41.34 34.26 42.32
N ILE B 513 -42.23 35.17 42.70
CA ILE B 513 -43.16 35.82 41.80
C ILE B 513 -42.83 37.29 41.80
N LEU B 514 -42.12 37.75 40.77
CA LEU B 514 -41.75 39.17 40.68
C LEU B 514 -43.01 39.96 40.33
N ALA B 515 -43.65 40.51 41.36
CA ALA B 515 -44.93 41.16 41.19
C ALA B 515 -44.82 42.59 40.69
N GLY B 516 -43.62 43.15 40.65
CA GLY B 516 -43.48 44.50 40.12
C GLY B 516 -43.45 44.54 38.61
N THR B 517 -42.69 43.65 37.99
CA THR B 517 -42.42 43.69 36.56
C THR B 517 -43.28 42.65 35.87
N LEU B 518 -43.74 42.95 34.66
CA LEU B 518 -44.46 41.99 33.83
C LEU B 518 -43.73 41.88 32.48
N ASP B 519 -42.72 41.00 32.42
CA ASP B 519 -42.08 40.70 31.15
C ASP B 519 -41.66 39.24 31.04
N SER B 520 -42.44 38.33 31.60
CA SER B 520 -42.33 36.89 31.45
C SER B 520 -42.34 36.51 29.96
N ASN B 521 -41.64 35.42 29.60
CA ASN B 521 -41.09 34.38 30.45
C ASN B 521 -39.57 34.45 30.42
N PRO B 522 -38.90 34.22 31.55
CA PRO B 522 -37.48 33.88 31.47
C PRO B 522 -37.32 32.50 30.83
N ILE B 523 -36.19 32.33 30.14
CA ILE B 523 -36.03 31.17 29.25
C ILE B 523 -35.82 29.90 30.07
N ASP B 524 -35.37 30.04 31.31
CA ASP B 524 -35.11 28.90 32.16
C ASP B 524 -36.24 28.67 33.16
N ASP B 525 -37.14 29.66 33.31
CA ASP B 525 -38.33 29.62 34.17
C ASP B 525 -37.94 29.35 35.63
N GLU B 526 -36.97 30.12 36.11
CA GLU B 526 -36.54 29.99 37.50
C GLU B 526 -37.58 30.57 38.43
N TYR B 527 -38.14 31.72 38.06
CA TYR B 527 -39.04 32.51 38.89
C TYR B 527 -40.13 33.09 38.00
N GLY B 528 -41.25 33.43 38.62
CA GLY B 528 -42.38 33.95 37.90
C GLY B 528 -42.50 35.46 38.00
N PHE B 529 -43.38 36.00 37.17
CA PHE B 529 -43.65 37.43 37.13
C PHE B 529 -45.08 37.69 37.55
N LYS B 530 -45.51 38.94 37.34
CA LYS B 530 -46.72 39.56 37.84
C LYS B 530 -48.00 38.75 37.65
N HIS B 531 -48.11 38.04 36.53
CA HIS B 531 -49.39 37.45 36.16
C HIS B 531 -49.69 36.18 36.96
N GLU B 532 -48.68 35.59 37.59
CA GLU B 532 -48.89 34.31 38.27
C GLU B 532 -49.65 34.47 39.58
N ILE B 533 -49.76 35.70 40.09
CA ILE B 533 -50.68 35.97 41.18
C ILE B 533 -52.12 35.87 40.69
N PHE B 534 -52.35 36.24 39.45
CA PHE B 534 -53.65 36.69 38.99
C PHE B 534 -54.47 35.64 38.28
N GLN B 535 -53.91 34.47 37.99
CA GLN B 535 -54.56 33.54 37.09
C GLN B 535 -55.75 32.85 37.74
N THR B 536 -56.87 32.83 37.00
CA THR B 536 -58.16 32.42 37.53
C THR B 536 -58.53 30.99 37.16
N SER B 537 -57.64 30.28 36.48
CA SER B 537 -57.81 28.83 36.35
C SER B 537 -57.60 28.19 37.72
N ALA B 538 -58.32 27.10 37.98
CA ALA B 538 -58.35 26.55 39.34
C ALA B 538 -57.04 25.87 39.71
N ASP B 539 -56.65 24.85 38.95
CA ASP B 539 -55.44 24.11 39.21
C ASP B 539 -54.31 24.44 38.24
N LYS B 540 -54.58 25.27 37.23
CA LYS B 540 -53.56 25.63 36.25
C LYS B 540 -52.86 26.93 36.57
N ALA B 541 -53.25 27.61 37.66
CA ALA B 541 -52.68 28.90 38.02
C ALA B 541 -51.36 28.80 38.76
N ILE B 542 -51.06 27.66 39.37
CA ILE B 542 -50.01 27.56 40.37
C ILE B 542 -48.87 26.77 39.75
N LYS B 543 -47.86 27.47 39.23
CA LYS B 543 -46.61 26.87 38.81
C LYS B 543 -45.73 26.67 40.03
N TRP B 544 -45.56 25.40 40.40
CA TRP B 544 -44.91 25.04 41.65
C TRP B 544 -43.40 25.13 41.52
N ALA B 545 -42.74 25.31 42.65
CA ALA B 545 -41.30 25.26 42.69
C ALA B 545 -40.83 23.83 42.95
N PRO B 546 -39.72 23.41 42.35
CA PRO B 546 -39.19 22.08 42.63
C PRO B 546 -38.62 21.99 44.03
N ASP B 547 -39.17 21.09 44.83
CA ASP B 547 -38.61 20.77 46.13
C ASP B 547 -37.81 19.48 45.97
N TRP B 548 -36.50 19.58 46.14
CA TRP B 548 -35.61 18.45 45.87
C TRP B 548 -35.73 17.38 46.92
N LEU B 549 -36.13 17.74 48.14
CA LEU B 549 -36.20 16.74 49.20
C LEU B 549 -37.47 15.91 49.08
N LYS B 550 -38.51 16.42 48.42
CA LYS B 550 -39.73 15.64 48.31
C LYS B 550 -39.81 14.92 46.98
N GLU B 551 -39.40 15.57 45.88
CA GLU B 551 -39.69 15.03 44.56
C GLU B 551 -38.80 13.85 44.22
N LEU B 552 -37.51 13.96 44.46
CA LEU B 552 -36.56 12.93 44.07
C LEU B 552 -35.84 12.29 45.26
N ARG B 553 -36.57 12.12 46.34
CA ARG B 553 -36.05 11.40 47.50
C ARG B 553 -35.99 9.91 47.18
N PRO B 554 -35.03 9.17 47.73
CA PRO B 554 -35.04 7.72 47.54
C PRO B 554 -36.14 7.06 48.35
N THR B 555 -36.95 6.27 47.67
CA THR B 555 -38.01 5.50 48.30
C THR B 555 -37.73 4.01 48.10
N LEU B 556 -38.51 3.19 48.78
CA LEU B 556 -38.42 1.75 48.67
C LEU B 556 -39.59 1.20 47.89
N VAL B 557 -39.42 -0.01 47.39
CA VAL B 557 -40.44 -0.71 46.61
C VAL B 557 -40.12 -2.20 46.69
N LYS B 558 -41.18 -3.01 46.79
CA LYS B 558 -41.04 -4.46 46.73
C LYS B 558 -41.31 -4.93 45.31
N ASN B 559 -40.64 -6.02 44.95
CA ASN B 559 -40.89 -6.66 43.68
C ASN B 559 -42.05 -7.65 43.86
N SER B 560 -42.46 -8.31 42.77
CA SER B 560 -43.52 -9.30 42.89
C SER B 560 -43.04 -10.54 43.62
N GLU B 561 -41.74 -10.82 43.55
CA GLU B 561 -41.15 -11.91 44.31
C GLU B 561 -40.87 -11.53 45.76
N GLY B 562 -41.17 -10.31 46.16
CA GLY B 562 -41.03 -9.90 47.53
C GLY B 562 -39.70 -9.30 47.91
N LYS B 563 -38.77 -9.16 46.97
CA LYS B 563 -37.48 -8.58 47.31
C LYS B 563 -37.54 -7.06 47.15
N ILE B 564 -36.82 -6.37 47.99
CA ILE B 564 -36.95 -4.94 48.15
C ILE B 564 -35.87 -4.22 47.36
N TYR B 565 -36.25 -3.19 46.62
CA TYR B 565 -35.32 -2.33 45.91
C TYR B 565 -35.40 -0.91 46.46
N VAL B 566 -34.39 -0.11 46.15
CA VAL B 566 -34.40 1.31 46.45
C VAL B 566 -34.79 2.05 45.18
N LYS B 567 -36.01 2.55 45.13
CA LYS B 567 -36.52 3.22 43.95
C LYS B 567 -35.98 4.64 43.91
N THR B 568 -35.00 4.88 43.05
CA THR B 568 -34.55 6.22 42.75
C THR B 568 -34.79 6.46 41.27
N LYS B 569 -34.28 7.59 40.78
CA LYS B 569 -34.44 7.92 39.37
C LYS B 569 -33.44 7.15 38.52
N PHE B 570 -32.33 6.73 39.11
CA PHE B 570 -31.37 5.88 38.41
C PHE B 570 -31.82 4.43 38.41
N SER B 571 -32.47 4.02 39.50
CA SER B 571 -32.93 2.65 39.60
C SER B 571 -34.11 2.38 38.67
N GLN B 572 -34.90 3.42 38.38
CA GLN B 572 -36.10 3.20 37.59
C GLN B 572 -35.77 3.02 36.11
N LEU B 573 -34.66 3.61 35.67
CA LEU B 573 -34.29 3.51 34.26
C LEU B 573 -33.63 2.17 33.97
N LEU B 574 -32.87 1.66 34.92
CA LEU B 574 -32.14 0.42 34.73
C LEU B 574 -32.92 -0.81 35.15
N GLY B 575 -33.94 -0.65 35.96
CA GLY B 575 -34.66 -1.78 36.47
C GLY B 575 -33.95 -2.56 37.55
N ARG B 576 -32.98 -1.97 38.23
CA ARG B 576 -32.21 -2.63 39.28
C ARG B 576 -31.65 -1.60 40.23
N ALA B 577 -30.85 -2.07 41.19
CA ALA B 577 -30.43 -1.27 42.34
C ALA B 577 -29.54 -0.09 41.92
N PRO B 578 -29.56 1.04 42.67
CA PRO B 578 -28.88 2.26 42.18
C PRO B 578 -27.38 2.26 42.44
N LEU B 579 -26.72 1.14 42.20
CA LEU B 579 -25.35 0.93 42.61
C LEU B 579 -24.63 0.21 41.48
N MET B 580 -23.91 0.98 40.67
CA MET B 580 -23.25 0.41 39.51
C MET B 580 -21.76 0.32 39.79
N VAL B 581 -21.07 -0.47 38.97
CA VAL B 581 -19.62 -0.57 39.04
C VAL B 581 -19.03 0.21 37.88
N ALA B 582 -18.21 1.20 38.18
CA ALA B 582 -17.63 2.03 37.14
C ALA B 582 -16.60 1.25 36.34
N GLY B 583 -16.59 1.58 35.07
CA GLY B 583 -15.72 0.91 34.14
C GLY B 583 -14.32 1.43 34.20
N MET B 584 -13.40 0.58 34.65
CA MET B 584 -12.00 0.98 34.75
C MET B 584 -11.14 0.18 33.78
N THR B 585 -10.05 0.79 33.31
CA THR B 585 -9.16 0.14 32.36
C THR B 585 -8.61 -1.18 32.90
N PRO B 586 -7.80 -1.11 33.97
CA PRO B 586 -7.22 -2.30 34.58
C PRO B 586 -8.24 -3.13 35.37
N THR B 587 -9.14 -2.47 36.07
CA THR B 587 -10.15 -3.16 36.86
C THR B 587 -11.15 -3.90 35.97
N THR B 588 -11.97 -3.15 35.24
CA THR B 588 -12.96 -3.74 34.35
C THR B 588 -12.32 -4.24 33.06
N VAL B 589 -11.69 -5.41 33.14
CA VAL B 589 -11.03 -6.00 31.97
C VAL B 589 -11.17 -7.51 31.99
N ASN B 590 -11.52 -8.06 33.15
CA ASN B 590 -11.69 -9.50 33.30
C ASN B 590 -13.12 -9.92 33.01
N THR B 591 -13.39 -10.25 31.75
CA THR B 591 -14.71 -10.67 31.33
C THR B 591 -15.48 -11.31 32.47
N ASP B 592 -14.80 -11.60 33.58
CA ASP B 592 -15.45 -12.32 34.67
C ASP B 592 -15.98 -11.37 35.74
N ILE B 593 -15.31 -10.23 35.93
CA ILE B 593 -15.81 -9.26 36.90
C ILE B 593 -17.04 -8.55 36.35
N VAL B 594 -17.14 -8.44 35.02
CA VAL B 594 -18.30 -7.81 34.41
C VAL B 594 -19.41 -8.83 34.25
N SER B 595 -19.08 -10.12 34.32
CA SER B 595 -20.11 -11.14 34.15
C SER B 595 -20.88 -11.36 35.44
N ALA B 596 -20.20 -11.85 36.47
CA ALA B 596 -20.93 -12.38 37.63
C ALA B 596 -21.31 -11.29 38.61
N SER B 597 -21.03 -10.03 38.27
CA SER B 597 -21.65 -8.94 39.00
C SER B 597 -22.93 -8.47 38.33
N LEU B 598 -23.07 -8.72 37.02
CA LEU B 598 -24.38 -8.58 36.38
C LEU B 598 -25.32 -9.67 36.84
N ASN B 599 -24.79 -10.87 37.11
CA ASN B 599 -25.62 -11.96 37.59
C ASN B 599 -26.05 -11.75 39.03
N ALA B 600 -25.34 -10.90 39.77
CA ALA B 600 -25.81 -10.48 41.08
C ALA B 600 -26.98 -9.53 40.97
N GLY B 601 -27.17 -8.88 39.83
CA GLY B 601 -28.24 -7.95 39.61
C GLY B 601 -27.84 -6.50 39.59
N TYR B 602 -26.57 -6.20 39.33
CA TYR B 602 -26.00 -4.87 39.45
C TYR B 602 -25.42 -4.49 38.11
N HIS B 603 -25.37 -3.21 37.83
CA HIS B 603 -25.02 -2.73 36.50
C HIS B 603 -23.52 -2.51 36.39
N ILE B 604 -22.95 -2.88 35.25
CA ILE B 604 -21.51 -2.73 35.00
C ILE B 604 -21.36 -2.29 33.55
N GLU B 605 -20.48 -1.32 33.35
CA GLU B 605 -20.05 -0.91 32.03
C GLU B 605 -18.70 -1.60 31.77
N LEU B 606 -18.52 -2.15 30.58
CA LEU B 606 -17.27 -2.84 30.25
C LEU B 606 -16.19 -1.84 29.93
N ALA B 607 -15.00 -2.07 30.46
CA ALA B 607 -13.87 -1.18 30.19
C ALA B 607 -13.40 -1.39 28.77
N GLY B 608 -13.66 -0.42 27.90
CA GLY B 608 -13.24 -0.55 26.52
C GLY B 608 -11.75 -0.32 26.31
N GLY B 609 -11.10 0.35 27.24
CA GLY B 609 -9.71 0.76 27.12
C GLY B 609 -8.69 -0.34 27.02
N GLY B 610 -8.96 -1.51 27.59
CA GLY B 610 -8.04 -2.63 27.51
C GLY B 610 -8.27 -3.54 26.34
N TYR B 611 -9.10 -3.15 25.39
CA TYR B 611 -9.30 -3.88 24.14
C TYR B 611 -8.81 -3.01 23.00
N PHE B 612 -8.16 -3.64 22.03
CA PHE B 612 -7.35 -2.92 21.05
C PHE B 612 -7.78 -3.16 19.62
N SER B 613 -8.77 -4.01 19.38
CA SER B 613 -9.27 -4.28 18.04
C SER B 613 -10.71 -4.74 18.16
N PRO B 614 -11.56 -4.45 17.16
CA PRO B 614 -12.97 -4.86 17.26
C PRO B 614 -13.17 -6.36 17.15
N VAL B 615 -12.17 -7.11 16.68
CA VAL B 615 -12.26 -8.56 16.72
C VAL B 615 -12.13 -9.05 18.14
N MET B 616 -11.26 -8.42 18.93
CA MET B 616 -11.01 -8.89 20.27
C MET B 616 -12.13 -8.51 21.23
N MET B 617 -12.76 -7.35 21.03
CA MET B 617 -13.83 -6.95 21.94
C MET B 617 -15.11 -7.72 21.66
N THR B 618 -15.42 -7.97 20.39
CA THR B 618 -16.60 -8.76 20.04
C THR B 618 -16.46 -10.20 20.51
N ARG B 619 -15.23 -10.70 20.52
CA ARG B 619 -14.95 -11.98 21.17
C ARG B 619 -15.19 -11.89 22.67
N ALA B 620 -14.92 -10.73 23.25
CA ALA B 620 -15.04 -10.58 24.70
C ALA B 620 -16.48 -10.39 25.12
N ILE B 621 -17.25 -9.60 24.35
CA ILE B 621 -18.67 -9.37 24.64
C ILE B 621 -19.44 -10.67 24.57
N ASP B 622 -19.05 -11.57 23.66
CA ASP B 622 -19.71 -12.86 23.54
C ASP B 622 -19.44 -13.76 24.73
N ASP B 623 -18.39 -13.47 25.50
CA ASP B 623 -18.15 -14.23 26.72
C ASP B 623 -19.13 -13.80 27.81
N ILE B 624 -19.52 -12.52 27.80
CA ILE B 624 -20.52 -12.05 28.76
C ILE B 624 -21.89 -12.59 28.41
N VAL B 625 -22.35 -12.33 27.17
CA VAL B 625 -23.70 -12.63 26.72
C VAL B 625 -23.99 -14.13 26.77
N SER B 626 -22.96 -14.96 26.62
CA SER B 626 -23.15 -16.39 26.81
C SER B 626 -23.28 -16.76 28.28
N ARG B 627 -22.86 -15.87 29.18
CA ARG B 627 -22.81 -16.26 30.58
C ARG B 627 -23.81 -15.53 31.47
N ILE B 628 -24.14 -14.26 31.17
CA ILE B 628 -25.15 -13.58 31.97
C ILE B 628 -26.55 -14.08 31.59
N LYS B 629 -27.53 -13.73 32.44
CA LYS B 629 -28.91 -14.19 32.28
C LYS B 629 -29.52 -13.62 31.01
N PRO B 630 -30.41 -14.38 30.36
CA PRO B 630 -31.05 -13.86 29.14
C PRO B 630 -31.96 -12.69 29.43
N GLY B 631 -31.53 -11.51 29.03
CA GLY B 631 -32.23 -10.29 29.34
C GLY B 631 -31.40 -9.24 30.04
N TYR B 632 -30.27 -9.61 30.61
CA TYR B 632 -29.43 -8.60 31.23
C TYR B 632 -28.61 -7.88 30.19
N GLY B 633 -28.10 -6.72 30.56
CA GLY B 633 -27.33 -5.91 29.64
C GLY B 633 -26.15 -5.28 30.33
N LEU B 634 -25.13 -5.00 29.53
CA LEU B 634 -23.93 -4.35 30.04
C LEU B 634 -23.75 -3.05 29.27
N GLY B 635 -22.85 -2.21 29.78
CA GLY B 635 -22.42 -1.02 29.08
C GLY B 635 -20.99 -1.18 28.58
N ILE B 636 -20.56 -0.18 27.82
CA ILE B 636 -19.20 -0.13 27.33
C ILE B 636 -18.61 1.22 27.68
N ASN B 637 -17.60 1.21 28.55
CA ASN B 637 -16.91 2.41 28.96
C ASN B 637 -15.76 2.65 27.99
N LEU B 638 -15.91 3.63 27.12
CA LEU B 638 -14.84 4.06 26.24
C LEU B 638 -14.18 5.29 26.83
N ILE B 639 -13.05 5.68 26.23
CA ILE B 639 -12.24 6.78 26.73
C ILE B 639 -12.01 7.74 25.57
N TYR B 640 -12.40 8.99 25.76
CA TYR B 640 -12.50 9.94 24.66
C TYR B 640 -11.14 10.50 24.24
N VAL B 641 -10.10 10.32 25.06
CA VAL B 641 -8.78 10.82 24.72
C VAL B 641 -7.97 9.73 24.02
N ASN B 642 -8.63 8.64 23.64
CA ASN B 642 -8.04 7.64 22.75
C ASN B 642 -8.83 7.67 21.45
N PRO B 643 -8.49 8.57 20.52
CA PRO B 643 -9.31 8.71 19.30
C PRO B 643 -9.12 7.55 18.34
N PHE B 644 -8.09 6.74 18.57
CA PHE B 644 -7.96 5.49 17.83
C PHE B 644 -9.05 4.51 18.24
N MET B 645 -9.35 4.44 19.54
CA MET B 645 -10.34 3.48 20.03
C MET B 645 -11.76 3.89 19.61
N LEU B 646 -11.99 5.18 19.44
CA LEU B 646 -13.28 5.62 18.92
C LEU B 646 -13.35 5.47 17.41
N GLN B 647 -12.23 5.15 16.77
CA GLN B 647 -12.26 4.96 15.32
C GLN B 647 -12.79 3.57 14.97
N TRP B 648 -12.55 2.58 15.83
CA TRP B 648 -13.11 1.27 15.60
C TRP B 648 -14.21 0.89 16.58
N GLY B 649 -14.23 1.49 17.78
CA GLY B 649 -15.20 1.09 18.77
C GLY B 649 -16.59 1.64 18.53
N ILE B 650 -16.67 2.89 18.12
CA ILE B 650 -17.96 3.51 17.80
C ILE B 650 -18.56 2.93 16.52
N PRO B 651 -17.82 2.66 15.42
CA PRO B 651 -18.45 1.88 14.33
C PRO B 651 -18.74 0.44 14.70
N LEU B 652 -18.10 -0.08 15.75
CA LEU B 652 -18.48 -1.40 16.25
C LEU B 652 -19.83 -1.36 16.92
N ILE B 653 -20.07 -0.35 17.79
CA ILE B 653 -21.30 -0.30 18.56
C ILE B 653 -22.51 -0.05 17.65
N LYS B 654 -22.30 0.60 16.51
CA LYS B 654 -23.41 0.91 15.62
C LYS B 654 -23.98 -0.34 14.95
N ASP B 655 -23.12 -1.26 14.50
CA ASP B 655 -23.65 -2.43 13.81
C ASP B 655 -23.76 -3.63 14.76
N LEU B 656 -23.08 -3.60 15.89
CA LEU B 656 -23.23 -4.71 16.84
C LEU B 656 -24.56 -4.60 17.56
N ARG B 657 -25.03 -3.37 17.76
CA ARG B 657 -26.37 -3.16 18.30
C ARG B 657 -27.41 -3.42 17.23
N GLU B 658 -27.05 -3.24 15.96
CA GLU B 658 -27.98 -3.58 14.88
C GLU B 658 -28.08 -5.09 14.71
N LYS B 659 -27.03 -5.83 15.09
CA LYS B 659 -27.13 -7.26 15.29
C LYS B 659 -27.98 -7.61 16.50
N GLY B 660 -28.06 -6.71 17.48
CA GLY B 660 -28.97 -6.87 18.59
C GLY B 660 -28.38 -7.34 19.89
N TYR B 661 -27.07 -7.16 20.12
CA TYR B 661 -26.46 -7.63 21.35
C TYR B 661 -26.93 -6.81 22.55
N PRO B 662 -26.84 -7.36 23.77
CA PRO B 662 -27.34 -6.63 24.94
C PRO B 662 -26.52 -5.46 25.44
N ILE B 663 -25.57 -4.92 24.67
CA ILE B 663 -24.89 -3.71 25.12
C ILE B 663 -25.86 -2.54 25.14
N GLN B 664 -26.14 -2.03 26.35
CA GLN B 664 -27.27 -1.14 26.53
C GLN B 664 -26.86 0.31 26.74
N SER B 665 -25.58 0.60 26.98
CA SER B 665 -25.15 1.95 27.26
C SER B 665 -23.70 2.16 26.86
N LEU B 666 -23.34 3.43 26.73
CA LEU B 666 -22.01 3.86 26.34
C LEU B 666 -21.60 5.05 27.21
N THR B 667 -20.69 4.81 28.15
CA THR B 667 -20.16 5.85 29.01
C THR B 667 -18.86 6.36 28.41
N ILE B 668 -18.77 7.66 28.22
CA ILE B 668 -17.60 8.30 27.62
C ILE B 668 -16.84 9.00 28.73
N GLY B 669 -15.72 8.41 29.13
CA GLY B 669 -14.84 8.99 30.11
C GLY B 669 -13.82 9.90 29.44
N ALA B 670 -13.09 10.62 30.27
CA ALA B 670 -11.98 11.51 29.91
C ALA B 670 -12.36 12.62 28.93
N GLY B 671 -13.61 13.01 28.85
CA GLY B 671 -13.98 14.10 27.98
C GLY B 671 -15.44 14.01 27.59
N VAL B 672 -16.06 15.17 27.49
CA VAL B 672 -17.44 15.29 27.05
C VAL B 672 -17.41 15.66 25.58
N PRO B 673 -18.11 14.94 24.71
CA PRO B 673 -18.05 15.22 23.27
C PRO B 673 -18.76 16.52 22.91
N SER B 674 -18.56 16.96 21.67
CA SER B 674 -19.31 18.10 21.19
C SER B 674 -20.73 17.70 20.85
N ILE B 675 -21.58 18.69 20.57
CA ILE B 675 -23.00 18.46 20.49
C ILE B 675 -23.36 17.77 19.18
N GLU B 676 -22.58 18.01 18.12
CA GLU B 676 -22.88 17.37 16.84
C GLU B 676 -22.39 15.93 16.84
N VAL B 677 -21.48 15.59 17.76
CA VAL B 677 -20.99 14.22 17.87
C VAL B 677 -21.90 13.42 18.80
N ALA B 678 -22.33 14.03 19.91
CA ALA B 678 -23.18 13.35 20.88
C ALA B 678 -24.58 13.13 20.33
N THR B 679 -24.98 13.91 19.32
CA THR B 679 -26.22 13.62 18.61
C THR B 679 -26.12 12.29 17.87
N GLU B 680 -24.97 12.04 17.23
CA GLU B 680 -24.76 10.80 16.49
C GLU B 680 -24.63 9.61 17.44
N TYR B 681 -24.20 9.88 18.67
CA TYR B 681 -24.09 8.80 19.65
C TYR B 681 -25.46 8.45 20.22
N ILE B 682 -26.44 9.32 20.05
CA ILE B 682 -27.77 9.06 20.59
C ILE B 682 -28.72 8.61 19.49
N GLU B 683 -28.78 9.35 18.39
CA GLU B 683 -29.80 9.17 17.37
C GLU B 683 -29.62 7.92 16.53
N ASP B 684 -28.41 7.61 16.08
CA ASP B 684 -28.24 6.50 15.16
C ASP B 684 -28.20 5.15 15.86
N LEU B 685 -27.20 4.93 16.70
CA LEU B 685 -27.01 3.62 17.33
C LEU B 685 -27.90 3.48 18.56
N GLY B 686 -28.61 2.36 18.64
CA GLY B 686 -29.76 2.22 19.51
C GLY B 686 -29.47 1.88 20.96
N LEU B 687 -29.04 2.86 21.73
CA LEU B 687 -28.80 2.67 23.16
C LEU B 687 -30.03 2.92 24.00
N THR B 688 -30.02 2.36 25.20
CA THR B 688 -30.99 2.73 26.21
C THR B 688 -30.64 4.05 26.87
N HIS B 689 -29.43 4.20 27.38
CA HIS B 689 -29.02 5.43 28.03
C HIS B 689 -27.55 5.65 27.76
N LEU B 690 -27.07 6.85 28.09
CA LEU B 690 -25.72 7.26 27.76
C LEU B 690 -25.08 7.90 28.97
N GLY B 691 -23.90 7.43 29.35
CA GLY B 691 -23.18 7.96 30.49
C GLY B 691 -22.19 9.01 30.05
N LEU B 692 -21.99 10.00 30.90
CA LEU B 692 -21.00 11.05 30.67
C LEU B 692 -20.30 11.29 32.00
N LYS B 693 -19.00 11.53 31.95
CA LYS B 693 -18.24 11.70 33.17
C LYS B 693 -17.58 13.07 33.20
N PRO B 694 -18.27 14.11 33.67
CA PRO B 694 -17.68 15.45 33.67
C PRO B 694 -16.66 15.58 34.80
N GLY B 695 -15.74 16.51 34.61
CA GLY B 695 -14.76 16.79 35.64
C GLY B 695 -14.74 18.25 36.03
N SER B 696 -15.40 19.09 35.24
CA SER B 696 -15.42 20.52 35.47
C SER B 696 -16.83 21.05 35.31
N VAL B 697 -17.02 22.31 35.73
CA VAL B 697 -18.33 22.95 35.62
C VAL B 697 -18.66 23.22 34.16
N ASP B 698 -17.65 23.53 33.36
CA ASP B 698 -17.87 23.65 31.92
C ASP B 698 -18.11 22.28 31.29
N ALA B 699 -17.63 21.21 31.93
CA ALA B 699 -17.97 19.88 31.46
C ALA B 699 -19.37 19.48 31.89
N ILE B 700 -19.83 19.96 33.04
CA ILE B 700 -21.19 19.69 33.48
C ILE B 700 -22.19 20.48 32.64
N SER B 701 -21.88 21.74 32.35
CA SER B 701 -22.78 22.56 31.56
C SER B 701 -22.76 22.19 30.09
N GLN B 702 -21.81 21.34 29.69
CA GLN B 702 -21.83 20.81 28.33
C GLN B 702 -22.74 19.58 28.25
N VAL B 703 -22.89 18.84 29.35
CA VAL B 703 -23.85 17.74 29.39
C VAL B 703 -25.27 18.28 29.36
N ILE B 704 -25.52 19.38 30.05
CA ILE B 704 -26.82 20.05 30.03
C ILE B 704 -27.12 20.59 28.63
N ALA B 705 -26.07 20.92 27.87
CA ALA B 705 -26.26 21.27 26.47
C ALA B 705 -26.66 20.06 25.64
N ILE B 706 -26.31 18.85 26.08
CA ILE B 706 -26.67 17.66 25.33
C ILE B 706 -28.11 17.25 25.65
N ALA B 707 -28.50 17.35 26.92
CA ALA B 707 -29.84 16.90 27.33
C ALA B 707 -30.94 17.81 26.79
N LYS B 708 -30.67 19.10 26.68
CA LYS B 708 -31.66 19.98 26.08
C LYS B 708 -31.71 19.83 24.57
N ALA B 709 -30.72 19.17 23.97
CA ALA B 709 -30.81 18.85 22.55
C ALA B 709 -31.63 17.58 22.33
N HIS B 710 -31.58 16.65 23.28
CA HIS B 710 -32.31 15.38 23.19
C HIS B 710 -33.10 15.22 24.48
N PRO B 711 -34.32 15.77 24.54
CA PRO B 711 -35.01 15.90 25.83
C PRO B 711 -35.54 14.60 26.41
N THR B 712 -35.80 13.59 25.59
CA THR B 712 -36.44 12.37 26.05
C THR B 712 -35.47 11.23 26.27
N PHE B 713 -34.21 11.37 25.87
CA PHE B 713 -33.24 10.30 26.00
C PHE B 713 -32.52 10.41 27.33
N PRO B 714 -32.34 9.32 28.08
CA PRO B 714 -31.68 9.40 29.40
C PRO B 714 -30.20 9.71 29.25
N ILE B 715 -29.68 10.49 30.19
CA ILE B 715 -28.26 10.79 30.28
C ILE B 715 -27.84 10.59 31.72
N VAL B 716 -26.89 9.70 31.94
CA VAL B 716 -26.40 9.43 33.29
C VAL B 716 -25.12 10.25 33.49
N LEU B 717 -25.26 11.40 34.14
CA LEU B 717 -24.13 12.28 34.44
C LEU B 717 -23.39 11.67 35.61
N GLN B 718 -22.24 11.08 35.35
CA GLN B 718 -21.44 10.45 36.39
C GLN B 718 -20.47 11.49 36.94
N TRP B 719 -20.78 12.04 38.10
CA TRP B 719 -19.89 13.02 38.72
C TRP B 719 -18.89 12.29 39.60
N THR B 720 -17.62 12.41 39.25
CA THR B 720 -16.52 11.96 40.08
C THR B 720 -15.66 13.17 40.46
N GLY B 721 -15.29 13.23 41.74
CA GLY B 721 -14.41 14.25 42.24
C GLY B 721 -12.96 13.91 41.99
N GLY B 722 -12.10 14.61 42.71
CA GLY B 722 -10.70 14.26 42.59
C GLY B 722 -10.22 13.24 43.59
N ARG B 723 -11.09 12.68 44.40
CA ARG B 723 -10.67 11.77 45.45
C ARG B 723 -10.84 10.31 45.02
N GLY B 724 -10.99 10.08 43.72
CA GLY B 724 -11.09 8.74 43.21
C GLY B 724 -9.73 8.16 42.90
N GLY B 725 -9.76 7.04 42.21
CA GLY B 725 -8.55 6.42 41.70
C GLY B 725 -8.48 6.59 40.20
N GLY B 726 -7.50 6.01 39.57
CA GLY B 726 -7.44 6.22 38.16
C GLY B 726 -7.01 7.64 37.90
N HIS B 727 -7.13 8.07 36.66
N HIS B 727 -7.11 7.98 36.70
CA HIS B 727 -6.68 9.40 36.34
CA HIS B 727 -6.67 9.31 36.38
C HIS B 727 -7.55 10.36 37.11
C HIS B 727 -7.53 10.27 37.14
N HIS B 728 -6.94 11.15 37.99
CA HIS B 728 -7.63 12.12 38.87
C HIS B 728 -8.14 13.34 38.13
N SER B 729 -8.61 14.24 38.94
CA SER B 729 -9.13 15.56 38.62
C SER B 729 -8.74 16.55 39.69
N PHE B 730 -8.67 17.82 39.32
CA PHE B 730 -8.22 18.89 40.18
C PHE B 730 -9.30 19.44 41.09
N GLU B 731 -10.54 19.48 40.63
CA GLU B 731 -11.61 20.17 41.34
C GLU B 731 -12.10 19.33 42.51
N ASP B 732 -12.77 19.99 43.43
CA ASP B 732 -13.29 19.32 44.61
C ASP B 732 -14.50 18.48 44.24
N PHE B 733 -14.88 17.57 45.14
CA PHE B 733 -16.04 16.73 44.89
C PHE B 733 -17.34 17.49 45.05
N HIS B 734 -17.48 18.26 46.12
CA HIS B 734 -18.75 18.86 46.51
C HIS B 734 -19.06 20.14 45.75
N GLN B 735 -18.07 21.01 45.61
CA GLN B 735 -18.31 22.38 45.14
C GLN B 735 -18.81 22.56 43.71
N PRO B 736 -18.40 21.78 42.69
CA PRO B 736 -18.96 22.07 41.35
C PRO B 736 -20.41 21.68 41.20
N ILE B 737 -20.85 20.58 41.80
CA ILE B 737 -22.24 20.19 41.66
C ILE B 737 -23.12 21.03 42.56
N ILE B 738 -22.54 21.62 43.61
CA ILE B 738 -23.32 22.43 44.55
C ILE B 738 -23.64 23.78 43.93
N GLN B 739 -22.93 24.13 42.86
CA GLN B 739 -23.23 25.29 42.03
C GLN B 739 -24.04 24.90 40.81
N MET B 740 -24.20 23.61 40.55
CA MET B 740 -24.84 23.16 39.31
C MET B 740 -26.01 22.22 39.52
N TYR B 741 -26.33 21.84 40.76
CA TYR B 741 -27.43 20.91 41.00
C TYR B 741 -28.76 21.56 40.66
N SER B 742 -28.83 22.89 40.71
CA SER B 742 -30.06 23.60 40.47
C SER B 742 -30.45 23.54 39.00
N LYS B 743 -29.47 23.45 38.11
CA LYS B 743 -29.80 23.51 36.70
C LYS B 743 -29.55 22.17 36.02
N ILE B 744 -29.02 21.19 36.75
CA ILE B 744 -29.09 19.81 36.29
C ILE B 744 -30.52 19.29 36.43
N ARG B 745 -31.13 19.54 37.59
CA ARG B 745 -32.47 19.06 37.86
C ARG B 745 -33.56 19.78 37.09
N ARG B 746 -33.23 20.86 36.40
CA ARG B 746 -34.16 21.45 35.45
C ARG B 746 -34.16 20.70 34.12
N CYS B 747 -33.27 19.72 33.97
CA CYS B 747 -33.33 18.75 32.89
C CYS B 747 -33.78 17.43 33.50
N SER B 748 -34.99 16.99 33.16
CA SER B 748 -35.59 15.85 33.82
C SER B 748 -35.04 14.53 33.28
N ASN B 749 -34.26 14.59 32.20
CA ASN B 749 -33.67 13.38 31.65
C ASN B 749 -32.31 13.06 32.24
N ILE B 750 -31.60 14.06 32.77
CA ILE B 750 -30.27 13.82 33.33
C ILE B 750 -30.41 13.09 34.64
N VAL B 751 -29.82 11.90 34.70
CA VAL B 751 -29.69 11.14 35.94
C VAL B 751 -28.32 11.45 36.53
N LEU B 752 -28.28 11.91 37.77
CA LEU B 752 -27.05 12.38 38.37
C LEU B 752 -26.51 11.26 39.24
N VAL B 753 -25.27 10.86 39.00
CA VAL B 753 -24.62 9.79 39.76
C VAL B 753 -23.31 10.32 40.32
N ALA B 754 -23.11 10.13 41.62
CA ALA B 754 -21.89 10.55 42.28
C ALA B 754 -21.05 9.34 42.63
N GLY B 755 -19.73 9.46 42.43
CA GLY B 755 -18.82 8.38 42.76
C GLY B 755 -17.62 8.90 43.51
N SER B 756 -16.45 8.41 43.09
CA SER B 756 -15.14 8.81 43.58
C SER B 756 -14.96 8.60 45.08
N GLY B 757 -14.90 7.36 45.52
CA GLY B 757 -14.50 7.06 46.88
C GLY B 757 -15.58 6.50 47.78
N PHE B 758 -16.45 5.66 47.26
CA PHE B 758 -17.59 5.15 48.00
C PHE B 758 -17.44 3.65 48.20
N GLY B 759 -17.54 3.23 49.46
CA GLY B 759 -17.32 1.82 49.71
C GLY B 759 -18.21 1.13 50.72
N SER B 760 -19.05 1.87 51.42
CA SER B 760 -19.85 1.26 52.48
C SER B 760 -21.24 1.88 52.50
N ASP B 761 -22.15 1.22 53.22
CA ASP B 761 -23.52 1.72 53.29
C ASP B 761 -23.64 2.94 54.20
N GLU B 762 -22.77 3.05 55.20
CA GLU B 762 -22.84 4.22 56.09
C GLU B 762 -22.17 5.42 55.44
N ASP B 763 -21.31 5.18 54.43
CA ASP B 763 -20.62 6.28 53.78
C ASP B 763 -21.55 7.08 52.88
N THR B 764 -22.21 6.40 51.95
CA THR B 764 -22.89 7.09 50.86
C THR B 764 -24.39 7.19 51.04
N TYR B 765 -24.94 6.71 52.15
CA TYR B 765 -26.33 7.03 52.47
C TYR B 765 -26.60 8.53 52.66
N PRO B 766 -25.70 9.37 53.21
CA PRO B 766 -25.93 10.81 53.11
C PRO B 766 -25.86 11.38 51.71
N TYR B 767 -25.37 10.63 50.72
CA TYR B 767 -25.31 11.14 49.36
C TYR B 767 -26.57 10.78 48.59
N LEU B 768 -27.15 9.61 48.85
CA LEU B 768 -28.43 9.27 48.24
C LEU B 768 -29.55 10.09 48.85
N SER B 769 -29.58 10.20 50.18
CA SER B 769 -30.68 10.89 50.85
C SER B 769 -30.63 12.38 50.62
N GLY B 770 -29.43 12.95 50.49
CA GLY B 770 -29.29 14.37 50.27
C GLY B 770 -28.93 15.17 51.49
N TYR B 771 -28.80 14.54 52.65
CA TYR B 771 -28.54 15.22 53.91
C TYR B 771 -27.09 15.65 54.08
N TRP B 772 -26.29 15.63 53.01
CA TRP B 772 -24.89 16.03 53.12
C TRP B 772 -24.74 17.53 52.98
N SER B 773 -25.68 18.20 52.30
CA SER B 773 -25.54 19.63 52.06
C SER B 773 -26.00 20.47 53.23
N GLU B 774 -26.62 19.88 54.26
CA GLU B 774 -26.83 20.62 55.50
C GLU B 774 -25.55 20.73 56.32
N LYS B 775 -24.47 20.08 55.90
CA LYS B 775 -23.15 20.49 56.36
C LYS B 775 -22.77 21.83 55.75
N PHE B 776 -23.30 22.14 54.57
CA PHE B 776 -22.92 23.32 53.82
C PHE B 776 -24.03 24.36 53.76
N ASN B 777 -24.99 24.29 54.70
CA ASN B 777 -26.05 25.29 54.90
C ASN B 777 -26.90 25.48 53.66
N TYR B 778 -27.19 24.39 52.98
CA TYR B 778 -27.85 24.33 51.68
C TYR B 778 -29.04 23.38 51.73
N PRO B 779 -29.97 23.45 50.77
CA PRO B 779 -31.08 22.48 50.73
C PRO B 779 -30.57 21.06 50.53
N PRO B 780 -31.36 20.05 50.93
CA PRO B 780 -30.94 18.67 50.69
C PRO B 780 -30.83 18.36 49.21
N MET B 781 -29.74 17.70 48.84
CA MET B 781 -29.39 17.50 47.44
C MET B 781 -29.20 16.01 47.20
N PRO B 782 -30.28 15.29 46.90
CA PRO B 782 -30.16 13.85 46.70
C PRO B 782 -29.53 13.49 45.37
N PHE B 783 -28.76 12.41 45.39
CA PHE B 783 -28.15 11.81 44.23
C PHE B 783 -28.95 10.59 43.81
N ASP B 784 -29.03 10.37 42.50
CA ASP B 784 -29.83 9.28 41.97
C ASP B 784 -29.13 7.94 42.06
N GLY B 785 -27.82 7.89 41.85
CA GLY B 785 -27.11 6.64 41.85
C GLY B 785 -25.69 6.85 42.33
N VAL B 786 -25.03 5.72 42.58
CA VAL B 786 -23.68 5.69 43.16
C VAL B 786 -22.85 4.65 42.42
N LEU B 787 -21.74 5.08 41.84
CA LEU B 787 -20.84 4.18 41.14
C LEU B 787 -19.65 3.86 42.02
N PHE B 788 -19.10 2.66 41.85
CA PHE B 788 -17.95 2.22 42.62
C PHE B 788 -16.74 2.09 41.72
N GLY B 789 -15.61 2.60 42.21
CA GLY B 789 -14.34 2.55 41.54
C GLY B 789 -13.39 1.60 42.22
N SER B 790 -12.57 2.14 43.12
CA SER B 790 -11.51 1.36 43.75
C SER B 790 -12.03 0.38 44.80
N ARG B 791 -13.33 0.37 45.07
CA ARG B 791 -13.87 -0.58 46.04
C ARG B 791 -13.90 -1.99 45.50
N VAL B 792 -14.16 -2.14 44.20
CA VAL B 792 -14.40 -3.46 43.61
C VAL B 792 -13.13 -4.24 43.30
N MET B 793 -11.95 -3.65 43.51
CA MET B 793 -10.71 -4.27 43.05
C MET B 793 -10.27 -5.44 43.91
N THR B 794 -10.53 -5.42 45.21
CA THR B 794 -10.13 -6.50 46.09
C THR B 794 -11.13 -7.65 46.11
N SER B 795 -12.09 -7.64 45.20
CA SER B 795 -13.12 -8.67 45.18
C SER B 795 -12.56 -10.00 44.71
N LYS B 796 -13.29 -11.07 45.00
CA LYS B 796 -12.84 -12.41 44.64
C LYS B 796 -12.83 -12.60 43.12
N GLU B 797 -13.83 -12.05 42.45
CA GLU B 797 -14.00 -12.28 41.02
C GLU B 797 -13.33 -11.22 40.17
N SER B 798 -12.35 -10.51 40.71
CA SER B 798 -11.47 -9.68 39.91
C SER B 798 -10.17 -10.40 39.64
N HIS B 799 -9.46 -9.95 38.61
CA HIS B 799 -8.15 -10.51 38.29
C HIS B 799 -6.99 -9.66 38.78
N THR B 800 -7.20 -8.84 39.82
CA THR B 800 -6.09 -8.20 40.51
C THR B 800 -5.30 -9.30 41.21
N SER B 801 -3.98 -9.19 41.22
CA SER B 801 -3.13 -10.22 41.80
C SER B 801 -3.33 -10.31 43.31
N LEU B 802 -3.13 -11.51 43.84
CA LEU B 802 -3.44 -11.82 45.24
C LEU B 802 -2.50 -11.06 46.18
N ALA B 803 -1.26 -10.88 45.77
CA ALA B 803 -0.35 -10.07 46.57
C ALA B 803 -0.61 -8.58 46.35
N ALA B 804 -1.29 -8.23 45.26
CA ALA B 804 -1.65 -6.83 45.04
C ALA B 804 -2.92 -6.46 45.82
N LYS B 805 -3.80 -7.44 46.03
CA LYS B 805 -5.00 -7.20 46.84
C LYS B 805 -4.63 -7.03 48.30
N LYS B 806 -3.61 -7.75 48.76
CA LYS B 806 -3.18 -7.65 50.16
C LYS B 806 -2.54 -6.29 50.42
N LEU B 807 -1.98 -5.68 49.39
CA LEU B 807 -1.36 -4.38 49.56
C LEU B 807 -2.40 -3.28 49.71
N ILE B 808 -3.52 -3.39 48.98
CA ILE B 808 -4.60 -2.42 49.09
C ILE B 808 -5.27 -2.51 50.46
N VAL B 809 -5.42 -3.74 50.97
CA VAL B 809 -5.90 -3.96 52.33
C VAL B 809 -4.98 -3.31 53.35
N GLU B 810 -3.68 -3.44 53.16
CA GLU B 810 -2.68 -2.81 54.01
C GLU B 810 -2.71 -1.29 53.90
N CYS B 811 -3.09 -0.75 52.75
CA CYS B 811 -3.17 0.70 52.58
C CYS B 811 -4.44 1.21 53.24
N LYS B 812 -4.29 1.81 54.42
CA LYS B 812 -5.39 2.49 55.09
C LYS B 812 -5.75 3.73 54.30
N GLY B 813 -7.01 4.12 54.32
CA GLY B 813 -7.44 5.25 53.54
C GLY B 813 -7.15 6.59 54.18
N VAL B 814 -7.63 7.63 53.52
CA VAL B 814 -7.46 9.03 53.91
C VAL B 814 -8.84 9.61 54.06
N PRO B 815 -9.10 10.47 55.06
CA PRO B 815 -10.38 11.20 55.09
C PRO B 815 -10.52 12.20 53.94
N ASP B 816 -11.72 12.74 53.74
CA ASP B 816 -11.93 13.65 52.62
C ASP B 816 -11.28 15.01 52.88
N GLN B 817 -11.05 15.33 54.16
CA GLN B 817 -10.53 16.64 54.53
C GLN B 817 -9.08 16.85 54.10
N GLN B 818 -8.37 15.75 53.78
CA GLN B 818 -6.95 15.86 53.47
C GLN B 818 -6.54 14.99 52.29
N TRP B 819 -7.31 14.97 51.20
CA TRP B 819 -6.83 14.25 50.02
C TRP B 819 -6.00 15.15 49.12
N GLU B 820 -5.99 16.46 49.39
CA GLU B 820 -5.20 17.36 48.57
C GLU B 820 -3.71 17.23 48.82
N GLN B 821 -3.30 16.62 49.94
CA GLN B 821 -1.88 16.44 50.22
C GLN B 821 -1.34 15.16 49.59
N THR B 822 -2.10 14.54 48.70
CA THR B 822 -1.63 13.42 47.89
C THR B 822 -0.58 13.85 46.88
N TYR B 823 -0.56 15.13 46.50
CA TYR B 823 0.41 15.65 45.53
C TYR B 823 1.82 15.67 46.08
N LYS B 824 1.98 15.62 47.39
CA LYS B 824 3.31 15.77 47.97
C LYS B 824 3.80 14.45 48.56
N LYS B 825 3.02 13.85 49.43
CA LYS B 825 3.46 12.73 50.25
C LYS B 825 2.58 11.52 50.02
N PRO B 826 3.08 10.32 50.33
CA PRO B 826 2.19 9.15 50.40
C PRO B 826 1.16 9.28 51.49
N THR B 827 -0.09 9.44 51.09
CA THR B 827 -1.21 9.60 52.02
C THR B 827 -1.94 8.27 52.09
N GLY B 828 -1.68 7.52 53.15
CA GLY B 828 -2.21 6.17 53.26
C GLY B 828 -1.66 5.19 52.26
N GLY B 829 -0.54 5.53 51.63
CA GLY B 829 0.05 4.67 50.62
C GLY B 829 -0.46 4.91 49.21
N ILE B 830 -0.99 6.08 48.89
CA ILE B 830 -1.47 6.41 47.56
C ILE B 830 -1.03 7.82 47.20
N ILE B 831 -0.31 7.93 46.07
CA ILE B 831 0.10 9.22 45.54
C ILE B 831 -0.44 9.39 44.12
N THR B 832 -0.75 10.63 43.78
CA THR B 832 -0.97 10.98 42.40
C THR B 832 0.37 11.19 41.73
N VAL B 833 0.37 11.12 40.42
CA VAL B 833 1.59 11.26 39.64
C VAL B 833 1.21 11.63 38.22
N ARG B 834 2.16 12.15 37.48
CA ARG B 834 1.89 12.67 36.15
C ARG B 834 1.96 11.55 35.13
N SER B 835 1.01 11.54 34.21
CA SER B 835 0.95 10.51 33.18
C SER B 835 1.88 10.84 32.02
N GLU B 836 1.68 10.16 30.89
CA GLU B 836 2.41 10.48 29.67
C GLU B 836 2.14 11.88 29.17
N MET B 837 0.88 12.33 29.15
CA MET B 837 0.53 13.62 28.60
C MET B 837 0.07 14.62 29.65
N GLY B 838 0.49 14.46 30.90
CA GLY B 838 0.39 15.53 31.87
C GLY B 838 -0.70 15.41 32.91
N GLU B 839 -1.85 14.84 32.57
CA GLU B 839 -2.95 14.77 33.51
C GLU B 839 -2.65 13.75 34.61
N PRO B 840 -3.04 14.03 35.84
CA PRO B 840 -2.61 13.19 36.97
C PRO B 840 -3.33 11.86 37.01
N ILE B 841 -2.71 10.90 37.70
CA ILE B 841 -3.18 9.52 37.80
C ILE B 841 -3.00 9.09 39.25
N HIS B 842 -4.08 8.69 39.91
CA HIS B 842 -3.97 8.16 41.26
C HIS B 842 -3.50 6.71 41.22
N LYS B 843 -2.39 6.43 41.90
CA LYS B 843 -1.91 5.07 42.01
C LYS B 843 -1.47 4.81 43.44
N ILE B 844 -1.34 3.54 43.78
CA ILE B 844 -0.85 3.14 45.10
C ILE B 844 0.62 3.49 45.20
N ALA B 845 1.14 3.66 46.41
CA ALA B 845 2.53 4.11 46.55
C ALA B 845 3.48 2.96 46.83
N THR B 846 3.81 2.19 45.79
CA THR B 846 4.86 1.21 45.90
C THR B 846 6.22 1.85 45.64
N ARG B 847 7.25 1.01 45.55
CA ARG B 847 8.59 1.54 45.27
C ARG B 847 8.71 2.00 43.82
N GLY B 848 8.01 1.34 42.92
CA GLY B 848 8.08 1.74 41.52
C GLY B 848 7.28 3.00 41.23
N VAL B 849 6.22 3.23 42.00
CA VAL B 849 5.40 4.40 41.74
C VAL B 849 6.00 5.62 42.43
N MET B 850 6.71 5.41 43.55
CA MET B 850 7.52 6.49 44.11
C MET B 850 8.69 6.82 43.20
N PHE B 851 9.22 5.83 42.49
CA PHE B 851 10.27 6.09 41.53
C PHE B 851 9.72 6.76 40.28
N TRP B 852 8.43 6.54 39.98
CA TRP B 852 7.76 7.25 38.90
C TRP B 852 7.72 8.74 39.19
N LYS B 853 7.55 9.10 40.46
CA LYS B 853 7.44 10.51 40.84
C LYS B 853 8.81 11.18 40.87
N GLU B 854 9.85 10.42 41.23
CA GLU B 854 11.20 10.97 41.26
C GLU B 854 11.67 11.37 39.87
N LEU B 855 11.26 10.64 38.85
CA LEU B 855 11.60 11.02 37.48
C LEU B 855 10.66 12.10 36.96
N ASP B 856 9.53 12.32 37.62
CA ASP B 856 8.61 13.34 37.15
C ASP B 856 9.05 14.72 37.62
N ASP B 857 9.50 14.83 38.87
CA ASP B 857 9.95 16.10 39.41
C ASP B 857 11.29 16.55 38.85
N THR B 858 12.10 15.62 38.34
CA THR B 858 13.49 15.89 38.02
C THR B 858 13.79 15.81 36.53
N ILE B 859 13.42 14.72 35.86
CA ILE B 859 13.79 14.53 34.46
C ILE B 859 12.65 14.89 33.51
N PHE B 860 11.44 14.39 33.79
CA PHE B 860 10.35 14.45 32.82
C PHE B 860 9.75 15.84 32.67
N ASN B 861 9.98 16.74 33.63
CA ASN B 861 9.45 18.09 33.49
C ASN B 861 10.41 18.99 32.73
N LEU B 862 11.61 18.50 32.46
CA LEU B 862 12.59 19.29 31.73
C LEU B 862 12.19 19.38 30.26
N PRO B 863 12.59 20.45 29.57
CA PRO B 863 12.38 20.50 28.12
C PRO B 863 13.40 19.64 27.40
N LYS B 864 13.35 19.69 26.06
CA LYS B 864 14.08 18.73 25.25
C LYS B 864 15.59 18.95 25.29
N ASN B 865 16.03 20.20 25.47
CA ASN B 865 17.45 20.50 25.40
C ASN B 865 18.23 20.02 26.62
N LYS B 866 17.60 19.93 27.78
CA LYS B 866 18.23 19.41 28.98
C LYS B 866 17.87 17.96 29.25
N LEU B 867 17.15 17.31 28.33
CA LEU B 867 16.66 15.97 28.60
C LEU B 867 17.78 14.95 28.43
N LEU B 868 18.53 15.04 27.34
CA LEU B 868 19.57 14.04 27.08
C LEU B 868 20.78 14.24 27.99
N ASP B 869 20.98 15.46 28.47
CA ASP B 869 22.11 15.72 29.36
C ASP B 869 21.78 15.28 30.78
N ALA B 870 20.52 15.38 31.19
CA ALA B 870 20.16 14.98 32.54
C ALA B 870 20.13 13.46 32.67
N LEU B 871 19.81 12.76 31.59
CA LEU B 871 19.79 11.30 31.64
C LEU B 871 21.20 10.73 31.68
N ASN B 872 22.17 11.47 31.12
CA ASN B 872 23.56 11.02 31.13
C ASN B 872 24.18 11.13 32.53
N LYS B 873 23.82 12.17 33.27
CA LYS B 873 24.37 12.37 34.59
C LYS B 873 23.65 11.56 35.66
N LYS B 874 22.41 11.13 35.38
CA LYS B 874 21.57 10.40 36.32
C LYS B 874 21.53 8.91 35.96
N ARG B 875 22.41 8.49 35.04
CA ARG B 875 22.24 7.23 34.32
C ARG B 875 22.30 6.01 35.22
N ASP B 876 23.44 5.79 35.87
CA ASP B 876 23.62 4.57 36.68
C ASP B 876 22.72 4.56 37.91
N HIS B 877 22.17 5.71 38.28
CA HIS B 877 21.18 5.76 39.33
C HIS B 877 19.79 5.37 38.81
N ILE B 878 19.49 5.73 37.56
CA ILE B 878 18.24 5.30 36.93
C ILE B 878 18.26 3.80 36.67
N ILE B 879 19.41 3.29 36.20
CA ILE B 879 19.56 1.86 35.94
C ILE B 879 19.48 1.06 37.24
N LYS B 880 19.83 1.70 38.36
CA LYS B 880 19.81 1.04 39.65
C LYS B 880 18.40 0.67 40.08
N LYS B 881 17.42 1.55 39.83
CA LYS B 881 16.10 1.32 40.37
C LYS B 881 15.09 0.91 39.29
N LEU B 882 15.50 0.91 38.03
CA LEU B 882 14.75 0.15 37.04
C LEU B 882 14.93 -1.33 37.26
N ASN B 883 16.09 -1.72 37.78
CA ASN B 883 16.35 -3.12 38.08
C ASN B 883 15.76 -3.50 39.43
N ASN B 884 15.70 -2.54 40.36
CA ASN B 884 15.33 -2.87 41.72
C ASN B 884 13.87 -2.51 42.01
N ASP B 885 13.44 -1.31 41.63
CA ASP B 885 12.16 -0.78 42.05
C ASP B 885 11.08 -0.76 40.98
N PHE B 886 11.42 -0.56 39.71
CA PHE B 886 10.39 -0.33 38.72
C PHE B 886 10.06 -1.63 37.98
N GLN B 887 8.84 -1.70 37.46
CA GLN B 887 8.30 -2.91 36.85
C GLN B 887 8.85 -3.19 35.46
N LYS B 888 9.40 -2.18 34.78
CA LYS B 888 10.03 -2.39 33.49
C LYS B 888 11.54 -2.35 33.69
N PRO B 889 12.23 -3.48 33.66
CA PRO B 889 13.65 -3.49 34.02
C PRO B 889 14.52 -2.88 32.95
N TRP B 890 15.80 -2.71 33.29
CA TRP B 890 16.79 -2.37 32.28
C TRP B 890 17.26 -3.64 31.59
N PHE B 891 17.29 -3.58 30.25
CA PHE B 891 17.42 -4.80 29.46
C PHE B 891 18.83 -5.35 29.50
N GLY B 892 19.84 -4.47 29.57
CA GLY B 892 21.21 -4.90 29.51
C GLY B 892 21.68 -5.68 30.71
N LYS B 893 22.08 -6.93 30.53
CA LYS B 893 22.60 -7.75 31.62
C LYS B 893 23.61 -8.75 31.05
N ASN B 894 24.89 -8.41 31.20
CA ASN B 894 25.99 -9.23 30.67
C ASN B 894 26.84 -9.74 31.83
N ALA B 895 27.00 -11.07 31.88
CA ALA B 895 27.84 -11.77 32.88
C ALA B 895 27.44 -11.41 34.30
N ASN B 896 26.12 -11.35 34.52
CA ASN B 896 25.44 -10.94 35.76
C ASN B 896 25.77 -9.51 36.18
N GLY B 897 26.38 -8.73 35.28
CA GLY B 897 26.61 -7.32 35.49
C GLY B 897 25.65 -6.53 34.63
N VAL B 898 25.09 -5.45 35.17
CA VAL B 898 24.24 -4.59 34.37
C VAL B 898 25.13 -3.81 33.42
N CYS B 899 24.60 -3.47 32.25
CA CYS B 899 25.45 -2.96 31.19
C CYS B 899 24.63 -2.15 30.20
N ASP B 900 25.31 -1.75 29.12
CA ASP B 900 24.69 -1.14 27.95
C ASP B 900 24.27 -2.25 27.01
N LEU B 901 23.43 -1.91 26.04
CA LEU B 901 22.91 -2.94 25.13
C LEU B 901 23.99 -3.45 24.19
N GLN B 902 24.86 -2.57 23.71
CA GLN B 902 25.82 -2.95 22.68
C GLN B 902 27.01 -3.73 23.22
N GLU B 903 27.06 -4.02 24.52
CA GLU B 903 28.05 -4.93 25.06
C GLU B 903 27.42 -6.23 25.55
N MET B 904 26.47 -6.76 24.79
CA MET B 904 25.87 -8.06 25.03
C MET B 904 26.01 -8.91 23.77
N THR B 905 26.23 -10.22 23.96
CA THR B 905 26.26 -11.06 22.78
C THR B 905 24.84 -11.33 22.30
N TYR B 906 24.73 -11.88 21.08
CA TYR B 906 23.42 -12.19 20.51
C TYR B 906 22.67 -13.24 21.32
N LYS B 907 23.37 -14.25 21.84
CA LYS B 907 22.70 -15.29 22.61
C LYS B 907 22.17 -14.75 23.93
N GLU B 908 22.92 -13.86 24.58
CA GLU B 908 22.42 -13.31 25.83
C GLU B 908 21.50 -12.12 25.59
N VAL B 909 21.45 -11.61 24.35
CA VAL B 909 20.34 -10.73 23.98
C VAL B 909 19.07 -11.55 23.85
N ALA B 910 19.15 -12.72 23.22
CA ALA B 910 17.97 -13.54 22.98
C ALA B 910 17.47 -14.17 24.27
N ASN B 911 18.39 -14.63 25.12
CA ASN B 911 17.95 -15.27 26.36
C ASN B 911 17.42 -14.26 27.36
N ARG B 912 17.74 -12.98 27.18
CA ARG B 912 17.15 -11.95 28.02
C ARG B 912 15.77 -11.57 27.49
N LEU B 913 15.53 -11.75 26.20
CA LEU B 913 14.19 -11.59 25.66
C LEU B 913 13.27 -12.73 26.08
N VAL B 914 13.80 -13.92 26.27
CA VAL B 914 12.99 -15.02 26.82
C VAL B 914 12.78 -14.80 28.32
N GLU B 915 13.71 -14.10 28.97
CA GLU B 915 13.55 -13.85 30.39
C GLU B 915 12.50 -12.79 30.66
N LEU B 916 12.40 -11.79 29.79
CA LEU B 916 11.54 -10.64 30.05
C LEU B 916 10.25 -10.64 29.24
N MET B 917 9.99 -11.69 28.47
CA MET B 917 8.74 -11.78 27.73
C MET B 917 8.05 -13.12 27.84
N TYR B 918 8.70 -14.15 28.34
CA TYR B 918 8.12 -15.48 28.44
C TYR B 918 8.01 -15.83 29.91
N VAL B 919 6.83 -16.27 30.32
CA VAL B 919 6.60 -16.65 31.71
C VAL B 919 6.85 -18.15 31.81
N LYS B 920 7.97 -18.52 32.43
CA LYS B 920 8.38 -19.92 32.44
C LYS B 920 7.52 -20.72 33.41
N LYS B 921 6.98 -20.06 34.44
CA LYS B 921 6.12 -20.76 35.40
C LYS B 921 4.80 -21.18 34.80
N SER B 922 4.30 -20.43 33.82
CA SER B 922 3.01 -20.73 33.21
C SER B 922 3.09 -21.03 31.73
N HIS B 923 4.29 -21.05 31.15
CA HIS B 923 4.58 -21.61 29.81
C HIS B 923 3.84 -20.87 28.70
N ARG B 924 3.71 -19.56 28.87
CA ARG B 924 2.93 -18.73 27.95
C ARG B 924 3.71 -17.45 27.72
N TRP B 925 3.37 -16.76 26.65
CA TRP B 925 3.96 -15.45 26.42
C TRP B 925 3.10 -14.39 27.06
N ILE B 926 3.69 -13.21 27.27
CA ILE B 926 2.93 -12.03 27.63
C ILE B 926 1.98 -11.65 26.51
N ASP B 927 2.48 -11.61 25.28
CA ASP B 927 1.66 -11.31 24.12
C ASP B 927 2.13 -12.19 22.97
N VAL B 928 1.22 -12.41 22.02
CA VAL B 928 1.60 -13.01 20.76
C VAL B 928 2.45 -12.04 19.95
N SER B 929 2.20 -10.74 20.09
CA SER B 929 2.95 -9.77 19.30
C SER B 929 4.34 -9.54 19.88
N LEU B 930 4.57 -9.97 21.13
CA LEU B 930 5.93 -10.05 21.64
C LEU B 930 6.60 -11.35 21.23
N ARG B 931 5.83 -12.42 21.09
CA ARG B 931 6.33 -13.62 20.48
C ARG B 931 6.70 -13.38 19.02
N ASN B 932 5.95 -12.49 18.35
CA ASN B 932 6.28 -12.15 16.97
C ASN B 932 7.38 -11.10 16.91
N MET B 933 7.84 -10.62 18.07
CA MET B 933 9.02 -9.77 18.11
C MET B 933 10.27 -10.59 18.32
N TYR B 934 10.22 -11.57 19.23
CA TYR B 934 11.37 -12.41 19.49
C TYR B 934 11.73 -13.25 18.28
N GLY B 935 10.74 -13.70 17.53
CA GLY B 935 11.03 -14.44 16.32
C GLY B 935 11.53 -13.54 15.21
N ASP B 936 11.00 -12.33 15.14
CA ASP B 936 11.43 -11.43 14.08
C ASP B 936 12.77 -10.79 14.42
N PHE B 937 13.21 -10.93 15.67
CA PHE B 937 14.61 -10.65 15.97
C PHE B 937 15.51 -11.80 15.55
N LEU B 938 15.08 -13.05 15.79
CA LEU B 938 15.90 -14.19 15.40
C LEU B 938 15.94 -14.35 13.89
N ARG B 939 15.01 -13.75 13.16
CA ARG B 939 15.12 -13.74 11.71
C ARG B 939 16.27 -12.87 11.24
N ARG B 940 16.77 -11.97 12.09
CA ARG B 940 17.96 -11.22 11.74
C ARG B 940 19.22 -11.97 12.14
N VAL B 941 19.15 -12.82 13.16
CA VAL B 941 20.33 -13.53 13.63
C VAL B 941 20.77 -14.62 12.66
N GLU B 942 19.82 -15.36 12.06
CA GLU B 942 20.19 -16.26 10.97
C GLU B 942 20.67 -15.47 9.77
N GLU B 943 20.03 -14.33 9.53
CA GLU B 943 20.36 -13.51 8.38
C GLU B 943 21.74 -12.88 8.55
N ARG B 944 22.14 -12.62 9.80
CA ARG B 944 23.44 -12.03 10.04
C ARG B 944 24.56 -13.06 9.92
N PHE B 945 24.43 -14.19 10.58
CA PHE B 945 25.52 -15.13 10.70
C PHE B 945 25.58 -16.18 9.61
N THR B 946 24.71 -16.13 8.61
CA THR B 946 24.96 -16.99 7.46
C THR B 946 25.53 -16.14 6.33
N SER B 947 26.18 -16.80 5.37
CA SER B 947 26.95 -16.07 4.38
C SER B 947 26.82 -16.71 3.01
N SER B 948 26.34 -15.91 2.07
CA SER B 948 26.32 -16.14 0.61
C SER B 948 25.59 -17.44 0.29
N ALA B 949 24.61 -17.86 1.07
CA ALA B 949 24.21 -19.26 1.04
C ALA B 949 22.80 -19.51 0.50
N GLY B 950 21.81 -18.76 0.95
CA GLY B 950 20.43 -19.15 0.69
C GLY B 950 19.98 -20.39 1.42
N THR B 951 20.30 -20.52 2.70
CA THR B 951 19.95 -21.68 3.51
C THR B 951 18.47 -21.55 3.89
N VAL B 952 17.76 -22.66 4.06
CA VAL B 952 16.42 -22.65 4.65
C VAL B 952 16.55 -22.35 6.13
N SER B 953 15.48 -21.83 6.72
CA SER B 953 15.56 -21.31 8.08
C SER B 953 15.38 -22.43 9.09
N LEU B 954 15.98 -22.23 10.26
CA LEU B 954 15.53 -23.01 11.42
C LEU B 954 14.20 -22.52 11.95
N LEU B 955 13.80 -21.31 11.58
CA LEU B 955 12.55 -20.73 12.05
C LEU B 955 11.63 -20.53 10.86
N GLN B 956 10.88 -21.59 10.56
CA GLN B 956 9.95 -21.56 9.43
C GLN B 956 8.64 -20.93 9.82
N ASN B 957 8.15 -21.21 11.02
CA ASN B 957 6.89 -20.67 11.50
C ASN B 957 7.11 -20.14 12.91
N PHE B 958 6.52 -18.98 13.19
CA PHE B 958 6.59 -18.34 14.51
C PHE B 958 5.98 -19.20 15.61
N ASN B 959 5.15 -20.17 15.28
CA ASN B 959 4.56 -21.06 16.27
C ASN B 959 5.57 -22.02 16.86
N GLN B 960 6.80 -22.06 16.35
CA GLN B 960 7.87 -22.80 17.00
C GLN B 960 8.34 -22.12 18.28
N LEU B 961 8.05 -20.82 18.45
CA LEU B 961 8.53 -20.12 19.63
C LEU B 961 7.62 -20.31 20.84
N ASN B 962 6.64 -21.22 20.78
CA ASN B 962 5.77 -21.40 21.92
C ASN B 962 6.41 -22.20 23.04
N GLU B 963 7.59 -22.80 22.78
CA GLU B 963 8.41 -23.40 23.81
C GLU B 963 9.87 -23.03 23.52
N PRO B 964 10.33 -21.88 24.00
CA PRO B 964 11.57 -21.31 23.44
C PRO B 964 12.84 -21.89 24.01
N GLU B 965 12.85 -22.30 25.30
CA GLU B 965 14.10 -22.62 25.97
C GLU B 965 14.78 -23.85 25.41
N GLN B 966 14.00 -24.78 24.85
CA GLN B 966 14.61 -25.89 24.13
C GLN B 966 14.86 -25.51 22.68
N PHE B 967 14.10 -24.54 22.16
CA PHE B 967 14.34 -24.09 20.80
C PHE B 967 15.55 -23.17 20.72
N THR B 968 15.71 -22.28 21.70
CA THR B 968 16.79 -21.29 21.63
C THR B 968 18.14 -21.97 21.78
N ALA B 969 18.21 -23.01 22.59
CA ALA B 969 19.46 -23.76 22.72
C ALA B 969 19.79 -24.50 21.44
N ASP B 970 18.79 -25.12 20.81
CA ASP B 970 19.02 -25.85 19.56
C ASP B 970 19.30 -24.89 18.42
N PHE B 971 18.85 -23.65 18.55
CA PHE B 971 19.15 -22.63 17.56
C PHE B 971 20.58 -22.14 17.68
N PHE B 972 21.04 -21.93 18.91
CA PHE B 972 22.36 -21.38 19.17
C PHE B 972 23.44 -22.44 19.28
N GLU B 973 23.12 -23.70 19.00
CA GLU B 973 24.18 -24.66 18.72
C GLU B 973 24.51 -24.69 17.24
N LYS B 974 23.58 -24.23 16.39
CA LYS B 974 23.91 -24.07 14.99
C LYS B 974 24.78 -22.82 14.79
N PHE B 975 24.68 -21.87 15.71
CA PHE B 975 25.48 -20.65 15.70
C PHE B 975 26.28 -20.54 17.00
N PRO B 976 27.41 -21.23 17.10
CA PRO B 976 28.26 -21.03 18.29
C PRO B 976 28.91 -19.67 18.30
N GLN B 977 29.10 -19.07 17.13
CA GLN B 977 29.76 -17.78 17.04
C GLN B 977 28.81 -16.64 17.41
N ALA B 978 27.51 -16.90 17.45
CA ALA B 978 26.56 -15.88 17.91
C ALA B 978 26.64 -15.68 19.40
N GLY B 979 26.95 -16.72 20.14
CA GLY B 979 27.10 -16.60 21.58
C GLY B 979 28.35 -15.92 22.04
N LYS B 980 29.27 -15.63 21.11
CA LYS B 980 30.51 -14.96 21.46
C LYS B 980 30.66 -13.58 20.81
N GLN B 981 30.07 -13.34 19.65
CA GLN B 981 30.10 -12.01 19.04
C GLN B 981 29.02 -11.16 19.69
N LEU B 982 29.36 -9.90 20.01
CA LEU B 982 28.38 -8.97 20.55
C LEU B 982 27.33 -8.60 19.51
N ILE B 983 26.26 -7.95 19.96
CA ILE B 983 25.23 -7.41 19.09
C ILE B 983 25.85 -6.37 18.16
N SER B 984 25.57 -6.48 16.87
CA SER B 984 26.07 -5.49 15.94
C SER B 984 25.27 -4.21 16.11
N GLU B 985 25.88 -3.09 15.71
CA GLU B 985 25.20 -1.80 15.85
C GLU B 985 24.10 -1.67 14.81
N GLU B 986 24.24 -2.36 13.70
CA GLU B 986 23.15 -2.43 12.74
C GLU B 986 22.01 -3.30 13.27
N ASP B 987 22.33 -4.28 14.11
CA ASP B 987 21.31 -5.08 14.76
C ASP B 987 20.97 -4.53 16.13
N CYS B 988 21.57 -3.41 16.52
CA CYS B 988 21.19 -2.78 17.78
C CYS B 988 20.11 -1.74 17.55
N ASP B 989 20.24 -0.90 16.52
CA ASP B 989 19.17 0.04 16.25
C ASP B 989 18.01 -0.64 15.55
N TYR B 990 18.23 -1.85 15.04
CA TYR B 990 17.13 -2.70 14.60
C TYR B 990 16.30 -3.16 15.78
N PHE B 991 16.96 -3.56 16.87
CA PHE B 991 16.30 -3.98 18.09
C PHE B 991 15.46 -2.86 18.68
N LEU B 992 15.93 -1.62 18.57
CA LEU B 992 15.17 -0.48 19.06
C LEU B 992 14.02 -0.17 18.12
N MET B 993 14.14 -0.58 16.86
CA MET B 993 13.07 -0.35 15.90
C MET B 993 12.00 -1.44 16.02
N LEU B 994 12.36 -2.59 16.59
CA LEU B 994 11.36 -3.59 16.91
C LEU B 994 10.60 -3.23 18.17
N ALA B 995 11.28 -2.67 19.16
CA ALA B 995 10.62 -2.43 20.44
C ALA B 995 9.66 -1.24 20.39
N ALA B 996 9.81 -0.36 19.41
CA ALA B 996 8.93 0.77 19.23
C ALA B 996 8.15 0.70 17.94
N ARG B 997 7.79 -0.48 17.50
CA ARG B 997 7.08 -0.62 16.24
C ARG B 997 5.59 -0.37 16.48
N PRO B 998 4.85 0.15 15.50
CA PRO B 998 3.43 0.40 15.71
C PRO B 998 2.64 -0.90 15.73
N GLY B 999 1.49 -0.85 16.40
CA GLY B 999 0.60 -1.99 16.47
C GLY B 999 1.08 -3.11 17.36
N GLN B 1000 2.15 -2.91 18.12
CA GLN B 1000 2.70 -3.94 18.99
C GLN B 1000 2.25 -3.64 20.42
N LYS B 1001 2.29 -4.66 21.26
CA LYS B 1001 2.27 -4.41 22.68
C LYS B 1001 3.56 -3.70 23.07
N PRO B 1002 3.50 -2.67 23.91
CA PRO B 1002 4.73 -2.02 24.37
C PRO B 1002 5.61 -2.95 25.17
N VAL B 1003 6.91 -2.78 25.01
CA VAL B 1003 7.89 -3.78 25.41
C VAL B 1003 8.08 -3.74 26.92
N PRO B 1004 8.26 -4.87 27.62
CA PRO B 1004 8.27 -4.85 29.08
C PRO B 1004 9.55 -4.36 29.73
N PHE B 1005 10.42 -3.67 29.00
CA PHE B 1005 11.67 -3.17 29.55
C PHE B 1005 12.04 -1.88 28.85
N VAL B 1006 13.16 -1.29 29.27
CA VAL B 1006 13.74 -0.12 28.62
C VAL B 1006 15.08 -0.53 28.01
N PRO B 1007 15.29 -0.33 26.72
CA PRO B 1007 16.58 -0.65 26.14
C PRO B 1007 17.58 0.50 26.06
N VAL B 1008 17.11 1.75 26.08
CA VAL B 1008 17.97 2.93 25.90
C VAL B 1008 17.47 4.07 26.77
N LEU B 1009 18.41 4.90 27.22
CA LEU B 1009 18.13 6.25 27.73
C LEU B 1009 18.32 7.20 26.56
N ASP B 1010 17.23 7.71 26.02
CA ASP B 1010 17.33 8.43 24.75
C ASP B 1010 16.25 9.50 24.76
N GLU B 1011 15.96 10.06 23.59
CA GLU B 1011 14.84 11.01 23.41
C GLU B 1011 13.50 10.38 23.80
N ARG B 1012 13.41 9.06 23.69
CA ARG B 1012 12.17 8.32 23.81
C ARG B 1012 12.07 7.59 25.13
N PHE B 1013 12.51 8.20 26.23
CA PHE B 1013 12.60 7.46 27.48
C PHE B 1013 11.23 7.29 28.13
N GLU B 1014 10.42 8.35 28.18
CA GLU B 1014 9.11 8.23 28.82
C GLU B 1014 8.16 7.41 27.97
N PHE B 1015 8.40 7.44 26.70
CA PHE B 1015 7.62 6.62 25.86
C PHE B 1015 8.04 5.21 26.14
N PHE B 1016 9.22 4.98 26.66
CA PHE B 1016 9.60 3.64 27.01
C PHE B 1016 9.18 3.46 28.43
N PHE B 1017 9.14 4.53 29.22
CA PHE B 1017 8.85 4.32 30.60
C PHE B 1017 7.47 4.27 31.12
N LYS B 1018 6.78 5.38 31.12
CA LYS B 1018 5.49 5.33 31.72
C LYS B 1018 4.62 4.44 30.88
N LYS B 1019 4.64 4.58 29.58
CA LYS B 1019 3.79 3.80 28.66
C LYS B 1019 3.40 2.36 28.97
N ASP B 1020 2.09 2.11 29.06
CA ASP B 1020 1.46 0.82 29.29
C ASP B 1020 1.68 0.22 30.65
N SER B 1021 2.19 0.96 31.61
CA SER B 1021 2.38 0.34 32.90
C SER B 1021 1.02 0.19 33.46
N LEU B 1022 0.40 -0.98 33.35
CA LEU B 1022 -0.96 -1.09 33.80
C LEU B 1022 -1.50 -2.45 34.01
N TRP B 1023 -1.16 -3.38 33.15
CA TRP B 1023 -1.79 -4.66 33.24
C TRP B 1023 -1.22 -5.63 34.18
N GLN B 1024 -0.11 -5.26 34.73
CA GLN B 1024 0.57 -6.10 35.65
C GLN B 1024 -0.22 -6.42 36.91
N SER B 1025 -1.20 -5.60 37.24
CA SER B 1025 -1.92 -5.76 38.50
C SER B 1025 -2.55 -7.14 38.61
N GLU B 1026 -3.13 -7.61 37.52
CA GLU B 1026 -3.77 -8.92 37.49
C GLU B 1026 -2.82 -9.99 36.97
N ASP B 1027 -1.57 -9.60 36.72
CA ASP B 1027 -0.57 -10.54 36.22
C ASP B 1027 0.81 -10.22 36.79
N LEU B 1028 0.90 -10.13 38.11
CA LEU B 1028 2.16 -9.84 38.78
C LEU B 1028 3.12 -11.03 38.76
N GLU B 1029 2.60 -12.21 38.43
CA GLU B 1029 3.41 -13.42 38.38
C GLU B 1029 4.44 -13.36 37.27
N SER B 1030 4.09 -12.71 36.16
CA SER B 1030 4.99 -12.58 35.02
C SER B 1030 5.74 -11.25 35.04
N VAL B 1031 6.33 -10.93 36.19
CA VAL B 1031 7.08 -9.68 36.34
C VAL B 1031 8.26 -9.86 37.28
N VAL B 1032 9.46 -9.61 36.74
CA VAL B 1032 10.76 -9.72 37.43
C VAL B 1032 10.86 -10.69 38.61
N ASP B 1033 10.32 -10.29 39.76
CA ASP B 1033 10.35 -11.12 40.96
C ASP B 1033 9.02 -11.04 41.70
N GLU B 1034 7.93 -10.98 40.95
CA GLU B 1034 6.61 -10.89 41.52
C GLU B 1034 6.55 -10.04 42.75
N ASP B 1035 7.15 -8.88 42.72
CA ASP B 1035 7.06 -8.06 43.88
C ASP B 1035 6.13 -7.04 43.43
N VAL B 1036 5.12 -6.83 44.24
CA VAL B 1036 4.14 -5.86 43.93
C VAL B 1036 4.72 -4.48 43.78
N GLN B 1037 5.69 -4.06 44.59
CA GLN B 1037 6.31 -2.74 44.48
C GLN B 1037 6.74 -2.38 43.12
N ARG B 1038 7.39 -3.30 42.45
CA ARG B 1038 7.82 -3.07 41.11
C ARG B 1038 6.62 -2.67 40.27
N THR B 1039 5.41 -2.49 40.84
CA THR B 1039 4.37 -2.28 39.84
C THR B 1039 3.46 -1.13 40.13
N CYS B 1040 2.60 -0.75 39.19
CA CYS B 1040 1.65 0.31 39.46
C CYS B 1040 0.28 -0.24 39.50
N ILE B 1041 -0.46 0.14 40.53
CA ILE B 1041 -1.83 -0.25 40.84
C ILE B 1041 -2.64 1.02 41.06
N LEU B 1042 -3.69 1.20 40.25
CA LEU B 1042 -4.47 2.43 40.28
C LEU B 1042 -5.52 2.32 41.37
N HIS B 1043 -5.51 3.27 42.31
CA HIS B 1043 -6.41 3.19 43.45
C HIS B 1043 -6.60 4.59 44.03
N GLY B 1044 -7.65 4.73 44.83
CA GLY B 1044 -8.06 6.04 45.31
C GLY B 1044 -7.87 6.26 46.81
N PRO B 1045 -7.58 7.50 47.20
CA PRO B 1045 -7.12 7.75 48.58
C PRO B 1045 -8.18 7.60 49.63
N VAL B 1046 -9.39 8.07 49.37
CA VAL B 1046 -10.45 7.95 50.37
C VAL B 1046 -11.11 6.58 50.30
N ALA B 1047 -10.99 5.88 49.19
CA ALA B 1047 -11.67 4.60 49.02
C ALA B 1047 -10.99 3.46 49.75
N SER B 1048 -9.77 3.66 50.26
CA SER B 1048 -8.99 2.54 50.79
C SER B 1048 -9.42 2.16 52.20
N GLN B 1049 -10.03 3.10 52.94
CA GLN B 1049 -10.41 2.87 54.32
C GLN B 1049 -11.69 2.04 54.44
N TYR B 1050 -12.29 1.67 53.32
CA TYR B 1050 -13.48 0.83 53.28
C TYR B 1050 -13.17 -0.58 52.80
N THR B 1051 -11.96 -0.78 52.25
CA THR B 1051 -11.54 -2.05 51.67
C THR B 1051 -10.65 -2.75 52.68
N SER B 1052 -11.24 -3.63 53.49
CA SER B 1052 -10.53 -4.22 54.60
C SER B 1052 -10.44 -5.74 54.50
N LYS B 1053 -11.49 -6.38 53.99
CA LYS B 1053 -11.48 -7.83 53.91
C LYS B 1053 -11.32 -8.24 52.45
N VAL B 1054 -10.47 -9.25 52.20
CA VAL B 1054 -10.04 -9.56 50.85
C VAL B 1054 -10.83 -10.76 50.30
N ASP B 1055 -11.05 -10.76 48.98
CA ASP B 1055 -11.66 -11.86 48.23
C ASP B 1055 -13.11 -12.15 48.66
N GLU B 1056 -13.80 -11.11 49.12
CA GLU B 1056 -15.24 -11.21 49.22
C GLU B 1056 -15.83 -11.01 47.83
N PRO B 1057 -16.90 -11.73 47.48
CA PRO B 1057 -17.39 -11.70 46.10
C PRO B 1057 -18.00 -10.36 45.73
N ILE B 1058 -18.04 -10.09 44.43
CA ILE B 1058 -18.49 -8.79 43.92
C ILE B 1058 -19.99 -8.61 44.12
N GLY B 1059 -20.74 -9.71 44.24
CA GLY B 1059 -22.13 -9.59 44.66
C GLY B 1059 -22.24 -9.21 46.12
N ASP B 1060 -21.44 -9.86 46.98
CA ASP B 1060 -21.60 -9.70 48.42
C ASP B 1060 -21.00 -8.37 48.90
N ILE B 1061 -20.23 -7.70 48.06
CA ILE B 1061 -19.86 -6.32 48.35
C ILE B 1061 -21.08 -5.42 48.16
N LEU B 1062 -21.70 -5.52 46.99
CA LEU B 1062 -22.78 -4.60 46.63
C LEU B 1062 -24.10 -4.99 47.28
N ASN B 1063 -24.25 -6.27 47.65
CA ASN B 1063 -25.46 -6.66 48.37
C ASN B 1063 -25.43 -6.16 49.81
N SER B 1064 -24.25 -6.17 50.43
CA SER B 1064 -24.15 -5.86 51.84
C SER B 1064 -24.26 -4.37 52.08
N ILE B 1065 -24.11 -3.56 51.03
CA ILE B 1065 -24.25 -2.12 51.21
C ILE B 1065 -25.57 -1.63 50.62
N HIS B 1066 -26.19 -2.44 49.76
CA HIS B 1066 -27.56 -2.15 49.36
C HIS B 1066 -28.52 -2.41 50.51
N GLU B 1067 -28.36 -3.56 51.17
CA GLU B 1067 -29.22 -3.90 52.30
C GLU B 1067 -28.93 -3.03 53.51
N GLY B 1068 -27.75 -2.39 53.53
CA GLY B 1068 -27.52 -1.36 54.51
C GLY B 1068 -28.33 -0.11 54.23
N HIS B 1069 -28.52 0.22 52.96
CA HIS B 1069 -29.35 1.37 52.61
C HIS B 1069 -30.82 1.04 52.79
N ILE B 1070 -31.21 -0.22 52.63
CA ILE B 1070 -32.60 -0.59 52.82
C ILE B 1070 -32.97 -0.54 54.29
N ALA B 1071 -32.08 -1.06 55.15
CA ALA B 1071 -32.39 -1.14 56.58
C ALA B 1071 -32.40 0.24 57.23
N ARG B 1072 -31.66 1.19 56.68
CA ARG B 1072 -31.76 2.57 57.15
C ARG B 1072 -33.04 3.21 56.66
N LEU B 1073 -33.43 2.91 55.42
CA LEU B 1073 -34.58 3.59 54.83
C LEU B 1073 -35.88 2.91 55.24
N ILE B 1074 -35.79 1.68 55.74
CA ILE B 1074 -36.92 1.11 56.49
C ILE B 1074 -37.08 1.84 57.82
N LYS B 1075 -35.98 2.05 58.54
CA LYS B 1075 -36.05 2.58 59.89
C LYS B 1075 -36.39 4.06 59.89
N GLU B 1076 -35.81 4.83 58.95
CA GLU B 1076 -36.03 6.27 58.99
C GLU B 1076 -37.39 6.65 58.44
N GLU B 1077 -37.70 6.26 57.20
CA GLU B 1077 -38.87 6.79 56.53
C GLU B 1077 -40.08 5.88 56.54
N TYR B 1078 -39.95 4.63 56.99
CA TYR B 1078 -41.07 3.69 57.00
C TYR B 1078 -41.39 3.11 58.36
N ALA B 1079 -40.88 3.71 59.45
CA ALA B 1079 -41.25 3.41 60.83
C ALA B 1079 -40.99 1.96 61.23
N GLY B 1080 -39.97 1.34 60.63
CA GLY B 1080 -39.60 -0.02 60.98
C GLY B 1080 -40.53 -1.09 60.46
N ASP B 1081 -41.45 -0.76 59.56
CA ASP B 1081 -42.42 -1.71 59.03
C ASP B 1081 -42.08 -2.00 57.58
N GLU B 1082 -41.98 -3.29 57.25
CA GLU B 1082 -41.78 -3.69 55.86
C GLU B 1082 -43.08 -3.72 55.06
N SER B 1083 -44.23 -3.81 55.74
CA SER B 1083 -45.49 -3.87 55.02
C SER B 1083 -45.91 -2.51 54.47
N LYS B 1084 -45.37 -1.43 55.05
CA LYS B 1084 -45.68 -0.09 54.55
C LYS B 1084 -44.99 0.21 53.23
N ILE B 1085 -44.03 -0.61 52.80
CA ILE B 1085 -43.32 -0.44 51.54
C ILE B 1085 -44.31 -0.73 50.41
N PRO B 1086 -44.38 0.12 49.38
CA PRO B 1086 -45.25 -0.16 48.25
C PRO B 1086 -44.74 -1.38 47.48
N VAL B 1087 -45.66 -2.13 46.90
CA VAL B 1087 -45.32 -3.36 46.19
C VAL B 1087 -45.83 -3.27 44.75
N VAL B 1088 -44.95 -3.61 43.81
CA VAL B 1088 -45.27 -3.57 42.39
C VAL B 1088 -44.99 -4.95 41.81
N GLU B 1089 -45.53 -5.20 40.62
CA GLU B 1089 -45.22 -6.45 39.93
C GLU B 1089 -43.83 -6.41 39.34
N TYR B 1090 -43.52 -5.38 38.55
CA TYR B 1090 -42.20 -5.26 37.99
C TYR B 1090 -41.67 -3.86 38.22
N PHE B 1091 -40.35 -3.74 38.21
CA PHE B 1091 -39.67 -2.50 38.58
C PHE B 1091 -38.83 -2.03 37.40
N GLY B 1092 -39.24 -0.94 36.78
CA GLY B 1092 -38.51 -0.35 35.69
C GLY B 1092 -39.45 0.09 34.59
N GLY B 1093 -38.87 0.59 33.50
CA GLY B 1093 -39.58 0.76 32.26
C GLY B 1093 -40.39 2.04 32.10
N LYS B 1094 -40.95 2.58 33.17
CA LYS B 1094 -41.77 3.79 33.06
C LYS B 1094 -40.88 4.98 33.37
N LYS B 1095 -40.88 5.96 32.47
CA LYS B 1095 -39.89 7.02 32.49
C LYS B 1095 -40.13 7.98 33.65
N PRO B 1096 -39.10 8.24 34.46
CA PRO B 1096 -39.25 9.27 35.51
C PRO B 1096 -39.24 10.68 34.97
N ALA B 1097 -38.80 10.88 33.73
CA ALA B 1097 -38.71 12.21 33.12
C ALA B 1097 -40.11 12.64 32.70
N SER B 1098 -40.76 13.43 33.55
CA SER B 1098 -42.08 13.93 33.23
C SER B 1098 -42.00 15.33 32.62
N VAL B 1099 -42.41 15.42 31.36
CA VAL B 1099 -42.45 16.72 30.70
C VAL B 1099 -43.73 17.44 31.09
N SER B 1100 -43.82 18.71 30.71
CA SER B 1100 -45.04 19.48 30.95
C SER B 1100 -46.13 19.04 29.99
N ALA B 1101 -46.79 17.93 30.31
CA ALA B 1101 -47.77 17.31 29.43
C ALA B 1101 -49.09 17.12 30.19
N THR B 1102 -50.18 17.03 29.44
CA THR B 1102 -51.52 16.90 30.02
C THR B 1102 -51.77 15.46 30.48
N SER B 1103 -51.80 15.30 31.80
CA SER B 1103 -52.06 13.98 32.39
C SER B 1103 -53.55 13.65 32.45
N VAL B 1104 -54.41 14.54 31.94
CA VAL B 1104 -55.85 14.26 31.93
C VAL B 1104 -56.18 13.17 30.91
N ASN B 1105 -55.45 13.14 29.81
CA ASN B 1105 -55.69 12.15 28.75
C ASN B 1105 -55.09 10.78 29.06
N ILE B 1106 -54.51 10.60 30.24
CA ILE B 1106 -54.14 9.27 30.72
C ILE B 1106 -55.38 8.61 31.32
N ILE B 1107 -55.90 7.59 30.64
CA ILE B 1107 -57.20 7.01 30.97
C ILE B 1107 -57.02 5.52 31.25
N ASP B 1108 -57.40 5.10 32.46
CA ASP B 1108 -57.52 3.69 32.77
C ASP B 1108 -58.99 3.29 32.78
N GLY B 1109 -59.26 2.02 32.47
CA GLY B 1109 -60.63 1.56 32.38
C GLY B 1109 -60.77 0.09 32.72
N ASN B 1110 -62.03 -0.34 32.87
CA ASN B 1110 -62.36 -1.70 33.28
C ASN B 1110 -62.79 -2.59 32.12
N GLN B 1111 -63.71 -2.12 31.27
CA GLN B 1111 -64.23 -2.91 30.17
C GLN B 1111 -64.42 -2.00 28.97
N VAL B 1112 -63.40 -1.92 28.12
CA VAL B 1112 -63.10 -0.72 27.35
C VAL B 1112 -63.21 -1.01 25.86
N VAL B 1113 -63.79 -0.07 25.12
CA VAL B 1113 -63.57 0.06 23.69
C VAL B 1113 -62.98 1.44 23.44
N TYR B 1114 -62.11 1.54 22.43
CA TYR B 1114 -61.40 2.76 22.09
C TYR B 1114 -61.49 3.01 20.60
N GLU B 1115 -62.59 3.62 20.15
CA GLU B 1115 -62.68 4.02 18.75
C GLU B 1115 -61.72 5.17 18.47
N ILE B 1116 -61.29 5.28 17.22
CA ILE B 1116 -60.30 6.27 16.83
C ILE B 1116 -60.57 6.72 15.39
N ASP B 1117 -60.37 8.01 15.15
CA ASP B 1117 -60.39 8.65 13.84
C ASP B 1117 -59.09 9.45 13.70
N SER B 1118 -59.10 10.41 12.76
CA SER B 1118 -57.88 11.06 12.31
C SER B 1118 -57.20 11.87 13.41
N GLU B 1119 -57.98 12.50 14.29
CA GLU B 1119 -57.41 13.48 15.21
C GLU B 1119 -57.06 12.94 16.60
N LEU B 1120 -58.00 12.32 17.31
CA LEU B 1120 -57.73 11.95 18.68
C LEU B 1120 -57.58 10.43 18.81
N PRO B 1121 -56.41 9.93 19.25
CA PRO B 1121 -55.15 10.63 19.56
C PRO B 1121 -54.03 10.50 18.51
N ASN B 1122 -52.87 11.02 18.91
CA ASN B 1122 -51.63 10.82 18.17
C ASN B 1122 -51.02 9.47 18.58
N LYS B 1123 -49.81 9.19 18.10
CA LYS B 1123 -49.23 7.86 18.26
C LYS B 1123 -48.80 7.57 19.68
N GLN B 1124 -47.98 8.45 20.26
CA GLN B 1124 -47.22 8.08 21.46
C GLN B 1124 -48.09 8.05 22.70
N GLU B 1125 -49.20 8.77 22.70
CA GLU B 1125 -50.10 8.70 23.84
C GLU B 1125 -51.17 7.63 23.65
N TRP B 1126 -51.29 7.13 22.41
CA TRP B 1126 -52.19 6.01 22.17
C TRP B 1126 -51.66 4.74 22.80
N LEU B 1127 -50.33 4.59 22.86
CA LEU B 1127 -49.75 3.46 23.58
C LEU B 1127 -49.97 3.59 25.08
N ASP B 1128 -50.11 4.82 25.57
CA ASP B 1128 -50.32 5.03 27.00
C ASP B 1128 -51.78 4.79 27.38
N LEU B 1129 -52.70 5.02 26.46
CA LEU B 1129 -54.10 4.68 26.70
C LEU B 1129 -54.28 3.18 26.81
N LEU B 1130 -53.59 2.42 25.96
CA LEU B 1130 -53.71 0.98 26.00
C LEU B 1130 -52.89 0.37 27.12
N ALA B 1131 -52.05 1.17 27.78
CA ALA B 1131 -51.30 0.67 28.92
C ALA B 1131 -52.18 0.55 30.16
N GLY B 1132 -52.75 1.66 30.60
CA GLY B 1132 -53.44 1.71 31.87
C GLY B 1132 -52.48 2.12 32.97
N THR B 1133 -53.00 2.68 34.05
CA THR B 1133 -52.11 3.18 35.09
C THR B 1133 -51.53 2.05 35.95
N GLU B 1134 -52.22 0.92 36.04
CA GLU B 1134 -51.75 -0.15 36.89
C GLU B 1134 -50.70 -0.99 36.18
N LEU B 1135 -49.68 -1.42 36.91
CA LEU B 1135 -48.58 -2.20 36.34
C LEU B 1135 -49.05 -3.64 36.20
N ASN B 1136 -49.07 -4.14 34.98
CA ASN B 1136 -49.36 -5.55 34.73
C ASN B 1136 -48.59 -5.99 33.50
N TRP B 1137 -48.97 -7.15 32.96
CA TRP B 1137 -48.26 -7.67 31.80
C TRP B 1137 -48.61 -6.90 30.54
N LEU B 1138 -49.85 -6.43 30.44
CA LEU B 1138 -50.26 -5.73 29.24
C LEU B 1138 -49.67 -4.33 29.19
N GLN B 1139 -49.55 -3.67 30.34
CA GLN B 1139 -48.83 -2.40 30.41
C GLN B 1139 -47.36 -2.62 30.08
N ALA B 1140 -46.83 -3.77 30.47
CA ALA B 1140 -45.45 -4.10 30.10
C ALA B 1140 -45.34 -4.33 28.61
N PHE B 1141 -46.27 -5.08 28.03
CA PHE B 1141 -46.09 -5.55 26.67
C PHE B 1141 -46.43 -4.47 25.66
N ILE B 1142 -47.27 -3.51 26.04
CA ILE B 1142 -47.60 -2.40 25.15
C ILE B 1142 -46.50 -1.35 25.13
N SER B 1143 -45.62 -1.31 26.15
CA SER B 1143 -44.80 -0.14 26.40
C SER B 1143 -43.36 -0.45 26.77
N THR B 1144 -42.90 -1.69 26.65
CA THR B 1144 -41.49 -2.00 26.86
C THR B 1144 -40.75 -1.64 25.58
N ASP B 1145 -39.56 -1.05 25.72
CA ASP B 1145 -38.76 -0.71 24.56
C ASP B 1145 -38.15 -1.92 23.88
N ARG B 1146 -38.11 -3.07 24.55
CA ARG B 1146 -37.28 -4.18 24.13
C ARG B 1146 -37.99 -5.50 24.38
N ILE B 1147 -37.73 -6.46 23.50
CA ILE B 1147 -38.18 -7.83 23.68
C ILE B 1147 -36.96 -8.72 23.50
N VAL B 1148 -36.66 -9.51 24.51
CA VAL B 1148 -35.52 -10.39 24.48
C VAL B 1148 -35.83 -11.57 23.59
N GLN B 1149 -35.02 -11.75 22.56
CA GLN B 1149 -35.14 -12.87 21.63
C GLN B 1149 -33.90 -13.73 21.79
N GLY B 1150 -33.88 -14.58 22.80
CA GLY B 1150 -32.73 -15.41 23.08
C GLY B 1150 -31.46 -14.63 23.33
N SER B 1151 -31.40 -13.91 24.46
CA SER B 1151 -30.30 -13.04 24.87
C SER B 1151 -30.01 -11.92 23.88
N LYS B 1152 -31.02 -11.48 23.14
CA LYS B 1152 -30.91 -10.23 22.39
C LYS B 1152 -31.71 -9.13 23.06
N HIS B 1153 -31.61 -7.91 22.53
CA HIS B 1153 -32.53 -6.82 22.84
C HIS B 1153 -32.92 -6.15 21.53
N VAL B 1154 -33.97 -6.63 20.90
CA VAL B 1154 -34.45 -6.08 19.66
C VAL B 1154 -35.72 -5.30 19.95
N SER B 1155 -36.19 -4.55 18.96
CA SER B 1155 -37.30 -3.61 19.12
C SER B 1155 -38.61 -4.33 19.42
N ASN B 1156 -39.54 -3.58 19.97
CA ASN B 1156 -40.84 -4.07 20.42
C ASN B 1156 -41.76 -4.29 19.23
N PRO B 1157 -42.39 -5.46 19.09
CA PRO B 1157 -43.31 -5.67 17.96
C PRO B 1157 -44.60 -4.89 18.07
N LEU B 1158 -45.15 -4.68 19.26
CA LEU B 1158 -46.44 -4.01 19.35
C LEU B 1158 -46.30 -2.51 19.17
N HIS B 1159 -45.06 -2.01 19.19
CA HIS B 1159 -44.84 -0.58 19.27
C HIS B 1159 -45.08 0.08 17.92
N ASP B 1160 -45.11 -0.71 16.86
CA ASP B 1160 -45.42 -0.15 15.54
C ASP B 1160 -46.61 -0.85 14.88
N ILE B 1161 -46.96 -2.07 15.31
CA ILE B 1161 -48.10 -2.70 14.68
C ILE B 1161 -49.40 -2.18 15.28
N LEU B 1162 -49.34 -1.56 16.45
CA LEU B 1162 -50.48 -0.90 17.03
C LEU B 1162 -50.43 0.60 16.82
N THR B 1163 -49.85 1.03 15.70
CA THR B 1163 -49.84 2.42 15.31
C THR B 1163 -51.28 2.88 15.04
N PRO B 1164 -51.67 4.10 15.49
CA PRO B 1164 -53.04 4.57 15.23
C PRO B 1164 -53.37 4.72 13.75
N ALA B 1165 -54.64 4.48 13.43
CA ALA B 1165 -55.10 4.52 12.05
C ALA B 1165 -56.57 4.89 12.01
N LYS B 1166 -57.06 5.28 10.83
CA LYS B 1166 -58.44 5.70 10.66
C LYS B 1166 -59.38 4.51 10.79
N HIS B 1167 -60.57 4.77 11.34
CA HIS B 1167 -61.66 3.81 11.52
C HIS B 1167 -61.34 2.60 12.40
N SER B 1168 -60.25 2.65 13.16
CA SER B 1168 -59.90 1.52 13.99
C SER B 1168 -60.57 1.61 15.35
N LYS B 1169 -60.47 0.51 16.11
CA LYS B 1169 -60.89 0.44 17.50
C LYS B 1169 -60.21 -0.75 18.15
N VAL B 1170 -59.95 -0.67 19.45
CA VAL B 1170 -59.39 -1.78 20.20
C VAL B 1170 -60.35 -2.11 21.34
N THR B 1171 -60.23 -3.30 21.91
CA THR B 1171 -61.13 -3.75 22.95
C THR B 1171 -60.34 -4.40 24.06
N ILE B 1172 -60.37 -3.78 25.24
CA ILE B 1172 -59.70 -4.27 26.43
C ILE B 1172 -60.77 -4.52 27.48
N ASP B 1173 -60.91 -5.77 27.93
CA ASP B 1173 -62.03 -6.12 28.78
C ASP B 1173 -61.60 -6.86 30.03
N LYS B 1174 -62.25 -6.51 31.15
CA LYS B 1174 -62.17 -7.19 32.44
C LYS B 1174 -60.74 -7.19 32.98
N LYS B 1175 -60.26 -5.98 33.29
CA LYS B 1175 -58.95 -5.73 33.92
C LYS B 1175 -57.81 -6.27 33.05
N THR B 1176 -57.73 -5.74 31.82
CA THR B 1176 -56.65 -5.92 30.85
C THR B 1176 -56.30 -7.37 30.52
N LYS B 1177 -57.24 -8.29 30.69
CA LYS B 1177 -56.93 -9.70 30.52
C LYS B 1177 -56.85 -10.08 29.04
N LYS B 1178 -57.42 -9.27 28.16
CA LYS B 1178 -57.32 -9.51 26.72
C LYS B 1178 -57.46 -8.20 25.98
N LEU B 1179 -56.47 -7.90 25.14
CA LEU B 1179 -56.53 -6.78 24.21
C LEU B 1179 -56.84 -7.33 22.83
N THR B 1180 -57.82 -6.75 22.16
CA THR B 1180 -58.19 -7.20 20.83
C THR B 1180 -58.39 -5.96 19.96
N ALA B 1181 -57.60 -5.88 18.89
CA ALA B 1181 -57.56 -4.68 18.04
C ALA B 1181 -58.30 -4.94 16.75
N PHE B 1182 -59.08 -3.97 16.31
CA PHE B 1182 -59.90 -4.07 15.12
C PHE B 1182 -59.43 -3.04 14.10
N GLU B 1183 -59.73 -3.28 12.83
CA GLU B 1183 -59.59 -2.29 11.77
C GLU B 1183 -60.52 -2.66 10.63
N ASN B 1184 -60.85 -1.65 9.82
CA ASN B 1184 -61.94 -1.81 8.86
C ASN B 1184 -61.39 -2.36 7.54
N ILE B 1185 -61.97 -3.47 7.09
CA ILE B 1185 -61.68 -4.04 5.77
C ILE B 1185 -63.00 -4.29 5.04
N LYS B 1186 -63.07 -3.83 3.78
CA LYS B 1186 -64.22 -3.98 2.85
C LYS B 1186 -65.57 -3.62 3.46
N GLY B 1187 -65.58 -2.69 4.41
CA GLY B 1187 -66.80 -2.31 5.10
C GLY B 1187 -66.99 -3.03 6.42
N ASP B 1188 -66.68 -4.32 6.44
CA ASP B 1188 -66.80 -5.12 7.65
C ASP B 1188 -65.67 -4.77 8.63
N LEU B 1189 -65.86 -5.15 9.88
CA LEU B 1189 -64.85 -4.89 10.90
C LEU B 1189 -64.57 -6.15 11.69
N LEU B 1190 -63.35 -6.65 11.57
CA LEU B 1190 -62.96 -7.98 12.03
C LEU B 1190 -61.67 -7.88 12.82
N PRO B 1191 -61.40 -8.84 13.71
CA PRO B 1191 -60.17 -8.78 14.51
C PRO B 1191 -58.94 -9.05 13.65
N VAL B 1192 -57.92 -8.22 13.84
CA VAL B 1192 -56.63 -8.46 13.21
C VAL B 1192 -55.53 -8.74 14.22
N VAL B 1193 -55.64 -8.21 15.44
CA VAL B 1193 -54.63 -8.40 16.48
C VAL B 1193 -55.36 -8.89 17.73
N GLU B 1194 -54.85 -9.94 18.35
CA GLU B 1194 -55.34 -10.39 19.65
C GLU B 1194 -54.17 -10.62 20.59
N ILE B 1195 -54.24 -10.06 21.79
CA ILE B 1195 -53.28 -10.35 22.84
C ILE B 1195 -54.07 -10.87 24.02
N GLU B 1196 -53.68 -12.02 24.55
CA GLU B 1196 -54.33 -12.54 25.74
C GLU B 1196 -53.32 -13.38 26.51
N LEU B 1197 -53.64 -13.63 27.77
CA LEU B 1197 -52.92 -14.64 28.53
C LEU B 1197 -53.41 -16.03 28.19
N VAL B 1198 -52.47 -16.93 28.07
CA VAL B 1198 -52.70 -18.36 27.93
C VAL B 1198 -52.00 -18.95 29.13
N LYS B 1199 -51.82 -20.29 29.16
CA LYS B 1199 -51.29 -21.15 30.23
C LYS B 1199 -50.16 -20.47 31.01
N PRO B 1200 -50.23 -20.50 32.38
CA PRO B 1200 -49.88 -19.33 33.21
C PRO B 1200 -48.58 -18.59 32.93
N ASN B 1201 -48.68 -17.25 32.99
CA ASN B 1201 -47.55 -16.32 32.90
C ASN B 1201 -46.90 -16.37 31.51
N THR B 1202 -47.75 -16.50 30.48
CA THR B 1202 -47.32 -16.50 29.07
C THR B 1202 -48.31 -15.67 28.25
N ILE B 1203 -47.77 -14.73 27.47
CA ILE B 1203 -48.60 -13.96 26.54
C ILE B 1203 -48.65 -14.68 25.20
N GLN B 1204 -49.84 -14.79 24.62
CA GLN B 1204 -49.98 -15.19 23.22
C GLN B 1204 -50.48 -14.02 22.39
N LEU B 1205 -49.60 -13.49 21.54
CA LEU B 1205 -49.94 -12.48 20.54
C LEU B 1205 -50.49 -13.19 19.32
N SER B 1206 -51.81 -13.16 19.16
CA SER B 1206 -52.47 -13.83 18.05
C SER B 1206 -52.77 -12.78 16.98
N LEU B 1207 -52.07 -12.88 15.86
CA LEU B 1207 -52.09 -11.89 14.81
C LEU B 1207 -52.87 -12.46 13.63
N ILE B 1208 -54.04 -11.89 13.34
CA ILE B 1208 -55.05 -12.55 12.52
C ILE B 1208 -55.00 -12.06 11.08
N GLU B 1209 -55.02 -13.01 10.14
CA GLU B 1209 -55.14 -12.74 8.71
C GLU B 1209 -56.43 -13.34 8.20
N HIS B 1210 -57.21 -12.54 7.47
CA HIS B 1210 -58.56 -12.95 7.08
C HIS B 1210 -58.66 -13.45 5.65
N ARG B 1211 -58.05 -12.76 4.70
CA ARG B 1211 -58.24 -13.03 3.28
C ARG B 1211 -57.40 -14.25 2.89
N THR B 1212 -58.04 -15.40 2.81
CA THR B 1212 -57.44 -16.65 2.37
C THR B 1212 -58.18 -17.15 1.14
N ALA B 1213 -57.97 -18.42 0.82
CA ALA B 1213 -58.62 -19.00 -0.36
C ALA B 1213 -60.11 -19.15 -0.14
N ASP B 1214 -60.51 -19.59 1.05
CA ASP B 1214 -61.92 -19.78 1.39
C ASP B 1214 -62.38 -18.87 2.52
N THR B 1215 -61.83 -17.65 2.61
CA THR B 1215 -62.13 -16.53 3.51
C THR B 1215 -62.15 -16.87 5.00
N ASN B 1216 -61.67 -18.06 5.36
CA ASN B 1216 -61.54 -18.47 6.75
C ASN B 1216 -60.39 -17.70 7.39
N PRO B 1217 -60.61 -17.00 8.51
CA PRO B 1217 -59.50 -16.31 9.17
C PRO B 1217 -58.51 -17.30 9.77
N VAL B 1218 -57.22 -17.01 9.59
CA VAL B 1218 -56.15 -17.75 10.22
C VAL B 1218 -55.27 -16.77 10.98
N ALA B 1219 -54.71 -17.23 12.08
CA ALA B 1219 -53.98 -16.37 13.00
C ALA B 1219 -52.58 -16.92 13.20
N LEU B 1220 -51.64 -16.02 13.51
CA LEU B 1220 -50.24 -16.39 13.66
C LEU B 1220 -49.89 -16.47 15.13
N PRO B 1221 -49.70 -17.67 15.68
CA PRO B 1221 -49.45 -17.78 17.12
C PRO B 1221 -48.04 -17.36 17.51
N PHE B 1222 -47.94 -16.33 18.35
CA PHE B 1222 -46.68 -15.93 18.93
C PHE B 1222 -46.71 -16.27 20.41
N LEU B 1223 -45.54 -16.58 20.96
CA LEU B 1223 -45.42 -16.88 22.37
C LEU B 1223 -44.39 -15.97 23.01
N TYR B 1224 -44.84 -15.16 23.96
CA TYR B 1224 -43.98 -14.27 24.73
C TYR B 1224 -44.07 -14.68 26.18
N LYS B 1225 -42.92 -14.86 26.81
CA LYS B 1225 -42.88 -15.19 28.22
C LYS B 1225 -42.74 -13.91 29.04
N TYR B 1226 -43.46 -13.82 30.14
CA TYR B 1226 -43.43 -12.64 31.00
C TYR B 1226 -42.59 -12.92 32.25
N ASN B 1227 -41.66 -12.02 32.55
CA ASN B 1227 -40.80 -12.19 33.71
C ASN B 1227 -41.01 -11.01 34.65
N PRO B 1228 -41.67 -11.23 35.80
CA PRO B 1228 -41.83 -10.13 36.75
C PRO B 1228 -40.55 -9.75 37.47
N ALA B 1229 -39.59 -10.67 37.57
CA ALA B 1229 -38.40 -10.42 38.37
C ALA B 1229 -37.47 -9.41 37.72
N ASP B 1230 -37.37 -9.46 36.39
CA ASP B 1230 -36.56 -8.52 35.64
C ASP B 1230 -37.49 -7.44 35.11
N GLY B 1231 -37.16 -6.19 35.36
CA GLY B 1231 -38.00 -5.11 34.91
C GLY B 1231 -37.47 -4.32 33.75
N PHE B 1232 -36.16 -4.37 33.50
CA PHE B 1232 -35.58 -3.70 32.34
C PHE B 1232 -36.03 -4.33 31.04
N ALA B 1233 -36.12 -5.66 31.01
CA ALA B 1233 -36.69 -6.41 29.90
C ALA B 1233 -37.61 -7.46 30.48
N PRO B 1234 -38.87 -7.10 30.76
CA PRO B 1234 -39.77 -8.04 31.44
C PRO B 1234 -40.27 -9.15 30.56
N ILE B 1235 -40.32 -8.95 29.25
CA ILE B 1235 -40.97 -9.91 28.37
C ILE B 1235 -39.96 -10.42 27.37
N LEU B 1236 -39.68 -11.71 27.46
CA LEU B 1236 -38.69 -12.38 26.64
C LEU B 1236 -39.39 -13.37 25.74
N GLU B 1237 -39.13 -13.26 24.45
CA GLU B 1237 -39.86 -14.04 23.46
C GLU B 1237 -39.35 -15.48 23.46
N ILE B 1238 -40.27 -16.43 23.45
CA ILE B 1238 -39.91 -17.85 23.38
C ILE B 1238 -39.45 -18.12 21.96
N MET B 1239 -38.14 -18.26 21.78
CA MET B 1239 -37.58 -18.56 20.47
C MET B 1239 -37.63 -20.04 20.15
N GLU B 1240 -37.98 -20.88 21.12
CA GLU B 1240 -38.14 -22.30 20.84
C GLU B 1240 -39.40 -22.50 20.03
N ASP B 1241 -39.29 -23.35 18.99
CA ASP B 1241 -40.39 -23.78 18.13
C ASP B 1241 -41.03 -22.61 17.38
N ARG B 1242 -40.27 -21.54 17.12
CA ARG B 1242 -40.89 -20.34 16.55
C ARG B 1242 -41.04 -20.46 15.05
N ASN B 1243 -40.03 -21.01 14.37
CA ASN B 1243 -40.07 -21.11 12.91
C ASN B 1243 -41.13 -22.10 12.45
N GLU B 1244 -41.44 -23.09 13.26
CA GLU B 1244 -42.46 -24.06 12.88
C GLU B 1244 -43.85 -23.50 13.10
N ARG B 1245 -43.99 -22.55 14.02
CA ARG B 1245 -45.29 -21.87 14.16
C ARG B 1245 -45.56 -20.97 12.97
N ILE B 1246 -44.51 -20.33 12.44
CA ILE B 1246 -44.69 -19.39 11.35
C ILE B 1246 -44.90 -20.14 10.04
N LYS B 1247 -44.33 -21.34 9.92
CA LYS B 1247 -44.49 -22.10 8.69
C LYS B 1247 -45.87 -22.74 8.59
N GLU B 1248 -46.46 -23.14 9.72
CA GLU B 1248 -47.80 -23.73 9.67
C GLU B 1248 -48.84 -22.70 9.29
N PHE B 1249 -48.58 -21.44 9.60
CA PHE B 1249 -49.46 -20.35 9.20
C PHE B 1249 -49.41 -20.14 7.69
N TYR B 1250 -48.21 -20.08 7.13
CA TYR B 1250 -48.06 -19.88 5.70
C TYR B 1250 -48.48 -21.12 4.91
N TRP B 1251 -48.44 -22.29 5.55
CA TRP B 1251 -48.96 -23.50 4.91
C TRP B 1251 -50.48 -23.42 4.75
N LYS B 1252 -51.16 -22.77 5.69
CA LYS B 1252 -52.60 -22.61 5.59
C LYS B 1252 -52.96 -21.54 4.57
N LEU B 1253 -52.08 -20.57 4.38
CA LEU B 1253 -52.36 -19.47 3.46
C LEU B 1253 -52.20 -19.91 2.02
N TRP B 1254 -51.01 -20.39 1.67
CA TRP B 1254 -50.65 -20.67 0.30
C TRP B 1254 -51.32 -21.92 -0.24
N PHE B 1255 -51.81 -22.77 0.65
CA PHE B 1255 -52.35 -24.05 0.19
C PHE B 1255 -53.81 -24.22 0.60
N GLY B 1256 -54.12 -23.91 1.85
CA GLY B 1256 -55.43 -24.14 2.42
C GLY B 1256 -55.39 -25.10 3.58
N SER B 1257 -56.50 -25.15 4.32
CA SER B 1257 -56.58 -26.07 5.44
C SER B 1257 -56.93 -27.49 5.02
N SER B 1258 -57.23 -27.70 3.73
CA SER B 1258 -57.57 -29.03 3.22
C SER B 1258 -56.37 -29.96 3.16
N VAL B 1259 -55.15 -29.44 3.19
CA VAL B 1259 -53.97 -30.28 3.20
C VAL B 1259 -53.32 -30.20 4.57
N PRO B 1260 -52.93 -31.32 5.18
CA PRO B 1260 -52.33 -31.27 6.50
C PRO B 1260 -50.90 -30.75 6.43
N TYR B 1261 -50.40 -30.26 7.56
CA TYR B 1261 -49.06 -29.74 7.59
C TYR B 1261 -48.05 -30.87 7.61
N SER B 1262 -47.32 -31.04 6.51
CA SER B 1262 -46.25 -32.02 6.44
C SER B 1262 -44.97 -31.28 6.16
N ASN B 1263 -43.98 -31.46 7.03
CA ASN B 1263 -42.69 -30.80 6.88
C ASN B 1263 -41.59 -31.77 6.49
N ASP B 1264 -41.92 -33.03 6.27
CA ASP B 1264 -40.93 -34.03 5.84
C ASP B 1264 -40.82 -34.07 4.32
N ILE B 1265 -40.50 -32.93 3.72
CA ILE B 1265 -40.24 -32.85 2.29
C ILE B 1265 -38.79 -33.20 2.05
N ASN B 1266 -38.56 -34.21 1.22
CA ASN B 1266 -37.20 -34.50 0.77
C ASN B 1266 -36.79 -33.43 -0.23
N VAL B 1267 -35.60 -32.90 -0.06
CA VAL B 1267 -35.19 -31.73 -0.83
C VAL B 1267 -34.72 -32.13 -2.22
N GLU B 1268 -34.05 -33.28 -2.33
CA GLU B 1268 -33.47 -33.72 -3.59
C GLU B 1268 -34.52 -34.07 -4.64
N LYS B 1269 -35.63 -34.67 -4.24
CA LYS B 1269 -36.66 -35.05 -5.20
C LYS B 1269 -37.44 -33.83 -5.67
N ALA B 1270 -37.96 -33.91 -6.89
CA ALA B 1270 -38.72 -32.82 -7.46
C ALA B 1270 -40.10 -32.75 -6.81
N ILE B 1271 -40.66 -31.54 -6.75
CA ILE B 1271 -41.93 -31.29 -6.09
C ILE B 1271 -43.02 -31.26 -7.14
N LEU B 1272 -43.98 -32.15 -7.01
CA LEU B 1272 -45.09 -32.21 -7.95
C LEU B 1272 -46.09 -31.11 -7.64
N GLY B 1273 -46.76 -30.63 -8.70
CA GLY B 1273 -47.84 -29.69 -8.51
C GLY B 1273 -49.18 -30.36 -8.75
N ASP B 1274 -50.08 -29.66 -9.44
CA ASP B 1274 -51.40 -30.19 -9.72
C ASP B 1274 -51.89 -29.63 -11.04
N GLU B 1275 -52.78 -30.39 -11.68
CA GLU B 1275 -53.24 -30.06 -13.03
C GLU B 1275 -54.21 -28.90 -12.97
N ILE B 1276 -53.83 -27.78 -13.58
CA ILE B 1276 -54.70 -26.62 -13.73
C ILE B 1276 -55.07 -26.54 -15.20
N THR B 1277 -56.33 -26.24 -15.49
CA THR B 1277 -56.79 -26.04 -16.85
C THR B 1277 -56.95 -24.56 -17.10
N ILE B 1278 -56.28 -24.05 -18.13
CA ILE B 1278 -56.28 -22.62 -18.43
C ILE B 1278 -57.64 -22.32 -19.06
N SER B 1279 -58.55 -21.77 -18.25
CA SER B 1279 -59.85 -21.38 -18.76
C SER B 1279 -59.78 -19.98 -19.34
N SER B 1280 -60.87 -19.57 -19.98
CA SER B 1280 -60.93 -18.22 -20.55
C SER B 1280 -61.15 -17.18 -19.47
N GLN B 1281 -61.86 -17.54 -18.39
CA GLN B 1281 -62.09 -16.61 -17.31
C GLN B 1281 -60.83 -16.36 -16.49
N THR B 1282 -59.97 -17.36 -16.35
CA THR B 1282 -58.78 -17.19 -15.53
C THR B 1282 -57.77 -16.29 -16.21
N ILE B 1283 -57.80 -16.22 -17.54
CA ILE B 1283 -56.90 -15.33 -18.26
C ILE B 1283 -57.34 -13.89 -18.12
N SER B 1284 -58.63 -13.63 -18.34
CA SER B 1284 -59.13 -12.26 -18.40
C SER B 1284 -59.11 -11.61 -17.02
N GLU B 1285 -59.34 -12.40 -15.97
CA GLU B 1285 -59.18 -11.89 -14.61
C GLU B 1285 -57.71 -11.58 -14.33
N PHE B 1286 -56.80 -12.35 -14.92
CA PHE B 1286 -55.38 -12.13 -14.68
C PHE B 1286 -54.89 -10.90 -15.41
N THR B 1287 -55.29 -10.74 -16.67
CA THR B 1287 -54.81 -9.60 -17.46
C THR B 1287 -55.43 -8.30 -16.98
N HIS B 1288 -56.64 -8.37 -16.43
CA HIS B 1288 -57.24 -7.17 -15.83
C HIS B 1288 -56.52 -6.81 -14.54
N ALA B 1289 -56.02 -7.81 -13.80
CA ALA B 1289 -55.34 -7.54 -12.55
C ALA B 1289 -53.96 -6.94 -12.81
N ILE B 1290 -53.35 -7.26 -13.94
CA ILE B 1290 -52.03 -6.72 -14.28
C ILE B 1290 -52.09 -5.63 -15.33
N GLY B 1291 -53.26 -5.34 -15.88
CA GLY B 1291 -53.37 -4.28 -16.85
C GLY B 1291 -52.77 -4.58 -18.20
N ASN B 1292 -52.61 -5.85 -18.55
CA ASN B 1292 -52.07 -6.22 -19.84
C ASN B 1292 -53.15 -5.97 -20.91
N LYS B 1293 -52.92 -4.98 -21.77
CA LYS B 1293 -53.89 -4.56 -22.75
C LYS B 1293 -53.86 -5.43 -24.00
N CYS B 1294 -52.76 -6.16 -24.21
CA CYS B 1294 -52.41 -6.75 -25.50
C CYS B 1294 -53.48 -7.71 -26.02
N ASP B 1295 -53.83 -7.54 -27.29
CA ASP B 1295 -55.02 -8.12 -27.89
C ASP B 1295 -54.94 -9.63 -28.07
N ALA B 1296 -53.74 -10.20 -27.96
CA ALA B 1296 -53.60 -11.65 -28.05
C ALA B 1296 -54.14 -12.36 -26.83
N PHE B 1297 -54.37 -11.65 -25.73
CA PHE B 1297 -54.82 -12.27 -24.50
C PHE B 1297 -56.31 -12.13 -24.27
N VAL B 1298 -56.97 -11.20 -24.95
CA VAL B 1298 -58.43 -11.06 -24.89
C VAL B 1298 -59.04 -11.92 -25.97
N ASP B 1299 -60.28 -12.35 -25.76
CA ASP B 1299 -60.86 -13.37 -26.61
C ASP B 1299 -61.49 -12.74 -27.86
N ARG B 1300 -60.95 -13.10 -29.02
CA ARG B 1300 -61.42 -12.62 -30.31
C ARG B 1300 -61.66 -13.80 -31.24
N PRO B 1301 -62.70 -13.75 -32.08
CA PRO B 1301 -62.91 -14.83 -33.04
C PRO B 1301 -61.90 -14.76 -34.17
N GLY B 1302 -61.56 -15.91 -34.73
CA GLY B 1302 -60.54 -15.99 -35.75
C GLY B 1302 -59.13 -16.02 -35.22
N LYS B 1303 -58.95 -16.27 -33.93
CA LYS B 1303 -57.64 -16.32 -33.30
C LYS B 1303 -57.75 -17.08 -31.99
N ALA B 1304 -56.84 -18.03 -31.79
CA ALA B 1304 -56.79 -18.82 -30.57
C ALA B 1304 -56.33 -17.93 -29.42
N THR B 1305 -57.14 -17.89 -28.35
CA THR B 1305 -56.88 -16.97 -27.25
C THR B 1305 -55.62 -17.38 -26.49
N LEU B 1306 -54.65 -16.48 -26.46
CA LEU B 1306 -53.36 -16.77 -25.90
C LEU B 1306 -53.32 -16.34 -24.44
N ALA B 1307 -52.53 -17.03 -23.65
CA ALA B 1307 -52.43 -16.78 -22.23
C ALA B 1307 -51.14 -16.02 -21.92
N PRO B 1308 -51.05 -15.29 -20.81
CA PRO B 1308 -49.81 -14.58 -20.49
C PRO B 1308 -48.69 -15.54 -20.15
N MET B 1309 -47.46 -15.10 -20.40
CA MET B 1309 -46.31 -15.87 -19.92
C MET B 1309 -46.07 -15.62 -18.45
N ASP B 1310 -46.67 -14.57 -17.88
CA ASP B 1310 -46.56 -14.36 -16.44
C ASP B 1310 -47.62 -15.16 -15.70
N PHE B 1311 -48.49 -15.85 -16.44
CA PHE B 1311 -49.41 -16.82 -15.87
C PHE B 1311 -48.70 -18.12 -15.52
N ALA B 1312 -47.41 -18.22 -15.86
CA ALA B 1312 -46.57 -19.30 -15.37
C ALA B 1312 -46.54 -19.36 -13.84
N ILE B 1313 -46.42 -18.21 -13.19
CA ILE B 1313 -46.28 -18.20 -11.74
C ILE B 1313 -47.62 -18.48 -11.07
N VAL B 1314 -48.73 -18.27 -11.79
CA VAL B 1314 -50.03 -18.66 -11.25
C VAL B 1314 -50.19 -20.17 -11.31
N ILE B 1315 -49.69 -20.78 -12.38
CA ILE B 1315 -49.70 -22.23 -12.51
C ILE B 1315 -48.72 -22.85 -11.52
N GLY B 1316 -47.55 -22.25 -11.39
CA GLY B 1316 -46.49 -22.89 -10.64
C GLY B 1316 -46.14 -22.29 -9.30
N TRP B 1317 -47.06 -21.56 -8.65
CA TRP B 1317 -46.74 -21.02 -7.33
C TRP B 1317 -46.67 -22.13 -6.31
N LYS B 1318 -47.68 -23.01 -6.27
CA LYS B 1318 -47.75 -24.03 -5.23
C LYS B 1318 -46.69 -25.11 -5.39
N ALA B 1319 -45.96 -25.10 -6.51
CA ALA B 1319 -44.81 -25.97 -6.65
C ALA B 1319 -43.53 -25.29 -6.22
N ILE B 1320 -43.45 -23.95 -6.37
CA ILE B 1320 -42.23 -23.24 -6.05
C ILE B 1320 -42.10 -23.00 -4.55
N ILE B 1321 -43.12 -22.41 -3.92
CA ILE B 1321 -42.96 -22.04 -2.52
C ILE B 1321 -43.11 -23.23 -1.58
N LYS B 1322 -43.39 -24.43 -2.11
CA LYS B 1322 -43.33 -25.60 -1.25
C LYS B 1322 -41.87 -25.98 -0.98
N ALA B 1323 -40.92 -25.40 -1.73
CA ALA B 1323 -39.52 -25.77 -1.56
C ALA B 1323 -38.84 -24.98 -0.46
N ILE B 1324 -39.53 -24.02 0.17
CA ILE B 1324 -38.94 -23.34 1.31
C ILE B 1324 -39.49 -23.83 2.62
N PHE B 1325 -40.54 -24.62 2.60
CA PHE B 1325 -41.02 -25.36 3.77
C PHE B 1325 -40.21 -26.53 4.34
N PRO B 1326 -39.25 -27.25 3.61
CA PRO B 1326 -38.56 -28.38 4.28
C PRO B 1326 -37.76 -28.01 5.52
N LYS B 1327 -37.50 -29.01 6.37
CA LYS B 1327 -36.87 -28.75 7.66
C LYS B 1327 -35.40 -28.36 7.50
N SER B 1328 -34.74 -28.91 6.49
CA SER B 1328 -33.32 -28.62 6.26
C SER B 1328 -33.08 -27.20 5.79
N VAL B 1329 -34.10 -26.53 5.23
CA VAL B 1329 -34.03 -25.11 5.00
C VAL B 1329 -34.92 -24.42 6.04
N ASP B 1330 -34.32 -24.08 7.17
CA ASP B 1330 -35.03 -23.66 8.37
C ASP B 1330 -34.75 -22.18 8.57
N GLY B 1331 -35.76 -21.35 8.33
CA GLY B 1331 -35.61 -19.91 8.41
C GLY B 1331 -36.84 -19.22 8.96
N ASP B 1332 -36.65 -17.98 9.39
CA ASP B 1332 -37.76 -17.11 9.77
C ASP B 1332 -38.47 -16.71 8.50
N LEU B 1333 -39.62 -17.35 8.23
CA LEU B 1333 -40.30 -17.17 6.95
C LEU B 1333 -40.89 -15.78 6.80
N LEU B 1334 -41.12 -15.09 7.91
CA LEU B 1334 -41.72 -13.78 7.88
C LEU B 1334 -40.72 -12.68 7.53
N LYS B 1335 -39.42 -13.01 7.46
CA LYS B 1335 -38.42 -12.09 6.94
C LYS B 1335 -37.97 -12.47 5.54
N LEU B 1336 -38.76 -13.26 4.82
CA LEU B 1336 -38.40 -13.68 3.47
C LEU B 1336 -38.52 -12.53 2.49
N VAL B 1337 -37.51 -12.37 1.65
CA VAL B 1337 -37.49 -11.34 0.60
C VAL B 1337 -37.40 -12.03 -0.74
N HIS B 1338 -38.37 -11.78 -1.61
CA HIS B 1338 -38.35 -12.33 -2.95
C HIS B 1338 -37.42 -11.48 -3.80
N LEU B 1339 -36.28 -12.03 -4.18
CA LEU B 1339 -35.21 -11.24 -4.78
C LEU B 1339 -35.27 -11.18 -6.30
N SER B 1340 -35.48 -12.31 -6.96
CA SER B 1340 -35.47 -12.30 -8.42
C SER B 1340 -36.29 -13.45 -8.95
N ASN B 1341 -36.91 -13.21 -10.10
CA ASN B 1341 -37.60 -14.28 -10.80
C ASN B 1341 -37.35 -14.14 -12.29
N GLY B 1342 -37.34 -15.27 -12.99
CA GLY B 1342 -37.09 -15.28 -14.41
C GLY B 1342 -37.89 -16.34 -15.11
N TYR B 1343 -38.25 -16.03 -16.35
CA TYR B 1343 -39.00 -16.91 -17.22
C TYR B 1343 -38.11 -17.31 -18.39
N LYS B 1344 -38.33 -18.50 -18.93
CA LYS B 1344 -37.59 -18.96 -20.10
C LYS B 1344 -38.47 -19.92 -20.87
N MET B 1345 -38.91 -19.50 -22.05
CA MET B 1345 -39.57 -20.43 -22.95
C MET B 1345 -38.56 -21.43 -23.48
N ILE B 1346 -38.96 -22.70 -23.48
CA ILE B 1346 -38.13 -23.73 -24.08
C ILE B 1346 -38.17 -23.58 -25.59
N THR B 1347 -36.99 -23.69 -26.21
CA THR B 1347 -36.85 -23.49 -27.65
C THR B 1347 -37.63 -24.55 -28.42
N GLY B 1348 -38.66 -24.11 -29.14
CA GLY B 1348 -39.56 -25.00 -29.82
C GLY B 1348 -40.86 -25.26 -29.11
N ALA B 1349 -41.19 -24.51 -28.06
CA ALA B 1349 -42.42 -24.69 -27.33
C ALA B 1349 -43.39 -23.57 -27.68
N ALA B 1350 -44.67 -23.92 -27.81
CA ALA B 1350 -45.69 -22.92 -28.11
C ALA B 1350 -46.14 -22.26 -26.83
N PRO B 1351 -46.61 -20.99 -26.89
CA PRO B 1351 -47.15 -20.35 -25.69
C PRO B 1351 -48.47 -20.97 -25.22
N LEU B 1352 -48.92 -20.57 -24.03
CA LEU B 1352 -50.07 -21.22 -23.41
C LEU B 1352 -51.38 -20.78 -24.08
N LYS B 1353 -52.31 -21.72 -24.18
CA LYS B 1353 -53.59 -21.49 -24.84
C LYS B 1353 -54.71 -21.68 -23.83
N LYS B 1354 -55.95 -21.55 -24.30
CA LYS B 1354 -57.08 -21.71 -23.38
C LYS B 1354 -57.67 -23.11 -23.40
N GLY B 1355 -57.01 -24.08 -24.02
CA GLY B 1355 -57.52 -25.44 -23.96
C GLY B 1355 -56.52 -26.35 -23.29
N ASP B 1356 -55.45 -25.75 -22.77
CA ASP B 1356 -54.31 -26.52 -22.32
C ASP B 1356 -54.52 -27.05 -20.91
N VAL B 1357 -54.24 -28.34 -20.72
CA VAL B 1357 -54.24 -28.96 -19.40
C VAL B 1357 -52.81 -28.98 -18.92
N VAL B 1358 -52.52 -28.20 -17.88
CA VAL B 1358 -51.16 -27.80 -17.56
C VAL B 1358 -50.83 -28.22 -16.14
N SER B 1359 -49.71 -28.93 -15.96
CA SER B 1359 -49.22 -29.37 -14.66
C SER B 1359 -47.83 -28.78 -14.45
N THR B 1360 -47.27 -28.98 -13.25
CA THR B 1360 -45.97 -28.42 -12.91
C THR B 1360 -45.18 -29.35 -12.00
N LYS B 1361 -43.93 -29.61 -12.36
CA LYS B 1361 -42.95 -30.20 -11.47
C LYS B 1361 -41.84 -29.18 -11.22
N ALA B 1362 -41.46 -29.04 -9.96
CA ALA B 1362 -40.45 -28.06 -9.58
C ALA B 1362 -39.31 -28.75 -8.86
N GLU B 1363 -38.09 -28.33 -9.16
CA GLU B 1363 -36.91 -28.78 -8.44
C GLU B 1363 -36.19 -27.57 -7.87
N ILE B 1364 -35.52 -27.78 -6.75
CA ILE B 1364 -34.85 -26.73 -6.01
C ILE B 1364 -33.37 -26.82 -6.36
N LYS B 1365 -32.74 -25.69 -6.61
CA LYS B 1365 -31.37 -25.73 -7.10
C LYS B 1365 -30.36 -25.42 -6.02
N ALA B 1366 -30.45 -24.26 -5.39
CA ALA B 1366 -29.38 -23.81 -4.51
C ALA B 1366 -29.94 -23.25 -3.22
N VAL B 1367 -29.58 -23.87 -2.11
CA VAL B 1367 -29.83 -23.35 -0.76
C VAL B 1367 -28.46 -23.04 -0.18
N LEU B 1368 -28.03 -21.79 -0.25
CA LEU B 1368 -26.70 -21.43 0.21
C LEU B 1368 -26.78 -20.30 1.23
N ASN B 1369 -26.01 -20.44 2.30
CA ASN B 1369 -25.93 -19.41 3.32
C ASN B 1369 -24.98 -18.32 2.87
N GLN B 1370 -25.50 -17.13 2.68
CA GLN B 1370 -24.75 -15.93 2.33
C GLN B 1370 -24.51 -15.09 3.58
N PRO B 1371 -23.64 -14.07 3.50
CA PRO B 1371 -23.56 -13.10 4.60
C PRO B 1371 -24.81 -12.24 4.76
N SER B 1372 -25.62 -12.17 3.70
CA SER B 1372 -26.88 -11.42 3.76
C SER B 1372 -28.09 -12.32 3.98
N GLY B 1373 -27.93 -13.62 4.15
CA GLY B 1373 -29.06 -14.47 4.46
C GLY B 1373 -28.92 -15.86 3.87
N LYS B 1374 -30.06 -16.51 3.71
CA LYS B 1374 -30.13 -17.87 3.19
C LYS B 1374 -30.90 -17.88 1.88
N LEU B 1375 -30.16 -17.94 0.77
CA LEU B 1375 -30.70 -17.86 -0.57
C LEU B 1375 -31.38 -19.17 -0.92
N VAL B 1376 -32.52 -19.11 -1.60
CA VAL B 1376 -33.21 -20.29 -2.12
C VAL B 1376 -33.59 -20.02 -3.57
N GLU B 1377 -33.01 -20.79 -4.49
CA GLU B 1377 -33.39 -20.74 -5.89
C GLU B 1377 -34.21 -21.97 -6.24
N VAL B 1378 -35.38 -21.75 -6.83
CA VAL B 1378 -36.26 -22.83 -7.23
C VAL B 1378 -36.54 -22.68 -8.72
N VAL B 1379 -36.28 -23.74 -9.48
CA VAL B 1379 -36.56 -23.75 -10.91
C VAL B 1379 -37.70 -24.72 -11.14
N GLY B 1380 -38.87 -24.19 -11.52
CA GLY B 1380 -40.06 -24.98 -11.69
C GLY B 1380 -40.44 -25.06 -13.15
N THR B 1381 -40.26 -26.24 -13.73
CA THR B 1381 -40.51 -26.48 -15.14
C THR B 1381 -41.96 -26.90 -15.31
N ILE B 1382 -42.70 -26.11 -16.07
CA ILE B 1382 -44.13 -26.28 -16.26
C ILE B 1382 -44.35 -27.23 -17.42
N TYR B 1383 -45.10 -28.30 -17.17
CA TYR B 1383 -45.38 -29.32 -18.18
C TYR B 1383 -46.75 -29.08 -18.78
N ARG B 1384 -46.96 -29.65 -19.96
CA ARG B 1384 -48.22 -29.54 -20.68
C ARG B 1384 -48.30 -30.70 -21.66
N GLU B 1385 -49.24 -31.62 -21.40
CA GLU B 1385 -49.45 -32.85 -22.18
C GLU B 1385 -48.17 -33.68 -22.26
N GLY B 1386 -47.41 -33.70 -21.17
CA GLY B 1386 -46.16 -34.43 -21.14
C GLY B 1386 -44.95 -33.60 -21.49
N LYS B 1387 -45.09 -32.71 -22.46
CA LYS B 1387 -43.93 -31.94 -22.87
C LYS B 1387 -43.73 -30.72 -22.00
N PRO B 1388 -42.48 -30.38 -21.69
CA PRO B 1388 -42.23 -29.16 -20.92
C PRO B 1388 -42.41 -27.93 -21.80
N VAL B 1389 -42.85 -26.83 -21.19
CA VAL B 1389 -43.15 -25.60 -21.91
C VAL B 1389 -42.23 -24.46 -21.50
N MET B 1390 -42.18 -24.12 -20.22
CA MET B 1390 -41.36 -22.99 -19.82
C MET B 1390 -40.83 -23.22 -18.41
N GLU B 1391 -39.71 -22.57 -18.11
CA GLU B 1391 -39.06 -22.68 -16.81
C GLU B 1391 -39.18 -21.37 -16.06
N VAL B 1392 -39.41 -21.48 -14.75
CA VAL B 1392 -39.57 -20.33 -13.87
C VAL B 1392 -38.43 -20.39 -12.86
N THR B 1393 -37.49 -19.47 -12.96
CA THR B 1393 -36.34 -19.44 -12.08
C THR B 1393 -36.57 -18.40 -11.00
N SER B 1394 -37.12 -18.82 -9.87
CA SER B 1394 -37.46 -17.92 -8.78
C SER B 1394 -36.34 -17.97 -7.76
N GLN B 1395 -36.20 -16.90 -6.97
CA GLN B 1395 -35.09 -16.76 -6.06
C GLN B 1395 -35.51 -15.96 -4.84
N PHE B 1396 -35.33 -16.54 -3.66
CA PHE B 1396 -35.86 -16.04 -2.40
C PHE B 1396 -34.69 -15.68 -1.50
N LEU B 1397 -34.97 -15.21 -0.29
CA LEU B 1397 -33.93 -14.94 0.70
C LEU B 1397 -34.53 -14.88 2.10
N TYR B 1398 -34.10 -15.78 2.98
CA TYR B 1398 -34.33 -15.66 4.42
C TYR B 1398 -33.25 -14.75 4.98
N ARG B 1399 -33.59 -13.50 5.25
CA ARG B 1399 -32.58 -12.56 5.75
C ARG B 1399 -32.16 -12.90 7.17
N GLY B 1400 -30.93 -12.57 7.51
CA GLY B 1400 -30.39 -12.87 8.81
C GLY B 1400 -29.04 -13.54 8.66
N GLU B 1401 -28.54 -14.05 9.79
CA GLU B 1401 -27.30 -14.80 9.81
C GLU B 1401 -27.60 -16.25 10.18
N TYR B 1402 -27.07 -17.18 9.40
CA TYR B 1402 -27.37 -18.60 9.50
C TYR B 1402 -26.08 -19.38 9.37
N ASN B 1403 -25.82 -20.26 10.34
CA ASN B 1403 -24.62 -21.07 10.35
C ASN B 1403 -24.88 -22.52 9.98
N ASP B 1404 -26.02 -22.81 9.36
CA ASP B 1404 -26.39 -24.17 9.01
C ASP B 1404 -25.64 -24.62 7.76
N TYR B 1405 -24.34 -24.86 7.88
CA TYR B 1405 -23.54 -25.36 6.78
C TYR B 1405 -23.66 -26.86 6.58
N CYS B 1406 -24.36 -27.55 7.47
CA CYS B 1406 -24.59 -28.97 7.30
C CYS B 1406 -25.72 -29.26 6.34
N ASN B 1407 -26.65 -28.32 6.17
CA ASN B 1407 -27.86 -28.52 5.38
C ASN B 1407 -27.93 -27.57 4.19
N THR B 1408 -26.79 -27.23 3.62
CA THR B 1408 -26.73 -26.36 2.47
C THR B 1408 -26.10 -27.11 1.30
N PHE B 1409 -26.40 -26.66 0.09
CA PHE B 1409 -25.92 -27.31 -1.13
C PHE B 1409 -26.06 -26.33 -2.27
N GLN B 1410 -25.65 -26.78 -3.46
CA GLN B 1410 -25.72 -25.97 -4.66
C GLN B 1410 -25.62 -26.87 -5.87
N LYS B 1411 -26.55 -26.71 -6.80
CA LYS B 1411 -26.52 -27.42 -8.08
C LYS B 1411 -26.41 -26.40 -9.19
N VAL B 1412 -25.28 -26.40 -9.90
CA VAL B 1412 -25.03 -25.46 -10.97
C VAL B 1412 -24.79 -26.24 -12.25
N THR B 1413 -25.37 -25.77 -13.35
CA THR B 1413 -25.03 -26.27 -14.67
C THR B 1413 -23.95 -25.35 -15.24
N GLU B 1414 -22.77 -25.91 -15.46
CA GLU B 1414 -21.61 -25.09 -15.78
C GLU B 1414 -21.68 -24.56 -17.20
N THR B 1415 -20.89 -23.52 -17.46
CA THR B 1415 -20.82 -22.96 -18.80
C THR B 1415 -20.09 -23.92 -19.71
N PRO B 1416 -20.60 -24.15 -20.93
CA PRO B 1416 -19.89 -25.03 -21.87
C PRO B 1416 -18.59 -24.39 -22.35
N VAL B 1417 -17.48 -25.02 -22.01
CA VAL B 1417 -16.16 -24.52 -22.35
C VAL B 1417 -15.64 -25.33 -23.52
N GLN B 1418 -15.17 -24.64 -24.55
CA GLN B 1418 -14.60 -25.26 -25.75
C GLN B 1418 -13.08 -25.16 -25.70
N VAL B 1419 -12.42 -26.27 -25.38
CA VAL B 1419 -10.96 -26.31 -25.30
C VAL B 1419 -10.42 -26.73 -26.66
N ALA B 1420 -9.45 -25.96 -27.16
CA ALA B 1420 -8.91 -26.16 -28.50
C ALA B 1420 -7.50 -26.73 -28.37
N PHE B 1421 -7.33 -27.96 -28.84
CA PHE B 1421 -6.04 -28.63 -28.73
C PHE B 1421 -5.19 -28.41 -29.96
N LYS B 1422 -4.04 -27.77 -29.77
CA LYS B 1422 -3.18 -27.44 -30.89
C LYS B 1422 -1.80 -28.07 -30.83
N SER B 1423 -1.17 -28.18 -29.67
CA SER B 1423 0.10 -28.88 -29.58
C SER B 1423 -0.10 -30.38 -29.40
N ALA B 1424 0.98 -31.09 -29.09
CA ALA B 1424 0.92 -32.53 -28.88
C ALA B 1424 0.99 -32.93 -27.42
N LYS B 1425 1.37 -32.02 -26.52
CA LYS B 1425 1.36 -32.31 -25.10
C LYS B 1425 -0.02 -32.18 -24.50
N ASP B 1426 -0.98 -31.61 -25.24
CA ASP B 1426 -2.29 -31.30 -24.68
C ASP B 1426 -3.13 -32.55 -24.49
N LEU B 1427 -3.01 -33.52 -25.42
CA LEU B 1427 -3.69 -34.78 -25.25
C LEU B 1427 -3.10 -35.58 -24.10
N ALA B 1428 -1.82 -35.34 -23.80
CA ALA B 1428 -1.17 -36.03 -22.69
C ALA B 1428 -1.63 -35.49 -21.35
N VAL B 1429 -2.04 -34.23 -21.30
CA VAL B 1429 -2.40 -33.60 -20.04
C VAL B 1429 -3.73 -34.14 -19.53
N LEU B 1430 -4.78 -34.12 -20.36
CA LEU B 1430 -6.09 -34.53 -19.86
C LEU B 1430 -6.20 -36.04 -19.68
N ARG B 1431 -5.28 -36.80 -20.26
CA ARG B 1431 -5.26 -38.22 -19.92
C ARG B 1431 -4.56 -38.46 -18.59
N SER B 1432 -3.83 -37.48 -18.07
CA SER B 1432 -3.35 -37.54 -16.70
C SER B 1432 -4.41 -37.12 -15.70
N LYS B 1433 -5.33 -36.25 -16.11
CA LYS B 1433 -6.47 -35.87 -15.27
C LYS B 1433 -7.37 -37.08 -15.06
N GLU B 1434 -7.47 -37.52 -13.81
CA GLU B 1434 -8.23 -38.73 -13.50
C GLU B 1434 -9.72 -38.48 -13.60
N TRP B 1435 -10.16 -37.22 -13.60
CA TRP B 1435 -11.56 -36.94 -13.83
C TRP B 1435 -11.96 -37.05 -15.28
N PHE B 1436 -11.00 -37.10 -16.21
CA PHE B 1436 -11.32 -37.31 -17.62
C PHE B 1436 -11.17 -38.79 -17.91
N HIS B 1437 -12.11 -39.33 -18.69
CA HIS B 1437 -12.07 -40.73 -19.12
C HIS B 1437 -12.71 -40.84 -20.48
N LEU B 1438 -11.89 -40.85 -21.53
CA LEU B 1438 -12.40 -41.04 -22.89
C LEU B 1438 -12.66 -42.52 -23.16
N GLU B 1439 -13.80 -42.78 -23.78
CA GLU B 1439 -14.30 -44.15 -23.94
C GLU B 1439 -14.19 -44.59 -25.40
N LYS B 1440 -13.48 -43.80 -26.20
CA LYS B 1440 -13.27 -44.17 -27.59
C LYS B 1440 -11.85 -43.93 -28.07
N ASP B 1441 -11.42 -44.70 -29.06
CA ASP B 1441 -10.14 -44.47 -29.71
C ASP B 1441 -10.33 -43.56 -30.91
N VAL B 1442 -10.65 -42.30 -30.64
CA VAL B 1442 -10.96 -41.33 -31.68
C VAL B 1442 -10.06 -40.12 -31.49
N GLN B 1443 -9.36 -39.75 -32.55
CA GLN B 1443 -8.50 -38.57 -32.57
C GLN B 1443 -9.41 -37.34 -32.58
N PHE B 1444 -8.98 -36.27 -31.92
CA PHE B 1444 -9.84 -35.11 -31.75
C PHE B 1444 -9.05 -33.81 -31.81
N ASP B 1445 -9.65 -32.81 -32.43
CA ASP B 1445 -8.99 -31.51 -32.59
C ASP B 1445 -9.46 -30.54 -31.51
N VAL B 1446 -10.77 -30.46 -31.29
CA VAL B 1446 -11.35 -29.50 -30.37
C VAL B 1446 -12.45 -30.22 -29.59
N LEU B 1447 -12.60 -29.84 -28.33
CA LEU B 1447 -13.57 -30.48 -27.46
C LEU B 1447 -14.36 -29.43 -26.69
N THR B 1448 -15.68 -29.60 -26.66
CA THR B 1448 -16.55 -28.78 -25.85
C THR B 1448 -17.02 -29.62 -24.66
N PHE B 1449 -16.87 -29.08 -23.46
CA PHE B 1449 -17.25 -29.81 -22.26
C PHE B 1449 -18.53 -29.18 -21.72
N ARG B 1450 -19.66 -29.85 -21.92
CA ARG B 1450 -20.94 -29.41 -21.38
C ARG B 1450 -21.17 -30.13 -20.06
N CYS B 1451 -21.07 -29.38 -18.97
CA CYS B 1451 -20.78 -29.94 -17.66
C CYS B 1451 -21.77 -29.44 -16.62
N GLU B 1452 -21.99 -30.24 -15.59
CA GLU B 1452 -22.87 -29.89 -14.49
C GLU B 1452 -22.24 -30.29 -13.16
N SER B 1453 -22.48 -29.49 -12.13
CA SER B 1453 -21.81 -29.66 -10.85
C SER B 1453 -22.82 -29.73 -9.72
N THR B 1454 -22.40 -30.31 -8.60
CA THR B 1454 -23.22 -30.41 -7.39
C THR B 1454 -22.33 -30.22 -6.18
N TYR B 1455 -22.41 -29.07 -5.55
CA TYR B 1455 -21.52 -28.70 -4.45
C TYR B 1455 -22.25 -28.89 -3.14
N LYS B 1456 -21.50 -29.20 -2.09
CA LYS B 1456 -21.99 -29.17 -0.73
C LYS B 1456 -20.97 -28.46 0.13
N PHE B 1457 -21.43 -27.65 1.07
CA PHE B 1457 -20.55 -26.72 1.74
C PHE B 1457 -20.25 -27.23 3.14
N LYS B 1458 -19.17 -26.71 3.71
CA LYS B 1458 -18.80 -27.02 5.08
C LYS B 1458 -18.48 -25.75 5.85
N SER B 1459 -18.09 -24.69 5.16
CA SER B 1459 -17.97 -23.36 5.74
C SER B 1459 -18.30 -22.38 4.63
N ALA B 1460 -17.92 -21.11 4.86
CA ALA B 1460 -18.39 -20.02 4.02
C ALA B 1460 -17.90 -20.14 2.58
N ASN B 1461 -16.66 -20.59 2.39
CA ASN B 1461 -16.13 -20.77 1.05
C ASN B 1461 -15.30 -22.03 0.87
N VAL B 1462 -15.31 -22.95 1.83
CA VAL B 1462 -14.74 -24.28 1.64
C VAL B 1462 -15.87 -25.17 1.17
N TYR B 1463 -15.55 -26.30 0.56
CA TYR B 1463 -16.58 -27.22 0.13
C TYR B 1463 -16.47 -28.53 0.91
N SER B 1464 -17.61 -29.12 1.23
CA SER B 1464 -17.61 -30.40 1.93
C SER B 1464 -17.51 -31.56 0.95
N SER B 1465 -18.13 -31.41 -0.21
CA SER B 1465 -18.04 -32.41 -1.25
C SER B 1465 -18.32 -31.73 -2.58
N ILE B 1466 -17.72 -32.28 -3.64
CA ILE B 1466 -17.97 -31.82 -4.99
C ILE B 1466 -18.24 -33.05 -5.83
N LYS B 1467 -19.34 -33.05 -6.57
CA LYS B 1467 -19.56 -34.02 -7.63
C LYS B 1467 -19.72 -33.30 -8.93
N THR B 1468 -18.79 -33.55 -9.86
CA THR B 1468 -18.77 -32.89 -11.14
C THR B 1468 -18.81 -33.97 -12.21
N THR B 1469 -19.93 -34.06 -12.91
CA THR B 1469 -20.06 -34.96 -14.05
C THR B 1469 -20.34 -34.12 -15.29
N GLY B 1470 -20.26 -34.75 -16.44
CA GLY B 1470 -20.44 -34.00 -17.67
C GLY B 1470 -20.07 -34.84 -18.87
N GLN B 1471 -20.43 -34.30 -20.03
CA GLN B 1471 -20.16 -34.95 -21.29
C GLN B 1471 -19.16 -34.14 -22.09
N VAL B 1472 -18.26 -34.82 -22.77
CA VAL B 1472 -17.33 -34.16 -23.65
C VAL B 1472 -17.75 -34.45 -25.08
N LEU B 1473 -17.54 -33.48 -25.97
CA LEU B 1473 -18.18 -33.51 -27.28
C LEU B 1473 -17.16 -33.16 -28.36
N LEU B 1474 -17.31 -33.80 -29.51
CA LEU B 1474 -16.47 -33.60 -30.67
C LEU B 1474 -17.30 -33.26 -31.89
N GLU B 1475 -16.93 -32.18 -32.58
CA GLU B 1475 -17.58 -31.84 -33.83
C GLU B 1475 -16.82 -32.47 -34.99
N LEU B 1476 -17.48 -33.39 -35.69
CA LEU B 1476 -16.88 -34.05 -36.84
C LEU B 1476 -16.93 -33.12 -38.05
N PRO B 1477 -16.10 -33.37 -39.07
CA PRO B 1477 -16.23 -32.58 -40.30
C PRO B 1477 -17.53 -32.81 -41.05
N THR B 1478 -18.21 -33.93 -40.81
CA THR B 1478 -19.54 -34.12 -41.39
C THR B 1478 -20.64 -33.62 -40.46
N LYS B 1479 -20.31 -32.73 -39.52
CA LYS B 1479 -21.23 -32.03 -38.62
C LYS B 1479 -22.00 -32.97 -37.69
N GLU B 1480 -21.55 -34.20 -37.51
CA GLU B 1480 -22.16 -35.10 -36.56
C GLU B 1480 -21.46 -34.98 -35.21
N VAL B 1481 -22.25 -34.94 -34.15
CA VAL B 1481 -21.70 -34.78 -32.80
C VAL B 1481 -21.76 -36.13 -32.11
N ILE B 1482 -20.59 -36.69 -31.80
CA ILE B 1482 -20.48 -37.95 -31.09
C ILE B 1482 -19.66 -37.72 -29.82
N GLN B 1483 -20.16 -38.24 -28.71
CA GLN B 1483 -19.48 -38.11 -27.42
C GLN B 1483 -18.21 -38.95 -27.39
N VAL B 1484 -17.12 -38.34 -26.93
CA VAL B 1484 -15.83 -39.01 -26.84
C VAL B 1484 -15.63 -39.71 -25.50
N GLY B 1485 -16.22 -39.18 -24.43
CA GLY B 1485 -15.95 -39.67 -23.09
C GLY B 1485 -16.75 -38.87 -22.08
N SER B 1486 -16.37 -39.02 -20.82
CA SER B 1486 -17.16 -38.49 -19.73
C SER B 1486 -16.27 -37.86 -18.67
N VAL B 1487 -16.90 -37.11 -17.77
CA VAL B 1487 -16.22 -36.54 -16.62
C VAL B 1487 -16.80 -37.21 -15.37
N ASP B 1488 -15.92 -37.67 -14.48
CA ASP B 1488 -16.34 -38.25 -13.21
C ASP B 1488 -15.36 -37.76 -12.16
N TYR B 1489 -15.66 -36.62 -11.53
CA TYR B 1489 -14.86 -36.07 -10.45
C TYR B 1489 -15.68 -36.15 -9.17
N GLU B 1490 -15.02 -36.50 -8.07
CA GLU B 1490 -15.68 -36.58 -6.77
C GLU B 1490 -14.63 -36.46 -5.68
N ALA B 1491 -14.82 -35.50 -4.78
CA ALA B 1491 -13.84 -35.21 -3.75
C ALA B 1491 -14.53 -34.69 -2.51
N GLY B 1492 -13.84 -34.75 -1.39
CA GLY B 1492 -14.31 -34.18 -0.16
C GLY B 1492 -13.30 -33.22 0.44
N THR B 1493 -13.84 -32.20 1.11
CA THR B 1493 -13.08 -31.15 1.82
C THR B 1493 -12.11 -30.44 0.87
N SER B 1494 -12.68 -29.73 -0.09
CA SER B 1494 -11.92 -29.01 -1.09
C SER B 1494 -12.12 -27.51 -0.92
N TYR B 1495 -11.39 -26.74 -1.73
CA TYR B 1495 -11.47 -25.29 -1.71
C TYR B 1495 -11.85 -24.70 -3.06
N GLY B 1496 -11.99 -25.52 -4.08
CA GLY B 1496 -12.41 -25.07 -5.38
C GLY B 1496 -12.71 -26.27 -6.24
N ASN B 1497 -13.27 -26.00 -7.42
CA ASN B 1497 -13.54 -27.09 -8.34
C ASN B 1497 -12.38 -27.18 -9.31
N PRO B 1498 -11.69 -28.32 -9.42
CA PRO B 1498 -10.57 -28.41 -10.38
C PRO B 1498 -11.02 -28.46 -11.80
N VAL B 1499 -12.16 -29.09 -12.06
CA VAL B 1499 -12.63 -29.31 -13.43
C VAL B 1499 -12.93 -27.99 -14.10
N THR B 1500 -13.57 -27.08 -13.38
CA THR B 1500 -13.87 -25.77 -13.95
C THR B 1500 -12.64 -24.89 -14.02
N ASP B 1501 -11.73 -25.01 -13.06
CA ASP B 1501 -10.53 -24.18 -13.05
C ASP B 1501 -9.58 -24.59 -14.16
N TYR B 1502 -9.60 -25.89 -14.52
CA TYR B 1502 -8.88 -26.34 -15.70
C TYR B 1502 -9.47 -25.75 -16.97
N LEU B 1503 -10.80 -25.66 -17.03
CA LEU B 1503 -11.44 -25.15 -18.23
C LEU B 1503 -11.44 -23.63 -18.23
N SER B 1504 -11.17 -23.02 -17.08
CA SER B 1504 -11.17 -21.56 -17.00
C SER B 1504 -9.97 -20.95 -17.69
N ARG B 1505 -8.85 -21.67 -17.70
CA ARG B 1505 -7.60 -21.15 -18.25
C ARG B 1505 -7.22 -21.79 -19.57
N ASN B 1506 -7.62 -23.04 -19.81
CA ASN B 1506 -7.14 -23.80 -20.97
C ASN B 1506 -8.18 -23.86 -22.08
N GLY B 1507 -9.20 -23.03 -22.00
CA GLY B 1507 -10.19 -22.97 -23.05
C GLY B 1507 -11.09 -21.77 -22.93
N LYS B 1508 -11.81 -21.45 -24.00
CA LYS B 1508 -12.73 -20.34 -24.00
C LYS B 1508 -14.13 -20.89 -23.79
N THR B 1509 -14.98 -20.07 -23.17
CA THR B 1509 -16.37 -20.44 -23.01
C THR B 1509 -17.12 -20.31 -24.34
N ILE B 1510 -18.09 -21.19 -24.57
CA ILE B 1510 -18.96 -21.04 -25.73
C ILE B 1510 -19.93 -19.93 -25.38
N GLU B 1511 -19.61 -18.73 -25.82
CA GLU B 1511 -20.35 -17.53 -25.45
C GLU B 1511 -21.48 -17.33 -26.45
N GLU B 1512 -22.71 -17.30 -25.96
CA GLU B 1512 -23.84 -17.02 -26.82
C GLU B 1512 -24.39 -15.61 -26.61
N SER B 1513 -24.29 -15.08 -25.40
CA SER B 1513 -24.70 -13.71 -25.13
C SER B 1513 -23.62 -12.77 -25.65
N VAL B 1514 -23.72 -12.40 -26.92
CA VAL B 1514 -22.74 -11.52 -27.56
C VAL B 1514 -23.21 -10.08 -27.41
N ILE B 1515 -22.39 -9.28 -26.72
CA ILE B 1515 -22.80 -7.94 -26.35
C ILE B 1515 -22.28 -6.93 -27.37
N PHE B 1516 -23.10 -5.93 -27.67
CA PHE B 1516 -22.73 -4.90 -28.62
C PHE B 1516 -21.68 -3.97 -28.01
N GLU B 1517 -21.04 -3.19 -28.88
CA GLU B 1517 -20.04 -2.25 -28.40
C GLU B 1517 -20.68 -1.04 -27.75
N ASN B 1518 -21.76 -0.53 -28.34
CA ASN B 1518 -22.51 0.58 -27.78
C ASN B 1518 -23.99 0.21 -27.80
N ALA B 1519 -24.59 0.15 -26.61
CA ALA B 1519 -25.97 -0.28 -26.50
C ALA B 1519 -26.92 0.82 -26.99
N ILE B 1520 -27.95 0.40 -27.70
CA ILE B 1520 -28.86 1.34 -28.34
C ILE B 1520 -30.14 1.45 -27.51
N PRO B 1521 -30.59 2.65 -27.17
CA PRO B 1521 -31.85 2.78 -26.44
C PRO B 1521 -33.03 2.56 -27.38
N LEU B 1522 -34.04 1.85 -26.91
CA LEU B 1522 -35.19 1.53 -27.73
C LEU B 1522 -36.18 2.69 -27.83
N SER B 1523 -36.61 3.23 -26.70
CA SER B 1523 -37.49 4.37 -26.72
C SER B 1523 -37.03 5.34 -25.64
N SER B 1524 -37.19 6.62 -25.91
CA SER B 1524 -36.66 7.64 -25.02
C SER B 1524 -37.73 8.68 -24.75
N GLY B 1525 -37.64 9.30 -23.58
CA GLY B 1525 -38.63 10.25 -23.13
C GLY B 1525 -39.37 9.82 -21.87
N GLU B 1526 -40.66 10.14 -21.80
CA GLU B 1526 -41.42 9.90 -20.58
C GLU B 1526 -42.47 8.83 -20.80
N GLU B 1527 -42.43 8.43 -22.04
CA GLU B 1527 -43.39 7.56 -22.51
C GLU B 1527 -43.48 6.37 -21.59
N LEU B 1528 -42.36 5.93 -21.06
CA LEU B 1528 -42.41 4.67 -20.44
C LEU B 1528 -43.15 4.45 -19.22
N THR B 1529 -43.60 5.44 -18.49
CA THR B 1529 -44.26 5.12 -17.21
C THR B 1529 -45.38 4.26 -17.03
N SER B 1530 -45.30 3.68 -15.89
CA SER B 1530 -46.30 2.81 -15.28
C SER B 1530 -46.57 3.26 -13.86
N LYS B 1531 -47.67 2.76 -13.29
CA LYS B 1531 -48.11 3.18 -11.96
C LYS B 1531 -48.55 1.95 -11.18
N ALA B 1532 -48.19 1.93 -9.90
CA ALA B 1532 -48.53 0.87 -8.95
C ALA B 1532 -50.05 0.82 -8.75
N PRO B 1533 -50.59 -0.28 -8.24
CA PRO B 1533 -52.02 -0.33 -7.94
C PRO B 1533 -52.36 0.51 -6.72
N GLY B 1534 -53.66 0.64 -6.46
CA GLY B 1534 -54.09 1.21 -5.20
C GLY B 1534 -54.02 0.23 -4.05
N THR B 1535 -54.40 -1.03 -4.29
CA THR B 1535 -54.34 -2.05 -3.26
C THR B 1535 -53.82 -3.34 -3.89
N ASN B 1536 -53.25 -4.18 -3.05
CA ASN B 1536 -52.63 -5.42 -3.49
C ASN B 1536 -53.60 -6.58 -3.45
N GLU B 1537 -54.85 -6.33 -3.08
CA GLU B 1537 -55.82 -7.41 -2.97
C GLU B 1537 -56.29 -8.03 -4.30
N PRO B 1538 -56.45 -7.30 -5.43
CA PRO B 1538 -56.78 -8.02 -6.67
C PRO B 1538 -55.73 -8.98 -7.19
N TYR B 1539 -54.44 -8.65 -7.07
CA TYR B 1539 -53.43 -9.54 -7.61
C TYR B 1539 -53.24 -10.76 -6.72
N ALA B 1540 -53.52 -10.62 -5.43
CA ALA B 1540 -53.30 -11.73 -4.49
C ALA B 1540 -54.31 -12.84 -4.72
N ILE B 1541 -55.56 -12.50 -5.02
CA ILE B 1541 -56.60 -13.52 -5.13
C ILE B 1541 -56.52 -14.21 -6.48
N VAL B 1542 -55.93 -13.54 -7.47
CA VAL B 1542 -55.76 -14.17 -8.78
C VAL B 1542 -54.61 -15.15 -8.76
N SER B 1543 -53.42 -14.68 -8.37
CA SER B 1543 -52.23 -15.51 -8.45
C SER B 1543 -52.07 -16.44 -7.28
N GLY B 1544 -52.95 -16.33 -6.28
CA GLY B 1544 -52.79 -17.10 -5.06
C GLY B 1544 -51.68 -16.63 -4.16
N ASP B 1545 -51.10 -15.46 -4.43
CA ASP B 1545 -49.98 -14.92 -3.66
C ASP B 1545 -50.55 -14.24 -2.42
N TYR B 1546 -50.92 -15.05 -1.44
CA TYR B 1546 -51.62 -14.60 -0.24
C TYR B 1546 -50.69 -14.17 0.86
N ASN B 1547 -49.51 -13.66 0.53
CA ASN B 1547 -48.56 -13.21 1.54
C ASN B 1547 -49.12 -11.99 2.26
N PRO B 1548 -49.28 -12.05 3.58
CA PRO B 1548 -49.93 -10.93 4.28
C PRO B 1548 -49.06 -9.71 4.44
N ILE B 1549 -47.80 -9.75 4.01
CA ILE B 1549 -47.00 -8.53 3.88
C ILE B 1549 -47.64 -7.56 2.91
N HIS B 1550 -48.21 -8.07 1.82
CA HIS B 1550 -48.71 -7.20 0.78
C HIS B 1550 -50.08 -6.61 1.10
N VAL B 1551 -50.88 -7.27 1.92
CA VAL B 1551 -52.28 -6.87 2.07
C VAL B 1551 -52.59 -6.31 3.46
N SER B 1552 -51.90 -6.79 4.50
CA SER B 1552 -52.27 -6.50 5.87
C SER B 1552 -51.42 -5.38 6.44
N ARG B 1553 -52.05 -4.52 7.23
CA ARG B 1553 -51.39 -3.42 7.89
C ARG B 1553 -50.43 -3.93 8.96
N VAL B 1554 -50.78 -5.05 9.61
CA VAL B 1554 -50.08 -5.46 10.83
C VAL B 1554 -48.91 -6.39 10.51
N PHE B 1555 -49.02 -7.22 9.48
CA PHE B 1555 -47.90 -8.06 9.08
C PHE B 1555 -46.81 -7.23 8.42
N ALA B 1556 -47.19 -6.22 7.64
CA ALA B 1556 -46.21 -5.36 7.01
C ALA B 1556 -45.51 -4.48 8.03
N ALA B 1557 -46.21 -4.13 9.10
CA ALA B 1557 -45.58 -3.35 10.15
C ALA B 1557 -44.77 -4.23 11.09
N TYR B 1558 -45.04 -5.53 11.08
CA TYR B 1558 -44.32 -6.44 11.97
C TYR B 1558 -42.88 -6.62 11.50
N ALA B 1559 -42.69 -6.84 10.20
CA ALA B 1559 -41.37 -7.07 9.64
C ALA B 1559 -40.62 -5.79 9.33
N LYS B 1560 -41.14 -4.63 9.76
CA LYS B 1560 -40.49 -3.32 9.67
C LYS B 1560 -40.20 -2.90 8.23
N LEU B 1561 -40.99 -3.39 7.30
CA LEU B 1561 -40.96 -3.01 5.90
C LEU B 1561 -42.00 -1.93 5.65
N PRO B 1562 -41.77 -1.01 4.70
CA PRO B 1562 -42.38 0.34 4.79
C PRO B 1562 -43.89 0.42 4.59
N GLY B 1563 -44.61 -0.68 4.53
CA GLY B 1563 -46.04 -0.64 4.41
C GLY B 1563 -46.50 -1.83 3.59
N THR B 1564 -47.76 -1.79 3.19
CA THR B 1564 -48.32 -2.86 2.37
C THR B 1564 -47.77 -2.75 0.96
N ILE B 1565 -46.53 -3.19 0.79
CA ILE B 1565 -45.76 -3.02 -0.45
C ILE B 1565 -46.33 -3.89 -1.55
N THR B 1566 -46.03 -3.52 -2.79
CA THR B 1566 -46.56 -4.20 -3.97
C THR B 1566 -45.96 -5.60 -4.06
N HIS B 1567 -46.74 -6.57 -4.57
CA HIS B 1567 -46.21 -7.86 -4.99
C HIS B 1567 -45.05 -7.67 -5.95
N GLY B 1568 -44.05 -8.54 -5.83
CA GLY B 1568 -43.02 -8.57 -6.85
C GLY B 1568 -43.56 -9.07 -8.17
N MET B 1569 -44.52 -9.99 -8.13
CA MET B 1569 -45.05 -10.59 -9.34
C MET B 1569 -45.98 -9.64 -10.09
N TYR B 1570 -46.44 -8.58 -9.44
CA TYR B 1570 -47.08 -7.52 -10.20
C TYR B 1570 -46.05 -6.74 -11.00
N SER B 1571 -44.92 -6.42 -10.37
CA SER B 1571 -43.87 -5.68 -11.07
C SER B 1571 -43.15 -6.56 -12.08
N SER B 1572 -43.30 -7.88 -11.97
CA SER B 1572 -42.89 -8.74 -13.07
C SER B 1572 -43.82 -8.55 -14.26
N ALA B 1573 -45.12 -8.67 -14.04
CA ALA B 1573 -46.09 -8.68 -15.14
C ALA B 1573 -46.35 -7.29 -15.70
N SER B 1574 -46.12 -6.25 -14.90
CA SER B 1574 -46.35 -4.90 -15.38
C SER B 1574 -45.24 -4.46 -16.32
N ILE B 1575 -43.99 -4.71 -15.95
CA ILE B 1575 -42.87 -4.28 -16.78
C ILE B 1575 -42.73 -5.19 -18.00
N ARG B 1576 -43.11 -6.46 -17.86
CA ARG B 1576 -43.08 -7.35 -19.02
C ARG B 1576 -44.13 -6.95 -20.04
N ALA B 1577 -45.26 -6.39 -19.58
CA ALA B 1577 -46.26 -5.90 -20.51
C ALA B 1577 -45.80 -4.59 -21.14
N LEU B 1578 -44.85 -3.91 -20.51
CA LEU B 1578 -44.26 -2.73 -21.15
C LEU B 1578 -43.32 -3.13 -22.27
N VAL B 1579 -42.49 -4.15 -22.05
CA VAL B 1579 -41.49 -4.51 -23.05
C VAL B 1579 -42.13 -5.35 -24.14
N GLU B 1580 -43.34 -5.86 -23.90
CA GLU B 1580 -44.00 -6.67 -24.91
C GLU B 1580 -44.64 -5.79 -25.97
N GLU B 1581 -44.98 -4.55 -25.60
CA GLU B 1581 -45.60 -3.68 -26.59
C GLU B 1581 -44.64 -2.60 -27.07
N TRP B 1582 -43.71 -2.17 -26.22
CA TRP B 1582 -42.81 -1.09 -26.61
C TRP B 1582 -41.48 -1.58 -27.16
N ALA B 1583 -41.17 -2.86 -27.02
CA ALA B 1583 -39.98 -3.41 -27.65
C ALA B 1583 -40.29 -4.49 -28.67
N ALA B 1584 -41.36 -5.25 -28.47
CA ALA B 1584 -41.76 -6.28 -29.42
C ALA B 1584 -42.87 -5.84 -30.36
N ASN B 1585 -43.19 -4.54 -30.40
CA ASN B 1585 -44.22 -3.94 -31.26
C ASN B 1585 -45.58 -4.62 -31.08
N ASN B 1586 -45.94 -4.88 -29.82
CA ASN B 1586 -47.21 -5.46 -29.38
C ASN B 1586 -47.47 -6.83 -30.01
N VAL B 1587 -46.43 -7.59 -30.32
CA VAL B 1587 -46.59 -8.96 -30.81
C VAL B 1587 -46.29 -9.87 -29.63
N ALA B 1588 -47.27 -10.68 -29.25
CA ALA B 1588 -47.16 -11.40 -27.99
C ALA B 1588 -46.31 -12.66 -28.11
N ALA B 1589 -46.04 -13.10 -29.34
CA ALA B 1589 -45.26 -14.33 -29.50
C ALA B 1589 -43.77 -14.06 -29.46
N ARG B 1590 -43.36 -12.79 -29.52
CA ARG B 1590 -41.94 -12.51 -29.71
C ARG B 1590 -41.15 -12.65 -28.42
N VAL B 1591 -41.71 -12.24 -27.29
CA VAL B 1591 -40.97 -12.28 -26.04
C VAL B 1591 -40.88 -13.74 -25.57
N ARG B 1592 -39.65 -14.23 -25.41
CA ARG B 1592 -39.42 -15.62 -25.09
C ARG B 1592 -38.69 -15.83 -23.77
N ALA B 1593 -38.19 -14.77 -23.15
CA ALA B 1593 -37.49 -14.88 -21.89
C ALA B 1593 -37.53 -13.54 -21.19
N PHE B 1594 -37.73 -13.57 -19.88
CA PHE B 1594 -37.85 -12.35 -19.10
C PHE B 1594 -37.40 -12.63 -17.68
N LYS B 1595 -36.42 -11.89 -17.20
CA LYS B 1595 -35.96 -12.03 -15.83
C LYS B 1595 -35.72 -10.65 -15.25
N CYS B 1596 -35.91 -10.53 -13.94
CA CYS B 1596 -35.77 -9.28 -13.21
C CYS B 1596 -35.27 -9.54 -11.81
N ASP B 1597 -34.63 -8.54 -11.22
CA ASP B 1597 -34.20 -8.57 -9.83
C ASP B 1597 -35.04 -7.57 -9.06
N PHE B 1598 -35.65 -8.02 -7.95
CA PHE B 1598 -36.49 -7.13 -7.16
C PHE B 1598 -35.61 -6.36 -6.19
N VAL B 1599 -34.92 -5.37 -6.74
CA VAL B 1599 -33.84 -4.69 -6.02
C VAL B 1599 -34.40 -3.78 -4.93
N GLY B 1600 -35.55 -3.15 -5.20
CA GLY B 1600 -36.18 -2.30 -4.21
C GLY B 1600 -37.63 -2.68 -4.00
N MET B 1601 -38.25 -1.97 -3.07
CA MET B 1601 -39.66 -2.15 -2.76
C MET B 1601 -40.45 -0.94 -3.24
N VAL B 1602 -41.72 -1.18 -3.59
CA VAL B 1602 -42.60 -0.11 -4.02
C VAL B 1602 -43.91 -0.14 -3.25
N LEU B 1603 -44.28 1.02 -2.72
CA LEU B 1603 -45.56 1.26 -2.09
C LEU B 1603 -46.64 1.43 -3.15
N PRO B 1604 -47.91 1.19 -2.81
CA PRO B 1604 -48.98 1.35 -3.80
C PRO B 1604 -49.16 2.80 -4.23
N ASN B 1605 -49.72 2.97 -5.41
CA ASN B 1605 -49.92 4.21 -6.16
C ASN B 1605 -48.62 4.94 -6.47
N ASP B 1606 -47.46 4.32 -6.31
CA ASP B 1606 -46.22 4.95 -6.74
C ASP B 1606 -46.10 4.87 -8.25
N THR B 1607 -45.46 5.89 -8.82
CA THR B 1607 -45.33 6.01 -10.27
C THR B 1607 -43.95 5.52 -10.66
N LEU B 1608 -43.92 4.54 -11.57
CA LEU B 1608 -42.68 3.85 -11.95
C LEU B 1608 -42.31 4.26 -13.37
N GLN B 1609 -41.15 4.87 -13.53
CA GLN B 1609 -40.62 5.15 -14.85
C GLN B 1609 -39.52 4.15 -15.17
N THR B 1610 -39.69 3.38 -16.25
CA THR B 1610 -38.72 2.40 -16.65
C THR B 1610 -37.96 2.86 -17.89
N THR B 1611 -36.76 2.34 -18.05
CA THR B 1611 -35.98 2.53 -19.26
C THR B 1611 -35.86 1.18 -19.94
N MET B 1612 -35.52 1.19 -21.22
CA MET B 1612 -35.53 -0.02 -22.00
C MET B 1612 -34.44 0.08 -23.06
N GLU B 1613 -33.48 -0.83 -23.00
CA GLU B 1613 -32.23 -0.70 -23.71
C GLU B 1613 -31.86 -2.03 -24.38
N HIS B 1614 -31.42 -1.93 -25.63
CA HIS B 1614 -31.05 -3.10 -26.42
C HIS B 1614 -29.53 -3.26 -26.42
N VAL B 1615 -29.06 -4.33 -25.79
CA VAL B 1615 -27.65 -4.47 -25.47
C VAL B 1615 -26.97 -5.61 -26.21
N GLY B 1616 -27.55 -6.81 -26.25
CA GLY B 1616 -26.86 -7.93 -26.84
C GLY B 1616 -27.75 -8.76 -27.73
N MET B 1617 -27.24 -9.93 -28.10
CA MET B 1617 -27.96 -10.91 -28.90
C MET B 1617 -27.65 -12.31 -28.39
N ILE B 1618 -28.58 -13.23 -28.58
CA ILE B 1618 -28.33 -14.65 -28.40
C ILE B 1618 -29.28 -15.43 -29.30
N ASN B 1619 -28.72 -16.26 -30.18
CA ASN B 1619 -29.45 -17.22 -31.01
C ASN B 1619 -30.52 -16.55 -31.88
N GLY B 1620 -30.21 -15.33 -32.31
CA GLY B 1620 -31.10 -14.59 -33.17
C GLY B 1620 -32.19 -13.82 -32.47
N ARG B 1621 -32.28 -13.88 -31.14
CA ARG B 1621 -33.32 -13.16 -30.42
C ARG B 1621 -32.68 -12.07 -29.56
N LYS B 1622 -33.41 -10.97 -29.38
CA LYS B 1622 -32.83 -9.71 -28.93
C LYS B 1622 -32.73 -9.63 -27.41
N ILE B 1623 -31.53 -9.52 -26.88
CA ILE B 1623 -31.33 -9.23 -25.47
C ILE B 1623 -31.69 -7.77 -25.23
N ILE B 1624 -32.63 -7.53 -24.31
CA ILE B 1624 -33.09 -6.20 -23.96
C ILE B 1624 -33.07 -6.07 -22.45
N LYS B 1625 -32.37 -5.06 -21.95
CA LYS B 1625 -32.16 -4.84 -20.52
C LYS B 1625 -32.95 -3.62 -20.06
N VAL B 1626 -33.66 -3.77 -18.94
CA VAL B 1626 -34.56 -2.73 -18.42
C VAL B 1626 -34.23 -2.43 -16.97
N GLU B 1627 -34.41 -1.17 -16.59
CA GLU B 1627 -34.35 -0.74 -15.20
C GLU B 1627 -35.62 0.04 -14.87
N THR B 1628 -36.31 -0.37 -13.80
CA THR B 1628 -37.51 0.30 -13.35
C THR B 1628 -37.20 1.14 -12.12
N ARG B 1629 -37.46 2.44 -12.21
CA ARG B 1629 -37.12 3.38 -11.16
C ARG B 1629 -38.36 4.11 -10.69
N ASN B 1630 -38.47 4.25 -9.37
CA ASN B 1630 -39.54 5.04 -8.78
C ASN B 1630 -39.25 6.51 -9.03
N VAL B 1631 -40.14 7.19 -9.75
CA VAL B 1631 -39.80 8.49 -10.34
C VAL B 1631 -39.71 9.61 -9.30
N GLU B 1632 -40.44 9.50 -8.17
CA GLU B 1632 -40.37 10.57 -7.19
C GLU B 1632 -39.21 10.40 -6.23
N THR B 1633 -38.52 9.26 -6.29
CA THR B 1633 -37.31 9.05 -5.51
C THR B 1633 -36.06 8.89 -6.36
N GLU B 1634 -36.20 8.48 -7.62
CA GLU B 1634 -35.14 8.14 -8.59
C GLU B 1634 -34.28 6.97 -8.14
N LEU B 1635 -34.74 6.15 -7.22
CA LEU B 1635 -33.98 4.96 -6.84
C LEU B 1635 -34.39 3.79 -7.73
N PRO B 1636 -33.48 2.88 -8.04
CA PRO B 1636 -33.85 1.72 -8.85
C PRO B 1636 -34.66 0.71 -8.05
N VAL B 1637 -35.64 0.10 -8.71
CA VAL B 1637 -36.51 -0.90 -8.10
C VAL B 1637 -36.30 -2.23 -8.78
N LEU B 1638 -36.40 -2.25 -10.11
CA LEU B 1638 -36.10 -3.45 -10.87
C LEU B 1638 -34.85 -3.22 -11.70
N ILE B 1639 -34.06 -4.27 -11.81
CA ILE B 1639 -33.07 -4.40 -12.87
C ILE B 1639 -33.34 -5.73 -13.56
N GLY B 1640 -33.64 -5.66 -14.83
CA GLY B 1640 -34.15 -6.83 -15.51
C GLY B 1640 -33.50 -7.02 -16.87
N GLU B 1641 -33.97 -8.05 -17.56
CA GLU B 1641 -33.42 -8.41 -18.86
C GLU B 1641 -34.43 -9.27 -19.59
N ALA B 1642 -34.56 -9.05 -20.89
CA ALA B 1642 -35.53 -9.78 -21.68
C ALA B 1642 -34.91 -10.21 -23.00
N GLU B 1643 -35.38 -11.36 -23.50
CA GLU B 1643 -35.00 -11.88 -24.81
C GLU B 1643 -36.24 -11.99 -25.67
N ILE B 1644 -36.40 -11.08 -26.64
CA ILE B 1644 -37.55 -11.12 -27.54
C ILE B 1644 -37.05 -11.55 -28.91
N GLU B 1645 -37.93 -12.17 -29.68
CA GLU B 1645 -37.60 -12.56 -31.05
C GLU B 1645 -37.43 -11.34 -31.94
N GLN B 1646 -36.71 -11.53 -33.04
CA GLN B 1646 -36.70 -10.55 -34.11
C GLN B 1646 -37.98 -10.67 -34.92
N PRO B 1647 -38.23 -9.75 -35.87
CA PRO B 1647 -39.27 -10.01 -36.88
C PRO B 1647 -39.00 -11.24 -37.72
N THR B 1648 -40.02 -11.75 -38.40
CA THR B 1648 -39.87 -12.91 -39.26
C THR B 1648 -38.91 -12.60 -40.40
N THR B 1649 -37.75 -13.23 -40.37
CA THR B 1649 -36.63 -12.90 -41.24
C THR B 1649 -36.47 -13.99 -42.28
N THR B 1650 -36.14 -13.61 -43.51
CA THR B 1650 -35.74 -14.56 -44.53
C THR B 1650 -34.47 -14.08 -45.22
N TYR B 1651 -33.58 -15.02 -45.54
CA TYR B 1651 -32.31 -14.71 -46.19
C TYR B 1651 -32.31 -15.22 -47.61
N VAL B 1652 -32.12 -14.32 -48.56
CA VAL B 1652 -31.90 -14.69 -49.95
C VAL B 1652 -30.42 -14.50 -50.25
N PHE B 1653 -29.88 -15.37 -51.10
CA PHE B 1653 -28.48 -15.33 -51.49
C PHE B 1653 -28.33 -15.07 -52.97
N THR B 1654 -27.47 -14.11 -53.30
CA THR B 1654 -27.24 -13.64 -54.66
C THR B 1654 -26.53 -14.68 -55.49
N GLY B 1655 -27.02 -14.91 -56.71
CA GLY B 1655 -26.35 -15.79 -57.64
C GLY B 1655 -25.26 -15.10 -58.44
N GLN B 1656 -24.90 -15.72 -59.55
CA GLN B 1656 -23.86 -15.14 -60.39
C GLN B 1656 -24.42 -14.09 -61.32
N GLY B 1657 -23.58 -13.15 -61.69
CA GLY B 1657 -23.98 -12.04 -62.53
C GLY B 1657 -23.52 -10.73 -61.92
N SER B 1658 -23.24 -10.75 -60.62
CA SER B 1658 -22.94 -9.55 -59.86
C SER B 1658 -21.53 -9.57 -59.29
N GLN B 1659 -20.63 -10.35 -59.87
CA GLN B 1659 -19.25 -10.42 -59.41
C GLN B 1659 -18.52 -9.12 -59.69
N GLU B 1660 -17.63 -8.74 -58.78
CA GLU B 1660 -16.73 -7.61 -59.01
C GLU B 1660 -15.47 -7.79 -58.18
N GLN B 1661 -14.41 -7.11 -58.61
CA GLN B 1661 -13.12 -7.23 -57.96
C GLN B 1661 -13.14 -6.61 -56.57
N GLY B 1662 -12.87 -7.42 -55.56
CA GLY B 1662 -12.86 -6.97 -54.19
C GLY B 1662 -14.04 -7.40 -53.35
N MET B 1663 -14.54 -8.61 -53.55
CA MET B 1663 -15.70 -9.09 -52.80
C MET B 1663 -15.39 -9.27 -51.33
N GLY B 1664 -15.86 -8.34 -50.51
CA GLY B 1664 -15.77 -8.49 -49.08
C GLY B 1664 -14.39 -8.52 -48.50
N MET B 1665 -13.42 -7.87 -49.13
CA MET B 1665 -12.10 -7.84 -48.54
C MET B 1665 -12.05 -6.96 -47.30
N GLU B 1666 -12.91 -5.94 -47.22
CA GLU B 1666 -13.09 -5.25 -45.95
C GLU B 1666 -13.71 -6.17 -44.92
N LEU B 1667 -14.55 -7.08 -45.38
CA LEU B 1667 -15.10 -8.12 -44.51
C LEU B 1667 -14.11 -9.26 -44.33
N TYR B 1668 -13.06 -9.32 -45.16
CA TYR B 1668 -11.98 -10.26 -44.94
C TYR B 1668 -10.90 -9.68 -44.03
N ASN B 1669 -10.61 -8.39 -44.18
CA ASN B 1669 -9.57 -7.76 -43.38
C ASN B 1669 -10.01 -7.46 -41.96
N SER B 1670 -11.31 -7.29 -41.72
CA SER B 1670 -11.77 -6.80 -40.43
C SER B 1670 -12.52 -7.82 -39.60
N SER B 1671 -12.94 -8.93 -40.19
CA SER B 1671 -13.70 -9.95 -39.47
C SER B 1671 -12.84 -11.19 -39.30
N GLU B 1672 -12.73 -11.65 -38.06
CA GLU B 1672 -12.00 -12.88 -37.78
C GLU B 1672 -12.66 -14.08 -38.45
N VAL B 1673 -13.96 -14.26 -38.20
CA VAL B 1673 -14.66 -15.48 -38.58
C VAL B 1673 -14.84 -15.56 -40.09
N ALA B 1674 -14.85 -14.39 -40.74
CA ALA B 1674 -14.92 -14.39 -42.19
C ALA B 1674 -13.55 -14.60 -42.82
N ARG B 1675 -12.48 -14.34 -42.05
CA ARG B 1675 -11.14 -14.54 -42.58
C ARG B 1675 -10.78 -16.02 -42.60
N GLU B 1676 -11.30 -16.79 -41.64
CA GLU B 1676 -10.93 -18.18 -41.56
C GLU B 1676 -11.71 -19.03 -42.56
N VAL B 1677 -12.67 -18.45 -43.28
CA VAL B 1677 -13.36 -19.26 -44.28
C VAL B 1677 -12.79 -18.98 -45.68
N TRP B 1678 -12.11 -17.84 -45.84
CA TRP B 1678 -11.33 -17.64 -47.05
C TRP B 1678 -10.00 -18.36 -46.97
N ASP B 1679 -9.34 -18.28 -45.80
CA ASP B 1679 -8.01 -18.88 -45.64
C ASP B 1679 -8.08 -20.39 -45.64
N LYS B 1680 -9.22 -20.95 -45.24
CA LYS B 1680 -9.35 -22.40 -45.24
C LYS B 1680 -9.66 -22.91 -46.63
N ALA B 1681 -10.13 -22.03 -47.51
CA ALA B 1681 -10.61 -22.48 -48.80
C ALA B 1681 -9.55 -22.34 -49.89
N ASP B 1682 -8.76 -21.26 -49.85
CA ASP B 1682 -7.75 -21.10 -50.89
C ASP B 1682 -6.60 -22.08 -50.70
N ARG B 1683 -6.31 -22.45 -49.47
CA ARG B 1683 -5.30 -23.48 -49.26
C ARG B 1683 -5.89 -24.86 -49.46
N HIS B 1684 -7.19 -24.94 -49.72
CA HIS B 1684 -7.74 -26.14 -50.31
C HIS B 1684 -7.67 -26.08 -51.83
N PHE B 1685 -7.62 -24.88 -52.40
CA PHE B 1685 -7.41 -24.77 -53.83
C PHE B 1685 -5.93 -24.90 -54.18
N VAL B 1686 -5.05 -24.30 -53.38
CA VAL B 1686 -3.65 -24.22 -53.77
C VAL B 1686 -2.94 -25.53 -53.46
N ASN B 1687 -3.59 -26.40 -52.69
CA ASN B 1687 -3.02 -27.70 -52.42
C ASN B 1687 -3.69 -28.81 -53.22
N ASN B 1688 -4.79 -28.52 -53.90
CA ASN B 1688 -5.51 -29.55 -54.65
C ASN B 1688 -5.86 -29.16 -56.07
N TYR B 1689 -5.89 -27.87 -56.39
CA TYR B 1689 -6.16 -27.44 -57.75
C TYR B 1689 -5.13 -26.46 -58.28
N GLY B 1690 -4.25 -25.93 -57.43
CA GLY B 1690 -3.10 -25.19 -57.90
C GLY B 1690 -3.28 -23.71 -58.12
N PHE B 1691 -4.29 -23.09 -57.52
CA PHE B 1691 -4.44 -21.64 -57.58
C PHE B 1691 -4.90 -21.13 -56.22
N SER B 1692 -4.83 -19.82 -56.05
CA SER B 1692 -5.29 -19.17 -54.83
C SER B 1692 -6.49 -18.30 -55.16
N ILE B 1693 -7.62 -18.58 -54.51
CA ILE B 1693 -8.85 -17.87 -54.83
C ILE B 1693 -8.85 -16.45 -54.27
N LEU B 1694 -7.98 -16.13 -53.31
CA LEU B 1694 -7.88 -14.77 -52.84
C LEU B 1694 -7.28 -13.86 -53.91
N ASP B 1695 -6.24 -14.33 -54.60
CA ASP B 1695 -5.61 -13.49 -55.62
C ASP B 1695 -6.45 -13.44 -56.88
N ILE B 1696 -7.39 -14.38 -57.04
CA ILE B 1696 -8.35 -14.26 -58.12
C ILE B 1696 -9.35 -13.15 -57.82
N VAL B 1697 -9.75 -13.03 -56.55
CA VAL B 1697 -10.72 -12.00 -56.19
C VAL B 1697 -10.03 -10.65 -56.06
N GLN B 1698 -8.89 -10.60 -55.36
CA GLN B 1698 -8.23 -9.32 -55.09
C GLN B 1698 -7.60 -8.72 -56.33
N ASN B 1699 -6.73 -9.48 -57.00
CA ASN B 1699 -5.92 -8.93 -58.08
C ASN B 1699 -6.27 -9.70 -59.34
N ASN B 1700 -7.43 -9.38 -59.93
CA ASN B 1700 -8.09 -10.11 -61.01
C ASN B 1700 -7.24 -10.20 -62.27
N PRO B 1701 -6.77 -11.38 -62.65
CA PRO B 1701 -5.92 -11.50 -63.83
C PRO B 1701 -6.76 -11.77 -65.06
N ASN B 1702 -6.13 -11.74 -66.23
CA ASN B 1702 -6.84 -12.14 -67.44
C ASN B 1702 -6.55 -13.59 -67.81
N GLU B 1703 -5.43 -14.13 -67.34
CA GLU B 1703 -5.20 -15.55 -67.53
C GLU B 1703 -4.38 -16.10 -66.38
N LEU B 1704 -4.53 -17.41 -66.16
CA LEU B 1704 -3.88 -18.12 -65.06
C LEU B 1704 -3.30 -19.41 -65.59
N THR B 1705 -1.98 -19.58 -65.44
CA THR B 1705 -1.33 -20.82 -65.78
C THR B 1705 -1.21 -21.68 -64.53
N ILE B 1706 -1.78 -22.87 -64.59
CA ILE B 1706 -1.64 -23.86 -63.54
C ILE B 1706 -0.41 -24.66 -63.89
N HIS B 1707 0.52 -24.80 -62.96
CA HIS B 1707 1.76 -25.52 -63.21
C HIS B 1707 1.77 -26.85 -62.48
N PHE B 1708 2.19 -27.89 -63.18
CA PHE B 1708 2.19 -29.25 -62.65
C PHE B 1708 3.61 -29.69 -62.37
N GLY B 1709 4.14 -29.26 -61.23
CA GLY B 1709 5.56 -29.24 -61.00
C GLY B 1709 6.09 -30.53 -60.43
N GLY B 1710 6.56 -30.50 -59.19
CA GLY B 1710 7.27 -31.62 -58.61
C GLY B 1710 6.37 -32.73 -58.13
N ALA B 1711 6.66 -33.21 -56.92
CA ALA B 1711 5.94 -34.36 -56.38
C ALA B 1711 4.50 -34.01 -56.06
N LYS B 1712 4.28 -32.84 -55.47
CA LYS B 1712 2.90 -32.44 -55.16
C LYS B 1712 2.23 -31.85 -56.38
N GLY B 1713 3.00 -31.46 -57.39
CA GLY B 1713 2.41 -30.96 -58.62
C GLY B 1713 1.85 -32.04 -59.51
N ARG B 1714 2.45 -33.24 -59.49
CA ARG B 1714 1.84 -34.37 -60.16
C ARG B 1714 0.67 -34.93 -59.35
N ALA B 1715 0.56 -34.52 -58.09
CA ALA B 1715 -0.61 -34.86 -57.29
C ALA B 1715 -1.75 -33.89 -57.55
N ILE B 1716 -1.50 -32.85 -58.35
CA ILE B 1716 -2.54 -31.87 -58.63
C ILE B 1716 -3.14 -32.09 -60.02
N ARG B 1717 -2.34 -32.53 -60.98
CA ARG B 1717 -2.89 -32.67 -62.32
C ARG B 1717 -3.74 -33.92 -62.45
N ASP B 1718 -3.58 -34.89 -61.56
CA ASP B 1718 -4.43 -36.07 -61.65
C ASP B 1718 -5.78 -35.82 -60.96
N ASN B 1719 -5.92 -34.70 -60.25
CA ASN B 1719 -7.24 -34.21 -59.93
C ASN B 1719 -7.96 -33.79 -61.20
N TYR B 1720 -7.25 -33.13 -62.11
CA TYR B 1720 -7.87 -32.63 -63.33
C TYR B 1720 -8.15 -33.75 -64.32
N ILE B 1721 -7.37 -34.83 -64.26
CA ILE B 1721 -7.62 -35.95 -65.16
C ILE B 1721 -8.87 -36.71 -64.73
N GLY B 1722 -9.08 -36.88 -63.43
CA GLY B 1722 -10.25 -37.55 -62.93
C GLY B 1722 -11.56 -36.82 -63.10
N MET B 1723 -11.52 -35.49 -63.22
CA MET B 1723 -12.73 -34.69 -63.41
C MET B 1723 -13.19 -34.86 -64.85
N MET B 1724 -13.95 -35.93 -65.11
CA MET B 1724 -14.47 -36.20 -66.43
C MET B 1724 -15.99 -36.17 -66.40
N PHE B 1725 -16.57 -35.32 -67.24
CA PHE B 1725 -18.02 -35.23 -67.39
C PHE B 1725 -18.40 -36.11 -68.57
N GLU B 1726 -19.58 -36.73 -68.50
CA GLU B 1726 -20.05 -37.48 -69.63
C GLU B 1726 -21.38 -36.91 -70.12
N THR B 1727 -21.45 -36.71 -71.44
CA THR B 1727 -22.62 -36.14 -72.11
C THR B 1727 -22.91 -36.99 -73.33
N ILE B 1728 -23.97 -37.79 -73.26
CA ILE B 1728 -24.43 -38.57 -74.40
C ILE B 1728 -25.17 -37.62 -75.34
N GLY B 1729 -24.99 -37.82 -76.65
CA GLY B 1729 -25.60 -36.95 -77.62
C GLY B 1729 -27.08 -37.21 -77.80
N GLU B 1730 -27.68 -36.45 -78.73
CA GLU B 1730 -29.10 -36.61 -79.03
C GLU B 1730 -29.38 -37.85 -79.88
N ASP B 1731 -28.35 -38.44 -80.49
CA ASP B 1731 -28.53 -39.60 -81.36
C ASP B 1731 -28.67 -40.91 -80.60
N GLY B 1732 -28.50 -40.91 -79.27
CA GLY B 1732 -28.55 -42.12 -78.50
C GLY B 1732 -27.24 -42.86 -78.40
N ALA B 1733 -26.30 -42.59 -79.29
CA ALA B 1733 -24.98 -43.20 -79.19
C ALA B 1733 -24.20 -42.55 -78.05
N LEU B 1734 -23.64 -43.39 -77.18
CA LEU B 1734 -22.88 -42.92 -76.04
C LEU B 1734 -21.49 -42.53 -76.52
N LYS B 1735 -21.29 -41.24 -76.77
CA LYS B 1735 -19.97 -40.72 -77.15
C LYS B 1735 -19.11 -40.67 -75.90
N SER B 1736 -18.53 -41.80 -75.55
CA SER B 1736 -17.53 -41.88 -74.48
C SER B 1736 -16.20 -41.42 -75.04
N GLU B 1737 -15.95 -40.12 -74.95
CA GLU B 1737 -14.85 -39.47 -75.64
C GLU B 1737 -14.04 -38.64 -74.65
N LYS B 1738 -12.80 -38.33 -75.03
CA LYS B 1738 -11.93 -37.53 -74.18
C LYS B 1738 -11.91 -36.08 -74.66
N ILE B 1739 -12.32 -35.17 -73.77
CA ILE B 1739 -12.31 -33.74 -74.11
C ILE B 1739 -11.02 -33.09 -73.61
N PHE B 1740 -10.58 -33.43 -72.39
CA PHE B 1740 -9.25 -33.06 -71.92
C PHE B 1740 -8.22 -33.88 -72.67
N LYS B 1741 -7.90 -33.45 -73.89
CA LYS B 1741 -6.60 -33.78 -74.46
C LYS B 1741 -5.53 -32.88 -73.84
N ASP B 1742 -5.97 -31.74 -73.32
CA ASP B 1742 -5.09 -30.67 -72.88
C ASP B 1742 -4.42 -30.96 -71.55
N ILE B 1743 -4.94 -31.88 -70.75
CA ILE B 1743 -4.23 -32.37 -69.58
C ILE B 1743 -4.17 -33.89 -69.67
N ASP B 1744 -2.97 -34.40 -69.83
CA ASP B 1744 -2.73 -35.84 -69.90
C ASP B 1744 -1.47 -36.14 -69.10
N GLU B 1745 -0.91 -37.34 -69.28
CA GLU B 1745 0.16 -37.79 -68.39
C GLU B 1745 1.50 -37.11 -68.69
N THR B 1746 1.57 -36.30 -69.76
CA THR B 1746 2.78 -35.58 -70.09
C THR B 1746 2.67 -34.09 -69.88
N THR B 1747 1.49 -33.58 -69.55
CA THR B 1747 1.28 -32.15 -69.42
C THR B 1747 1.91 -31.62 -68.13
N THR B 1748 2.67 -30.54 -68.24
CA THR B 1748 3.29 -29.90 -67.10
C THR B 1748 2.70 -28.54 -66.77
N SER B 1749 1.84 -28.01 -67.64
CA SER B 1749 1.18 -26.74 -67.38
C SER B 1749 -0.09 -26.65 -68.20
N TYR B 1750 -1.12 -26.05 -67.58
CA TYR B 1750 -2.37 -25.74 -68.26
C TYR B 1750 -2.75 -24.32 -67.94
N THR B 1751 -3.33 -23.64 -68.94
CA THR B 1751 -3.61 -22.20 -68.83
C THR B 1751 -5.09 -21.94 -68.95
N PHE B 1752 -5.66 -21.27 -67.95
CA PHE B 1752 -7.05 -20.81 -68.00
C PHE B 1752 -7.10 -19.40 -68.58
N VAL B 1753 -7.81 -19.25 -69.70
CA VAL B 1753 -7.83 -17.99 -70.44
C VAL B 1753 -9.25 -17.44 -70.42
N SER B 1754 -9.36 -16.14 -70.14
CA SER B 1754 -10.63 -15.41 -70.19
C SER B 1754 -10.37 -13.93 -70.44
N PRO B 1755 -10.80 -13.39 -71.58
CA PRO B 1755 -10.37 -12.03 -71.96
C PRO B 1755 -10.98 -10.94 -71.11
N THR B 1756 -12.16 -11.16 -70.53
CA THR B 1756 -12.76 -10.18 -69.64
C THR B 1756 -12.04 -10.13 -68.30
N GLY B 1757 -11.67 -11.28 -67.78
CA GLY B 1757 -11.05 -11.39 -66.47
C GLY B 1757 -11.47 -12.73 -65.90
N LEU B 1758 -10.61 -13.29 -65.05
CA LEU B 1758 -10.87 -14.60 -64.47
C LEU B 1758 -12.00 -14.60 -63.47
N LEU B 1759 -12.19 -13.49 -62.75
CA LEU B 1759 -13.25 -13.41 -61.78
C LEU B 1759 -14.61 -13.26 -62.45
N SER B 1760 -14.63 -12.96 -63.75
CA SER B 1760 -15.84 -12.98 -64.56
C SER B 1760 -16.01 -14.28 -65.33
N ALA B 1761 -15.02 -15.17 -65.30
CA ALA B 1761 -15.11 -16.46 -65.97
C ALA B 1761 -15.89 -17.42 -65.09
N THR B 1762 -16.56 -18.39 -65.71
CA THR B 1762 -17.65 -19.11 -65.06
C THR B 1762 -17.18 -20.00 -63.92
N GLN B 1763 -16.10 -20.75 -64.13
CA GLN B 1763 -15.67 -21.71 -63.10
C GLN B 1763 -14.93 -21.04 -61.95
N PHE B 1764 -14.62 -19.75 -62.08
CA PHE B 1764 -13.99 -19.01 -60.99
C PHE B 1764 -14.93 -17.99 -60.36
N THR B 1765 -16.00 -17.59 -61.04
CA THR B 1765 -16.89 -16.60 -60.46
C THR B 1765 -17.74 -17.22 -59.36
N GLN B 1766 -18.12 -18.48 -59.53
CA GLN B 1766 -19.06 -19.04 -58.56
C GLN B 1766 -18.41 -19.56 -57.28
N PRO B 1767 -17.18 -20.11 -57.26
CA PRO B 1767 -16.55 -20.29 -55.94
C PRO B 1767 -16.20 -19.00 -55.24
N ALA B 1768 -16.09 -17.89 -55.97
CA ALA B 1768 -15.80 -16.62 -55.33
C ALA B 1768 -17.03 -16.09 -54.62
N LEU B 1769 -18.21 -16.42 -55.12
CA LEU B 1769 -19.44 -15.93 -54.51
C LEU B 1769 -19.78 -16.71 -53.26
N THR B 1770 -19.80 -18.05 -53.35
CA THR B 1770 -20.27 -18.86 -52.23
C THR B 1770 -19.28 -18.83 -51.08
N LEU B 1771 -18.01 -18.51 -51.36
CA LEU B 1771 -17.11 -18.19 -50.28
C LEU B 1771 -17.41 -16.83 -49.69
N MET B 1772 -17.75 -15.84 -50.52
CA MET B 1772 -18.06 -14.52 -50.01
C MET B 1772 -19.36 -14.52 -49.24
N GLU B 1773 -20.34 -15.29 -49.72
CA GLU B 1773 -21.64 -15.30 -49.07
C GLU B 1773 -21.62 -16.13 -47.81
N LYS B 1774 -20.73 -17.12 -47.71
CA LYS B 1774 -20.55 -17.81 -46.45
C LYS B 1774 -19.65 -17.01 -45.50
N ALA B 1775 -18.77 -16.18 -46.05
CA ALA B 1775 -17.99 -15.27 -45.21
C ALA B 1775 -18.89 -14.23 -44.57
N ALA B 1776 -19.90 -13.77 -45.29
CA ALA B 1776 -20.82 -12.81 -44.73
C ALA B 1776 -21.82 -13.49 -43.80
N TYR B 1777 -22.21 -14.73 -44.13
CA TYR B 1777 -23.15 -15.46 -43.28
C TYR B 1777 -22.53 -15.82 -41.94
N GLU B 1778 -21.35 -16.43 -41.95
CA GLU B 1778 -20.74 -16.89 -40.71
C GLU B 1778 -20.25 -15.73 -39.87
N ASP B 1779 -20.05 -14.57 -40.48
CA ASP B 1779 -19.84 -13.36 -39.69
C ASP B 1779 -21.14 -12.89 -39.08
N ILE B 1780 -22.23 -12.94 -39.84
CA ILE B 1780 -23.55 -12.64 -39.30
C ILE B 1780 -23.96 -13.68 -38.27
N LYS B 1781 -23.62 -14.95 -38.51
CA LYS B 1781 -24.01 -16.00 -37.58
C LYS B 1781 -23.23 -15.94 -36.27
N SER B 1782 -21.97 -15.49 -36.33
CA SER B 1782 -21.15 -15.43 -35.12
C SER B 1782 -21.61 -14.32 -34.18
N LYS B 1783 -22.30 -13.31 -34.70
CA LYS B 1783 -22.79 -12.22 -33.88
C LYS B 1783 -24.14 -12.52 -33.25
N GLY B 1784 -24.61 -13.76 -33.32
CA GLY B 1784 -25.90 -14.13 -32.78
C GLY B 1784 -27.09 -13.55 -33.53
N LEU B 1785 -27.09 -13.58 -34.85
CA LEU B 1785 -28.09 -12.89 -35.64
C LEU B 1785 -29.07 -13.81 -36.36
N ILE B 1786 -28.97 -15.12 -36.19
CA ILE B 1786 -29.68 -16.07 -37.04
C ILE B 1786 -30.95 -16.51 -36.29
N PRO B 1787 -32.13 -16.20 -36.79
CA PRO B 1787 -33.35 -16.68 -36.14
C PRO B 1787 -33.52 -18.17 -36.33
N SER B 1788 -34.35 -18.78 -35.47
CA SER B 1788 -34.64 -20.19 -35.64
C SER B 1788 -35.79 -20.40 -36.62
N ASP B 1789 -36.66 -19.39 -36.76
CA ASP B 1789 -37.82 -19.46 -37.65
C ASP B 1789 -37.53 -18.78 -38.98
N ILE B 1790 -36.30 -18.92 -39.48
CA ILE B 1790 -35.90 -18.27 -40.72
C ILE B 1790 -36.29 -19.17 -41.89
N MET B 1791 -36.49 -18.55 -43.06
CA MET B 1791 -36.75 -19.25 -44.32
C MET B 1791 -35.76 -18.66 -45.20
N PHE B 1792 -34.80 -19.43 -45.68
CA PHE B 1792 -33.64 -19.06 -46.48
C PHE B 1792 -33.67 -19.50 -47.85
N ALA B 1793 -33.13 -18.76 -48.80
CA ALA B 1793 -33.10 -19.28 -50.15
C ALA B 1793 -32.00 -18.71 -50.95
N GLY B 1794 -31.91 -19.19 -52.19
CA GLY B 1794 -30.88 -18.74 -53.11
C GLY B 1794 -31.31 -18.89 -54.55
N HIS B 1795 -30.75 -18.04 -55.42
CA HIS B 1795 -31.07 -18.07 -56.84
C HIS B 1795 -30.00 -18.79 -57.64
N SER B 1796 -30.41 -19.82 -58.38
CA SER B 1796 -29.50 -20.64 -59.20
C SER B 1796 -28.21 -21.05 -58.48
N LEU B 1797 -27.20 -20.19 -58.53
CA LEU B 1797 -25.93 -20.47 -57.88
C LEU B 1797 -26.01 -20.28 -56.38
N GLY B 1798 -26.96 -19.47 -55.94
CA GLY B 1798 -27.14 -19.20 -54.52
C GLY B 1798 -27.64 -20.41 -53.76
N GLU B 1799 -28.34 -21.29 -54.45
CA GLU B 1799 -28.89 -22.49 -53.84
C GLU B 1799 -27.86 -23.16 -52.91
N TYR B 1800 -26.69 -23.46 -53.46
CA TYR B 1800 -25.62 -24.09 -52.70
C TYR B 1800 -25.16 -23.21 -51.55
N SER B 1801 -25.07 -21.91 -51.80
CA SER B 1801 -24.63 -20.96 -50.79
C SER B 1801 -25.61 -20.90 -49.62
N ALA B 1802 -26.79 -21.46 -49.81
CA ALA B 1802 -27.81 -21.47 -48.77
C ALA B 1802 -27.72 -22.71 -47.90
N LEU B 1803 -27.85 -23.89 -48.51
CA LEU B 1803 -27.88 -25.13 -47.74
C LEU B 1803 -26.51 -25.49 -47.19
N SER B 1804 -25.46 -24.82 -47.64
CA SER B 1804 -24.19 -24.94 -46.95
C SER B 1804 -24.10 -23.97 -45.78
N SER B 1805 -24.83 -22.86 -45.86
CA SER B 1805 -24.86 -21.90 -44.75
C SER B 1805 -25.79 -22.37 -43.66
N LEU B 1806 -27.07 -22.51 -43.99
CA LEU B 1806 -28.09 -22.68 -42.96
C LEU B 1806 -28.34 -24.15 -42.65
N ALA B 1807 -28.13 -25.04 -43.61
CA ALA B 1807 -28.30 -26.46 -43.38
C ALA B 1807 -26.99 -27.21 -43.21
N ASN B 1808 -25.85 -26.49 -43.31
CA ASN B 1808 -24.44 -26.93 -43.17
C ASN B 1808 -24.18 -28.34 -43.68
N VAL B 1809 -24.69 -28.64 -44.87
CA VAL B 1809 -24.74 -30.01 -45.35
C VAL B 1809 -23.40 -30.42 -45.94
N MET B 1810 -22.52 -29.48 -46.24
CA MET B 1810 -21.22 -29.80 -46.79
C MET B 1810 -20.20 -28.84 -46.20
N PRO B 1811 -18.97 -29.29 -45.97
CA PRO B 1811 -17.97 -28.41 -45.37
C PRO B 1811 -17.51 -27.29 -46.29
N ILE B 1812 -16.57 -26.47 -45.81
CA ILE B 1812 -16.04 -25.39 -46.63
C ILE B 1812 -15.23 -25.97 -47.78
N GLU B 1813 -14.55 -27.08 -47.54
CA GLU B 1813 -13.70 -27.66 -48.56
C GLU B 1813 -14.50 -28.46 -49.57
N SER B 1814 -15.62 -29.05 -49.16
CA SER B 1814 -16.40 -29.85 -50.10
C SER B 1814 -17.42 -29.00 -50.84
N LEU B 1815 -17.73 -27.81 -50.32
CA LEU B 1815 -18.56 -26.88 -51.06
C LEU B 1815 -17.82 -26.34 -52.26
N VAL B 1816 -16.55 -25.97 -52.07
CA VAL B 1816 -15.82 -25.28 -53.12
C VAL B 1816 -15.43 -26.23 -54.23
N ASP B 1817 -15.43 -27.54 -53.95
CA ASP B 1817 -15.21 -28.51 -55.01
C ASP B 1817 -16.43 -28.60 -55.92
N VAL B 1818 -17.62 -28.64 -55.32
CA VAL B 1818 -18.87 -28.82 -56.08
C VAL B 1818 -19.12 -27.61 -56.95
N VAL B 1819 -18.96 -26.42 -56.39
CA VAL B 1819 -19.30 -25.21 -57.12
C VAL B 1819 -18.26 -24.92 -58.19
N PHE B 1820 -17.03 -25.43 -58.03
CA PHE B 1820 -16.05 -25.36 -59.11
C PHE B 1820 -16.30 -26.46 -60.13
N TYR B 1821 -16.72 -27.65 -59.66
CA TYR B 1821 -17.02 -28.73 -60.59
C TYR B 1821 -18.27 -28.41 -61.40
N ARG B 1822 -19.20 -27.67 -60.82
CA ARG B 1822 -20.41 -27.26 -61.53
C ARG B 1822 -20.07 -26.23 -62.59
N GLY B 1823 -19.06 -25.40 -62.34
CA GLY B 1823 -18.67 -24.40 -63.33
C GLY B 1823 -18.02 -25.04 -64.53
N MET B 1824 -17.27 -26.12 -64.32
CA MET B 1824 -16.69 -26.83 -65.45
C MET B 1824 -17.65 -27.87 -66.00
N THR B 1825 -18.71 -28.18 -65.27
CA THR B 1825 -19.74 -29.06 -65.83
C THR B 1825 -20.58 -28.30 -66.86
N MET B 1826 -20.89 -27.04 -66.58
CA MET B 1826 -21.76 -26.30 -67.47
C MET B 1826 -21.00 -25.71 -68.64
N GLN B 1827 -19.70 -25.48 -68.48
CA GLN B 1827 -18.98 -24.68 -69.47
C GLN B 1827 -18.66 -25.51 -70.70
N VAL B 1828 -18.07 -26.70 -70.50
CA VAL B 1828 -17.68 -27.51 -71.64
C VAL B 1828 -18.79 -28.49 -72.02
N ALA B 1829 -20.00 -28.27 -71.51
CA ALA B 1829 -21.16 -29.04 -71.96
C ALA B 1829 -21.70 -28.49 -73.27
N VAL B 1830 -21.22 -27.33 -73.69
CA VAL B 1830 -21.65 -26.68 -74.91
C VAL B 1830 -20.48 -26.69 -75.89
N PRO B 1831 -20.66 -27.18 -77.13
CA PRO B 1831 -19.53 -27.25 -78.07
C PRO B 1831 -19.05 -25.89 -78.54
N ARG B 1832 -17.73 -25.70 -78.53
CA ARG B 1832 -17.11 -24.44 -78.93
C ARG B 1832 -16.49 -24.61 -80.30
N ASP B 1833 -16.29 -23.50 -80.99
CA ASP B 1833 -15.54 -23.51 -82.23
C ASP B 1833 -14.04 -23.31 -81.93
N GLU B 1834 -13.28 -23.03 -83.00
CA GLU B 1834 -11.84 -22.78 -82.89
C GLU B 1834 -11.56 -21.49 -82.11
N LEU B 1835 -12.49 -20.55 -82.16
CA LEU B 1835 -12.37 -19.29 -81.43
C LEU B 1835 -12.71 -19.44 -79.96
N GLY B 1836 -13.29 -20.57 -79.55
CA GLY B 1836 -13.74 -20.71 -78.19
C GLY B 1836 -15.07 -20.06 -77.89
N ARG B 1837 -15.80 -19.64 -78.91
CA ARG B 1837 -17.12 -19.06 -78.73
C ARG B 1837 -18.18 -20.05 -79.19
N SER B 1838 -19.45 -19.71 -78.95
CA SER B 1838 -20.52 -20.68 -79.15
C SER B 1838 -21.73 -20.05 -79.83
N ASN B 1839 -22.58 -20.94 -80.34
CA ASN B 1839 -23.85 -20.59 -80.95
C ASN B 1839 -24.99 -20.52 -79.93
N TYR B 1840 -24.68 -20.55 -78.64
CA TYR B 1840 -25.69 -20.52 -77.59
C TYR B 1840 -25.52 -19.26 -76.76
N GLY B 1841 -26.54 -18.95 -75.95
CA GLY B 1841 -26.48 -17.79 -75.10
C GLY B 1841 -27.74 -17.66 -74.26
N MET B 1842 -27.83 -16.53 -73.55
CA MET B 1842 -28.96 -16.22 -72.70
C MET B 1842 -29.36 -14.75 -72.88
N VAL B 1843 -30.65 -14.49 -72.70
CA VAL B 1843 -31.23 -13.16 -72.91
C VAL B 1843 -32.21 -12.87 -71.78
N ALA B 1844 -32.06 -11.69 -71.16
CA ALA B 1844 -32.99 -11.22 -70.13
C ALA B 1844 -34.11 -10.42 -70.79
N VAL B 1845 -35.36 -10.72 -70.41
CA VAL B 1845 -36.55 -10.24 -71.09
C VAL B 1845 -37.40 -9.44 -70.11
N ASN B 1846 -37.74 -8.21 -70.50
CA ASN B 1846 -38.68 -7.38 -69.74
C ASN B 1846 -39.98 -7.28 -70.53
N PRO B 1847 -41.01 -8.05 -70.17
CA PRO B 1847 -42.27 -8.00 -70.95
C PRO B 1847 -43.09 -6.75 -70.74
N SER B 1848 -42.69 -5.87 -69.82
CA SER B 1848 -43.45 -4.64 -69.59
C SER B 1848 -43.11 -3.58 -70.63
N ARG B 1849 -41.92 -3.65 -71.22
CA ARG B 1849 -41.47 -2.60 -72.12
C ARG B 1849 -42.08 -2.68 -73.51
N VAL B 1850 -42.63 -3.83 -73.89
CA VAL B 1850 -43.27 -3.94 -75.20
C VAL B 1850 -44.69 -3.38 -75.15
N SER B 1851 -45.42 -3.64 -74.07
CA SER B 1851 -46.81 -3.26 -73.93
C SER B 1851 -47.20 -3.41 -72.47
N ALA B 1852 -48.07 -2.51 -72.00
CA ALA B 1852 -48.60 -2.63 -70.66
C ALA B 1852 -49.63 -3.74 -70.55
N THR B 1853 -50.23 -4.17 -71.65
CA THR B 1853 -51.17 -5.28 -71.68
C THR B 1853 -50.51 -6.58 -72.11
N PHE B 1854 -49.18 -6.64 -72.10
CA PHE B 1854 -48.44 -7.82 -72.53
C PHE B 1854 -48.24 -8.69 -71.29
N ASP B 1855 -48.92 -9.83 -71.27
CA ASP B 1855 -49.09 -10.59 -70.05
C ASP B 1855 -47.92 -11.54 -69.80
N ASP B 1856 -47.99 -12.23 -68.66
CA ASP B 1856 -47.11 -13.36 -68.41
C ASP B 1856 -47.35 -14.47 -69.43
N SER B 1857 -48.63 -14.76 -69.70
CA SER B 1857 -48.96 -15.82 -70.64
C SER B 1857 -48.77 -15.38 -72.08
N ALA B 1858 -48.45 -14.10 -72.30
CA ALA B 1858 -48.17 -13.63 -73.65
C ALA B 1858 -46.84 -14.16 -74.17
N LEU B 1859 -45.75 -13.93 -73.42
CA LEU B 1859 -44.43 -14.28 -73.94
C LEU B 1859 -44.14 -15.77 -73.78
N ARG B 1860 -44.72 -16.41 -72.77
CA ARG B 1860 -44.43 -17.82 -72.57
C ARG B 1860 -45.28 -18.67 -73.51
N PHE B 1861 -46.25 -18.06 -74.18
CA PHE B 1861 -46.88 -18.68 -75.34
C PHE B 1861 -46.00 -18.53 -76.58
N VAL B 1862 -45.32 -17.39 -76.71
CA VAL B 1862 -44.41 -17.16 -77.84
C VAL B 1862 -43.25 -18.14 -77.80
N VAL B 1863 -42.67 -18.34 -76.61
CA VAL B 1863 -41.58 -19.29 -76.42
C VAL B 1863 -42.06 -20.72 -76.66
N ASP B 1864 -43.34 -20.99 -76.37
CA ASP B 1864 -43.89 -22.32 -76.51
C ASP B 1864 -43.97 -22.74 -77.97
N GLU B 1865 -44.38 -21.81 -78.84
CA GLU B 1865 -44.63 -22.18 -80.23
C GLU B 1865 -43.34 -22.15 -81.06
N VAL B 1866 -42.42 -21.22 -80.76
CA VAL B 1866 -41.28 -21.02 -81.64
C VAL B 1866 -40.23 -22.09 -81.39
N ALA B 1867 -40.30 -22.75 -80.23
CA ALA B 1867 -39.47 -23.93 -80.02
C ALA B 1867 -40.11 -25.15 -80.67
N ASN B 1868 -41.43 -25.17 -80.76
CA ASN B 1868 -42.11 -26.29 -81.38
C ASN B 1868 -42.04 -26.22 -82.90
N LYS B 1869 -41.96 -25.00 -83.45
CA LYS B 1869 -41.96 -24.86 -84.90
C LYS B 1869 -40.58 -25.17 -85.49
N THR B 1870 -39.57 -24.40 -85.10
CA THR B 1870 -38.24 -24.53 -85.67
C THR B 1870 -37.49 -25.76 -85.19
N LYS B 1871 -38.06 -26.51 -84.23
CA LYS B 1871 -37.44 -27.67 -83.57
C LYS B 1871 -36.10 -27.32 -82.93
N TRP B 1872 -35.98 -26.09 -82.45
CA TRP B 1872 -34.82 -25.60 -81.72
C TRP B 1872 -35.10 -25.80 -80.23
N LEU B 1873 -34.23 -25.30 -79.37
CA LEU B 1873 -34.52 -25.23 -77.94
C LEU B 1873 -34.50 -23.76 -77.54
N LEU B 1874 -35.61 -23.32 -76.95
CA LEU B 1874 -35.74 -21.98 -76.41
C LEU B 1874 -36.64 -22.08 -75.20
N GLU B 1875 -36.11 -21.76 -74.03
CA GLU B 1875 -36.86 -21.82 -72.78
C GLU B 1875 -36.51 -20.61 -71.94
N ILE B 1876 -37.50 -20.09 -71.23
CA ILE B 1876 -37.26 -19.06 -70.22
C ILE B 1876 -36.81 -19.75 -68.95
N VAL B 1877 -35.62 -19.41 -68.48
CA VAL B 1877 -34.97 -20.18 -67.42
C VAL B 1877 -35.07 -19.50 -66.07
N ASN B 1878 -35.11 -18.16 -66.03
CA ASN B 1878 -35.27 -17.44 -64.78
C ASN B 1878 -36.69 -16.87 -64.74
N TYR B 1879 -37.49 -17.42 -63.84
CA TYR B 1879 -38.82 -16.88 -63.54
C TYR B 1879 -38.64 -15.93 -62.35
N ASN B 1880 -38.05 -14.78 -62.62
CA ASN B 1880 -37.70 -13.89 -61.51
C ASN B 1880 -38.88 -13.08 -61.01
N VAL B 1881 -39.44 -12.21 -61.85
CA VAL B 1881 -40.48 -11.26 -61.45
C VAL B 1881 -41.66 -11.43 -62.40
N GLU B 1882 -42.88 -11.42 -61.87
CA GLU B 1882 -44.07 -11.34 -62.71
C GLU B 1882 -44.05 -10.05 -63.53
N ASN B 1883 -44.10 -10.22 -64.86
CA ASN B 1883 -44.29 -9.18 -65.85
C ASN B 1883 -43.18 -8.15 -65.92
N GLN B 1884 -42.05 -8.38 -65.23
CA GLN B 1884 -40.95 -7.42 -65.32
C GLN B 1884 -39.58 -8.03 -65.62
N GLN B 1885 -39.25 -9.23 -65.12
CA GLN B 1885 -37.90 -9.76 -65.28
C GLN B 1885 -37.96 -11.26 -65.53
N TYR B 1886 -37.78 -11.63 -66.80
CA TYR B 1886 -37.62 -13.01 -67.23
C TYR B 1886 -36.29 -13.11 -67.95
N VAL B 1887 -35.70 -14.30 -67.95
CA VAL B 1887 -34.47 -14.55 -68.69
C VAL B 1887 -34.69 -15.77 -69.57
N ALA B 1888 -34.57 -15.57 -70.88
CA ALA B 1888 -34.78 -16.62 -71.85
C ALA B 1888 -33.43 -17.16 -72.32
N ALA B 1889 -33.37 -18.47 -72.52
CA ALA B 1889 -32.12 -19.12 -72.89
C ALA B 1889 -32.38 -20.15 -73.97
N GLY B 1890 -31.37 -20.35 -74.79
CA GLY B 1890 -31.43 -21.29 -75.89
C GLY B 1890 -30.37 -20.94 -76.92
N ASP B 1891 -30.48 -21.56 -78.10
CA ASP B 1891 -29.56 -21.26 -79.18
C ASP B 1891 -29.84 -19.87 -79.74
N LEU B 1892 -28.79 -19.22 -80.24
CA LEU B 1892 -28.84 -17.78 -80.52
C LEU B 1892 -29.75 -17.46 -81.70
N ARG B 1893 -30.02 -18.44 -82.56
CA ARG B 1893 -30.98 -18.21 -83.64
C ARG B 1893 -32.38 -18.04 -83.08
N ALA B 1894 -32.70 -18.75 -81.99
CA ALA B 1894 -33.97 -18.54 -81.32
C ALA B 1894 -33.94 -17.27 -80.48
N LEU B 1895 -32.75 -16.83 -80.10
CA LEU B 1895 -32.63 -15.60 -79.32
C LEU B 1895 -32.70 -14.38 -80.23
N ASP B 1896 -32.19 -14.50 -81.45
CA ASP B 1896 -32.40 -13.43 -82.44
C ASP B 1896 -33.83 -13.47 -82.96
N THR B 1897 -34.47 -14.63 -82.88
CA THR B 1897 -35.88 -14.72 -83.18
C THR B 1897 -36.70 -13.95 -82.15
N LEU B 1898 -36.43 -14.19 -80.86
CA LEU B 1898 -37.27 -13.65 -79.80
C LEU B 1898 -37.08 -12.15 -79.64
N THR B 1899 -35.87 -11.65 -79.88
CA THR B 1899 -35.65 -10.20 -79.76
C THR B 1899 -36.22 -9.45 -80.95
N ASN B 1900 -36.52 -10.16 -82.04
CA ASN B 1900 -37.12 -9.49 -83.19
C ASN B 1900 -38.63 -9.63 -83.17
N VAL B 1901 -39.15 -10.69 -82.56
CA VAL B 1901 -40.59 -10.84 -82.40
C VAL B 1901 -41.11 -9.79 -81.41
N LEU B 1902 -40.40 -9.58 -80.31
CA LEU B 1902 -40.86 -8.62 -79.31
C LEU B 1902 -40.62 -7.18 -79.76
N ASN B 1903 -39.76 -6.99 -80.77
CA ASN B 1903 -39.68 -5.67 -81.40
C ASN B 1903 -40.83 -5.45 -82.37
N VAL B 1904 -41.19 -6.48 -83.13
CA VAL B 1904 -42.20 -6.29 -84.18
C VAL B 1904 -43.60 -6.36 -83.57
N LEU B 1905 -43.73 -6.96 -82.39
CA LEU B 1905 -45.02 -6.94 -81.69
C LEU B 1905 -45.16 -5.68 -80.86
N LYS B 1906 -44.12 -4.86 -80.78
CA LYS B 1906 -44.27 -3.54 -80.16
C LYS B 1906 -44.84 -2.55 -81.16
N ILE B 1907 -44.36 -2.59 -82.41
CA ILE B 1907 -44.84 -1.67 -83.42
C ILE B 1907 -46.19 -2.10 -83.99
N ASN B 1908 -46.47 -3.40 -84.07
CA ASN B 1908 -47.76 -3.86 -84.57
C ASN B 1908 -48.81 -3.96 -83.47
N LYS B 1909 -48.38 -3.91 -82.20
CA LYS B 1909 -49.26 -3.90 -81.02
C LYS B 1909 -50.18 -5.12 -80.97
N ILE B 1910 -49.61 -6.28 -81.32
CA ILE B 1910 -50.35 -7.53 -81.37
C ILE B 1910 -50.29 -8.16 -80.00
N ASP B 1911 -51.42 -8.18 -79.29
CA ASP B 1911 -51.52 -8.91 -78.03
C ASP B 1911 -52.16 -10.24 -78.34
N ILE B 1912 -51.69 -11.30 -77.70
CA ILE B 1912 -52.22 -12.64 -77.95
C ILE B 1912 -53.52 -12.84 -77.19
N VAL B 1913 -53.64 -12.22 -76.01
CA VAL B 1913 -54.82 -12.46 -75.18
C VAL B 1913 -56.02 -11.69 -75.70
N LYS B 1914 -55.79 -10.69 -76.56
CA LYS B 1914 -56.90 -10.05 -77.25
C LYS B 1914 -57.24 -10.80 -78.53
N LEU B 1915 -56.34 -11.67 -78.98
CA LEU B 1915 -56.65 -12.55 -80.10
C LEU B 1915 -57.35 -13.81 -79.62
N GLN B 1916 -57.53 -13.96 -78.31
CA GLN B 1916 -58.24 -15.12 -77.79
C GLN B 1916 -59.74 -14.99 -78.00
N GLU B 1917 -60.28 -13.77 -77.92
CA GLU B 1917 -61.70 -13.58 -78.18
C GLU B 1917 -61.95 -13.24 -79.65
N GLN B 1918 -60.90 -12.80 -80.35
CA GLN B 1918 -61.04 -12.50 -81.77
C GLN B 1918 -60.86 -13.74 -82.66
N MET B 1919 -60.01 -14.68 -82.25
CA MET B 1919 -59.70 -15.86 -83.03
C MET B 1919 -59.93 -17.08 -82.17
N SER B 1920 -59.89 -18.26 -82.79
CA SER B 1920 -60.13 -19.47 -82.02
C SER B 1920 -58.86 -19.92 -81.31
N ILE B 1921 -58.92 -21.12 -80.73
CA ILE B 1921 -57.80 -21.64 -79.95
C ILE B 1921 -56.71 -22.15 -80.88
N GLU B 1922 -57.10 -22.79 -81.98
CA GLU B 1922 -56.12 -23.45 -82.83
C GLU B 1922 -55.53 -22.48 -83.86
N LYS B 1923 -56.32 -21.50 -84.31
CA LYS B 1923 -55.91 -20.71 -85.47
C LYS B 1923 -54.91 -19.62 -85.09
N VAL B 1924 -54.57 -19.51 -83.80
CA VAL B 1924 -53.44 -18.66 -83.44
C VAL B 1924 -52.10 -19.34 -83.77
N LYS B 1925 -52.11 -20.67 -83.94
CA LYS B 1925 -50.89 -21.37 -84.36
C LYS B 1925 -50.58 -21.09 -85.82
N GLU B 1926 -51.61 -20.86 -86.64
CA GLU B 1926 -51.36 -20.53 -88.04
C GLU B 1926 -51.17 -19.02 -88.22
N HIS B 1927 -51.41 -18.25 -87.16
CA HIS B 1927 -51.31 -16.80 -87.28
C HIS B 1927 -49.85 -16.34 -87.18
N LEU B 1928 -49.02 -17.12 -86.49
CA LEU B 1928 -47.64 -16.72 -86.22
C LEU B 1928 -46.72 -16.91 -87.43
N TYR B 1929 -47.13 -17.68 -88.43
CA TYR B 1929 -46.29 -17.90 -89.60
C TYR B 1929 -46.10 -16.62 -90.43
N GLU B 1930 -47.08 -15.72 -90.37
CA GLU B 1930 -46.93 -14.44 -91.05
C GLU B 1930 -45.95 -13.53 -90.30
N ILE B 1931 -45.74 -13.80 -89.01
CA ILE B 1931 -44.87 -12.95 -88.21
C ILE B 1931 -43.48 -13.56 -88.09
N VAL B 1932 -43.38 -14.79 -87.58
CA VAL B 1932 -42.12 -15.26 -87.03
C VAL B 1932 -41.24 -15.84 -88.13
N ASP B 1933 -41.84 -16.18 -89.29
CA ASP B 1933 -41.05 -16.75 -90.37
C ASP B 1933 -40.23 -15.68 -91.09
N GLU B 1934 -40.66 -14.43 -90.99
CA GLU B 1934 -39.88 -13.34 -91.58
C GLU B 1934 -38.63 -13.06 -90.78
N VAL B 1935 -38.71 -13.18 -89.45
CA VAL B 1935 -37.56 -12.87 -88.61
C VAL B 1935 -36.69 -14.10 -88.42
N ALA B 1936 -37.26 -15.30 -88.57
CA ALA B 1936 -36.44 -16.50 -88.50
C ALA B 1936 -35.57 -16.66 -89.74
N ALA B 1937 -36.03 -16.16 -90.88
CA ALA B 1937 -35.21 -16.21 -92.09
C ALA B 1937 -34.07 -15.21 -92.01
N LYS B 1938 -34.33 -14.03 -91.43
CA LYS B 1938 -33.26 -13.04 -91.31
C LYS B 1938 -32.32 -13.38 -90.16
N SER B 1939 -32.74 -14.26 -89.25
CA SER B 1939 -31.83 -14.76 -88.23
C SER B 1939 -30.76 -15.69 -88.79
N LEU B 1940 -31.11 -16.52 -89.78
CA LEU B 1940 -30.12 -17.36 -90.43
C LEU B 1940 -29.34 -16.61 -91.50
N ALA B 1941 -29.79 -15.42 -91.88
CA ALA B 1941 -29.07 -14.59 -92.85
C ALA B 1941 -27.91 -13.84 -92.22
N LYS B 1942 -27.82 -13.81 -90.90
CA LYS B 1942 -26.68 -13.26 -90.19
C LYS B 1942 -25.62 -14.33 -90.00
N PRO B 1943 -24.33 -13.94 -89.80
CA PRO B 1943 -23.30 -14.94 -89.51
C PRO B 1943 -23.56 -15.67 -88.20
N GLN B 1944 -23.72 -16.99 -88.29
CA GLN B 1944 -24.38 -17.88 -87.32
C GLN B 1944 -23.99 -17.73 -85.85
N PRO B 1945 -22.70 -17.48 -85.47
CA PRO B 1945 -22.47 -17.13 -84.06
C PRO B 1945 -22.60 -15.63 -83.84
N ILE B 1946 -23.85 -15.16 -83.85
CA ILE B 1946 -24.22 -13.75 -83.82
C ILE B 1946 -23.82 -13.07 -82.52
N ASP B 1947 -23.46 -11.80 -82.61
CA ASP B 1947 -23.42 -10.95 -81.44
C ASP B 1947 -24.76 -10.25 -81.30
N LEU B 1948 -25.47 -10.57 -80.21
CA LEU B 1948 -26.84 -10.10 -80.00
C LEU B 1948 -26.83 -8.62 -79.66
N GLU B 1949 -27.72 -7.87 -80.31
CA GLU B 1949 -27.88 -6.45 -80.06
C GLU B 1949 -28.96 -6.21 -79.01
N ARG B 1950 -28.96 -5.01 -78.45
CA ARG B 1950 -29.98 -4.63 -77.48
C ARG B 1950 -31.30 -4.31 -78.18
N GLY B 1951 -32.37 -4.94 -77.70
CA GLY B 1951 -33.69 -4.72 -78.23
C GLY B 1951 -34.48 -3.72 -77.41
N PHE B 1952 -35.77 -3.60 -77.74
CA PHE B 1952 -36.64 -2.72 -76.98
C PHE B 1952 -37.03 -3.36 -75.65
N ALA B 1953 -37.46 -4.62 -75.69
CA ALA B 1953 -37.81 -5.37 -74.50
C ALA B 1953 -36.84 -6.50 -74.22
N VAL B 1954 -35.60 -6.37 -74.66
CA VAL B 1954 -34.59 -7.43 -74.61
C VAL B 1954 -33.26 -6.82 -74.21
N ILE B 1955 -32.65 -7.36 -73.16
CA ILE B 1955 -31.28 -7.03 -72.78
C ILE B 1955 -30.48 -8.33 -72.82
N PRO B 1956 -29.59 -8.52 -73.78
CA PRO B 1956 -28.79 -9.75 -73.80
C PRO B 1956 -27.73 -9.72 -72.72
N LEU B 1957 -27.57 -10.86 -72.05
CA LEU B 1957 -26.60 -10.99 -70.97
C LEU B 1957 -25.21 -11.10 -71.60
N LYS B 1958 -24.45 -10.01 -71.54
CA LYS B 1958 -23.09 -10.00 -72.05
C LYS B 1958 -22.19 -10.78 -71.10
N GLY B 1959 -21.51 -11.81 -71.63
CA GLY B 1959 -20.55 -12.59 -70.89
C GLY B 1959 -20.96 -14.05 -70.72
N ILE B 1960 -22.22 -14.37 -71.02
CA ILE B 1960 -22.72 -15.72 -70.81
C ILE B 1960 -22.71 -16.45 -72.14
N SER B 1961 -22.56 -17.77 -72.11
CA SER B 1961 -22.56 -18.56 -73.34
C SER B 1961 -23.24 -19.92 -73.22
N VAL B 1962 -23.81 -20.26 -72.07
CA VAL B 1962 -24.40 -21.58 -71.84
C VAL B 1962 -25.83 -21.38 -71.36
N PRO B 1963 -26.82 -22.02 -71.98
CA PRO B 1963 -28.23 -21.90 -71.56
C PRO B 1963 -28.58 -22.84 -70.40
N PHE B 1964 -28.01 -22.59 -69.23
CA PHE B 1964 -28.33 -23.43 -68.09
C PHE B 1964 -29.73 -23.15 -67.56
N HIS B 1965 -30.18 -24.04 -66.67
CA HIS B 1965 -31.57 -24.18 -66.23
C HIS B 1965 -32.53 -24.49 -67.37
N SER B 1966 -32.04 -25.08 -68.45
CA SER B 1966 -32.90 -25.49 -69.55
C SER B 1966 -32.68 -26.97 -69.81
N SER B 1967 -33.52 -27.53 -70.69
CA SER B 1967 -33.47 -28.96 -70.94
C SER B 1967 -32.27 -29.37 -71.79
N TYR B 1968 -31.48 -28.42 -72.28
CA TYR B 1968 -30.25 -28.77 -72.97
C TYR B 1968 -29.25 -29.44 -72.04
N LEU B 1969 -29.18 -28.97 -70.80
CA LEU B 1969 -28.20 -29.48 -69.84
C LEU B 1969 -28.72 -30.70 -69.10
N MET B 1970 -29.82 -31.29 -69.56
CA MET B 1970 -30.40 -32.45 -68.91
C MET B 1970 -29.51 -33.67 -69.06
N SER B 1971 -28.75 -33.74 -70.14
CA SER B 1971 -27.86 -34.88 -70.34
C SER B 1971 -26.62 -34.77 -69.47
N GLY B 1972 -26.18 -33.56 -69.15
CA GLY B 1972 -24.97 -33.38 -68.37
C GLY B 1972 -25.11 -33.50 -66.87
N VAL B 1973 -26.28 -33.93 -66.38
CA VAL B 1973 -26.50 -33.96 -64.94
C VAL B 1973 -25.86 -35.19 -64.32
N LYS B 1974 -25.91 -36.32 -65.05
CA LYS B 1974 -25.57 -37.62 -64.48
C LYS B 1974 -24.15 -37.79 -63.94
N PRO B 1975 -23.09 -37.16 -64.48
CA PRO B 1975 -21.83 -37.15 -63.71
C PRO B 1975 -21.86 -36.21 -62.52
N PHE B 1976 -22.55 -35.07 -62.64
CA PHE B 1976 -22.66 -34.14 -61.53
C PHE B 1976 -23.54 -34.72 -60.43
N GLN B 1977 -24.50 -35.56 -60.79
CA GLN B 1977 -25.35 -36.18 -59.78
C GLN B 1977 -24.59 -37.28 -59.05
N ARG B 1978 -23.55 -37.85 -59.67
CA ARG B 1978 -22.70 -38.81 -58.97
C ARG B 1978 -21.71 -38.10 -58.07
N PHE B 1979 -21.38 -36.85 -58.38
CA PHE B 1979 -20.37 -36.14 -57.61
C PHE B 1979 -20.93 -35.65 -56.28
N LEU B 1980 -22.22 -35.32 -56.26
CA LEU B 1980 -22.84 -34.88 -55.01
C LEU B 1980 -23.01 -36.03 -54.04
N CYS B 1981 -23.09 -37.26 -54.54
CA CYS B 1981 -23.30 -38.39 -53.64
C CYS B 1981 -22.05 -38.78 -52.87
N LYS B 1982 -20.88 -38.19 -53.15
CA LYS B 1982 -19.70 -38.37 -52.33
C LYS B 1982 -19.24 -37.07 -51.69
N LYS B 1983 -19.71 -35.92 -52.15
CA LYS B 1983 -19.44 -34.66 -51.49
C LYS B 1983 -20.50 -34.24 -50.50
N ILE B 1984 -21.72 -34.75 -50.60
CA ILE B 1984 -22.74 -34.56 -49.60
C ILE B 1984 -22.87 -35.89 -48.87
N PRO B 1985 -22.22 -36.07 -47.73
CA PRO B 1985 -22.26 -37.36 -47.06
C PRO B 1985 -23.61 -37.60 -46.41
N LYS B 1986 -23.86 -38.87 -46.09
CA LYS B 1986 -25.18 -39.31 -45.66
C LYS B 1986 -25.51 -38.79 -44.26
N SER B 1987 -24.50 -38.64 -43.41
CA SER B 1987 -24.76 -38.27 -42.03
C SER B 1987 -24.79 -36.77 -41.81
N SER B 1988 -24.44 -35.97 -42.82
CA SER B 1988 -24.39 -34.52 -42.66
C SER B 1988 -25.74 -33.85 -42.86
N VAL B 1989 -26.73 -34.58 -43.36
CA VAL B 1989 -28.04 -34.01 -43.66
C VAL B 1989 -28.80 -33.95 -42.35
N LYS B 1990 -28.90 -32.76 -41.79
CA LYS B 1990 -29.79 -32.50 -40.67
C LYS B 1990 -31.12 -32.03 -41.23
N PRO B 1991 -32.20 -32.81 -41.14
CA PRO B 1991 -33.41 -32.46 -41.88
C PRO B 1991 -34.18 -31.31 -41.27
N GLN B 1992 -33.99 -31.03 -39.98
CA GLN B 1992 -34.77 -30.00 -39.30
C GLN B 1992 -34.45 -28.59 -39.79
N ASP B 1993 -33.30 -28.38 -40.42
CA ASP B 1993 -33.02 -27.08 -41.04
C ASP B 1993 -33.50 -27.05 -42.48
N LEU B 1994 -33.90 -28.18 -43.02
CA LEU B 1994 -34.34 -28.25 -44.40
C LEU B 1994 -35.86 -28.14 -44.54
N ILE B 1995 -36.60 -28.82 -43.66
CA ILE B 1995 -38.04 -28.99 -43.85
C ILE B 1995 -38.74 -27.69 -43.56
N GLY B 1996 -39.44 -27.16 -44.56
CA GLY B 1996 -40.23 -25.96 -44.40
C GLY B 1996 -39.45 -24.66 -44.38
N LYS B 1997 -38.13 -24.71 -44.33
CA LYS B 1997 -37.30 -23.51 -44.34
C LYS B 1997 -36.54 -23.35 -45.65
N TYR B 1998 -36.38 -24.44 -46.39
CA TYR B 1998 -35.62 -24.43 -47.64
C TYR B 1998 -36.58 -24.35 -48.81
N ILE B 1999 -36.44 -23.29 -49.61
CA ILE B 1999 -37.22 -23.13 -50.83
C ILE B 1999 -36.31 -23.49 -52.00
N PRO B 2000 -36.51 -24.60 -52.67
CA PRO B 2000 -35.67 -24.97 -53.81
C PRO B 2000 -36.00 -24.12 -55.03
N ASN B 2001 -35.26 -24.37 -56.10
CA ASN B 2001 -35.54 -23.72 -57.36
C ASN B 2001 -36.15 -24.67 -58.38
N LEU B 2002 -35.90 -25.97 -58.23
CA LEU B 2002 -36.63 -26.96 -59.02
C LEU B 2002 -38.11 -26.96 -58.66
N THR B 2003 -38.42 -27.33 -57.41
CA THR B 2003 -39.77 -27.25 -56.88
C THR B 2003 -39.81 -26.07 -55.92
N ALA B 2004 -40.44 -24.98 -56.36
CA ALA B 2004 -40.29 -23.71 -55.67
C ALA B 2004 -41.24 -23.51 -54.49
N LYS B 2005 -41.97 -24.56 -54.13
CA LYS B 2005 -42.64 -24.56 -52.84
C LYS B 2005 -41.69 -25.18 -51.82
N PRO B 2006 -41.81 -24.83 -50.50
CA PRO B 2006 -40.76 -25.24 -49.53
C PRO B 2006 -40.52 -26.73 -49.38
N PHE B 2007 -39.30 -27.06 -48.95
CA PHE B 2007 -38.84 -28.43 -48.86
C PHE B 2007 -39.66 -29.20 -47.84
N GLU B 2008 -40.28 -30.29 -48.30
CA GLU B 2008 -41.00 -31.18 -47.41
C GLU B 2008 -40.97 -32.58 -48.00
N LEU B 2009 -40.82 -33.57 -47.13
CA LEU B 2009 -40.65 -34.96 -47.59
C LEU B 2009 -41.98 -35.71 -47.49
N THR B 2010 -42.95 -35.19 -48.26
CA THR B 2010 -44.25 -35.84 -48.40
C THR B 2010 -44.38 -36.38 -49.81
N LYS B 2011 -45.32 -37.32 -49.98
CA LYS B 2011 -45.43 -38.06 -51.24
C LYS B 2011 -45.92 -37.17 -52.37
N GLU B 2012 -46.69 -36.13 -52.04
CA GLU B 2012 -47.11 -35.18 -53.06
C GLU B 2012 -45.95 -34.32 -53.52
N TYR B 2013 -44.95 -34.13 -52.65
CA TYR B 2013 -43.82 -33.28 -53.01
C TYR B 2013 -42.90 -33.99 -53.99
N PHE B 2014 -42.66 -35.29 -53.78
CA PHE B 2014 -41.79 -36.06 -54.67
C PHE B 2014 -42.38 -36.18 -56.06
N GLN B 2015 -43.70 -36.22 -56.17
CA GLN B 2015 -44.36 -36.30 -57.46
C GLN B 2015 -44.20 -34.98 -58.22
N SER B 2016 -44.20 -33.86 -57.50
CA SER B 2016 -44.00 -32.57 -58.15
C SER B 2016 -42.57 -32.42 -58.64
N VAL B 2017 -41.62 -33.08 -57.97
CA VAL B 2017 -40.26 -33.13 -58.47
C VAL B 2017 -40.21 -34.03 -59.70
N TYR B 2018 -40.78 -35.23 -59.60
CA TYR B 2018 -40.65 -36.25 -60.64
C TYR B 2018 -41.40 -35.87 -61.91
N ASP B 2019 -42.46 -35.08 -61.79
CA ASP B 2019 -43.20 -34.66 -62.99
C ASP B 2019 -42.45 -33.59 -63.76
N LEU B 2020 -41.47 -32.95 -63.11
CA LEU B 2020 -40.78 -31.83 -63.73
C LEU B 2020 -39.41 -32.22 -64.28
N THR B 2021 -38.83 -33.32 -63.82
CA THR B 2021 -37.49 -33.67 -64.27
C THR B 2021 -37.37 -35.11 -64.77
N LYS B 2022 -38.37 -35.94 -64.47
CA LYS B 2022 -38.36 -37.39 -64.74
C LYS B 2022 -37.11 -38.05 -64.15
N SER B 2023 -37.00 -37.97 -62.83
CA SER B 2023 -35.87 -38.52 -62.10
C SER B 2023 -35.95 -40.03 -62.05
N GLU B 2024 -34.83 -40.66 -61.69
CA GLU B 2024 -34.80 -42.11 -61.57
C GLU B 2024 -34.77 -42.54 -60.11
N LYS B 2025 -34.10 -41.76 -59.26
CA LYS B 2025 -33.82 -42.25 -57.91
C LYS B 2025 -35.00 -42.04 -56.99
N ILE B 2026 -35.77 -40.98 -57.21
CA ILE B 2026 -36.92 -40.73 -56.34
C ILE B 2026 -38.12 -41.57 -56.77
N LYS B 2027 -38.19 -41.95 -58.05
CA LYS B 2027 -39.34 -42.73 -58.51
C LYS B 2027 -39.25 -44.16 -58.03
N SER B 2028 -38.05 -44.59 -57.63
CA SER B 2028 -37.93 -45.84 -56.89
C SER B 2028 -38.59 -45.73 -55.53
N ILE B 2029 -38.35 -44.63 -54.81
CA ILE B 2029 -38.88 -44.50 -53.45
C ILE B 2029 -40.29 -43.94 -53.48
N LEU B 2030 -40.70 -43.39 -54.63
CA LEU B 2030 -42.09 -42.98 -54.79
C LEU B 2030 -42.99 -44.19 -54.98
N ASP B 2031 -42.43 -45.29 -55.46
CA ASP B 2031 -43.22 -46.50 -55.66
C ASP B 2031 -43.44 -47.23 -54.34
N ASN B 2032 -42.35 -47.57 -53.64
CA ASN B 2032 -42.45 -48.26 -52.35
C ASN B 2032 -42.43 -47.22 -51.23
N TRP B 2033 -43.40 -46.29 -51.29
CA TRP B 2033 -43.45 -45.20 -50.34
C TRP B 2033 -43.88 -45.65 -48.95
N GLU B 2034 -44.61 -46.77 -48.87
CA GLU B 2034 -45.37 -47.13 -47.67
C GLU B 2034 -44.50 -47.58 -46.50
N GLN B 2035 -43.20 -47.72 -46.68
CA GLN B 2035 -42.29 -48.08 -45.60
C GLN B 2035 -41.70 -46.87 -44.88
N TYR B 2036 -42.53 -45.88 -44.55
CA TYR B 2036 -42.00 -44.67 -43.92
C TYR B 2036 -42.24 -44.67 -42.42
N GLU B 2037 -43.33 -45.27 -41.96
CA GLU B 2037 -43.62 -45.33 -40.53
C GLU B 2037 -43.73 -46.78 -40.06
#